data_7OTW
#
_entry.id   7OTW
#
_cell.length_a   1.00
_cell.length_b   1.00
_cell.length_c   1.00
_cell.angle_alpha   90.00
_cell.angle_beta   90.00
_cell.angle_gamma   90.00
#
_symmetry.space_group_name_H-M   'P 1'
#
loop_
_entity.id
_entity.type
_entity.pdbx_description
1 polymer 'DNA-dependent protein kinase catalytic subunit,DNA-PKcs'
2 non-polymer 7-methyl-2-[(7-methyl-[1,2,4]triazolo[1,5-a]pyridin-6-yl)amino]-9-(oxan-4-yl)purin-8-one
#
_entity_poly.entity_id   1
_entity_poly.type   'polypeptide(L)'
_entity_poly.pdbx_seq_one_letter_code
;MAGSGAGVRCSLLRLQETLSAADRCGAALAGHQLIRGLGQECVLSSSPAVLALQTSLVFSRDFGLLVFVRKSLNSIEFRE
CREEILKFLCIFLEKMGQKIAPYSVEIKNTCTSVYTKDRAAKCKIPALDLLIKLLQTFRSSRLMDEFKIGELFSKFYGEL
ALKKKIPDTVLEKVYELLGLLGEVHPSEMINNAENLFRAFLGELKTQMTSAVREPKLPVLAGCLKGLSSLLCNFTKSMEE
DPQTSREIFNFVLKAIRPQIDLKRYAVPSAGLRLFALHASQFSTCLLDNYVSLFEVLLKWCAHTNVELKKAALSALESFL
KQVSNMVAKNAEMHKNKLQYFMEQFYGIIRNVDSNNKELSIAIRGYGLFAGPCKVINAKDVDFMYVELIQRCKQMFLTQT
DTGDDRVYQMPSFLQSVASVLLYLDTVPEVYTPVLEHLVVMQIDSFPQYSPKMQLVCCRAIVKVFLALAAKGPVLRNCIS
TVVHQGLIRICSKPVVLPKGPESESEDHRASGEVRTGKWKVPTYKDYVDLFRHLLSSDQMMDSILADEAFFSVNSSSESL
NHLLYDEFVKSVLKIVEKLDLTLEIQTVGEQENGDEAPGVWMIPTSDPAANLHPAKPKDFSAFINLVEFCREILPEKQAE
FFEPWVYSFSYELILQSTRLPLISGFYKLLSITVRNAKKIKYFEGVSPKSLKHSPEDPEKYSCFALFVKFGKEVAVKMKQ
YKDELLASCLTFLLSLPHNIIELDVRAYVPALQMAFKLGLSYTPLAEVGLNALEEWSIYIDRHVMQPYYKDILPCLDGYL
KTSALSDETKNNWEVSALSRAAQKGFNKVVLKHLKKTKNLSSNEAISLEEIRIRVVQMLGSLGGQINKNLLTVTSSDEMM
KSYVAWDREKRLSFAVPFREMKPVIFLDVFLPRVTELALTASDRQTKVAACELLHSMVMFMLGKATQMPEGGQGAPPMYQ
LYKRTFPVLLRLACDVDQVTRQLYEPLVMQLIHWFTNNKKFESQDTVALLEAILDGIVDPVDSTLRDFCGRCIREFLKWS
IKQITPQQQEKSPVNTKSLFKRLYSLALHPNAFKRLGASLAFNNIYREFREEESLVEQFVFEALVIYMESLALAHADEKS
LGTIQQCCDAIDHLCRIIEKKHVSLNKAKKRRLPRGFPPSASLCLLDLVKWLLAHCGRPQTECRHKSIELFYKFVPLLPG
NRSPNLWLKDVLKEEGVSFLINTFEGGGCGQPSGILAQPTLLYLRGPFSLQATLCWLDLLLAALECYNTFIGERTVGALQ
VLGTEAQSSLLKAVAFFLESIAMHDIIAAEKCFGTGAAGNRTSPQEGERYNYSKCTVVVRIMEFTTTLLNTSPEGWKLLK
KDLCNTHLMRVLVQTLCEPASIGFNIGDVQVMAHLPDVCVNLMKALKMSPYKDILETHLREKITAQSIEELCAVNLYGPD
AQVDRSRLAAVVSACKQLHRAGLLHNILPSQSTDLHHSVGTELLSLVYKGIAPGDERQCLPSLDLSCKQLASGLLELAFA
FGGLCERLVSLLLNPAVLSTASLGSSQGSVIHFSHGEYFYSLFSETINTELLKNLDLAVLELMQSSVDNTKMVSAVLNGM
LDQSFRERANQKHQGLKLATTILQHWKKCDSWWAKDSPLETKMAVLALLAKILQIDSSVSFNTSHGSFPEVFTTYISLLA
DTKLDLHLKGQAVTLLPFFTSLTGGSLEELRRVLEQLIVAHFPMQSREFPPGTPRFNNYVDCMKKFLDALELSQSPMLLE
LMTEVLCREQQHVMEELFQSSFRRIARRGSCVTQVGLLESVYEMFRKDDPRLSFTRQSFVDRSLLTLLWHCSLDALREFF
STIVVDAIDVLKSRFTKLNESTFDTQITKKMGYYKILDVMYSRLPKDDVHAKESKINQVFHGSCITEGNELTKTLIKLCY
DAFTENMAGENQLLERRRLYHCAAYNCAISVICCVFNELKFYQGFLFSEKPEKNLLIFENLIDLKRRYNFPVEVEVPMER
KKKYIEIRKEAREAANGDSDGPSYMSSLSYLADSTLSEEMSQFDFSTGVQSYSYSSQDPRPATGRFRRREQRDPTVHDDV
LELEMDELNRHECMAPLTALVKHMHRSLGPPQGEEDSVPRDLPSWMKFLHGKLGNPIVPLNIRLFLAKLVINTEEVFRPY
AKHWLSPLLQLAASENNGGEGIHYMVVEIVATILSWTGLATPTGVPKDEVLANRLLNFLMKHVFHPKRAVFRHNLEIIKT
LVECWKDCLSIPYRLIFEKFSGKDPNSKDNSVGIQLLGIVMANDLPPYDPQCGIQSSEYFQALVNNMSFVRYKEVYAAAA
EVLGLILRYVMERKNILEESLCELVAKQLKQHQNTMEDKFIVCLNKVTKSFPPLADRFMNAVFFLLPKFHGVLKTLCLEV
VLCRVEGMTELYFQLKSKDFVQVMRHRDDERQKVCLDIIYKMMPKLKPVELRELLNPVVEFVSHPSTTCREQMYNILMWI
HDNYRDPESETDNDSQEIFKLAKDVLIQGLIDENPGLQLIIRNFWSHETRLPSNTLDRLLALNSLYSPKIEVHFLSLATN
FLLEMTSMSPDYPNPMFEHPLSECEFQEYTIDSDWRFRSTVLTPMFVETQASQGTLQTRTQEGSLSARWPVAGQIRATQQ
QHDFTLTQTADGRSSFDWLTGSSTDPLVDHTSPSSDSLLFAHKRSERLQRAPLKSVGPDFGKKRLGLPGDEVDNKVKGAA
GRTDLLRLRRRFMRDQEKLSLMYARKGVAEQKREKEIKSELKMKQDAQVVLYRSYRHGDLPDIQIKHSSLITPLQAVAQR
DPIIAKQLFSSLFSGILKEMDKFKTLSEKNNITQKLLQDFNRFLNTTFSFFPPFVSCIQDISCQHAALLSLDPAAVSAGC
LASLQQPVGIRLLEEALLRLLPAELPAKRVRGKARLPPDVLRWVELAKLYRSIGEYDVLRGIFTSEIGTKQITQSALLAE
ARSDYSEAAKQYDEALNKQDWVDGEPTEAEKDFWELASLDCYNHLAEWKSLEYCSTASIDSENPPDLNKIWSEPFYQETY
LPYMIRSKLKLLLQGEADQSLLTFIDKAMHGELQKAILELHYSQELSLLYLLQDDVDRAKYYIQNGIQSFMQNYSSIDVL
LHQSRLTKLQSVQALTEIQEFISFISKQGNLSSQVPLKRLLNTWTNRYPDAKMDPMNIWDDIITNRCFFLSKIEEKLTPL
PEDNSMNVDQDGDPSDRMEVQEQEEDISSLIRSCKFSMKMKMIDSARKQNNFSLAMKLLKELHKESKTRDDWLVSWVQSY
CRLSHCRSRSQGCSEQVLTVLKTVSLLDENNVSSYLSKNILAFRDQNILLGTTYRIIANALSSEPACLAEIEEDKARRIL
ELSGSSSEDSEKVIAGLYQRAFQHLSEAVQAAEEEAQPPSWSCGPAAGVIDAYMTLADFCDQQLRKEEENASVIDSAELQ
AYPALVVEKMLKALKLNSNEARLKFPRLLQIIERYPEETLSLMTKEISSVPCWQFISWISHMVALLDKDQAVAVQHSVEE
ITDNYPQAIVYPFIISSESYSFKDTSTGHKNKEFVARIKSKLDQGGVIQDFINALDQLSNPELLFKDWSNDVRAELAKTP
VNKKNIEKMYERMYAALGDPKAPGLGAFRRKFIQTFGKEFDKHFGKGGSKLLRMKLSDFNDITNMLLLKMNKDSKPPGNL
KECSPWMSDFKVEFLRNELEIPGQYDGRGKPLPEYHVRIAGFDERVTVMASLRRPKRIIIRGHDEREHPFLVKGGEDLRQ
DQRVEQLFQVMNGILAQDSACSQRALQLRTYSVVPMTSRLGLIEWLENTVTLKDLLLNTMSQEEKAAYLSDPRAPPCEYK
DWLTKMSGKHDVGAYMLMYKGANRTETVTSFRKRESKVPADLLKRAFVRMSTSPEAFLALRSHFASSHALICISHWILGI
GDRHLNNFMVAMETGGVIGIDFGHAFGSATQFLPVPELMPFRLTRQFINLMLPMKETGLMYSIMVHALRAFRSDPGLLTN
TMDVFVKEPSFDWKNFEQKMLKKGGSWIQEINVAEKNWYPRQKICYAKRKLAGANPAVITCDELLLGHEKAPAFRDYVAV
ARGSKDHNIRAQEPESGLSEETQVKCLMDQATDPNILGRTWEGWEPWM(UNK)(UNK)(UNK)(UNK)(UNK)(UNK)
(UNK)(UNK)(UNK)(UNK)(UNK)(UNK)(UNK)(UNK)(UNK)(UNK)(UNK)(UNK)(UNK)(UNK)
;
_entity_poly.pdbx_strand_id   A
#
loop_
_chem_comp.id
_chem_comp.type
_chem_comp.name
_chem_comp.formula
MBW non-polymer 7-methyl-2-[(7-methyl-[1,2,4]triazolo[1,5-a]pyridin-6-yl)amino]-9-(oxan-4-yl)purin-8-one 'C18 H20 N8 O2'
#
# COMPACT_ATOMS: atom_id res chain seq x y z
N ARG A 9 42.82 8.43 -0.17
CA ARG A 9 44.25 8.31 -0.40
C ARG A 9 45.02 9.36 0.41
N CYS A 10 45.34 9.03 1.65
CA CYS A 10 46.04 9.96 2.53
C CYS A 10 47.53 10.09 2.22
N SER A 11 47.98 9.57 1.07
CA SER A 11 49.39 9.65 0.72
C SER A 11 49.78 11.08 0.29
N LEU A 12 49.16 11.58 -0.79
CA LEU A 12 49.51 12.91 -1.28
C LEU A 12 49.12 14.00 -0.29
N LEU A 13 48.09 13.75 0.53
CA LEU A 13 47.59 14.72 1.51
C LEU A 13 48.68 15.24 2.42
N ARG A 14 49.77 14.49 2.57
CA ARG A 14 50.98 14.99 3.20
C ARG A 14 52.18 14.95 2.27
N LEU A 15 52.11 14.19 1.17
CA LEU A 15 53.23 14.11 0.24
C LEU A 15 53.51 15.46 -0.43
N GLN A 16 52.45 16.19 -0.80
CA GLN A 16 52.68 17.49 -1.43
C GLN A 16 53.34 18.46 -0.45
N GLU A 17 52.90 18.45 0.82
CA GLU A 17 53.50 19.31 1.83
C GLU A 17 54.95 18.93 2.08
N THR A 18 55.24 17.63 2.12
CA THR A 18 56.62 17.20 2.35
C THR A 18 57.52 17.55 1.17
N LEU A 19 56.99 17.45 -0.05
CA LEU A 19 57.76 17.89 -1.22
C LEU A 19 58.01 19.40 -1.19
N SER A 20 56.99 20.19 -0.83
CA SER A 20 57.15 21.63 -0.70
C SER A 20 57.99 22.01 0.51
N ALA A 21 58.29 21.07 1.39
CA ALA A 21 59.28 21.31 2.44
C ALA A 21 60.68 20.91 2.00
N ALA A 22 60.79 19.83 1.23
CA ALA A 22 62.09 19.38 0.74
C ALA A 22 62.66 20.33 -0.30
N ASP A 23 61.80 20.95 -1.11
CA ASP A 23 62.30 21.93 -2.07
C ASP A 23 62.90 23.15 -1.38
N ARG A 24 62.53 23.38 -0.12
CA ARG A 24 63.07 24.49 0.66
C ARG A 24 64.44 24.19 1.26
N CYS A 25 64.93 22.96 1.13
CA CYS A 25 66.24 22.60 1.67
C CYS A 25 67.29 22.90 0.60
N GLY A 26 67.87 24.09 0.69
CA GLY A 26 68.84 24.50 -0.31
C GLY A 26 68.16 24.80 -1.65
N ALA A 27 68.98 24.87 -2.68
CA ALA A 27 68.49 25.06 -4.04
C ALA A 27 68.82 23.90 -4.96
N ALA A 28 70.09 23.50 -5.04
CA ALA A 28 70.47 22.41 -5.92
C ALA A 28 69.94 21.08 -5.39
N LEU A 29 69.62 20.18 -6.32
CA LEU A 29 69.21 18.80 -6.06
C LEU A 29 67.92 18.72 -5.26
N ALA A 30 67.27 19.83 -4.96
CA ALA A 30 65.94 19.85 -4.38
C ALA A 30 64.85 19.99 -5.42
N GLY A 31 65.21 19.93 -6.69
CA GLY A 31 64.26 19.88 -7.78
C GLY A 31 64.75 18.96 -8.87
N HIS A 32 65.90 18.31 -8.61
CA HIS A 32 66.50 17.45 -9.62
C HIS A 32 65.74 16.13 -9.76
N GLN A 33 65.34 15.54 -8.64
CA GLN A 33 64.59 14.29 -8.65
C GLN A 33 63.10 14.54 -8.40
N LEU A 34 62.72 15.78 -8.09
CA LEU A 34 61.32 16.13 -7.84
C LEU A 34 60.49 16.17 -9.12
N ILE A 35 61.11 16.10 -10.30
CA ILE A 35 60.34 15.87 -11.50
C ILE A 35 59.66 14.51 -11.45
N ARG A 36 60.38 13.49 -10.95
CA ARG A 36 59.74 12.20 -10.71
C ARG A 36 58.72 12.28 -9.59
N GLY A 37 58.92 13.18 -8.64
CA GLY A 37 57.90 13.40 -7.61
C GLY A 37 56.61 13.93 -8.21
N LEU A 38 56.71 14.90 -9.11
CA LEU A 38 55.53 15.40 -9.80
C LEU A 38 54.94 14.36 -10.74
N GLY A 39 55.77 13.52 -11.34
CA GLY A 39 55.25 12.44 -12.17
C GLY A 39 54.46 11.42 -11.38
N GLN A 40 54.99 11.01 -10.22
CA GLN A 40 54.24 10.12 -9.35
C GLN A 40 53.00 10.81 -8.79
N GLU A 41 53.08 12.13 -8.57
CA GLU A 41 51.90 12.89 -8.14
C GLU A 41 50.82 12.91 -9.20
N CYS A 42 51.19 13.07 -10.47
CA CYS A 42 50.22 13.17 -11.55
C CYS A 42 49.78 11.81 -12.11
N VAL A 43 50.46 10.73 -11.73
CA VAL A 43 49.88 9.41 -11.96
C VAL A 43 49.08 8.93 -10.75
N LEU A 44 49.42 9.40 -9.55
CA LEU A 44 48.56 9.22 -8.39
C LEU A 44 47.23 9.93 -8.58
N SER A 45 47.27 11.13 -9.17
CA SER A 45 46.05 11.84 -9.53
C SER A 45 45.53 11.33 -10.86
N SER A 46 45.33 10.00 -10.95
CA SER A 46 44.65 9.37 -12.08
C SER A 46 43.60 8.44 -11.48
N SER A 47 42.43 8.98 -11.17
CA SER A 47 41.37 8.21 -10.56
C SER A 47 40.02 8.86 -10.89
N PRO A 48 39.15 8.15 -11.60
CA PRO A 48 37.86 8.74 -11.99
C PRO A 48 36.87 8.91 -10.86
N ALA A 49 37.20 8.43 -9.66
CA ALA A 49 36.31 8.54 -8.52
C ALA A 49 36.31 9.97 -7.98
N VAL A 50 35.44 10.81 -8.54
CA VAL A 50 35.34 12.21 -8.10
C VAL A 50 35.03 12.32 -6.62
N LEU A 51 34.46 11.26 -6.02
CA LEU A 51 34.28 11.22 -4.57
C LEU A 51 35.62 11.31 -3.87
N ALA A 52 36.61 10.55 -4.33
CA ALA A 52 37.94 10.62 -3.76
C ALA A 52 38.65 11.90 -4.13
N LEU A 53 38.14 12.64 -5.12
CA LEU A 53 38.72 13.92 -5.51
C LEU A 53 38.03 15.10 -4.82
N GLN A 54 36.99 14.82 -4.03
CA GLN A 54 36.41 15.87 -3.19
C GLN A 54 37.43 16.40 -2.21
N THR A 55 38.28 15.51 -1.67
CA THR A 55 39.42 15.93 -0.88
C THR A 55 40.51 16.56 -1.74
N SER A 56 40.41 16.47 -3.06
CA SER A 56 41.30 17.23 -3.94
C SER A 56 40.73 18.60 -4.26
N LEU A 57 39.45 18.82 -3.99
CA LEU A 57 38.92 20.19 -4.05
C LEU A 57 39.68 21.10 -3.08
N VAL A 58 40.16 20.55 -1.96
CA VAL A 58 40.92 21.36 -1.01
C VAL A 58 42.40 21.40 -1.40
N PHE A 59 42.89 20.36 -2.08
CA PHE A 59 44.21 20.45 -2.71
C PHE A 59 44.24 21.56 -3.76
N SER A 60 43.11 21.84 -4.39
CA SER A 60 43.06 22.84 -5.46
C SER A 60 43.63 24.18 -5.01
N ARG A 61 43.44 24.55 -3.74
CA ARG A 61 43.95 25.82 -3.26
C ARG A 61 45.22 25.67 -2.41
N ASP A 62 45.41 24.52 -1.75
CA ASP A 62 46.70 24.25 -1.13
C ASP A 62 47.81 24.16 -2.17
N PHE A 63 47.46 23.96 -3.43
CA PHE A 63 48.42 24.09 -4.52
C PHE A 63 48.99 25.49 -4.63
N GLY A 64 48.32 26.47 -4.00
CA GLY A 64 48.70 27.86 -4.21
C GLY A 64 50.11 28.19 -3.73
N LEU A 65 50.47 27.74 -2.53
CA LEU A 65 51.78 28.10 -1.99
C LEU A 65 52.92 27.50 -2.80
N LEU A 66 52.68 26.34 -3.42
CA LEU A 66 53.68 25.76 -4.31
C LEU A 66 54.07 26.75 -5.39
N VAL A 67 53.11 27.13 -6.24
CA VAL A 67 53.39 28.09 -7.32
C VAL A 67 53.80 29.46 -6.77
N PHE A 68 53.35 29.82 -5.55
CA PHE A 68 53.81 31.06 -4.95
C PHE A 68 55.32 31.04 -4.71
N VAL A 69 55.85 29.90 -4.25
CA VAL A 69 57.30 29.77 -4.10
C VAL A 69 57.99 29.80 -5.47
N ARG A 70 57.43 29.08 -6.45
CA ARG A 70 57.98 29.05 -7.80
C ARG A 70 57.91 30.41 -8.50
N LYS A 71 57.13 31.36 -7.98
CA LYS A 71 57.12 32.70 -8.55
C LYS A 71 58.53 33.26 -8.68
N SER A 72 59.33 33.14 -7.62
CA SER A 72 60.71 33.59 -7.61
C SER A 72 61.72 32.46 -7.67
N LEU A 73 61.50 31.37 -6.92
CA LEU A 73 62.47 30.29 -6.90
C LEU A 73 62.48 29.54 -8.22
N ASN A 74 63.67 29.33 -8.78
CA ASN A 74 63.82 28.61 -10.04
C ASN A 74 65.30 28.39 -10.29
N SER A 75 65.62 27.30 -10.99
CA SER A 75 66.98 26.99 -11.40
C SER A 75 66.94 26.32 -12.77
N ILE A 76 68.12 25.90 -13.24
CA ILE A 76 68.21 25.28 -14.57
C ILE A 76 67.46 23.97 -14.61
N GLU A 77 67.61 23.14 -13.58
CA GLU A 77 66.84 21.90 -13.49
C GLU A 77 65.40 22.16 -13.05
N PHE A 78 65.16 23.22 -12.28
CA PHE A 78 63.85 23.51 -11.73
C PHE A 78 62.84 23.98 -12.79
N ARG A 79 63.31 24.37 -13.97
CA ARG A 79 62.37 24.70 -15.04
C ARG A 79 61.64 23.46 -15.54
N GLU A 80 62.28 22.28 -15.43
CA GLU A 80 61.55 21.04 -15.65
C GLU A 80 60.46 20.87 -14.60
N CYS A 81 60.75 21.25 -13.35
CA CYS A 81 59.74 21.20 -12.31
C CYS A 81 58.56 22.10 -12.65
N ARG A 82 58.85 23.32 -13.12
CA ARG A 82 57.80 24.23 -13.56
C ARG A 82 57.03 23.71 -14.75
N GLU A 83 57.69 23.00 -15.65
CA GLU A 83 57.00 22.35 -16.77
C GLU A 83 56.01 21.31 -16.25
N GLU A 84 56.50 20.39 -15.41
CA GLU A 84 55.69 19.26 -14.98
C GLU A 84 54.55 19.68 -14.08
N ILE A 85 54.79 20.63 -13.16
CA ILE A 85 53.72 21.06 -12.27
C ILE A 85 52.58 21.68 -13.05
N LEU A 86 52.88 22.48 -14.07
CA LEU A 86 51.83 23.15 -14.81
C LEU A 86 51.10 22.18 -15.75
N LYS A 87 51.82 21.23 -16.35
CA LYS A 87 51.15 20.16 -17.06
C LYS A 87 50.18 19.42 -16.15
N PHE A 88 50.64 19.08 -14.95
CA PHE A 88 49.82 18.35 -13.99
C PHE A 88 48.60 19.17 -13.59
N LEU A 89 48.77 20.47 -13.38
CA LEU A 89 47.64 21.32 -13.00
C LEU A 89 46.61 21.40 -14.11
N CYS A 90 47.04 21.57 -15.37
CA CYS A 90 46.07 21.66 -16.45
C CYS A 90 45.33 20.33 -16.65
N ILE A 91 46.05 19.22 -16.63
CA ILE A 91 45.40 17.92 -16.79
C ILE A 91 44.46 17.66 -15.62
N PHE A 92 44.86 18.07 -14.41
CA PHE A 92 44.01 17.93 -13.25
C PHE A 92 42.73 18.73 -13.40
N LEU A 93 42.82 19.96 -13.90
CA LEU A 93 41.61 20.74 -14.12
C LEU A 93 40.68 20.07 -15.13
N GLU A 94 41.24 19.68 -16.28
CA GLU A 94 40.43 19.06 -17.32
C GLU A 94 39.79 17.76 -16.84
N LYS A 95 40.45 17.06 -15.92
CA LYS A 95 39.91 15.83 -15.36
C LYS A 95 38.90 16.08 -14.25
N MET A 96 39.04 17.17 -13.50
CA MET A 96 38.04 17.50 -12.50
C MET A 96 36.72 17.89 -13.16
N GLY A 97 36.79 18.74 -14.16
CA GLY A 97 35.57 19.24 -14.80
C GLY A 97 35.17 20.60 -14.23
N GLN A 98 33.95 20.70 -13.72
CA GLN A 98 33.43 21.98 -13.24
C GLN A 98 32.70 21.79 -11.91
N LYS A 99 33.34 21.08 -10.96
CA LYS A 99 32.79 21.05 -9.60
C LYS A 99 32.85 22.44 -8.97
N ILE A 100 34.02 23.06 -8.97
CA ILE A 100 34.21 24.45 -8.56
C ILE A 100 35.33 25.02 -9.40
N ALA A 101 35.39 26.36 -9.47
CA ALA A 101 36.53 27.05 -10.08
C ALA A 101 36.62 28.48 -9.58
N PRO A 102 36.85 28.68 -8.27
CA PRO A 102 37.27 30.00 -7.79
C PRO A 102 38.78 30.17 -7.77
N TYR A 103 39.52 29.12 -8.11
CA TYR A 103 40.97 29.12 -8.20
C TYR A 103 41.47 29.47 -9.60
N SER A 104 40.57 29.77 -10.53
CA SER A 104 40.97 30.11 -11.89
C SER A 104 41.81 31.39 -11.89
N VAL A 105 41.41 32.40 -11.13
CA VAL A 105 42.23 33.60 -11.03
C VAL A 105 43.54 33.30 -10.31
N GLU A 106 43.50 32.36 -9.35
CA GLU A 106 44.73 31.92 -8.68
C GLU A 106 45.69 31.23 -9.64
N ILE A 107 45.20 30.75 -10.78
CA ILE A 107 46.09 30.26 -11.82
C ILE A 107 46.39 31.35 -12.86
N LYS A 108 45.48 32.32 -13.00
CA LYS A 108 45.63 33.36 -14.01
C LYS A 108 46.72 34.36 -13.65
N ASN A 109 46.83 34.70 -12.37
CA ASN A 109 47.98 35.51 -11.96
C ASN A 109 49.29 34.75 -12.21
N THR A 110 49.30 33.46 -11.87
CA THR A 110 50.51 32.67 -11.97
C THR A 110 50.94 32.48 -13.42
N CYS A 111 49.98 32.43 -14.36
CA CYS A 111 50.36 32.20 -15.74
C CYS A 111 51.24 33.31 -16.25
N THR A 112 50.88 34.57 -15.97
CA THR A 112 51.72 35.69 -16.34
C THR A 112 53.00 35.71 -15.52
N SER A 113 52.89 35.51 -14.20
CA SER A 113 54.10 35.55 -13.37
C SER A 113 55.11 34.48 -13.75
N VAL A 114 54.67 33.44 -14.46
CA VAL A 114 55.57 32.39 -14.91
C VAL A 114 56.03 32.62 -16.34
N TYR A 115 55.15 33.11 -17.21
CA TYR A 115 55.57 33.47 -18.57
C TYR A 115 56.61 34.58 -18.54
N THR A 116 56.67 35.37 -17.46
CA THR A 116 57.77 36.33 -17.32
C THR A 116 59.13 35.64 -17.35
N LYS A 117 59.18 34.36 -16.96
CA LYS A 117 60.40 33.57 -17.05
C LYS A 117 60.42 32.65 -18.27
N ASP A 118 59.85 33.07 -19.38
CA ASP A 118 59.95 32.32 -20.63
C ASP A 118 61.11 32.83 -21.47
N ALA A 127 59.56 26.88 -21.74
CA ALA A 127 58.48 25.94 -21.52
C ALA A 127 57.23 26.34 -22.31
N LEU A 128 56.94 25.58 -23.37
CA LEU A 128 55.77 25.82 -24.19
C LEU A 128 54.47 25.35 -23.56
N ASP A 129 54.53 24.34 -22.68
CA ASP A 129 53.35 23.68 -22.15
C ASP A 129 52.46 24.62 -21.35
N LEU A 130 52.89 25.84 -21.06
CA LEU A 130 52.01 26.81 -20.42
C LEU A 130 50.77 27.08 -21.25
N LEU A 131 50.83 26.80 -22.56
CA LEU A 131 49.69 27.04 -23.43
C LEU A 131 48.49 26.22 -23.00
N ILE A 132 48.70 24.96 -22.62
CA ILE A 132 47.56 24.10 -22.31
C ILE A 132 46.83 24.59 -21.07
N LYS A 133 47.57 24.95 -20.01
CA LYS A 133 46.91 25.48 -18.83
C LYS A 133 46.25 26.82 -19.12
N LEU A 134 46.92 27.71 -19.87
CA LEU A 134 46.34 28.99 -20.22
C LEU A 134 44.99 28.80 -20.88
N LEU A 135 45.01 28.14 -22.04
CA LEU A 135 43.79 27.98 -22.82
C LEU A 135 42.71 27.24 -22.03
N GLN A 136 43.07 26.13 -21.37
CA GLN A 136 42.03 25.32 -20.76
C GLN A 136 41.45 25.97 -19.51
N THR A 137 42.28 26.59 -18.66
CA THR A 137 41.75 27.32 -17.52
C THR A 137 40.85 28.45 -17.97
N PHE A 138 41.29 29.25 -18.95
CA PHE A 138 40.46 30.35 -19.41
C PHE A 138 39.14 29.85 -19.99
N ARG A 139 39.20 28.82 -20.84
CA ARG A 139 38.01 28.33 -21.51
C ARG A 139 37.12 27.49 -20.60
N SER A 140 37.64 27.03 -19.46
CA SER A 140 36.83 26.22 -18.55
C SER A 140 36.17 27.07 -17.48
N SER A 141 36.83 28.15 -17.05
CA SER A 141 36.24 28.94 -15.98
C SER A 141 35.56 30.21 -16.51
N ARG A 142 36.18 30.86 -17.50
CA ARG A 142 35.65 32.12 -18.03
C ARG A 142 34.54 31.92 -19.05
N LEU A 143 34.22 30.68 -19.41
CA LEU A 143 33.20 30.43 -20.41
C LEU A 143 31.80 30.36 -19.83
N MET A 144 31.63 30.55 -18.52
CA MET A 144 30.30 30.64 -17.92
C MET A 144 30.14 31.78 -16.93
N ASP A 145 31.22 32.38 -16.42
CA ASP A 145 31.14 33.17 -15.20
C ASP A 145 31.09 34.68 -15.46
N GLU A 146 31.77 35.16 -16.49
CA GLU A 146 31.86 36.58 -16.79
C GLU A 146 32.38 37.36 -15.59
N PHE A 147 33.45 36.83 -14.99
CA PHE A 147 34.09 37.42 -13.82
C PHE A 147 34.99 38.57 -14.27
N LYS A 148 34.36 39.73 -14.50
CA LYS A 148 35.07 40.87 -15.06
C LYS A 148 36.18 41.37 -14.14
N ILE A 149 35.91 41.44 -12.84
CA ILE A 149 36.89 42.00 -11.91
C ILE A 149 38.15 41.15 -11.86
N GLY A 150 38.02 39.83 -11.94
CA GLY A 150 39.19 38.98 -11.95
C GLY A 150 39.79 38.72 -13.30
N GLU A 151 39.04 38.95 -14.37
CA GLU A 151 39.53 38.78 -15.73
C GLU A 151 39.85 40.16 -16.30
N LEU A 152 41.05 40.65 -15.99
CA LEU A 152 41.52 41.89 -16.58
C LEU A 152 42.07 41.63 -17.98
N PHE A 153 41.65 42.43 -18.95
CA PHE A 153 41.96 42.19 -20.35
C PHE A 153 43.03 43.13 -20.89
N SER A 154 43.41 44.17 -20.16
CA SER A 154 44.43 45.10 -20.63
C SER A 154 45.79 44.42 -20.77
N LYS A 155 46.12 43.54 -19.82
CA LYS A 155 47.43 42.89 -19.85
C LYS A 155 47.57 41.99 -21.07
N PHE A 156 46.48 41.46 -21.60
CA PHE A 156 46.56 40.65 -22.81
C PHE A 156 47.02 41.49 -24.00
N TYR A 157 46.44 42.68 -24.18
CA TYR A 157 46.91 43.58 -25.22
C TYR A 157 48.34 44.02 -24.96
N GLY A 158 48.67 44.27 -23.68
CA GLY A 158 50.02 44.67 -23.35
C GLY A 158 51.05 43.62 -23.74
N GLU A 159 50.75 42.35 -23.48
CA GLU A 159 51.63 41.27 -23.90
C GLU A 159 51.65 41.14 -25.42
N LEU A 160 50.50 41.29 -26.07
CA LEU A 160 50.44 41.22 -27.53
C LEU A 160 51.33 42.28 -28.18
N ALA A 161 51.43 43.45 -27.55
CA ALA A 161 52.16 44.56 -28.15
C ALA A 161 53.64 44.22 -28.36
N LEU A 162 54.23 43.45 -27.45
CA LEU A 162 55.66 43.22 -27.44
C LEU A 162 56.10 42.01 -28.27
N LYS A 163 55.17 41.30 -28.90
CA LYS A 163 55.48 40.04 -29.57
C LYS A 163 55.75 40.20 -31.06
N LYS A 164 56.32 41.33 -31.48
CA LYS A 164 56.73 41.55 -32.86
C LYS A 164 58.23 41.33 -33.07
N LYS A 165 58.91 40.76 -32.09
CA LYS A 165 60.34 40.49 -32.19
C LYS A 165 60.59 39.20 -32.98
N ILE A 166 61.84 39.04 -33.42
CA ILE A 166 62.21 37.84 -34.18
C ILE A 166 62.04 36.58 -33.36
N PRO A 167 62.48 36.50 -32.08
CA PRO A 167 62.19 35.29 -31.30
C PRO A 167 60.71 35.09 -31.08
N ASP A 168 60.33 34.06 -30.32
CA ASP A 168 58.95 33.63 -30.19
C ASP A 168 58.39 33.25 -31.57
N THR A 169 58.98 32.19 -32.13
CA THR A 169 58.64 31.80 -33.51
C THR A 169 57.46 30.83 -33.54
N VAL A 170 57.39 29.87 -32.64
CA VAL A 170 56.20 29.02 -32.58
C VAL A 170 55.43 29.37 -31.32
N LEU A 171 54.61 30.42 -31.41
CA LEU A 171 53.75 30.83 -30.31
C LEU A 171 52.38 31.26 -30.80
N GLU A 172 52.11 31.15 -32.11
CA GLU A 172 50.92 31.70 -32.75
C GLU A 172 49.65 31.46 -31.96
N LYS A 173 49.61 30.42 -31.14
CA LYS A 173 48.51 30.22 -30.20
C LYS A 173 48.41 31.32 -29.17
N VAL A 174 49.45 32.14 -29.00
CA VAL A 174 49.31 33.32 -28.15
C VAL A 174 48.31 34.29 -28.75
N TYR A 175 48.26 34.39 -30.08
CA TYR A 175 47.21 35.17 -30.73
C TYR A 175 45.83 34.65 -30.32
N GLU A 176 45.68 33.34 -30.18
CA GLU A 176 44.40 32.76 -29.79
C GLU A 176 44.10 32.93 -28.31
N LEU A 177 45.13 32.96 -27.45
CA LEU A 177 44.86 32.96 -26.01
C LEU A 177 44.21 34.25 -25.54
N LEU A 178 44.56 35.39 -26.14
CA LEU A 178 43.91 36.64 -25.74
C LEU A 178 42.63 36.92 -26.51
N GLY A 179 42.32 36.12 -27.53
CA GLY A 179 41.09 36.31 -28.26
C GLY A 179 39.86 35.83 -27.54
N LEU A 180 40.02 35.15 -26.40
CA LEU A 180 38.89 34.60 -25.68
C LEU A 180 37.99 35.68 -25.09
N LEU A 181 38.56 36.85 -24.75
CA LEU A 181 37.82 37.82 -23.95
C LEU A 181 36.63 38.41 -24.70
N GLY A 182 36.77 38.61 -26.01
CA GLY A 182 35.65 39.09 -26.81
C GLY A 182 34.47 38.14 -26.76
N GLU A 183 34.74 36.84 -26.73
CA GLU A 183 33.67 35.86 -26.59
C GLU A 183 33.19 35.78 -25.14
N VAL A 184 34.09 35.96 -24.18
CA VAL A 184 33.74 35.85 -22.76
C VAL A 184 32.71 36.92 -22.39
N HIS A 185 33.01 38.16 -22.72
CA HIS A 185 32.11 39.23 -22.31
C HIS A 185 32.35 40.48 -23.15
N PRO A 186 31.78 40.58 -24.35
CA PRO A 186 31.96 41.80 -25.15
C PRO A 186 31.18 42.95 -24.58
N SER A 187 31.87 43.85 -23.88
CA SER A 187 31.27 45.07 -23.36
C SER A 187 32.23 46.25 -23.40
N GLU A 188 33.49 46.03 -23.81
CA GLU A 188 34.50 47.08 -23.80
C GLU A 188 35.36 47.11 -25.04
N MET A 189 35.18 46.18 -25.98
CA MET A 189 36.12 45.96 -27.08
C MET A 189 35.42 46.47 -28.34
N ILE A 190 35.47 47.80 -28.54
CA ILE A 190 34.59 48.41 -29.55
C ILE A 190 35.32 48.68 -30.85
N ASN A 191 36.31 49.58 -30.82
CA ASN A 191 37.07 49.93 -32.01
C ASN A 191 38.48 49.37 -32.00
N ASN A 192 39.03 49.10 -30.81
CA ASN A 192 40.22 48.26 -30.71
C ASN A 192 39.99 46.93 -31.41
N ALA A 193 38.78 46.37 -31.27
CA ALA A 193 38.42 45.16 -31.99
C ALA A 193 38.54 45.34 -33.50
N GLU A 194 38.39 46.57 -33.98
CA GLU A 194 38.62 46.84 -35.40
C GLU A 194 40.11 46.94 -35.69
N ASN A 195 40.82 47.81 -34.96
CA ASN A 195 42.16 48.20 -35.39
C ASN A 195 43.21 47.12 -35.09
N LEU A 196 43.21 46.56 -33.87
CA LEU A 196 44.22 45.56 -33.55
C LEU A 196 44.10 44.35 -34.46
N PHE A 197 42.89 44.03 -34.88
CA PHE A 197 42.68 42.82 -35.64
C PHE A 197 42.69 43.03 -37.14
N ARG A 198 42.49 44.27 -37.62
CA ARG A 198 42.92 44.55 -38.99
C ARG A 198 44.43 44.57 -39.08
N ALA A 199 45.13 44.97 -38.01
CA ALA A 199 46.58 44.82 -37.98
C ALA A 199 46.98 43.35 -38.00
N PHE A 200 46.28 42.52 -37.24
CA PHE A 200 46.52 41.08 -37.32
C PHE A 200 46.22 40.54 -38.71
N LEU A 201 45.18 41.07 -39.36
CA LEU A 201 44.88 40.69 -40.74
C LEU A 201 46.00 41.11 -41.68
N GLY A 202 46.62 42.27 -41.43
CA GLY A 202 47.78 42.66 -42.20
C GLY A 202 48.95 41.71 -42.00
N GLU A 203 49.15 41.26 -40.76
CA GLU A 203 50.14 40.21 -40.51
C GLU A 203 49.82 38.95 -41.31
N LEU A 204 48.54 38.57 -41.35
CA LEU A 204 48.13 37.40 -42.12
C LEU A 204 48.38 37.62 -43.61
N LYS A 205 48.17 38.85 -44.09
CA LYS A 205 48.49 39.17 -45.48
C LYS A 205 49.97 38.99 -45.74
N THR A 206 50.81 39.45 -44.81
CA THR A 206 52.26 39.29 -44.98
C THR A 206 52.67 37.83 -44.88
N GLN A 207 51.86 37.00 -44.23
CA GLN A 207 52.14 35.57 -44.15
C GLN A 207 52.19 34.96 -45.54
N MET A 208 53.16 34.08 -45.76
CA MET A 208 53.34 33.45 -47.08
C MET A 208 53.32 31.92 -46.96
N LEU A 217 56.14 26.92 -40.11
CA LEU A 217 55.45 28.08 -40.67
C LEU A 217 53.96 27.79 -40.97
N PRO A 218 53.64 26.61 -41.52
CA PRO A 218 52.22 26.20 -41.54
C PRO A 218 51.61 26.17 -40.16
N VAL A 219 52.38 25.73 -39.16
CA VAL A 219 51.90 25.77 -37.78
C VAL A 219 51.70 27.21 -37.32
N LEU A 220 52.53 28.14 -37.80
CA LEU A 220 52.36 29.54 -37.43
C LEU A 220 51.05 30.09 -37.97
N ALA A 221 50.69 29.73 -39.21
CA ALA A 221 49.44 30.20 -39.79
C ALA A 221 48.24 29.38 -39.33
N GLY A 222 48.46 28.23 -38.68
CA GLY A 222 47.34 27.43 -38.23
C GLY A 222 46.59 28.06 -37.08
N CYS A 223 47.25 28.94 -36.33
CA CYS A 223 46.63 29.60 -35.18
C CYS A 223 46.22 31.05 -35.47
N LEU A 224 46.14 31.42 -36.74
CA LEU A 224 45.70 32.77 -37.10
C LEU A 224 44.21 32.78 -37.43
N LYS A 225 43.77 31.80 -38.22
CA LYS A 225 42.35 31.65 -38.49
C LYS A 225 41.56 31.32 -37.23
N GLY A 226 42.18 30.63 -36.27
CA GLY A 226 41.53 30.44 -34.99
C GLY A 226 41.21 31.75 -34.30
N LEU A 227 42.18 32.67 -34.30
CA LEU A 227 41.94 33.98 -33.67
C LEU A 227 40.92 34.79 -34.46
N SER A 228 40.97 34.74 -35.80
CA SER A 228 39.97 35.44 -36.58
C SER A 228 38.57 34.91 -36.29
N SER A 229 38.42 33.58 -36.24
CA SER A 229 37.13 32.98 -35.95
C SER A 229 36.65 33.32 -34.54
N LEU A 230 37.56 33.27 -33.56
CA LEU A 230 37.19 33.65 -32.20
C LEU A 230 36.83 35.13 -32.09
N LEU A 231 37.38 35.96 -32.97
CA LEU A 231 36.92 37.34 -33.08
C LEU A 231 35.54 37.42 -33.70
N CYS A 232 35.21 36.48 -34.59
CA CYS A 232 33.95 36.54 -35.33
C CYS A 232 32.72 36.28 -34.46
N ASN A 233 32.83 36.25 -33.12
CA ASN A 233 31.67 35.95 -32.28
C ASN A 233 30.54 36.96 -32.49
N PHE A 234 30.86 38.18 -32.86
CA PHE A 234 29.84 39.18 -33.15
C PHE A 234 29.55 39.22 -34.65
N THR A 235 28.62 40.08 -35.03
CA THR A 235 28.18 40.16 -36.42
C THR A 235 29.21 40.85 -37.30
N LYS A 236 29.41 40.29 -38.49
CA LYS A 236 30.27 40.88 -39.52
C LYS A 236 29.82 40.30 -40.86
N SER A 237 29.04 41.07 -41.60
CA SER A 237 28.36 40.60 -42.81
C SER A 237 28.79 41.41 -44.02
N MET A 238 28.12 41.18 -45.16
CA MET A 238 28.46 41.83 -46.42
C MET A 238 28.45 43.35 -46.34
N GLU A 239 27.83 43.93 -45.31
CA GLU A 239 27.86 45.38 -45.16
C GLU A 239 29.26 45.90 -44.89
N GLU A 240 30.20 45.03 -44.55
CA GLU A 240 31.60 45.36 -44.42
C GLU A 240 32.41 44.80 -45.58
N ASP A 241 33.63 45.28 -45.70
CA ASP A 241 34.58 44.83 -46.72
C ASP A 241 35.34 43.54 -46.35
N PRO A 242 35.91 43.40 -45.13
CA PRO A 242 36.94 42.37 -44.90
C PRO A 242 36.46 40.94 -45.08
N GLN A 243 35.16 40.76 -45.28
CA GLN A 243 34.64 39.43 -45.55
C GLN A 243 35.25 38.85 -46.82
N THR A 244 35.44 39.68 -47.84
CA THR A 244 36.09 39.22 -49.06
C THR A 244 37.52 38.76 -48.79
N SER A 245 38.25 39.51 -47.97
CA SER A 245 39.63 39.14 -47.65
C SER A 245 39.68 37.81 -46.92
N ARG A 246 38.84 37.65 -45.88
CA ARG A 246 38.82 36.38 -45.16
C ARG A 246 38.42 35.23 -46.07
N GLU A 247 37.40 35.44 -46.92
CA GLU A 247 36.94 34.36 -47.78
C GLU A 247 38.03 33.93 -48.75
N ILE A 248 38.69 34.88 -49.40
CA ILE A 248 39.75 34.53 -50.33
C ILE A 248 40.90 33.83 -49.61
N PHE A 249 41.29 34.35 -48.44
CA PHE A 249 42.38 33.73 -47.70
C PHE A 249 42.05 32.29 -47.30
N ASN A 250 40.87 32.09 -46.70
CA ASN A 250 40.50 30.76 -46.24
C ASN A 250 40.36 29.79 -47.40
N PHE A 251 39.77 30.25 -48.51
CA PHE A 251 39.76 29.46 -49.73
C PHE A 251 41.17 29.01 -50.11
N VAL A 252 42.06 29.98 -50.34
CA VAL A 252 43.36 29.66 -50.92
C VAL A 252 44.21 28.85 -49.96
N LEU A 253 43.91 28.87 -48.66
CA LEU A 253 44.70 28.06 -47.73
C LEU A 253 44.11 26.68 -47.49
N LYS A 254 42.80 26.54 -47.38
CA LYS A 254 42.24 25.20 -47.24
C LYS A 254 42.11 24.50 -48.59
N ALA A 255 42.55 25.14 -49.67
CA ALA A 255 42.81 24.43 -50.93
C ALA A 255 43.99 25.14 -51.60
N ILE A 256 45.21 24.67 -51.30
CA ILE A 256 46.44 25.18 -51.90
C ILE A 256 47.30 24.06 -52.48
N ARG A 257 47.58 23.04 -51.67
CA ARG A 257 48.35 21.87 -52.08
C ARG A 257 48.17 20.75 -51.06
N PRO A 258 46.95 20.24 -50.88
CA PRO A 258 46.74 19.20 -49.87
C PRO A 258 47.16 17.81 -50.34
N GLN A 259 47.06 17.58 -51.65
CA GLN A 259 47.45 16.31 -52.24
C GLN A 259 48.95 16.07 -52.20
N ILE A 260 49.74 17.08 -51.86
CA ILE A 260 51.19 17.04 -51.98
C ILE A 260 51.86 16.81 -50.64
N ASP A 261 51.35 17.42 -49.58
CA ASP A 261 51.97 17.24 -48.26
C ASP A 261 51.34 16.07 -47.51
N LEU A 262 50.01 16.03 -47.44
CA LEU A 262 49.26 14.98 -46.73
C LEU A 262 49.68 14.86 -45.26
N LYS A 263 50.33 15.91 -44.74
CA LYS A 263 50.92 15.89 -43.40
C LYS A 263 50.35 16.96 -42.49
N ARG A 264 50.27 18.19 -42.97
CA ARG A 264 49.89 19.32 -42.12
C ARG A 264 48.38 19.37 -41.94
N TYR A 265 47.94 19.51 -40.69
CA TYR A 265 46.52 19.51 -40.36
C TYR A 265 46.21 20.62 -39.35
N ALA A 266 46.73 21.82 -39.60
CA ALA A 266 46.44 23.00 -38.79
C ALA A 266 45.63 24.04 -39.56
N VAL A 267 46.13 24.49 -40.72
CA VAL A 267 45.37 25.45 -41.53
C VAL A 267 44.03 24.90 -42.01
N PRO A 268 43.92 23.65 -42.50
CA PRO A 268 42.57 23.21 -42.92
C PRO A 268 41.61 23.18 -41.75
N SER A 269 42.05 22.65 -40.61
CA SER A 269 41.19 22.63 -39.43
C SER A 269 40.74 24.03 -39.05
N ALA A 270 41.68 24.97 -38.93
CA ALA A 270 41.33 26.32 -38.46
C ALA A 270 40.44 27.05 -39.45
N GLY A 271 40.84 27.09 -40.73
CA GLY A 271 40.06 27.84 -41.70
C GLY A 271 38.70 27.23 -41.95
N LEU A 272 38.65 25.89 -42.06
CA LEU A 272 37.41 25.21 -42.35
C LEU A 272 36.48 25.24 -41.14
N ARG A 273 37.03 25.24 -39.92
CA ARG A 273 36.23 25.45 -38.72
C ARG A 273 35.66 26.86 -38.67
N LEU A 274 36.46 27.86 -39.02
CA LEU A 274 35.94 29.22 -39.11
C LEU A 274 34.78 29.28 -40.08
N PHE A 275 34.94 28.66 -41.25
CA PHE A 275 33.87 28.65 -42.24
C PHE A 275 32.62 27.94 -41.71
N ALA A 276 32.81 26.78 -41.09
CA ALA A 276 31.66 26.02 -40.58
C ALA A 276 30.92 26.78 -39.48
N LEU A 277 31.65 27.40 -38.56
CA LEU A 277 31.02 28.05 -37.43
C LEU A 277 30.40 29.40 -37.83
N HIS A 278 31.01 30.09 -38.79
CA HIS A 278 30.46 31.37 -39.29
C HIS A 278 30.59 31.39 -40.82
N ALA A 279 29.58 30.90 -41.52
CA ALA A 279 29.44 31.11 -42.95
C ALA A 279 28.13 31.80 -43.32
N SER A 280 27.19 31.89 -42.38
CA SER A 280 25.95 32.63 -42.63
C SER A 280 26.22 34.10 -42.91
N GLN A 281 27.38 34.60 -42.45
CA GLN A 281 27.77 35.97 -42.73
C GLN A 281 28.19 36.18 -44.18
N PHE A 282 28.35 35.11 -44.95
CA PHE A 282 28.93 35.17 -46.29
C PHE A 282 27.83 34.89 -47.32
N SER A 283 27.24 35.96 -47.85
CA SER A 283 26.14 35.84 -48.78
C SER A 283 26.48 36.24 -50.20
N THR A 284 27.65 36.80 -50.45
CA THR A 284 28.02 37.19 -51.80
C THR A 284 29.28 36.50 -52.29
N CYS A 285 30.32 36.42 -51.47
CA CYS A 285 31.57 35.81 -51.92
C CYS A 285 31.43 34.32 -52.15
N LEU A 286 30.58 33.65 -51.37
CA LEU A 286 30.31 32.25 -51.63
C LEU A 286 29.67 32.05 -52.99
N LEU A 287 28.76 32.96 -53.36
CA LEU A 287 28.15 32.90 -54.68
C LEU A 287 29.11 33.33 -55.77
N ASP A 288 30.17 34.07 -55.42
CA ASP A 288 31.17 34.44 -56.42
C ASP A 288 31.83 33.20 -57.03
N ASN A 289 32.37 32.32 -56.18
CA ASN A 289 32.86 31.02 -56.64
C ASN A 289 32.38 29.96 -55.65
N TYR A 290 31.13 29.54 -55.83
CA TYR A 290 30.47 28.44 -55.16
C TYR A 290 31.05 27.06 -55.46
N VAL A 291 31.27 26.73 -56.74
CA VAL A 291 31.81 25.40 -57.05
C VAL A 291 33.21 25.23 -56.46
N SER A 292 34.10 26.18 -56.74
CA SER A 292 35.49 26.08 -56.29
C SER A 292 35.61 25.93 -54.78
N LEU A 293 34.50 26.10 -54.06
CA LEU A 293 34.37 25.76 -52.65
C LEU A 293 33.70 24.42 -52.45
N PHE A 294 32.67 24.13 -53.26
CA PHE A 294 31.85 22.94 -53.05
C PHE A 294 32.66 21.67 -53.31
N GLU A 295 33.32 21.59 -54.46
CA GLU A 295 34.10 20.37 -54.73
C GLU A 295 35.18 20.15 -53.68
N VAL A 296 35.86 21.22 -53.26
CA VAL A 296 36.98 21.03 -52.34
C VAL A 296 36.49 20.62 -50.95
N LEU A 297 35.40 21.21 -50.47
CA LEU A 297 34.89 20.77 -49.17
C LEU A 297 34.34 19.35 -49.24
N LEU A 298 33.76 18.97 -50.38
CA LEU A 298 33.33 17.57 -50.54
C LEU A 298 34.51 16.63 -50.50
N LYS A 299 35.61 16.97 -51.17
CA LYS A 299 36.80 16.13 -51.11
C LYS A 299 37.40 16.12 -49.71
N TRP A 300 37.28 17.24 -48.98
CA TRP A 300 37.70 17.26 -47.58
C TRP A 300 36.87 16.28 -46.77
N CYS A 301 35.56 16.20 -47.06
CA CYS A 301 34.71 15.13 -46.54
C CYS A 301 35.07 13.77 -47.11
N ALA A 302 35.91 13.72 -48.15
CA ALA A 302 36.27 12.46 -48.80
C ALA A 302 37.66 11.99 -48.43
N HIS A 303 38.23 12.46 -47.32
CA HIS A 303 39.52 11.97 -46.83
C HIS A 303 39.37 11.54 -45.37
N THR A 304 39.79 10.32 -45.07
CA THR A 304 39.56 9.72 -43.75
C THR A 304 40.45 10.35 -42.69
N ASN A 305 40.03 11.48 -42.12
CA ASN A 305 40.83 12.17 -41.12
C ASN A 305 39.90 12.77 -40.07
N VAL A 306 40.22 12.49 -38.80
CA VAL A 306 39.47 13.08 -37.70
C VAL A 306 39.67 14.58 -37.69
N GLU A 307 38.61 15.32 -37.36
CA GLU A 307 38.60 16.78 -37.29
C GLU A 307 38.82 17.41 -38.66
N LEU A 308 38.99 16.58 -39.68
CA LEU A 308 38.99 17.01 -41.07
C LEU A 308 37.71 16.59 -41.77
N LYS A 309 37.33 15.32 -41.62
CA LYS A 309 35.99 14.90 -42.03
C LYS A 309 34.93 15.74 -41.35
N LYS A 310 35.10 15.99 -40.05
CA LYS A 310 34.06 16.67 -39.27
C LYS A 310 34.01 18.15 -39.62
N ALA A 311 35.17 18.80 -39.73
CA ALA A 311 35.19 20.20 -40.13
C ALA A 311 34.63 20.38 -41.52
N ALA A 312 34.97 19.46 -42.44
CA ALA A 312 34.42 19.51 -43.78
C ALA A 312 32.91 19.28 -43.76
N LEU A 313 32.43 18.36 -42.91
CA LEU A 313 31.00 18.13 -42.80
C LEU A 313 30.27 19.37 -42.33
N SER A 314 30.79 20.02 -41.30
CA SER A 314 30.10 21.20 -40.77
C SER A 314 30.17 22.35 -41.76
N ALA A 315 31.30 22.50 -42.45
CA ALA A 315 31.41 23.54 -43.48
C ALA A 315 30.45 23.25 -44.63
N LEU A 316 30.28 21.98 -45.00
CA LEU A 316 29.34 21.64 -46.05
C LEU A 316 27.90 21.88 -45.59
N GLU A 317 27.62 21.63 -44.32
CA GLU A 317 26.31 21.96 -43.78
C GLU A 317 26.05 23.46 -43.89
N SER A 318 27.03 24.27 -43.51
CA SER A 318 26.89 25.73 -43.63
C SER A 318 26.75 26.15 -45.09
N PHE A 319 27.55 25.55 -45.97
CA PHE A 319 27.52 25.91 -47.38
C PHE A 319 26.17 25.59 -48.00
N LEU A 320 25.68 24.38 -47.80
CA LEU A 320 24.38 24.01 -48.33
C LEU A 320 23.29 24.87 -47.74
N LYS A 321 23.32 25.11 -46.43
CA LYS A 321 22.36 25.98 -45.78
C LYS A 321 22.29 27.35 -46.46
N GLN A 322 23.43 28.04 -46.53
CA GLN A 322 23.42 29.41 -47.05
C GLN A 322 23.15 29.46 -48.53
N VAL A 323 23.68 28.50 -49.30
CA VAL A 323 23.44 28.50 -50.74
C VAL A 323 21.97 28.26 -51.04
N SER A 324 21.34 27.32 -50.33
CA SER A 324 19.91 27.11 -50.51
C SER A 324 19.11 28.33 -50.09
N ASN A 325 19.49 28.97 -48.98
CA ASN A 325 18.81 30.18 -48.55
C ASN A 325 18.88 31.25 -49.63
N MET A 326 20.08 31.51 -50.15
CA MET A 326 20.26 32.55 -51.15
C MET A 326 19.58 32.20 -52.47
N VAL A 327 19.48 30.90 -52.79
CA VAL A 327 18.70 30.48 -53.94
C VAL A 327 17.22 30.81 -53.71
N ALA A 328 16.73 30.52 -52.51
CA ALA A 328 15.35 30.82 -52.17
C ALA A 328 15.08 32.31 -52.09
N LYS A 329 16.12 33.13 -51.95
CA LYS A 329 15.91 34.57 -51.94
C LYS A 329 15.54 35.09 -53.32
N ASN A 330 15.95 34.40 -54.38
CA ASN A 330 15.67 34.87 -55.73
C ASN A 330 15.67 33.67 -56.68
N ALA A 331 14.48 33.22 -57.06
CA ALA A 331 14.34 31.97 -57.81
C ALA A 331 14.76 32.09 -59.27
N GLU A 332 14.62 33.26 -59.89
CA GLU A 332 14.94 33.39 -61.30
C GLU A 332 16.43 33.13 -61.58
N MET A 333 17.29 34.00 -61.07
CA MET A 333 18.71 33.83 -61.28
C MET A 333 19.26 32.81 -60.28
N HIS A 334 20.57 32.55 -60.38
CA HIS A 334 21.20 31.40 -59.76
C HIS A 334 20.59 30.09 -60.24
N LYS A 335 19.86 30.15 -61.36
CA LYS A 335 19.29 28.94 -61.95
C LYS A 335 20.38 27.97 -62.38
N ASN A 336 21.46 28.48 -62.97
CA ASN A 336 22.55 27.62 -63.41
C ASN A 336 23.16 26.87 -62.24
N LYS A 337 23.44 27.57 -61.14
CA LYS A 337 24.08 26.92 -60.00
C LYS A 337 23.13 25.97 -59.28
N LEU A 338 21.85 26.34 -59.18
CA LEU A 338 20.91 25.43 -58.54
C LEU A 338 20.73 24.17 -59.38
N GLN A 339 20.72 24.30 -60.70
CA GLN A 339 20.66 23.11 -61.55
C GLN A 339 21.93 22.30 -61.44
N TYR A 340 23.08 22.96 -61.32
CA TYR A 340 24.33 22.25 -61.05
C TYR A 340 24.23 21.40 -59.81
N PHE A 341 23.78 21.99 -58.71
CA PHE A 341 23.70 21.24 -57.44
C PHE A 341 22.63 20.17 -57.51
N MET A 342 21.54 20.45 -58.21
CA MET A 342 20.52 19.44 -58.48
C MET A 342 21.14 18.22 -59.15
N GLU A 343 21.88 18.43 -60.23
CA GLU A 343 22.51 17.31 -60.91
C GLU A 343 23.59 16.67 -60.04
N GLN A 344 24.23 17.45 -59.17
CA GLN A 344 25.23 16.87 -58.28
C GLN A 344 24.60 15.88 -57.33
N PHE A 345 23.45 16.25 -56.74
CA PHE A 345 22.72 15.33 -55.89
C PHE A 345 22.22 14.12 -56.69
N TYR A 346 21.72 14.39 -57.89
CA TYR A 346 21.32 13.31 -58.80
C TYR A 346 22.45 12.29 -59.00
N GLY A 347 23.66 12.77 -59.28
CA GLY A 347 24.80 11.88 -59.48
C GLY A 347 25.35 11.29 -58.20
N ILE A 348 25.09 11.92 -57.06
CA ILE A 348 25.40 11.29 -55.78
C ILE A 348 24.50 10.08 -55.56
N ILE A 349 23.24 10.19 -55.95
CA ILE A 349 22.28 9.15 -55.58
C ILE A 349 22.07 8.11 -56.67
N ARG A 350 22.44 8.41 -57.92
CA ARG A 350 22.15 7.48 -59.00
C ARG A 350 23.11 6.31 -59.02
N ASN A 351 24.37 6.55 -58.65
CA ASN A 351 25.42 5.56 -58.84
C ASN A 351 25.34 4.45 -57.80
N VAL A 352 25.92 3.31 -58.15
CA VAL A 352 26.19 2.25 -57.17
C VAL A 352 27.55 2.59 -56.58
N ASP A 353 27.53 3.51 -55.62
CA ASP A 353 28.75 4.12 -55.11
C ASP A 353 29.40 3.25 -54.05
N SER A 354 30.69 3.51 -53.81
CA SER A 354 31.44 2.91 -52.71
C SER A 354 31.38 3.76 -51.45
N ASN A 355 30.34 4.58 -51.30
CA ASN A 355 30.26 5.55 -50.23
C ASN A 355 28.89 5.47 -49.58
N ASN A 356 28.83 5.96 -48.35
CA ASN A 356 27.58 6.11 -47.61
C ASN A 356 27.43 7.46 -46.95
N LYS A 357 28.46 8.31 -46.99
CA LYS A 357 28.43 9.61 -46.31
C LYS A 357 28.03 10.75 -47.23
N GLU A 358 27.99 10.52 -48.54
CA GLU A 358 27.51 11.53 -49.48
C GLU A 358 26.02 11.42 -49.73
N LEU A 359 25.42 10.26 -49.42
CA LEU A 359 23.97 10.14 -49.50
C LEU A 359 23.31 11.14 -48.59
N SER A 360 23.84 11.32 -47.37
CA SER A 360 23.31 12.33 -46.46
C SER A 360 23.38 13.71 -47.09
N ILE A 361 24.49 14.00 -47.78
CA ILE A 361 24.65 15.28 -48.44
C ILE A 361 23.55 15.46 -49.49
N ALA A 362 23.31 14.42 -50.29
CA ALA A 362 22.28 14.49 -51.32
C ALA A 362 20.90 14.71 -50.71
N ILE A 363 20.58 13.97 -49.64
CA ILE A 363 19.24 14.01 -49.09
C ILE A 363 18.98 15.35 -48.41
N ARG A 364 19.96 15.87 -47.67
CA ARG A 364 19.82 17.23 -47.15
C ARG A 364 19.75 18.25 -48.28
N GLY A 365 20.43 17.97 -49.38
CA GLY A 365 20.31 18.84 -50.53
C GLY A 365 18.89 18.90 -51.06
N TYR A 366 18.21 17.75 -51.11
CA TYR A 366 16.80 17.77 -51.50
C TYR A 366 15.97 18.51 -50.46
N GLY A 367 16.20 18.24 -49.18
CA GLY A 367 15.43 18.90 -48.14
C GLY A 367 15.59 20.40 -48.16
N LEU A 368 16.69 20.90 -48.72
CA LEU A 368 16.83 22.33 -48.93
C LEU A 368 16.23 22.76 -50.26
N PHE A 369 16.69 22.16 -51.36
CA PHE A 369 16.24 22.49 -52.71
C PHE A 369 14.94 21.75 -53.05
N ALA A 370 14.02 21.75 -52.09
CA ALA A 370 12.65 21.34 -52.33
C ALA A 370 11.73 22.52 -52.68
N GLY A 371 11.99 23.70 -52.13
CA GLY A 371 11.12 24.83 -52.33
C GLY A 371 11.43 25.65 -53.57
N PRO A 372 12.66 26.15 -53.66
CA PRO A 372 13.04 26.90 -54.87
C PRO A 372 12.88 26.09 -56.14
N CYS A 373 13.17 24.78 -56.10
CA CYS A 373 12.95 23.95 -57.27
C CYS A 373 11.49 23.92 -57.65
N LYS A 374 10.61 23.85 -56.66
CA LYS A 374 9.18 23.85 -56.93
C LYS A 374 8.73 25.16 -57.55
N VAL A 375 9.17 26.29 -57.00
CA VAL A 375 8.72 27.58 -57.51
C VAL A 375 9.39 27.95 -58.82
N ILE A 376 10.48 27.29 -59.20
CA ILE A 376 11.11 27.60 -60.47
C ILE A 376 10.67 26.65 -61.59
N ASN A 377 10.44 25.37 -61.28
CA ASN A 377 10.25 24.37 -62.32
C ASN A 377 8.82 23.84 -62.26
N ALA A 378 8.52 22.93 -63.19
CA ALA A 378 7.27 22.20 -63.22
C ALA A 378 7.32 21.06 -62.21
N LYS A 379 6.42 20.10 -62.32
CA LYS A 379 6.33 19.04 -61.33
C LYS A 379 7.54 18.11 -61.41
N ASP A 380 8.72 18.65 -61.08
CA ASP A 380 9.93 17.86 -61.01
C ASP A 380 10.31 17.46 -59.59
N VAL A 381 9.71 18.12 -58.58
CA VAL A 381 9.86 17.69 -57.20
C VAL A 381 9.31 16.30 -57.00
N ASP A 382 8.40 15.86 -57.88
CA ASP A 382 7.81 14.54 -57.75
C ASP A 382 8.88 13.45 -57.82
N PHE A 383 9.80 13.57 -58.77
CA PHE A 383 10.80 12.52 -58.96
C PHE A 383 11.79 12.49 -57.82
N MET A 384 12.20 13.66 -57.32
CA MET A 384 13.11 13.68 -56.18
C MET A 384 12.43 13.09 -54.95
N TYR A 385 11.16 13.43 -54.73
CA TYR A 385 10.43 12.82 -53.61
C TYR A 385 10.37 11.32 -53.76
N VAL A 386 10.07 10.84 -54.97
CA VAL A 386 9.92 9.42 -55.21
C VAL A 386 11.22 8.68 -54.90
N GLU A 387 12.32 9.15 -55.47
CA GLU A 387 13.58 8.43 -55.28
C GLU A 387 14.07 8.55 -53.84
N LEU A 388 13.89 9.72 -53.23
CA LEU A 388 14.31 9.88 -51.84
C LEU A 388 13.53 8.96 -50.92
N ILE A 389 12.23 8.84 -51.14
CA ILE A 389 11.45 7.96 -50.27
C ILE A 389 11.76 6.50 -50.56
N GLN A 390 12.11 6.15 -51.81
CA GLN A 390 12.58 4.80 -52.08
C GLN A 390 13.86 4.50 -51.31
N ARG A 391 14.81 5.43 -51.32
CA ARG A 391 16.06 5.21 -50.61
C ARG A 391 15.82 5.08 -49.11
N CYS A 392 14.97 5.94 -48.56
CA CYS A 392 14.60 5.78 -47.15
C CYS A 392 13.91 4.45 -46.91
N LYS A 393 13.14 3.97 -47.88
CA LYS A 393 12.46 2.69 -47.75
C LYS A 393 13.46 1.54 -47.64
N GLN A 394 14.50 1.56 -48.48
CA GLN A 394 15.43 0.45 -48.54
C GLN A 394 16.57 0.55 -47.53
N MET A 395 17.02 1.77 -47.21
CA MET A 395 18.16 1.95 -46.34
C MET A 395 17.78 1.96 -44.86
N PHE A 396 16.49 2.12 -44.55
CA PHE A 396 16.04 2.12 -43.17
C PHE A 396 15.06 1.00 -42.87
N LEU A 397 14.02 0.84 -43.68
CA LEU A 397 13.05 -0.21 -43.38
C LEU A 397 13.57 -1.59 -43.74
N THR A 398 14.26 -1.70 -44.86
CA THR A 398 14.68 -3.00 -45.39
C THR A 398 15.98 -3.49 -44.73
N GLN A 399 16.39 -2.86 -43.63
CA GLN A 399 17.67 -3.16 -43.02
C GLN A 399 17.72 -4.58 -42.49
N THR A 400 18.92 -5.16 -42.48
CA THR A 400 19.15 -6.54 -42.08
C THR A 400 19.96 -6.65 -40.79
N ASP A 401 21.17 -6.09 -40.77
CA ASP A 401 22.11 -6.35 -39.69
C ASP A 401 22.94 -5.10 -39.45
N THR A 402 23.91 -5.22 -38.55
CA THR A 402 24.76 -4.08 -38.22
C THR A 402 25.72 -3.74 -39.35
N GLY A 403 26.05 -2.46 -39.45
CA GLY A 403 26.92 -1.94 -40.49
C GLY A 403 27.15 -0.46 -40.31
N ASP A 404 27.06 0.30 -41.40
CA ASP A 404 27.18 1.75 -41.34
C ASP A 404 25.87 2.44 -41.71
N ASP A 405 24.76 1.71 -41.69
CA ASP A 405 23.43 2.26 -41.94
C ASP A 405 22.71 2.61 -40.64
N ARG A 406 23.47 3.09 -39.66
CA ARG A 406 22.94 3.35 -38.33
C ARG A 406 21.74 4.28 -38.38
N VAL A 407 20.92 4.22 -37.34
CA VAL A 407 19.68 4.96 -37.26
C VAL A 407 19.97 6.44 -37.01
N TYR A 408 21.23 6.78 -36.83
CA TYR A 408 21.59 8.16 -36.54
C TYR A 408 21.54 9.05 -37.78
N GLN A 409 21.42 8.47 -38.97
CA GLN A 409 21.17 9.24 -40.17
C GLN A 409 19.70 9.59 -40.34
N MET A 410 18.84 8.95 -39.56
CA MET A 410 17.40 8.92 -39.81
C MET A 410 16.68 10.22 -39.46
N PRO A 411 17.01 10.90 -38.35
CA PRO A 411 16.37 12.21 -38.14
C PRO A 411 16.65 13.18 -39.27
N SER A 412 17.87 13.20 -39.78
CA SER A 412 18.21 14.08 -40.89
C SER A 412 17.47 13.66 -42.16
N PHE A 413 17.48 12.36 -42.46
CA PHE A 413 16.76 11.89 -43.63
C PHE A 413 15.28 12.24 -43.54
N LEU A 414 14.69 12.11 -42.34
CA LEU A 414 13.27 12.36 -42.17
C LEU A 414 12.94 13.85 -42.25
N GLN A 415 13.85 14.71 -41.76
CA GLN A 415 13.67 16.14 -41.98
C GLN A 415 13.65 16.46 -43.46
N SER A 416 14.58 15.86 -44.22
CA SER A 416 14.56 16.06 -45.66
C SER A 416 13.28 15.52 -46.29
N VAL A 417 12.80 14.37 -45.79
CA VAL A 417 11.54 13.80 -46.26
C VAL A 417 10.42 14.81 -46.09
N ALA A 418 10.30 15.37 -44.90
CA ALA A 418 9.26 16.36 -44.67
C ALA A 418 9.41 17.53 -45.63
N SER A 419 10.61 18.12 -45.67
CA SER A 419 10.83 19.31 -46.49
C SER A 419 10.40 19.08 -47.93
N VAL A 420 10.74 17.93 -48.51
CA VAL A 420 10.28 17.66 -49.86
C VAL A 420 8.79 17.36 -49.88
N LEU A 421 8.21 16.92 -48.75
CA LEU A 421 6.80 16.56 -48.74
C LEU A 421 5.88 17.77 -48.68
N LEU A 422 6.29 18.85 -48.02
CA LEU A 422 5.39 19.99 -47.86
C LEU A 422 4.92 20.53 -49.20
N TYR A 423 5.86 20.83 -50.10
CA TYR A 423 5.55 21.71 -51.21
C TYR A 423 4.89 20.99 -52.38
N LEU A 424 5.00 19.67 -52.46
CA LEU A 424 4.26 18.94 -53.49
C LEU A 424 2.80 18.85 -53.10
N ASP A 425 1.92 19.05 -54.08
CA ASP A 425 0.48 19.12 -53.86
C ASP A 425 -0.18 17.74 -53.82
N THR A 426 0.02 16.95 -54.88
CA THR A 426 -0.55 15.61 -54.96
C THR A 426 0.52 14.60 -54.55
N VAL A 427 0.10 13.57 -53.81
CA VAL A 427 1.05 12.60 -53.29
C VAL A 427 0.89 11.27 -54.03
N PRO A 428 1.96 10.53 -54.24
CA PRO A 428 1.81 9.13 -54.64
C PRO A 428 1.30 8.29 -53.49
N GLU A 429 0.03 7.86 -53.56
CA GLU A 429 -0.60 7.19 -52.43
C GLU A 429 0.07 5.86 -52.11
N VAL A 430 0.73 5.24 -53.09
CA VAL A 430 1.41 3.97 -52.84
C VAL A 430 2.56 4.17 -51.87
N TYR A 431 3.18 5.34 -51.88
CA TYR A 431 4.34 5.62 -51.04
C TYR A 431 3.98 6.04 -49.63
N THR A 432 2.71 6.38 -49.36
CA THR A 432 2.30 6.82 -48.03
C THR A 432 2.60 5.80 -46.94
N PRO A 433 2.24 4.53 -47.05
CA PRO A 433 2.50 3.62 -45.93
C PRO A 433 3.98 3.48 -45.63
N VAL A 434 4.83 3.65 -46.63
CA VAL A 434 6.27 3.64 -46.37
C VAL A 434 6.66 4.84 -45.51
N LEU A 435 6.10 6.02 -45.79
CA LEU A 435 6.34 7.18 -44.95
C LEU A 435 5.88 6.92 -43.52
N GLU A 436 4.72 6.28 -43.38
CA GLU A 436 4.24 5.97 -42.04
C GLU A 436 5.16 5.00 -41.32
N HIS A 437 5.73 4.04 -42.06
CA HIS A 437 6.76 3.20 -41.46
C HIS A 437 7.96 4.01 -41.02
N LEU A 438 8.41 4.95 -41.83
CA LEU A 438 9.52 5.79 -41.40
C LEU A 438 9.19 6.47 -40.08
N VAL A 439 8.00 7.06 -39.96
CA VAL A 439 7.70 7.84 -38.76
C VAL A 439 7.51 6.93 -37.55
N VAL A 440 6.88 5.77 -37.73
CA VAL A 440 6.72 4.85 -36.60
C VAL A 440 8.07 4.30 -36.17
N MET A 441 8.94 3.97 -37.11
CA MET A 441 10.28 3.51 -36.76
C MET A 441 11.05 4.62 -36.06
N GLN A 442 10.86 5.85 -36.51
CA GLN A 442 11.48 7.00 -35.85
C GLN A 442 11.07 7.06 -34.39
N ILE A 443 9.76 7.00 -34.13
CA ILE A 443 9.26 7.03 -32.76
C ILE A 443 9.82 5.87 -31.97
N ASP A 444 9.90 4.70 -32.58
CA ASP A 444 10.32 3.51 -31.87
C ASP A 444 11.79 3.59 -31.48
N SER A 445 12.63 4.11 -32.37
CA SER A 445 14.05 4.23 -32.08
C SER A 445 14.38 5.58 -31.47
N PHE A 446 13.60 5.99 -30.49
CA PHE A 446 13.85 7.21 -29.72
C PHE A 446 14.87 7.01 -28.60
N PRO A 447 14.76 5.97 -27.76
CA PRO A 447 15.66 5.88 -26.61
C PRO A 447 17.10 5.64 -26.99
N GLN A 448 17.38 5.42 -28.27
CA GLN A 448 18.74 5.17 -28.70
C GLN A 448 19.54 6.44 -28.92
N TYR A 449 18.88 7.59 -28.98
CA TYR A 449 19.55 8.85 -29.26
C TYR A 449 20.00 9.53 -27.98
N SER A 450 21.19 10.13 -28.03
CA SER A 450 21.65 10.99 -26.95
C SER A 450 20.75 12.22 -26.87
N PRO A 451 20.67 12.85 -25.70
CA PRO A 451 19.71 13.96 -25.53
C PRO A 451 19.87 15.09 -26.53
N LYS A 452 21.06 15.28 -27.10
CA LYS A 452 21.19 16.28 -28.15
C LYS A 452 20.48 15.84 -29.43
N MET A 453 20.37 14.53 -29.66
CA MET A 453 19.72 13.99 -30.84
C MET A 453 18.23 13.72 -30.62
N GLN A 454 17.82 13.49 -29.38
CA GLN A 454 16.40 13.29 -29.11
C GLN A 454 15.59 14.49 -29.55
N LEU A 455 16.09 15.70 -29.33
CA LEU A 455 15.35 16.88 -29.76
C LEU A 455 15.35 17.03 -31.27
N VAL A 456 16.41 16.61 -31.94
CA VAL A 456 16.38 16.62 -33.41
C VAL A 456 15.34 15.65 -33.92
N CYS A 457 15.26 14.47 -33.31
CA CYS A 457 14.20 13.52 -33.64
C CYS A 457 12.82 14.13 -33.47
N CYS A 458 12.59 14.76 -32.31
CA CYS A 458 11.30 15.38 -32.04
C CYS A 458 10.99 16.46 -33.06
N ARG A 459 12.01 17.25 -33.44
CA ARG A 459 11.82 18.29 -34.44
C ARG A 459 11.42 17.70 -35.78
N ALA A 460 12.07 16.60 -36.19
CA ALA A 460 11.72 15.98 -37.46
C ALA A 460 10.30 15.43 -37.43
N ILE A 461 9.91 14.81 -36.32
CA ILE A 461 8.57 14.27 -36.19
C ILE A 461 7.52 15.39 -36.29
N VAL A 462 7.75 16.49 -35.56
CA VAL A 462 6.82 17.60 -35.62
C VAL A 462 6.78 18.18 -37.03
N LYS A 463 7.93 18.21 -37.70
CA LYS A 463 7.97 18.76 -39.04
C LYS A 463 7.12 17.93 -39.99
N VAL A 464 7.21 16.60 -39.90
CA VAL A 464 6.41 15.78 -40.81
C VAL A 464 4.94 15.83 -40.44
N PHE A 465 4.61 16.01 -39.15
CA PHE A 465 3.20 16.20 -38.81
C PHE A 465 2.66 17.51 -39.37
N LEU A 466 3.44 18.59 -39.29
CA LEU A 466 3.04 19.84 -39.92
C LEU A 466 2.89 19.68 -41.42
N ALA A 467 3.78 18.92 -42.04
CA ALA A 467 3.68 18.68 -43.47
C ALA A 467 2.40 17.95 -43.81
N LEU A 468 2.12 16.85 -43.11
CA LEU A 468 0.97 16.03 -43.46
C LEU A 468 -0.34 16.73 -43.13
N ALA A 469 -0.38 17.50 -42.05
CA ALA A 469 -1.63 18.12 -41.60
C ALA A 469 -1.96 19.34 -42.47
N ALA A 470 -2.01 19.10 -43.78
CA ALA A 470 -2.41 20.13 -44.73
C ALA A 470 -3.39 19.59 -45.75
N LYS A 471 -4.01 18.44 -45.50
CA LYS A 471 -4.88 17.77 -46.45
C LYS A 471 -6.09 17.20 -45.70
N GLY A 472 -7.05 16.70 -46.47
CA GLY A 472 -8.26 16.16 -45.90
C GLY A 472 -8.13 14.74 -45.42
N PRO A 473 -7.88 13.80 -46.34
CA PRO A 473 -7.75 12.39 -45.94
C PRO A 473 -6.36 12.02 -45.46
N VAL A 474 -5.34 12.71 -45.98
CA VAL A 474 -3.97 12.36 -45.66
C VAL A 474 -3.66 12.70 -44.21
N LEU A 475 -4.12 13.87 -43.76
CA LEU A 475 -4.06 14.24 -42.35
C LEU A 475 -4.48 13.09 -41.45
N ARG A 476 -5.72 12.65 -41.60
CA ARG A 476 -6.25 11.59 -40.76
C ARG A 476 -5.43 10.32 -40.92
N ASN A 477 -5.49 9.74 -42.12
CA ASN A 477 -4.92 8.43 -42.38
C ASN A 477 -3.44 8.36 -42.06
N CYS A 478 -2.76 9.49 -41.91
CA CYS A 478 -1.36 9.45 -41.56
C CYS A 478 -1.10 9.80 -40.10
N ILE A 479 -1.56 10.94 -39.61
CA ILE A 479 -1.23 11.33 -38.24
C ILE A 479 -1.84 10.36 -37.24
N SER A 480 -3.12 10.03 -37.43
CA SER A 480 -3.76 9.13 -36.48
C SER A 480 -3.15 7.75 -36.52
N THR A 481 -2.86 7.24 -37.73
CA THR A 481 -2.23 5.94 -37.85
C THR A 481 -0.87 5.91 -37.20
N VAL A 482 -0.07 6.97 -37.39
CA VAL A 482 1.27 6.99 -36.82
C VAL A 482 1.20 7.04 -35.30
N VAL A 483 0.29 7.85 -34.75
CA VAL A 483 0.19 7.92 -33.29
C VAL A 483 -0.25 6.59 -32.73
N HIS A 484 -1.26 5.96 -33.33
CA HIS A 484 -1.73 4.68 -32.82
C HIS A 484 -0.65 3.61 -32.91
N GLN A 485 0.07 3.55 -34.03
CA GLN A 485 1.10 2.52 -34.17
C GLN A 485 2.26 2.78 -33.23
N GLY A 486 2.71 4.02 -33.12
CA GLY A 486 3.79 4.31 -32.20
C GLY A 486 3.42 3.99 -30.77
N LEU A 487 2.17 4.28 -30.40
CA LEU A 487 1.71 3.96 -29.06
C LEU A 487 1.69 2.46 -28.82
N ILE A 488 1.24 1.68 -29.80
CA ILE A 488 1.28 0.22 -29.65
C ILE A 488 2.71 -0.25 -29.48
N ARG A 489 3.61 0.26 -30.33
CA ARG A 489 5.01 -0.14 -30.26
C ARG A 489 5.58 0.09 -28.87
N ILE A 490 5.43 1.31 -28.36
CA ILE A 490 6.04 1.63 -27.08
C ILE A 490 5.36 0.87 -25.96
N CYS A 491 4.05 0.65 -26.04
CA CYS A 491 3.37 -0.11 -25.01
C CYS A 491 3.78 -1.57 -25.02
N SER A 492 4.24 -2.10 -26.14
CA SER A 492 4.56 -3.51 -26.26
C SER A 492 5.98 -3.85 -25.83
N LYS A 493 6.76 -2.87 -25.37
CA LYS A 493 8.06 -3.17 -24.80
C LYS A 493 7.88 -3.87 -23.45
N PRO A 494 8.87 -4.64 -23.01
CA PRO A 494 8.70 -5.39 -21.75
C PRO A 494 8.50 -4.47 -20.56
N VAL A 495 7.78 -4.98 -19.57
CA VAL A 495 7.42 -4.22 -18.38
C VAL A 495 8.67 -3.88 -17.60
N VAL A 496 8.57 -2.94 -16.66
CA VAL A 496 9.67 -2.59 -15.77
C VAL A 496 9.44 -3.27 -14.42
N LEU A 497 10.46 -3.97 -13.94
CA LEU A 497 10.40 -4.75 -12.72
C LEU A 497 11.61 -4.44 -11.85
N PRO A 498 11.48 -4.60 -10.52
CA PRO A 498 12.58 -4.31 -9.61
C PRO A 498 13.76 -5.26 -9.77
N TRP A 519 23.47 0.24 -27.58
CA TRP A 519 22.02 0.08 -27.71
C TRP A 519 21.45 -0.57 -26.47
N LYS A 520 20.35 -0.01 -25.96
CA LYS A 520 19.77 -0.46 -24.70
C LYS A 520 18.36 -0.99 -24.89
N VAL A 521 18.00 -1.98 -24.09
CA VAL A 521 16.64 -2.48 -24.07
C VAL A 521 15.77 -1.42 -23.39
N PRO A 522 14.72 -0.96 -24.04
CA PRO A 522 13.97 0.17 -23.48
C PRO A 522 12.79 -0.27 -22.63
N THR A 523 12.11 0.72 -22.06
CA THR A 523 10.81 0.55 -21.44
C THR A 523 9.88 1.57 -22.07
N TYR A 524 8.69 1.74 -21.51
CA TYR A 524 7.85 2.83 -21.98
C TYR A 524 8.40 4.18 -21.58
N LYS A 525 9.15 4.23 -20.46
CA LYS A 525 9.52 5.51 -19.88
C LYS A 525 10.36 6.36 -20.82
N ASP A 526 11.09 5.72 -21.72
CA ASP A 526 12.01 6.46 -22.58
C ASP A 526 11.29 7.37 -23.55
N TYR A 527 10.10 7.00 -23.99
CA TYR A 527 9.34 7.79 -24.97
C TYR A 527 8.49 8.87 -24.34
N VAL A 528 8.42 8.92 -23.01
CA VAL A 528 7.53 9.88 -22.35
C VAL A 528 7.91 11.29 -22.73
N ASP A 529 9.21 11.59 -22.73
CA ASP A 529 9.64 12.92 -23.16
C ASP A 529 9.30 13.18 -24.61
N LEU A 530 9.36 12.13 -25.44
CA LEU A 530 9.00 12.28 -26.84
C LEU A 530 7.57 12.78 -26.98
N PHE A 531 6.63 12.08 -26.35
CA PHE A 531 5.26 12.53 -26.49
C PHE A 531 4.98 13.81 -25.71
N ARG A 532 5.83 14.14 -24.73
CA ARG A 532 5.74 15.45 -24.10
C ARG A 532 6.02 16.56 -25.10
N HIS A 533 7.21 16.54 -25.70
CA HIS A 533 7.55 17.55 -26.69
C HIS A 533 6.66 17.48 -27.92
N LEU A 534 6.01 16.35 -28.15
CA LEU A 534 5.02 16.29 -29.23
C LEU A 534 3.72 16.97 -28.86
N LEU A 535 3.29 16.87 -27.60
CA LEU A 535 2.07 17.54 -27.17
C LEU A 535 2.31 18.96 -26.71
N SER A 536 3.56 19.40 -26.70
CA SER A 536 3.94 20.79 -26.45
C SER A 536 4.72 21.35 -27.64
N SER A 537 4.23 21.05 -28.85
CA SER A 537 4.96 21.44 -30.05
C SER A 537 4.84 22.93 -30.34
N ASP A 538 3.84 23.59 -29.79
CA ASP A 538 3.65 25.01 -30.05
C ASP A 538 4.63 25.86 -29.25
N GLN A 539 5.91 25.79 -29.57
CA GLN A 539 6.90 26.64 -28.92
C GLN A 539 8.04 26.89 -29.92
N MET A 540 9.20 27.31 -29.41
CA MET A 540 10.38 27.51 -30.22
C MET A 540 10.61 26.40 -31.24
N MET A 541 10.17 25.17 -30.94
CA MET A 541 10.23 24.11 -31.95
C MET A 541 9.40 24.50 -33.17
N ASP A 542 8.12 24.84 -32.97
CA ASP A 542 7.30 25.23 -34.10
C ASP A 542 7.81 26.50 -34.75
N SER A 543 8.35 27.42 -33.95
CA SER A 543 8.92 28.65 -34.52
C SER A 543 10.06 28.33 -35.47
N ILE A 544 11.05 27.56 -35.00
CA ILE A 544 12.22 27.23 -35.82
C ILE A 544 11.88 26.27 -36.94
N LEU A 545 10.70 25.65 -36.92
CA LEU A 545 10.26 24.95 -38.12
C LEU A 545 9.89 25.92 -39.23
N ALA A 546 9.81 27.22 -38.95
CA ALA A 546 9.68 28.23 -39.98
C ALA A 546 11.04 28.65 -40.55
N ASP A 547 12.14 28.08 -40.05
CA ASP A 547 13.45 28.40 -40.59
C ASP A 547 13.55 28.05 -42.06
N GLU A 548 12.71 27.16 -42.56
CA GLU A 548 12.42 27.05 -43.97
C GLU A 548 11.01 27.58 -44.20
N ALA A 549 10.85 28.39 -45.24
CA ALA A 549 9.60 29.09 -45.48
C ALA A 549 8.51 28.07 -45.79
N PHE A 550 7.64 27.82 -44.82
CA PHE A 550 6.55 26.88 -44.99
C PHE A 550 5.17 27.52 -44.98
N PHE A 551 5.02 28.68 -44.36
CA PHE A 551 3.75 29.39 -44.37
C PHE A 551 3.58 30.11 -45.70
N SER A 552 2.62 31.04 -45.76
CA SER A 552 2.17 31.70 -46.98
C SER A 552 1.50 30.74 -47.95
N VAL A 553 1.24 29.50 -47.51
CA VAL A 553 0.42 28.53 -48.21
C VAL A 553 -0.45 27.82 -47.18
N ASN A 554 -1.24 26.86 -47.64
CA ASN A 554 -2.16 26.16 -46.74
C ASN A 554 -1.37 25.37 -45.71
N SER A 555 -1.43 25.81 -44.45
CA SER A 555 -0.78 25.12 -43.35
C SER A 555 -1.57 25.37 -42.07
N SER A 556 -1.89 24.29 -41.36
CA SER A 556 -2.54 24.39 -40.05
C SER A 556 -1.49 24.30 -38.94
N SER A 557 -0.54 25.21 -38.99
CA SER A 557 0.60 25.22 -38.09
C SER A 557 0.28 25.85 -36.73
N GLU A 558 -0.99 25.99 -36.39
CA GLU A 558 -1.41 26.69 -35.19
C GLU A 558 -1.75 25.77 -34.03
N SER A 559 -2.64 24.80 -34.23
CA SER A 559 -3.18 23.97 -33.16
C SER A 559 -2.71 22.52 -33.28
N LEU A 560 -1.45 22.32 -33.63
CA LEU A 560 -0.90 20.97 -33.70
C LEU A 560 -0.89 20.32 -32.33
N ASN A 561 -0.68 21.11 -31.27
CA ASN A 561 -0.81 20.57 -29.92
C ASN A 561 -2.18 19.93 -29.73
N HIS A 562 -3.23 20.67 -30.08
CA HIS A 562 -4.59 20.17 -29.87
C HIS A 562 -4.85 18.94 -30.72
N LEU A 563 -4.40 18.97 -31.98
CA LEU A 563 -4.59 17.82 -32.87
C LEU A 563 -3.91 16.58 -32.31
N LEU A 564 -2.63 16.69 -31.94
CA LEU A 564 -1.92 15.54 -31.38
C LEU A 564 -2.52 15.06 -30.07
N TYR A 565 -2.98 15.98 -29.23
CA TYR A 565 -3.60 15.54 -27.99
C TYR A 565 -4.83 14.69 -28.28
N ASP A 566 -5.67 15.15 -29.22
CA ASP A 566 -6.84 14.36 -29.57
C ASP A 566 -6.45 13.01 -30.13
N GLU A 567 -5.42 12.97 -30.99
CA GLU A 567 -5.05 11.70 -31.58
C GLU A 567 -4.49 10.74 -30.54
N PHE A 568 -3.63 11.22 -29.65
CA PHE A 568 -3.10 10.34 -28.61
C PHE A 568 -4.21 9.81 -27.72
N VAL A 569 -5.18 10.66 -27.38
CA VAL A 569 -6.24 10.21 -26.49
C VAL A 569 -7.13 9.18 -27.17
N LYS A 570 -7.52 9.41 -28.42
CA LYS A 570 -8.40 8.42 -29.02
C LYS A 570 -7.66 7.17 -29.46
N SER A 571 -6.34 7.23 -29.64
CA SER A 571 -5.59 6.00 -29.83
C SER A 571 -5.44 5.21 -28.54
N VAL A 572 -5.33 5.91 -27.40
CA VAL A 572 -5.42 5.22 -26.11
C VAL A 572 -6.76 4.51 -26.02
N LEU A 573 -7.83 5.18 -26.44
CA LEU A 573 -9.15 4.55 -26.39
C LEU A 573 -9.23 3.33 -27.31
N LYS A 574 -8.74 3.47 -28.54
CA LYS A 574 -8.74 2.34 -29.47
C LYS A 574 -7.98 1.17 -28.90
N ILE A 575 -6.80 1.42 -28.35
CA ILE A 575 -6.01 0.33 -27.77
C ILE A 575 -6.77 -0.33 -26.63
N VAL A 576 -7.28 0.48 -25.70
CA VAL A 576 -7.85 -0.11 -24.50
C VAL A 576 -9.12 -0.89 -24.83
N GLU A 577 -9.81 -0.55 -25.92
CA GLU A 577 -11.01 -1.32 -26.24
C GLU A 577 -10.73 -2.61 -26.98
N LYS A 578 -9.56 -2.78 -27.58
CA LYS A 578 -9.28 -3.98 -28.35
C LYS A 578 -8.36 -4.97 -27.64
N LEU A 579 -7.73 -4.58 -26.54
CA LEU A 579 -6.94 -5.52 -25.78
C LEU A 579 -7.84 -6.59 -25.18
N ASP A 580 -7.30 -7.80 -25.05
CA ASP A 580 -8.00 -8.89 -24.40
C ASP A 580 -7.40 -9.04 -23.00
N LEU A 581 -8.17 -8.66 -22.00
CA LEU A 581 -7.72 -8.69 -20.62
C LEU A 581 -8.42 -9.77 -19.81
N THR A 582 -9.20 -10.62 -20.45
CA THR A 582 -10.12 -11.48 -19.74
C THR A 582 -9.35 -12.57 -18.99
N LEU A 583 -9.32 -12.45 -17.67
CA LEU A 583 -8.58 -13.39 -16.83
C LEU A 583 -9.25 -14.76 -16.84
N GLU A 584 -8.46 -15.80 -16.64
CA GLU A 584 -8.95 -17.16 -16.67
C GLU A 584 -8.36 -17.98 -15.52
N ILE A 585 -9.11 -18.98 -15.09
CA ILE A 585 -8.69 -19.82 -13.98
C ILE A 585 -7.44 -20.59 -14.35
N GLN A 586 -6.55 -20.77 -13.38
CA GLN A 586 -5.34 -21.57 -13.51
C GLN A 586 -5.50 -22.82 -14.37
N MET A 602 -7.85 -29.17 -6.02
CA MET A 602 -8.73 -28.02 -6.18
C MET A 602 -9.47 -27.68 -4.88
N ILE A 603 -9.39 -26.42 -4.48
CA ILE A 603 -9.97 -25.99 -3.22
C ILE A 603 -10.89 -24.81 -3.50
N PRO A 604 -12.13 -24.81 -3.01
CA PRO A 604 -12.98 -23.64 -3.19
C PRO A 604 -12.36 -22.39 -2.57
N THR A 605 -12.50 -21.28 -3.27
CA THR A 605 -12.07 -19.99 -2.76
C THR A 605 -13.26 -19.05 -2.72
N SER A 606 -13.17 -18.06 -1.85
CA SER A 606 -14.17 -17.02 -1.75
C SER A 606 -13.62 -15.65 -2.10
N ASP A 607 -12.32 -15.51 -2.33
CA ASP A 607 -12.05 -14.17 -2.83
C ASP A 607 -12.13 -14.17 -4.35
N PRO A 608 -12.71 -13.14 -4.94
CA PRO A 608 -12.86 -13.14 -6.40
C PRO A 608 -11.63 -12.62 -7.11
N ALA A 609 -10.45 -13.02 -6.67
CA ALA A 609 -9.23 -12.55 -7.31
C ALA A 609 -8.16 -13.62 -7.28
N ALA A 610 -8.48 -14.83 -6.83
CA ALA A 610 -7.53 -15.91 -6.70
C ALA A 610 -7.60 -16.80 -7.94
N ASN A 611 -6.53 -17.57 -8.13
CA ASN A 611 -6.43 -18.52 -9.24
C ASN A 611 -6.68 -17.86 -10.57
N LEU A 612 -6.15 -16.66 -10.79
CA LEU A 612 -6.37 -15.92 -12.01
C LEU A 612 -5.05 -15.50 -12.64
N HIS A 613 -4.91 -15.77 -13.93
CA HIS A 613 -3.81 -15.27 -14.72
C HIS A 613 -4.38 -14.74 -16.04
N PRO A 614 -3.76 -13.71 -16.62
CA PRO A 614 -4.29 -13.14 -17.86
C PRO A 614 -4.30 -14.17 -18.97
N ALA A 615 -5.36 -14.16 -19.77
CA ALA A 615 -5.40 -15.07 -20.91
C ALA A 615 -4.30 -14.73 -21.90
N LYS A 616 -3.97 -13.45 -22.05
CA LYS A 616 -2.97 -12.99 -23.01
C LYS A 616 -1.97 -12.09 -22.29
N PRO A 617 -0.97 -12.67 -21.66
CA PRO A 617 -0.08 -11.89 -20.79
C PRO A 617 0.84 -10.97 -21.56
N LYS A 618 0.69 -10.90 -22.88
CA LYS A 618 1.32 -9.85 -23.65
C LYS A 618 0.35 -8.73 -23.99
N ASP A 619 -0.95 -8.96 -23.85
CA ASP A 619 -1.92 -7.89 -23.83
C ASP A 619 -1.97 -7.24 -22.46
N PHE A 620 -1.89 -8.05 -21.41
CA PHE A 620 -1.95 -7.51 -20.06
C PHE A 620 -0.76 -6.60 -19.78
N SER A 621 0.43 -7.01 -20.21
CA SER A 621 1.60 -6.15 -20.07
C SER A 621 1.48 -4.88 -20.88
N ALA A 622 0.93 -4.99 -22.10
CA ALA A 622 0.70 -3.80 -22.90
C ALA A 622 -0.23 -2.84 -22.18
N PHE A 623 -1.23 -3.38 -21.48
CA PHE A 623 -2.14 -2.53 -20.73
C PHE A 623 -1.45 -1.86 -19.55
N ILE A 624 -0.57 -2.60 -18.86
CA ILE A 624 0.16 -1.98 -17.75
C ILE A 624 1.01 -0.82 -18.25
N ASN A 625 1.73 -1.03 -19.35
CA ASN A 625 2.50 0.05 -19.92
C ASN A 625 1.61 1.21 -20.36
N LEU A 626 0.46 0.90 -20.94
CA LEU A 626 -0.43 1.96 -21.40
C LEU A 626 -0.94 2.79 -20.24
N VAL A 627 -1.24 2.16 -19.10
CA VAL A 627 -1.69 2.90 -17.94
C VAL A 627 -0.56 3.77 -17.38
N GLU A 628 0.62 3.19 -17.23
CA GLU A 628 1.72 3.98 -16.67
C GLU A 628 2.24 5.01 -17.66
N PHE A 629 1.80 4.96 -18.90
CA PHE A 629 2.17 5.95 -19.90
C PHE A 629 1.14 7.07 -20.00
N CYS A 630 -0.14 6.72 -19.92
CA CYS A 630 -1.16 7.74 -19.82
C CYS A 630 -1.02 8.53 -18.55
N ARG A 631 -0.63 7.88 -17.44
CA ARG A 631 -0.45 8.63 -16.21
C ARG A 631 0.63 9.68 -16.32
N GLU A 632 1.53 9.55 -17.28
CA GLU A 632 2.59 10.52 -17.44
C GLU A 632 2.26 11.57 -18.50
N ILE A 633 1.62 11.17 -19.60
CA ILE A 633 1.34 12.11 -20.68
C ILE A 633 0.02 12.84 -20.46
N LEU A 634 -1.02 12.09 -20.14
CA LEU A 634 -2.38 12.63 -20.14
C LEU A 634 -2.59 13.74 -19.10
N PRO A 635 -2.21 13.59 -17.82
CA PRO A 635 -2.56 14.63 -16.83
C PRO A 635 -1.74 15.89 -16.91
N GLU A 636 -0.42 15.73 -17.06
CA GLU A 636 0.47 16.88 -16.95
C GLU A 636 0.25 17.88 -18.08
N LYS A 637 -0.14 17.40 -19.25
CA LYS A 637 -0.41 18.31 -20.33
C LYS A 637 -1.62 19.16 -19.99
N GLN A 638 -1.66 20.35 -20.57
CA GLN A 638 -2.67 21.34 -20.20
C GLN A 638 -4.06 20.75 -20.34
N ALA A 639 -4.86 20.89 -19.28
CA ALA A 639 -6.12 20.18 -19.18
C ALA A 639 -7.27 20.84 -19.92
N GLU A 640 -7.07 22.05 -20.44
CA GLU A 640 -8.12 22.61 -21.29
C GLU A 640 -8.31 21.79 -22.56
N PHE A 641 -7.30 21.02 -22.96
CA PHE A 641 -7.47 20.08 -24.06
C PHE A 641 -8.31 18.89 -23.64
N PHE A 642 -8.10 18.41 -22.41
CA PHE A 642 -8.88 17.31 -21.88
C PHE A 642 -10.30 17.70 -21.54
N GLU A 643 -10.59 18.99 -21.47
CA GLU A 643 -11.92 19.42 -21.03
C GLU A 643 -13.08 18.73 -21.73
N PRO A 644 -13.09 18.53 -23.07
CA PRO A 644 -14.24 17.87 -23.69
C PRO A 644 -14.15 16.35 -23.72
N TRP A 645 -12.96 15.81 -23.49
CA TRP A 645 -12.75 14.37 -23.53
C TRP A 645 -13.28 13.65 -22.29
N VAL A 646 -13.63 14.39 -21.24
CA VAL A 646 -13.86 13.73 -19.96
C VAL A 646 -15.01 12.75 -20.05
N TYR A 647 -16.10 13.15 -20.69
CA TYR A 647 -17.26 12.28 -20.69
C TYR A 647 -17.01 11.01 -21.48
N SER A 648 -16.49 11.15 -22.70
CA SER A 648 -16.24 9.95 -23.50
C SER A 648 -15.24 9.04 -22.82
N PHE A 649 -14.17 9.62 -22.26
CA PHE A 649 -13.11 8.82 -21.68
C PHE A 649 -13.61 8.08 -20.45
N SER A 650 -14.30 8.78 -19.57
CA SER A 650 -14.83 8.12 -18.38
C SER A 650 -15.88 7.09 -18.75
N TYR A 651 -16.71 7.38 -19.75
CA TYR A 651 -17.73 6.42 -20.13
C TYR A 651 -17.11 5.12 -20.60
N GLU A 652 -16.08 5.20 -21.44
CA GLU A 652 -15.45 3.97 -21.90
C GLU A 652 -14.75 3.23 -20.78
N LEU A 653 -14.04 3.93 -19.90
CA LEU A 653 -13.36 3.21 -18.83
C LEU A 653 -14.34 2.61 -17.82
N ILE A 654 -15.43 3.32 -17.50
CA ILE A 654 -16.41 2.76 -16.60
C ILE A 654 -17.09 1.55 -17.22
N LEU A 655 -17.35 1.60 -18.53
CA LEU A 655 -17.92 0.45 -19.19
C LEU A 655 -16.99 -0.75 -19.09
N GLN A 656 -15.73 -0.58 -19.50
CA GLN A 656 -14.80 -1.69 -19.47
C GLN A 656 -14.56 -2.20 -18.06
N SER A 657 -14.55 -1.29 -17.08
CA SER A 657 -14.26 -1.69 -15.70
C SER A 657 -15.45 -2.38 -15.04
N THR A 658 -16.67 -2.00 -15.41
CA THR A 658 -17.81 -2.77 -14.93
C THR A 658 -17.85 -4.13 -15.59
N ARG A 659 -17.29 -4.25 -16.79
CA ARG A 659 -17.16 -5.55 -17.43
C ARG A 659 -16.05 -6.39 -16.79
N LEU A 660 -14.94 -5.78 -16.42
CA LEU A 660 -13.77 -6.47 -15.87
C LEU A 660 -13.31 -5.80 -14.58
N PRO A 661 -14.04 -6.01 -13.47
CA PRO A 661 -13.76 -5.24 -12.26
C PRO A 661 -12.39 -5.49 -11.66
N LEU A 662 -11.76 -6.62 -11.93
CA LEU A 662 -10.52 -6.97 -11.25
C LEU A 662 -9.28 -6.45 -11.95
N ILE A 663 -9.44 -5.66 -13.01
CA ILE A 663 -8.29 -5.12 -13.73
C ILE A 663 -7.96 -3.76 -13.11
N SER A 664 -6.80 -3.67 -12.45
CA SER A 664 -6.46 -2.47 -11.70
C SER A 664 -6.30 -1.25 -12.58
N GLY A 665 -5.94 -1.44 -13.85
CA GLY A 665 -5.64 -0.31 -14.70
C GLY A 665 -6.80 0.62 -14.92
N PHE A 666 -8.01 0.10 -14.96
CA PHE A 666 -9.16 0.95 -15.23
C PHE A 666 -9.39 1.91 -14.09
N TYR A 667 -9.06 1.52 -12.86
CA TYR A 667 -9.07 2.47 -11.76
C TYR A 667 -7.89 3.41 -11.81
N LYS A 668 -6.70 2.91 -12.11
CA LYS A 668 -5.57 3.82 -12.24
C LYS A 668 -5.78 4.84 -13.34
N LEU A 669 -6.68 4.56 -14.28
CA LEU A 669 -6.93 5.41 -15.44
C LEU A 669 -8.20 6.23 -15.30
N LEU A 670 -9.13 5.82 -14.46
CA LEU A 670 -10.20 6.71 -14.05
C LEU A 670 -9.68 7.75 -13.07
N SER A 671 -8.65 7.42 -12.30
CA SER A 671 -8.14 8.37 -11.32
C SER A 671 -7.49 9.57 -12.00
N ILE A 672 -6.77 9.34 -13.09
CA ILE A 672 -6.21 10.45 -13.87
C ILE A 672 -7.34 11.34 -14.40
N THR A 673 -8.38 10.72 -14.93
CA THR A 673 -9.51 11.46 -15.48
C THR A 673 -10.18 12.31 -14.41
N VAL A 674 -10.37 11.77 -13.22
CA VAL A 674 -11.00 12.57 -12.17
C VAL A 674 -10.06 13.65 -11.67
N ARG A 675 -8.77 13.37 -11.59
CA ARG A 675 -7.84 14.37 -11.12
C ARG A 675 -7.76 15.58 -12.04
N ASN A 676 -7.64 15.36 -13.35
CA ASN A 676 -7.60 16.54 -14.21
C ASN A 676 -8.97 16.91 -14.75
N ALA A 677 -10.03 16.26 -14.28
CA ALA A 677 -11.34 16.87 -14.33
C ALA A 677 -11.51 17.88 -13.21
N LYS A 678 -10.87 17.64 -12.07
CA LYS A 678 -10.88 18.60 -11.00
C LYS A 678 -9.89 19.74 -11.19
N LYS A 679 -8.79 19.52 -11.92
CA LYS A 679 -7.90 20.64 -12.22
C LYS A 679 -8.56 21.71 -13.08
N ILE A 680 -9.69 21.42 -13.72
CA ILE A 680 -10.39 22.39 -14.54
C ILE A 680 -11.76 22.72 -13.99
N LYS A 681 -12.05 22.31 -12.76
CA LYS A 681 -13.32 22.59 -12.10
C LYS A 681 -14.50 22.10 -12.93
N TYR A 682 -14.33 20.94 -13.56
CA TYR A 682 -15.33 20.41 -14.47
C TYR A 682 -16.64 20.10 -13.77
N PHE A 683 -16.64 19.90 -12.45
CA PHE A 683 -17.82 19.47 -11.74
C PHE A 683 -18.45 20.56 -10.89
N GLU A 684 -17.95 21.78 -10.96
CA GLU A 684 -18.43 22.83 -10.08
C GLU A 684 -19.87 23.21 -10.44
N GLY A 685 -20.72 23.24 -9.42
CA GLY A 685 -22.12 23.58 -9.65
C GLY A 685 -22.89 22.56 -10.46
N VAL A 686 -22.66 21.28 -10.22
CA VAL A 686 -23.39 20.23 -10.92
C VAL A 686 -24.16 19.33 -9.97
N SER A 687 -23.86 19.35 -8.67
CA SER A 687 -24.51 18.47 -7.71
C SER A 687 -26.04 18.49 -7.76
N PRO A 688 -26.71 19.66 -7.84
CA PRO A 688 -28.18 19.59 -7.87
C PRO A 688 -28.73 19.11 -9.20
N ASP A 697 -26.67 22.38 -20.52
CA ASP A 697 -25.49 21.53 -20.62
C ASP A 697 -25.70 20.21 -19.91
N PRO A 698 -26.24 19.21 -20.63
CA PRO A 698 -26.44 17.90 -20.00
C PRO A 698 -25.20 17.03 -20.00
N GLU A 699 -24.07 17.53 -20.50
CA GLU A 699 -22.87 16.70 -20.63
C GLU A 699 -22.11 16.62 -19.32
N LYS A 700 -21.89 17.76 -18.66
CA LYS A 700 -21.34 17.73 -17.32
C LYS A 700 -22.26 16.97 -16.37
N TYR A 701 -23.57 17.19 -16.48
CA TYR A 701 -24.52 16.47 -15.64
C TYR A 701 -24.47 14.97 -15.90
N SER A 702 -24.36 14.59 -17.16
CA SER A 702 -24.27 13.18 -17.51
C SER A 702 -23.04 12.55 -16.87
N CYS A 703 -21.89 13.19 -17.02
CA CYS A 703 -20.66 12.68 -16.41
C CYS A 703 -20.79 12.64 -14.89
N PHE A 704 -21.41 13.65 -14.29
CA PHE A 704 -21.56 13.68 -12.85
C PHE A 704 -22.39 12.51 -12.35
N ALA A 705 -23.57 12.31 -12.95
CA ALA A 705 -24.41 11.21 -12.54
C ALA A 705 -23.82 9.88 -12.92
N LEU A 706 -22.82 9.86 -13.81
CA LEU A 706 -22.08 8.64 -14.07
C LEU A 706 -21.15 8.33 -12.91
N PHE A 707 -20.42 9.34 -12.43
CA PHE A 707 -19.44 9.10 -11.37
C PHE A 707 -20.10 8.86 -10.03
N VAL A 708 -21.28 9.44 -9.78
CA VAL A 708 -22.00 9.12 -8.55
C VAL A 708 -22.30 7.63 -8.48
N LYS A 709 -22.95 7.12 -9.52
CA LYS A 709 -23.35 5.72 -9.58
C LYS A 709 -22.13 4.82 -9.53
N PHE A 710 -21.10 5.13 -10.32
CA PHE A 710 -19.92 4.27 -10.36
C PHE A 710 -19.21 4.29 -9.02
N GLY A 711 -19.10 5.45 -8.38
CA GLY A 711 -18.45 5.50 -7.09
C GLY A 711 -19.13 4.64 -6.07
N LYS A 712 -20.47 4.68 -6.01
CA LYS A 712 -21.15 3.79 -5.08
C LYS A 712 -20.90 2.33 -5.43
N GLU A 713 -20.98 1.97 -6.71
CA GLU A 713 -20.73 0.59 -7.11
C GLU A 713 -19.36 0.13 -6.65
N VAL A 714 -18.31 0.89 -7.00
CA VAL A 714 -16.96 0.47 -6.66
C VAL A 714 -16.73 0.56 -5.16
N ALA A 715 -17.45 1.40 -4.44
CA ALA A 715 -17.31 1.45 -3.00
C ALA A 715 -17.81 0.16 -2.36
N VAL A 716 -18.93 -0.36 -2.86
CA VAL A 716 -19.39 -1.65 -2.36
C VAL A 716 -18.45 -2.75 -2.82
N LYS A 717 -18.01 -2.72 -4.08
CA LYS A 717 -17.18 -3.79 -4.63
C LYS A 717 -15.85 -3.91 -3.90
N MET A 718 -15.23 -2.78 -3.59
CA MET A 718 -13.86 -2.77 -3.10
C MET A 718 -13.70 -3.32 -1.70
N LYS A 719 -14.78 -3.71 -1.03
CA LYS A 719 -14.62 -4.29 0.31
C LYS A 719 -13.78 -5.56 0.24
N GLN A 720 -13.96 -6.35 -0.81
CA GLN A 720 -13.39 -7.69 -0.90
C GLN A 720 -12.21 -7.76 -1.85
N TYR A 721 -11.39 -6.72 -1.88
CA TYR A 721 -10.22 -6.65 -2.75
C TYR A 721 -9.03 -7.44 -2.18
N LYS A 722 -7.95 -7.49 -2.95
CA LYS A 722 -6.76 -8.22 -2.52
C LYS A 722 -5.50 -7.36 -2.45
N ASP A 723 -4.67 -7.43 -3.48
CA ASP A 723 -3.42 -6.67 -3.52
C ASP A 723 -3.59 -5.24 -4.03
N GLU A 724 -2.68 -4.84 -4.92
CA GLU A 724 -2.68 -3.49 -5.49
C GLU A 724 -4.04 -3.07 -6.01
N LEU A 725 -4.89 -4.04 -6.33
CA LEU A 725 -6.22 -3.75 -6.84
C LEU A 725 -6.97 -2.85 -5.87
N LEU A 726 -6.82 -3.11 -4.57
CA LEU A 726 -7.48 -2.27 -3.58
C LEU A 726 -6.79 -0.93 -3.42
N ALA A 727 -5.47 -0.88 -3.55
CA ALA A 727 -4.80 0.42 -3.56
C ALA A 727 -5.37 1.29 -4.67
N SER A 728 -5.52 0.75 -5.88
CA SER A 728 -6.07 1.50 -7.00
C SER A 728 -7.53 1.86 -6.80
N CYS A 729 -8.35 0.94 -6.30
CA CYS A 729 -9.75 1.27 -6.04
C CYS A 729 -9.87 2.40 -5.04
N LEU A 730 -9.13 2.31 -3.93
CA LEU A 730 -9.18 3.37 -2.92
C LEU A 730 -8.71 4.69 -3.50
N THR A 731 -7.58 4.67 -4.21
CA THR A 731 -7.04 5.90 -4.76
C THR A 731 -8.04 6.58 -5.67
N PHE A 732 -8.67 5.82 -6.57
CA PHE A 732 -9.74 6.40 -7.38
C PHE A 732 -10.84 6.97 -6.49
N LEU A 733 -11.33 6.16 -5.56
CA LEU A 733 -12.53 6.51 -4.82
C LEU A 733 -12.33 7.78 -4.02
N LEU A 734 -11.11 8.04 -3.56
CA LEU A 734 -10.85 9.20 -2.74
C LEU A 734 -10.46 10.42 -3.55
N SER A 735 -10.35 10.29 -4.87
CA SER A 735 -10.13 11.44 -5.74
C SER A 735 -11.43 12.11 -6.16
N LEU A 736 -12.56 11.45 -5.96
CA LEU A 736 -13.84 11.97 -6.40
C LEU A 736 -14.10 13.33 -5.76
N PRO A 737 -14.73 14.25 -6.48
CA PRO A 737 -14.87 15.61 -5.98
C PRO A 737 -15.82 15.70 -4.81
N HIS A 738 -15.73 16.82 -4.09
CA HIS A 738 -16.57 16.97 -2.91
C HIS A 738 -18.04 17.14 -3.26
N ASN A 739 -18.34 17.51 -4.51
CA ASN A 739 -19.73 17.53 -4.94
C ASN A 739 -20.35 16.14 -4.88
N ILE A 740 -19.63 15.14 -5.39
CA ILE A 740 -20.08 13.77 -5.32
C ILE A 740 -20.05 13.27 -3.90
N ILE A 741 -19.04 13.66 -3.13
CA ILE A 741 -18.93 13.13 -1.77
C ILE A 741 -20.04 13.66 -0.88
N GLU A 742 -20.32 14.96 -0.95
CA GLU A 742 -21.28 15.60 -0.07
C GLU A 742 -22.60 14.86 0.01
N LEU A 743 -22.96 14.12 -1.04
CA LEU A 743 -24.28 13.50 -1.07
C LEU A 743 -24.36 12.30 -0.15
N ASP A 744 -23.35 11.44 -0.16
CA ASP A 744 -23.36 10.23 0.66
C ASP A 744 -22.01 10.03 1.33
N VAL A 745 -21.51 11.06 2.00
CA VAL A 745 -20.28 11.01 2.79
C VAL A 745 -20.16 9.69 3.56
N ARG A 746 -21.29 9.17 4.03
CA ARG A 746 -21.26 7.90 4.74
C ARG A 746 -20.75 6.78 3.84
N ALA A 747 -21.11 6.81 2.56
CA ALA A 747 -20.70 5.73 1.67
C ALA A 747 -19.18 5.71 1.50
N TYR A 748 -18.54 6.87 1.56
CA TYR A 748 -17.13 6.98 1.25
C TYR A 748 -16.24 7.03 2.48
N VAL A 749 -16.80 7.18 3.68
CA VAL A 749 -15.96 7.12 4.89
C VAL A 749 -15.17 5.82 4.99
N PRO A 750 -15.77 4.63 4.80
CA PRO A 750 -14.97 3.40 4.94
C PRO A 750 -13.78 3.32 4.02
N ALA A 751 -13.88 3.87 2.81
CA ALA A 751 -12.70 3.98 1.97
C ALA A 751 -11.64 4.84 2.63
N LEU A 752 -12.04 5.93 3.29
CA LEU A 752 -11.08 6.79 3.95
C LEU A 752 -10.39 6.07 5.09
N GLN A 753 -11.16 5.37 5.92
CA GLN A 753 -10.57 4.62 7.01
C GLN A 753 -9.62 3.55 6.49
N MET A 754 -10.00 2.87 5.41
CA MET A 754 -9.16 1.80 4.90
C MET A 754 -7.90 2.36 4.28
N ALA A 755 -7.97 3.54 3.67
CA ALA A 755 -6.76 4.19 3.17
C ALA A 755 -5.85 4.56 4.32
N PHE A 756 -6.41 5.10 5.40
CA PHE A 756 -5.60 5.46 6.56
C PHE A 756 -4.95 4.24 7.18
N LYS A 757 -5.69 3.14 7.28
CA LYS A 757 -5.14 1.91 7.84
C LYS A 757 -4.04 1.33 6.97
N LEU A 758 -4.24 1.34 5.66
CA LEU A 758 -3.25 0.77 4.77
C LEU A 758 -2.06 1.67 4.56
N GLY A 759 -2.20 2.96 4.82
CA GLY A 759 -1.10 3.87 4.58
C GLY A 759 0.01 3.78 5.57
N LEU A 760 -0.19 3.07 6.68
CA LEU A 760 0.88 2.91 7.64
C LEU A 760 2.05 2.14 7.05
N SER A 761 1.75 1.17 6.19
CA SER A 761 2.77 0.39 5.51
C SER A 761 2.98 0.80 4.05
N TYR A 762 2.01 1.47 3.44
CA TYR A 762 2.12 1.93 2.05
C TYR A 762 1.84 3.43 2.05
N THR A 763 2.89 4.23 1.95
CA THR A 763 2.73 5.67 2.11
C THR A 763 1.82 6.34 1.09
N PRO A 764 1.88 6.05 -0.21
CA PRO A 764 1.00 6.76 -1.15
C PRO A 764 -0.46 6.71 -0.76
N LEU A 765 -0.90 5.67 -0.07
CA LEU A 765 -2.26 5.69 0.46
C LEU A 765 -2.40 6.68 1.60
N ALA A 766 -1.32 6.97 2.34
CA ALA A 766 -1.39 8.01 3.35
C ALA A 766 -1.54 9.38 2.71
N GLU A 767 -0.75 9.69 1.69
CA GLU A 767 -1.01 10.94 0.97
C GLU A 767 -2.41 10.98 0.39
N VAL A 768 -2.90 9.87 -0.17
CA VAL A 768 -4.24 9.87 -0.76
C VAL A 768 -5.28 10.21 0.29
N GLY A 769 -5.27 9.47 1.41
CA GLY A 769 -6.26 9.70 2.44
C GLY A 769 -6.13 11.05 3.09
N LEU A 770 -4.90 11.57 3.16
CA LEU A 770 -4.70 12.83 3.84
C LEU A 770 -5.23 13.98 3.01
N ASN A 771 -4.99 13.96 1.69
CA ASN A 771 -5.57 14.96 0.81
C ASN A 771 -7.08 14.86 0.76
N ALA A 772 -7.62 13.64 0.70
CA ALA A 772 -9.06 13.47 0.78
C ALA A 772 -9.63 14.15 2.01
N LEU A 773 -9.04 13.87 3.18
CA LEU A 773 -9.56 14.42 4.41
C LEU A 773 -9.45 15.93 4.45
N GLU A 774 -8.31 16.48 4.03
CA GLU A 774 -8.18 17.94 3.96
C GLU A 774 -9.28 18.55 3.12
N GLU A 775 -9.46 18.05 1.90
CA GLU A 775 -10.44 18.66 1.01
C GLU A 775 -11.86 18.50 1.53
N TRP A 776 -12.21 17.34 2.08
CA TRP A 776 -13.54 17.19 2.66
C TRP A 776 -13.75 18.20 3.77
N SER A 777 -12.83 18.24 4.74
CA SER A 777 -13.00 19.15 5.87
C SER A 777 -13.12 20.59 5.41
N ILE A 778 -12.31 21.00 4.44
CA ILE A 778 -12.36 22.37 3.98
C ILE A 778 -13.68 22.68 3.29
N TYR A 779 -14.16 21.76 2.43
CA TYR A 779 -15.20 22.15 1.49
C TYR A 779 -16.59 21.66 1.86
N ILE A 780 -16.76 20.41 2.31
CA ILE A 780 -18.08 19.97 2.72
C ILE A 780 -18.54 20.85 3.88
N ASP A 781 -19.84 20.99 4.03
CA ASP A 781 -20.38 21.74 5.14
C ASP A 781 -20.03 21.07 6.45
N ARG A 782 -19.69 21.88 7.46
CA ARG A 782 -19.24 21.33 8.74
C ARG A 782 -20.32 20.52 9.42
N HIS A 783 -21.58 20.86 9.18
CA HIS A 783 -22.66 20.10 9.81
C HIS A 783 -22.82 18.74 9.15
N VAL A 784 -22.53 18.65 7.85
CA VAL A 784 -22.52 17.35 7.19
C VAL A 784 -21.35 16.52 7.67
N MET A 785 -20.17 17.14 7.76
CA MET A 785 -18.97 16.39 8.11
C MET A 785 -18.91 16.04 9.58
N GLN A 786 -19.65 16.74 10.42
CA GLN A 786 -19.42 16.63 11.86
C GLN A 786 -19.60 15.23 12.42
N PRO A 787 -20.67 14.50 12.14
CA PRO A 787 -20.84 13.23 12.85
C PRO A 787 -19.93 12.13 12.36
N TYR A 788 -18.99 12.45 11.46
CA TYR A 788 -18.10 11.45 10.90
C TYR A 788 -16.67 11.61 11.36
N TYR A 789 -16.36 12.69 12.06
CA TYR A 789 -15.00 12.88 12.54
C TYR A 789 -14.65 11.82 13.57
N LYS A 790 -15.61 11.39 14.36
CA LYS A 790 -15.39 10.34 15.34
C LYS A 790 -15.13 9.00 14.70
N ASP A 791 -15.31 8.89 13.39
CA ASP A 791 -14.98 7.69 12.62
C ASP A 791 -13.65 7.85 11.89
N ILE A 792 -13.46 9.01 11.25
CA ILE A 792 -12.27 9.23 10.45
C ILE A 792 -11.04 9.41 11.33
N LEU A 793 -11.09 10.33 12.29
CA LEU A 793 -9.88 10.74 12.99
C LEU A 793 -9.19 9.64 13.78
N PRO A 794 -9.87 8.77 14.52
CA PRO A 794 -9.14 7.71 15.22
C PRO A 794 -8.15 6.94 14.35
N CYS A 795 -8.38 6.95 13.04
CA CYS A 795 -7.53 6.23 12.11
C CYS A 795 -6.20 6.92 11.86
N LEU A 796 -6.08 8.19 12.20
CA LEU A 796 -4.82 8.91 12.09
C LEU A 796 -3.92 8.66 13.29
N ASP A 797 -4.42 7.96 14.30
CA ASP A 797 -3.68 7.83 15.54
C ASP A 797 -2.40 7.05 15.34
N GLY A 798 -2.45 5.96 14.57
CA GLY A 798 -1.27 5.16 14.34
C GLY A 798 -0.15 5.89 13.65
N TYR A 799 -0.45 7.02 13.00
CA TYR A 799 0.61 7.79 12.38
C TYR A 799 1.39 8.60 13.39
N LEU A 800 0.84 8.82 14.57
CA LEU A 800 1.53 9.51 15.64
C LEU A 800 2.10 8.54 16.66
N LYS A 801 1.28 7.59 17.12
CA LYS A 801 1.71 6.70 18.19
C LYS A 801 2.73 5.69 17.72
N THR A 802 2.30 4.80 16.84
CA THR A 802 3.19 3.72 16.40
C THR A 802 4.34 4.25 15.55
N SER A 803 4.04 5.15 14.61
CA SER A 803 4.98 5.47 13.54
C SER A 803 6.28 6.09 14.03
N ALA A 804 6.33 6.58 15.27
CA ALA A 804 7.51 7.29 15.74
C ALA A 804 8.78 6.46 15.61
N LEU A 805 8.68 5.15 15.83
CA LEU A 805 9.84 4.27 15.93
C LEU A 805 10.75 4.33 14.71
N SER A 847 9.73 10.46 3.43
CA SER A 847 8.38 10.81 3.01
C SER A 847 7.35 10.02 3.78
N LEU A 848 7.65 9.75 5.05
CA LEU A 848 6.66 9.36 6.03
C LEU A 848 6.71 10.22 7.28
N GLU A 849 7.88 10.73 7.63
CA GLU A 849 7.95 11.80 8.63
C GLU A 849 7.24 13.05 8.13
N GLU A 850 7.29 13.30 6.82
CA GLU A 850 6.46 14.37 6.27
C GLU A 850 4.99 14.04 6.42
N ILE A 851 4.63 12.77 6.36
CA ILE A 851 3.23 12.40 6.58
C ILE A 851 2.84 12.64 8.02
N ARG A 852 3.71 12.30 8.97
CA ARG A 852 3.41 12.59 10.36
C ARG A 852 3.23 14.07 10.59
N ILE A 853 4.11 14.88 9.99
CA ILE A 853 3.99 16.33 10.16
C ILE A 853 2.67 16.82 9.59
N ARG A 854 2.26 16.29 8.43
CA ARG A 854 1.02 16.75 7.83
C ARG A 854 -0.19 16.28 8.61
N VAL A 855 -0.11 15.12 9.26
CA VAL A 855 -1.18 14.68 10.16
C VAL A 855 -1.30 15.65 11.32
N VAL A 856 -0.18 16.05 11.90
CA VAL A 856 -0.21 16.98 13.02
C VAL A 856 -0.80 18.31 12.60
N GLN A 857 -0.40 18.81 11.43
CA GLN A 857 -0.97 20.06 10.94
C GLN A 857 -2.46 19.92 10.69
N MET A 858 -2.90 18.77 10.19
CA MET A 858 -4.33 18.53 10.03
C MET A 858 -5.04 18.62 11.37
N LEU A 859 -4.48 17.99 12.38
CA LEU A 859 -5.12 17.95 13.68
C LEU A 859 -5.19 19.32 14.31
N GLY A 860 -4.15 20.12 14.14
CA GLY A 860 -4.24 21.49 14.61
C GLY A 860 -5.13 22.36 13.77
N SER A 861 -5.38 21.98 12.51
CA SER A 861 -6.19 22.79 11.62
C SER A 861 -7.67 22.56 11.84
N LEU A 862 -8.08 21.32 12.07
CA LEU A 862 -9.34 21.09 12.74
C LEU A 862 -9.27 21.76 14.09
N GLY A 863 -10.41 22.24 14.57
CA GLY A 863 -10.35 23.00 15.79
C GLY A 863 -9.87 22.20 16.98
N GLY A 864 -9.91 22.78 18.15
CA GLY A 864 -9.76 21.92 19.30
C GLY A 864 -11.03 21.23 19.68
N GLN A 865 -12.13 21.56 19.03
CA GLN A 865 -13.41 20.92 19.24
C GLN A 865 -13.71 19.87 18.21
N ILE A 866 -12.79 19.59 17.30
CA ILE A 866 -12.92 18.51 16.35
C ILE A 866 -11.88 17.42 16.60
N ASN A 867 -10.65 17.80 16.90
CA ASN A 867 -9.62 16.79 17.05
C ASN A 867 -9.67 16.08 18.40
N LYS A 868 -10.54 16.51 19.31
CA LYS A 868 -10.85 15.70 20.48
C LYS A 868 -11.18 14.28 20.11
N ASN A 869 -11.61 14.07 18.87
CA ASN A 869 -12.05 12.78 18.35
C ASN A 869 -10.91 11.83 18.08
N LEU A 870 -9.67 12.32 18.00
CA LEU A 870 -8.55 11.44 17.76
C LEU A 870 -8.45 10.36 18.82
N LEU A 871 -8.98 10.61 20.01
CA LEU A 871 -8.84 9.71 21.14
C LEU A 871 -10.07 8.85 21.36
N THR A 872 -10.98 8.80 20.41
CA THR A 872 -12.08 7.85 20.50
C THR A 872 -11.61 6.41 20.37
N VAL A 873 -10.28 6.20 20.33
CA VAL A 873 -9.67 4.87 20.37
C VAL A 873 -10.26 4.07 21.53
N THR A 874 -10.68 4.77 22.59
CA THR A 874 -11.28 4.11 23.74
C THR A 874 -12.50 3.28 23.34
N SER A 875 -13.23 3.70 22.30
CA SER A 875 -14.30 2.90 21.74
C SER A 875 -13.95 2.25 20.43
N SER A 876 -12.89 2.73 19.77
CA SER A 876 -12.42 2.10 18.53
C SER A 876 -11.92 0.69 18.79
N ASP A 877 -10.89 0.57 19.62
CA ASP A 877 -10.50 -0.73 20.16
C ASP A 877 -11.12 -0.89 21.56
N GLU A 878 -12.44 -0.77 21.59
CA GLU A 878 -13.16 -0.82 22.86
C GLU A 878 -12.97 -2.17 23.55
N MET A 879 -12.68 -3.23 22.78
CA MET A 879 -12.56 -4.56 23.35
C MET A 879 -11.49 -4.62 24.42
N MET A 880 -10.49 -3.73 24.36
CA MET A 880 -9.39 -3.64 25.31
C MET A 880 -8.89 -5.03 25.68
N LYS A 881 -8.77 -5.89 24.66
CA LYS A 881 -8.20 -7.22 24.86
C LYS A 881 -6.70 -7.15 25.06
N SER A 882 -6.05 -6.11 24.53
CA SER A 882 -4.60 -6.02 24.62
C SER A 882 -4.11 -5.80 26.03
N TYR A 883 -5.01 -5.49 26.97
CA TYR A 883 -4.63 -5.12 28.32
C TYR A 883 -5.33 -5.95 29.39
N VAL A 884 -5.93 -7.07 29.03
CA VAL A 884 -6.57 -7.95 29.99
C VAL A 884 -5.86 -9.28 29.97
N ALA A 885 -6.02 -10.03 31.06
CA ALA A 885 -5.44 -11.35 31.14
C ALA A 885 -6.15 -12.28 30.18
N TRP A 886 -5.37 -12.97 29.34
CA TRP A 886 -5.95 -13.94 28.43
C TRP A 886 -6.78 -14.96 29.21
N ASP A 887 -6.13 -15.68 30.09
CA ASP A 887 -6.78 -16.37 31.19
C ASP A 887 -6.40 -15.64 32.47
N ARG A 888 -7.35 -15.51 33.38
CA ARG A 888 -7.09 -14.82 34.64
C ARG A 888 -6.39 -15.72 35.64
N GLU A 889 -5.77 -16.79 35.18
CA GLU A 889 -4.94 -17.66 35.99
C GLU A 889 -3.63 -17.94 35.26
N LYS A 890 -2.64 -18.42 35.99
CA LYS A 890 -1.35 -18.78 35.43
C LYS A 890 -1.31 -20.30 35.27
N ARG A 891 -1.13 -20.77 34.04
CA ARG A 891 -1.21 -22.19 33.72
C ARG A 891 0.11 -22.79 33.31
N LEU A 892 0.76 -22.23 32.30
CA LEU A 892 1.98 -22.79 31.72
C LEU A 892 3.17 -22.53 32.65
N SER A 893 3.31 -23.38 33.65
CA SER A 893 4.37 -23.25 34.65
C SER A 893 5.59 -24.05 34.20
N PHE A 894 6.52 -23.37 33.57
CA PHE A 894 7.80 -23.93 33.16
C PHE A 894 8.74 -23.93 34.37
N ALA A 895 9.80 -24.72 34.28
CA ALA A 895 10.75 -24.85 35.39
C ALA A 895 12.15 -24.89 34.81
N VAL A 896 12.81 -23.75 34.78
CA VAL A 896 14.08 -23.65 34.06
C VAL A 896 15.09 -24.58 34.73
N PRO A 897 15.82 -25.40 33.99
CA PRO A 897 16.78 -26.32 34.60
C PRO A 897 18.10 -25.64 34.91
N PHE A 898 18.36 -25.40 36.18
CA PHE A 898 19.67 -24.95 36.64
C PHE A 898 20.30 -26.08 37.46
N ARG A 899 21.56 -25.88 37.85
CA ARG A 899 22.27 -26.94 38.55
C ARG A 899 21.58 -27.33 39.86
N GLU A 900 21.14 -26.36 40.63
CA GLU A 900 20.67 -26.62 41.99
C GLU A 900 19.23 -26.17 42.23
N MET A 901 18.82 -25.04 41.68
CA MET A 901 17.46 -24.55 41.80
C MET A 901 16.74 -24.68 40.47
N LYS A 902 15.42 -24.78 40.55
CA LYS A 902 14.56 -24.86 39.37
C LYS A 902 13.50 -23.78 39.51
N PRO A 903 13.82 -22.55 39.11
CA PRO A 903 12.89 -21.43 39.31
C PRO A 903 11.78 -21.43 38.27
N VAL A 904 10.54 -21.31 38.74
CA VAL A 904 9.37 -21.46 37.90
C VAL A 904 9.14 -20.16 37.13
N ILE A 905 9.52 -20.15 35.86
CA ILE A 905 8.95 -19.20 34.91
C ILE A 905 7.51 -19.58 34.66
N PHE A 906 6.66 -18.61 34.37
CA PHE A 906 5.34 -18.87 33.81
C PHE A 906 5.32 -18.32 32.39
N LEU A 907 4.92 -19.16 31.44
CA LEU A 907 4.95 -18.81 30.04
C LEU A 907 3.68 -18.15 29.56
N ASP A 908 2.63 -18.13 30.37
CA ASP A 908 1.40 -17.44 29.99
C ASP A 908 1.63 -15.98 29.74
N VAL A 909 2.58 -15.38 30.46
CA VAL A 909 2.78 -13.94 30.35
C VAL A 909 3.43 -13.59 29.03
N PHE A 910 3.96 -14.58 28.32
CA PHE A 910 4.61 -14.32 27.04
C PHE A 910 3.67 -14.47 25.87
N LEU A 911 2.59 -15.24 26.00
CA LEU A 911 1.71 -15.49 24.86
C LEU A 911 1.11 -14.22 24.26
N PRO A 912 0.51 -13.32 25.03
CA PRO A 912 -0.11 -12.15 24.41
C PRO A 912 0.85 -11.31 23.59
N ARG A 913 2.13 -11.32 23.91
CA ARG A 913 3.08 -10.54 23.12
C ARG A 913 3.70 -11.38 22.01
N VAL A 914 3.95 -12.65 22.27
CA VAL A 914 4.60 -13.50 21.29
C VAL A 914 3.68 -13.72 20.10
N THR A 915 2.40 -13.96 20.35
CA THR A 915 1.46 -14.13 19.25
C THR A 915 1.30 -12.85 18.45
N GLU A 916 1.20 -11.72 19.15
CA GLU A 916 1.13 -10.44 18.47
C GLU A 916 2.33 -10.23 17.57
N LEU A 917 3.52 -10.57 18.06
CA LEU A 917 4.73 -10.31 17.31
C LEU A 917 4.91 -11.32 16.18
N ALA A 918 4.48 -12.57 16.39
CA ALA A 918 4.49 -13.57 15.34
C ALA A 918 3.60 -13.15 14.18
N LEU A 919 2.37 -12.74 14.47
CA LEU A 919 1.48 -12.31 13.40
C LEU A 919 2.00 -11.05 12.74
N THR A 920 2.30 -10.03 13.52
CA THR A 920 2.41 -8.67 13.01
C THR A 920 3.78 -8.04 13.26
N ALA A 921 4.85 -8.82 13.21
CA ALA A 921 6.18 -8.29 13.42
C ALA A 921 6.84 -8.02 12.08
N SER A 922 7.40 -6.83 11.94
CA SER A 922 8.29 -6.53 10.83
C SER A 922 9.66 -7.07 11.16
N ASP A 923 10.68 -6.61 10.42
CA ASP A 923 12.08 -6.96 10.64
C ASP A 923 12.36 -8.38 10.17
N ARG A 924 11.32 -9.14 9.84
CA ARG A 924 11.47 -10.36 9.04
C ARG A 924 12.26 -11.42 9.81
N GLN A 925 12.78 -11.07 10.95
CA GLN A 925 13.62 -11.95 11.73
C GLN A 925 13.11 -12.11 13.15
N THR A 926 12.64 -11.03 13.75
CA THR A 926 11.83 -11.15 14.95
C THR A 926 10.59 -11.99 14.67
N LYS A 927 10.05 -11.88 13.47
CA LYS A 927 8.89 -12.71 13.10
C LYS A 927 9.24 -14.19 13.15
N VAL A 928 10.39 -14.56 12.60
CA VAL A 928 10.79 -15.97 12.59
C VAL A 928 11.06 -16.45 14.00
N ALA A 929 11.78 -15.66 14.79
CA ALA A 929 12.07 -16.07 16.17
C ALA A 929 10.78 -16.23 16.97
N ALA A 930 9.83 -15.31 16.79
CA ALA A 930 8.56 -15.39 17.49
C ALA A 930 7.76 -16.61 17.05
N CYS A 931 7.77 -16.92 15.76
CA CYS A 931 7.03 -18.09 15.27
C CYS A 931 7.62 -19.38 15.82
N GLU A 932 8.95 -19.50 15.85
CA GLU A 932 9.56 -20.68 16.45
C GLU A 932 9.19 -20.80 17.91
N LEU A 933 9.26 -19.69 18.65
CA LEU A 933 8.92 -19.75 20.05
C LEU A 933 7.46 -20.09 20.26
N LEU A 934 6.57 -19.57 19.42
CA LEU A 934 5.16 -19.86 19.61
C LEU A 934 4.86 -21.32 19.30
N HIS A 935 5.50 -21.87 18.27
CA HIS A 935 5.39 -23.30 18.01
C HIS A 935 5.83 -24.10 19.22
N SER A 936 6.96 -23.72 19.81
CA SER A 936 7.48 -24.45 20.97
C SER A 936 6.54 -24.34 22.16
N MET A 937 5.97 -23.16 22.38
CA MET A 937 5.02 -23.00 23.47
C MET A 937 3.75 -23.80 23.24
N VAL A 938 3.34 -23.97 21.98
CA VAL A 938 2.16 -24.79 21.69
C VAL A 938 2.45 -26.26 21.98
N MET A 939 3.62 -26.73 21.55
CA MET A 939 4.06 -28.06 21.97
C MET A 939 4.08 -28.20 23.49
N PHE A 940 4.51 -27.16 24.20
CA PHE A 940 4.50 -27.20 25.65
C PHE A 940 3.08 -27.33 26.18
N MET A 941 2.13 -26.58 25.61
CA MET A 941 0.74 -26.67 26.07
C MET A 941 0.19 -28.07 25.87
N LEU A 942 0.47 -28.66 24.72
CA LEU A 942 -0.03 -30.00 24.46
C LEU A 942 0.56 -31.02 25.42
N GLY A 943 1.87 -30.93 25.65
CA GLY A 943 2.47 -31.83 26.63
C GLY A 943 1.91 -31.63 28.03
N LYS A 944 1.69 -30.38 28.42
CA LYS A 944 1.27 -30.08 29.78
C LYS A 944 -0.17 -30.48 30.02
N ALA A 945 -0.99 -30.48 28.97
CA ALA A 945 -2.38 -30.91 29.13
C ALA A 945 -2.55 -32.42 29.07
N THR A 946 -1.47 -33.17 28.88
CA THR A 946 -1.50 -34.62 28.89
C THR A 946 -0.48 -35.16 29.87
N GLN A 947 -0.48 -34.61 31.08
CA GLN A 947 0.57 -34.90 32.04
C GLN A 947 0.08 -35.58 33.31
N MET A 948 -1.14 -35.29 33.75
CA MET A 948 -1.73 -35.98 34.89
C MET A 948 -3.24 -35.76 34.92
N GLY A 954 -4.68 -34.47 37.55
CA GLY A 954 -4.87 -33.05 37.78
C GLY A 954 -4.34 -32.19 36.65
N ALA A 955 -4.64 -32.60 35.42
CA ALA A 955 -4.18 -31.84 34.26
C ALA A 955 -4.83 -30.46 34.26
N PRO A 956 -4.06 -29.40 34.00
CA PRO A 956 -4.63 -28.04 34.06
C PRO A 956 -5.75 -27.87 33.06
N PRO A 957 -6.79 -27.13 33.41
CA PRO A 957 -7.85 -26.82 32.44
C PRO A 957 -7.43 -25.68 31.54
N MET A 958 -7.07 -26.00 30.30
CA MET A 958 -6.50 -25.03 29.37
C MET A 958 -7.50 -24.60 28.32
N TYR A 959 -8.79 -24.68 28.65
CA TYR A 959 -9.81 -24.27 27.71
C TYR A 959 -9.66 -22.81 27.33
N GLN A 960 -9.45 -21.93 28.31
CA GLN A 960 -9.36 -20.51 28.02
C GLN A 960 -8.06 -20.14 27.33
N LEU A 961 -7.09 -21.05 27.29
CA LEU A 961 -5.84 -20.82 26.56
C LEU A 961 -5.94 -21.32 25.13
N TYR A 962 -6.52 -22.51 24.93
CA TYR A 962 -6.82 -22.96 23.59
C TYR A 962 -7.73 -21.98 22.86
N LYS A 963 -8.79 -21.54 23.54
CA LYS A 963 -9.77 -20.65 22.97
C LYS A 963 -9.15 -19.41 22.36
N ARG A 964 -7.97 -19.01 22.83
CA ARG A 964 -7.33 -17.81 22.33
C ARG A 964 -6.05 -18.11 21.57
N THR A 965 -5.54 -19.33 21.62
CA THR A 965 -4.38 -19.69 20.84
C THR A 965 -4.75 -20.22 19.46
N PHE A 966 -5.85 -20.98 19.36
CA PHE A 966 -6.24 -21.55 18.07
C PHE A 966 -6.50 -20.49 17.00
N PRO A 967 -7.19 -19.39 17.26
CA PRO A 967 -7.24 -18.32 16.26
C PRO A 967 -5.90 -17.93 15.70
N VAL A 968 -4.87 -17.81 16.54
CA VAL A 968 -3.58 -17.36 16.05
C VAL A 968 -2.92 -18.42 15.20
N LEU A 969 -3.03 -19.68 15.61
CA LEU A 969 -2.45 -20.77 14.83
C LEU A 969 -3.08 -20.85 13.45
N LEU A 970 -4.40 -20.72 13.37
CA LEU A 970 -5.05 -20.72 12.06
C LEU A 970 -4.72 -19.47 11.25
N ARG A 971 -4.50 -18.33 11.88
CA ARG A 971 -4.14 -17.15 11.12
C ARG A 971 -2.70 -17.18 10.64
N LEU A 972 -1.86 -17.98 11.29
CA LEU A 972 -0.48 -18.15 10.84
C LEU A 972 -0.35 -19.27 9.84
N ALA A 973 -1.24 -20.26 9.89
CA ALA A 973 -1.19 -21.37 8.97
C ALA A 973 -1.55 -20.97 7.55
N CYS A 974 -2.24 -19.85 7.38
CA CYS A 974 -2.55 -19.31 6.07
C CYS A 974 -1.82 -18.00 5.84
N ASP A 975 -0.68 -17.82 6.50
CA ASP A 975 0.02 -16.54 6.42
C ASP A 975 0.58 -16.33 5.03
N VAL A 976 0.76 -15.06 4.68
CA VAL A 976 1.29 -14.74 3.36
C VAL A 976 2.79 -14.98 3.29
N ASP A 977 3.39 -15.46 4.37
CA ASP A 977 4.81 -15.76 4.39
C ASP A 977 5.00 -17.26 4.21
N GLN A 978 5.88 -17.63 3.28
CA GLN A 978 6.08 -19.05 2.99
C GLN A 978 6.63 -19.80 4.18
N VAL A 979 7.60 -19.24 4.88
CA VAL A 979 8.23 -19.95 5.98
C VAL A 979 7.23 -20.17 7.13
N THR A 980 6.50 -19.13 7.50
CA THR A 980 5.50 -19.26 8.55
C THR A 980 4.40 -20.23 8.14
N ARG A 981 3.93 -20.09 6.89
CA ARG A 981 2.86 -20.96 6.41
C ARG A 981 3.27 -22.41 6.44
N GLN A 982 4.49 -22.72 6.00
CA GLN A 982 4.95 -24.09 5.96
C GLN A 982 5.35 -24.61 7.32
N LEU A 983 5.64 -23.72 8.27
CA LEU A 983 5.87 -24.14 9.63
C LEU A 983 4.57 -24.43 10.37
N TYR A 984 3.48 -23.74 10.03
CA TYR A 984 2.29 -23.77 10.85
C TYR A 984 1.10 -24.53 10.27
N GLU A 985 1.01 -24.70 8.95
CA GLU A 985 -0.08 -25.54 8.44
C GLU A 985 0.08 -27.00 8.87
N PRO A 986 1.27 -27.62 8.84
CA PRO A 986 1.36 -28.97 9.42
C PRO A 986 0.98 -29.00 10.87
N LEU A 987 1.25 -27.92 11.61
CA LEU A 987 0.90 -27.92 13.03
C LEU A 987 -0.60 -28.01 13.22
N VAL A 988 -1.38 -27.25 12.44
CA VAL A 988 -2.82 -27.29 12.60
C VAL A 988 -3.37 -28.63 12.10
N MET A 989 -2.81 -29.14 11.01
CA MET A 989 -3.23 -30.46 10.55
C MET A 989 -3.04 -31.51 11.63
N GLN A 990 -1.86 -31.50 12.26
CA GLN A 990 -1.60 -32.48 13.30
C GLN A 990 -2.47 -32.24 14.52
N LEU A 991 -2.75 -30.99 14.86
CA LEU A 991 -3.67 -30.74 15.95
C LEU A 991 -5.03 -31.33 15.67
N ILE A 992 -5.47 -31.26 14.42
CA ILE A 992 -6.77 -31.82 14.05
C ILE A 992 -6.74 -33.34 14.17
N HIS A 993 -5.69 -33.98 13.64
CA HIS A 993 -5.53 -35.42 13.85
C HIS A 993 -5.57 -35.77 15.33
N TRP A 994 -4.77 -35.07 16.13
CA TRP A 994 -4.58 -35.44 17.52
C TRP A 994 -5.83 -35.19 18.34
N PHE A 995 -6.56 -34.14 18.03
CA PHE A 995 -7.70 -33.78 18.85
C PHE A 995 -8.94 -34.57 18.46
N THR A 996 -9.12 -34.86 17.16
CA THR A 996 -10.25 -35.70 16.79
C THR A 996 -10.02 -37.16 17.14
N ASN A 997 -8.83 -37.49 17.62
CA ASN A 997 -8.47 -38.84 18.02
C ASN A 997 -9.44 -39.38 19.06
N ASN A 998 -9.43 -40.70 19.20
CA ASN A 998 -10.51 -41.42 19.86
C ASN A 998 -10.72 -40.97 21.30
N LYS A 999 -9.62 -40.75 22.03
CA LYS A 999 -9.73 -40.38 23.44
C LYS A 999 -10.49 -39.08 23.63
N LYS A 1000 -10.27 -38.10 22.75
CA LYS A 1000 -10.75 -36.74 22.98
C LYS A 1000 -12.21 -36.63 22.55
N PHE A 1001 -13.06 -36.30 23.52
CA PHE A 1001 -14.40 -35.78 23.27
C PHE A 1001 -14.67 -34.54 24.10
N GLU A 1002 -13.64 -33.96 24.71
CA GLU A 1002 -13.81 -32.95 25.74
C GLU A 1002 -13.73 -31.55 25.15
N SER A 1003 -14.14 -30.58 25.97
CA SER A 1003 -14.16 -29.18 25.56
C SER A 1003 -12.80 -28.71 25.08
N GLN A 1004 -11.75 -29.48 25.34
CA GLN A 1004 -10.45 -29.14 24.79
C GLN A 1004 -10.40 -29.45 23.31
N ASP A 1005 -11.17 -30.46 22.87
CA ASP A 1005 -11.27 -30.85 21.47
C ASP A 1005 -11.96 -29.81 20.61
N THR A 1006 -12.76 -28.94 21.21
CA THR A 1006 -13.57 -28.05 20.41
C THR A 1006 -12.68 -26.96 19.80
N VAL A 1007 -11.81 -27.39 18.88
CA VAL A 1007 -11.20 -26.52 17.87
C VAL A 1007 -12.08 -26.44 16.64
N ALA A 1008 -13.08 -27.32 16.52
CA ALA A 1008 -14.14 -27.10 15.54
C ALA A 1008 -14.79 -25.76 15.77
N LEU A 1009 -15.03 -25.39 17.02
CA LEU A 1009 -15.61 -24.09 17.28
C LEU A 1009 -14.69 -22.96 16.88
N LEU A 1010 -13.39 -23.19 16.72
CA LEU A 1010 -12.50 -22.10 16.41
C LEU A 1010 -12.09 -22.08 14.96
N GLU A 1011 -12.44 -23.12 14.19
CA GLU A 1011 -12.50 -23.00 12.73
C GLU A 1011 -13.84 -22.44 12.27
N ALA A 1012 -14.93 -23.02 12.76
CA ALA A 1012 -16.27 -22.61 12.35
C ALA A 1012 -16.61 -21.22 12.86
N ILE A 1013 -15.63 -20.53 13.46
CA ILE A 1013 -15.73 -19.08 13.67
C ILE A 1013 -14.80 -18.31 12.75
N LEU A 1014 -13.74 -18.93 12.25
CA LEU A 1014 -12.92 -18.29 11.25
C LEU A 1014 -13.20 -18.80 9.85
N ASP A 1015 -14.07 -19.79 9.72
CA ASP A 1015 -14.72 -20.06 8.45
C ASP A 1015 -15.67 -18.95 8.07
N GLY A 1016 -16.29 -18.31 9.04
CA GLY A 1016 -17.29 -17.31 8.78
C GLY A 1016 -16.74 -15.91 8.65
N ILE A 1017 -17.16 -15.04 9.55
CA ILE A 1017 -17.29 -13.60 9.35
C ILE A 1017 -16.02 -12.89 8.93
N VAL A 1018 -14.91 -13.62 8.86
CA VAL A 1018 -13.63 -12.93 8.84
C VAL A 1018 -13.30 -12.45 7.45
N ASP A 1019 -13.88 -11.30 7.08
CA ASP A 1019 -13.53 -10.64 5.82
C ASP A 1019 -12.25 -9.84 6.00
N PRO A 1020 -12.19 -8.89 6.94
CA PRO A 1020 -11.22 -7.78 6.78
C PRO A 1020 -9.77 -8.21 6.86
N VAL A 1021 -9.38 -9.01 7.86
CA VAL A 1021 -8.00 -9.46 7.95
C VAL A 1021 -7.59 -10.16 6.66
N ASP A 1022 -8.41 -11.12 6.21
CA ASP A 1022 -8.23 -11.81 4.93
C ASP A 1022 -9.35 -12.82 4.72
N SER A 1023 -9.53 -13.20 3.45
CA SER A 1023 -10.31 -14.35 3.06
C SER A 1023 -9.46 -15.58 2.84
N THR A 1024 -8.14 -15.41 2.76
CA THR A 1024 -7.23 -16.55 2.82
C THR A 1024 -7.56 -17.42 4.00
N LEU A 1025 -7.83 -16.79 5.14
CA LEU A 1025 -8.19 -17.53 6.34
C LEU A 1025 -9.51 -18.25 6.16
N ARG A 1026 -10.46 -17.64 5.46
CA ARG A 1026 -11.72 -18.33 5.19
C ARG A 1026 -11.45 -19.63 4.43
N ASP A 1027 -10.62 -19.56 3.40
CA ASP A 1027 -10.35 -20.75 2.59
C ASP A 1027 -9.57 -21.80 3.38
N PHE A 1028 -8.59 -21.36 4.17
CA PHE A 1028 -7.84 -22.32 4.97
C PHE A 1028 -8.72 -22.97 6.04
N CYS A 1029 -9.67 -22.24 6.59
CA CYS A 1029 -10.60 -22.86 7.50
C CYS A 1029 -11.49 -23.87 6.79
N GLY A 1030 -11.78 -23.62 5.51
CA GLY A 1030 -12.43 -24.64 4.72
C GLY A 1030 -11.62 -25.91 4.64
N ARG A 1031 -10.32 -25.78 4.34
CA ARG A 1031 -9.46 -26.97 4.30
C ARG A 1031 -9.43 -27.68 5.65
N CYS A 1032 -9.35 -26.91 6.73
CA CYS A 1032 -9.31 -27.49 8.06
C CYS A 1032 -10.58 -28.26 8.37
N ILE A 1033 -11.74 -27.72 8.00
CA ILE A 1033 -12.97 -28.45 8.29
C ILE A 1033 -13.07 -29.70 7.42
N ARG A 1034 -12.49 -29.66 6.23
CA ARG A 1034 -12.38 -30.89 5.44
C ARG A 1034 -11.56 -31.94 6.18
N GLU A 1035 -10.40 -31.55 6.72
CA GLU A 1035 -9.57 -32.48 7.49
C GLU A 1035 -10.28 -32.98 8.72
N PHE A 1036 -10.99 -32.10 9.40
CA PHE A 1036 -11.72 -32.47 10.59
C PHE A 1036 -12.75 -33.54 10.28
N LEU A 1037 -13.52 -33.36 9.21
CA LEU A 1037 -14.49 -34.39 8.84
C LEU A 1037 -13.79 -35.66 8.44
N LYS A 1038 -12.73 -35.55 7.65
CA LYS A 1038 -11.97 -36.72 7.21
C LYS A 1038 -11.56 -37.59 8.39
N TRP A 1039 -10.96 -36.98 9.41
CA TRP A 1039 -10.42 -37.77 10.51
C TRP A 1039 -11.44 -38.10 11.58
N SER A 1040 -12.41 -37.24 11.84
CA SER A 1040 -13.49 -37.64 12.73
C SER A 1040 -14.31 -38.77 12.13
N ILE A 1041 -14.19 -39.00 10.82
CA ILE A 1041 -14.75 -40.21 10.23
C ILE A 1041 -13.76 -41.36 10.34
N LYS A 1042 -12.48 -41.10 10.04
CA LYS A 1042 -11.49 -42.17 9.97
C LYS A 1042 -11.30 -42.86 11.31
N GLN A 1043 -11.11 -42.08 12.38
CA GLN A 1043 -10.71 -42.66 13.65
C GLN A 1043 -11.89 -42.99 14.56
N ILE A 1044 -12.79 -42.05 14.77
CA ILE A 1044 -13.89 -42.24 15.71
C ILE A 1044 -14.72 -43.46 15.30
N THR A 1045 -14.85 -44.41 16.24
CA THR A 1045 -15.54 -45.66 15.98
C THR A 1045 -17.06 -45.46 16.04
N PRO A 1046 -17.82 -46.22 15.24
CA PRO A 1046 -19.26 -45.96 15.13
C PRO A 1046 -20.01 -46.04 16.43
N GLN A 1047 -19.65 -46.95 17.34
CA GLN A 1047 -20.42 -47.13 18.56
C GLN A 1047 -20.37 -45.87 19.41
N GLN A 1048 -19.19 -45.27 19.54
CA GLN A 1048 -19.09 -44.01 20.27
C GLN A 1048 -19.47 -42.81 19.43
N GLN A 1049 -19.68 -42.99 18.13
CA GLN A 1049 -20.08 -41.88 17.27
C GLN A 1049 -21.37 -41.21 17.74
N GLU A 1050 -22.31 -41.98 18.31
CA GLU A 1050 -23.63 -41.47 18.61
C GLU A 1050 -23.71 -40.68 19.90
N LYS A 1051 -22.60 -40.53 20.62
CA LYS A 1051 -22.61 -39.80 21.88
C LYS A 1051 -21.64 -38.63 21.92
N SER A 1052 -21.27 -38.07 20.77
CA SER A 1052 -20.27 -37.04 20.94
C SER A 1052 -20.84 -35.68 20.55
N PRO A 1053 -20.35 -34.60 21.15
CA PRO A 1053 -20.68 -33.26 20.67
C PRO A 1053 -19.77 -32.76 19.56
N VAL A 1054 -18.82 -33.58 19.13
CA VAL A 1054 -17.88 -33.21 18.07
C VAL A 1054 -17.95 -34.30 17.00
N ASN A 1055 -19.10 -34.95 16.88
CA ASN A 1055 -19.29 -35.95 15.84
C ASN A 1055 -19.92 -35.31 14.61
N THR A 1056 -20.11 -36.15 13.58
CA THR A 1056 -20.52 -35.65 12.28
C THR A 1056 -21.91 -35.02 12.33
N LYS A 1057 -22.82 -35.60 13.10
CA LYS A 1057 -24.16 -35.04 13.21
C LYS A 1057 -24.11 -33.62 13.77
N SER A 1058 -23.31 -33.40 14.81
CA SER A 1058 -23.24 -32.07 15.39
C SER A 1058 -22.50 -31.10 14.47
N LEU A 1059 -21.49 -31.58 13.75
CA LEU A 1059 -20.81 -30.71 12.79
C LEU A 1059 -21.79 -30.24 11.72
N PHE A 1060 -22.61 -31.14 11.21
CA PHE A 1060 -23.62 -30.77 10.24
C PHE A 1060 -24.63 -29.81 10.84
N LYS A 1061 -25.02 -30.04 12.08
CA LYS A 1061 -25.93 -29.10 12.72
C LYS A 1061 -25.31 -27.71 12.78
N ARG A 1062 -24.01 -27.63 13.03
CA ARG A 1062 -23.33 -26.34 13.08
C ARG A 1062 -23.35 -25.65 11.72
N LEU A 1063 -22.97 -26.39 10.68
CA LEU A 1063 -22.95 -25.82 9.34
C LEU A 1063 -24.34 -25.38 8.92
N TYR A 1064 -25.38 -26.16 9.24
CA TYR A 1064 -26.73 -25.76 8.91
C TYR A 1064 -27.11 -24.46 9.62
N SER A 1065 -26.86 -24.39 10.92
CA SER A 1065 -27.19 -23.18 11.66
C SER A 1065 -26.49 -21.97 11.07
N LEU A 1066 -25.25 -22.13 10.59
CA LEU A 1066 -24.61 -21.03 9.87
C LEU A 1066 -25.34 -20.72 8.58
N ALA A 1067 -25.69 -21.76 7.82
CA ALA A 1067 -26.29 -21.58 6.51
C ALA A 1067 -27.62 -20.86 6.58
N LEU A 1068 -28.29 -20.87 7.72
CA LEU A 1068 -29.56 -20.16 7.85
C LEU A 1068 -29.41 -18.84 8.59
N HIS A 1069 -28.28 -18.16 8.46
CA HIS A 1069 -28.13 -16.97 9.28
C HIS A 1069 -28.37 -15.70 8.46
N PRO A 1070 -29.07 -14.72 9.01
CA PRO A 1070 -29.23 -13.44 8.31
C PRO A 1070 -27.93 -12.67 8.09
N ASN A 1071 -26.83 -13.18 8.60
CA ASN A 1071 -25.53 -12.59 8.37
C ASN A 1071 -24.98 -13.14 7.06
N ALA A 1072 -24.66 -12.25 6.12
CA ALA A 1072 -24.24 -12.70 4.82
C ALA A 1072 -22.99 -13.56 4.90
N PHE A 1073 -22.01 -13.14 5.70
CA PHE A 1073 -20.74 -13.83 5.78
C PHE A 1073 -20.78 -15.15 6.53
N LYS A 1074 -21.73 -15.33 7.44
CA LYS A 1074 -21.92 -16.64 8.03
C LYS A 1074 -22.52 -17.63 7.04
N ARG A 1075 -23.31 -17.16 6.09
CA ARG A 1075 -23.89 -18.03 5.08
C ARG A 1075 -22.85 -18.48 4.08
N LEU A 1076 -22.00 -17.54 3.66
CA LEU A 1076 -20.93 -17.84 2.72
C LEU A 1076 -20.01 -18.91 3.29
N GLY A 1077 -19.70 -18.82 4.58
CA GLY A 1077 -18.88 -19.85 5.20
C GLY A 1077 -19.57 -21.20 5.27
N ALA A 1078 -20.85 -21.20 5.56
CA ALA A 1078 -21.54 -22.48 5.64
C ALA A 1078 -21.62 -23.18 4.30
N SER A 1079 -21.68 -22.44 3.20
CA SER A 1079 -21.66 -23.08 1.88
C SER A 1079 -20.26 -23.42 1.39
N LEU A 1080 -19.30 -22.53 1.65
CA LEU A 1080 -17.90 -22.80 1.36
C LEU A 1080 -17.36 -23.96 2.17
N ALA A 1081 -18.02 -24.33 3.27
CA ALA A 1081 -17.63 -25.53 3.98
C ALA A 1081 -18.07 -26.79 3.26
N PHE A 1082 -19.29 -26.80 2.72
CA PHE A 1082 -19.74 -27.98 2.01
C PHE A 1082 -18.98 -28.16 0.70
N ASN A 1083 -18.70 -27.08 -0.01
CA ASN A 1083 -17.90 -27.20 -1.22
C ASN A 1083 -16.53 -27.81 -0.95
N ASN A 1084 -16.13 -27.93 0.31
CA ASN A 1084 -14.89 -28.61 0.72
C ASN A 1084 -15.12 -30.02 1.22
N ILE A 1085 -16.18 -30.22 1.99
CA ILE A 1085 -16.37 -31.51 2.63
C ILE A 1085 -17.23 -32.43 1.78
N TYR A 1086 -17.49 -32.09 0.52
CA TYR A 1086 -17.93 -33.22 -0.28
C TYR A 1086 -16.69 -34.04 -0.60
N ARG A 1087 -16.89 -35.18 -1.26
CA ARG A 1087 -15.91 -36.26 -1.41
C ARG A 1087 -15.77 -37.03 -0.11
N GLU A 1088 -16.37 -36.55 0.98
CA GLU A 1088 -16.31 -37.22 2.26
C GLU A 1088 -17.75 -37.41 2.71
N PHE A 1089 -18.59 -36.44 2.34
CA PHE A 1089 -20.02 -36.61 2.39
C PHE A 1089 -20.49 -37.54 1.29
N ARG A 1090 -19.76 -37.57 0.18
CA ARG A 1090 -20.16 -38.35 -0.98
C ARG A 1090 -20.01 -39.84 -0.72
N GLU A 1091 -18.87 -40.25 -0.17
CA GLU A 1091 -18.55 -41.68 -0.11
C GLU A 1091 -19.35 -42.41 0.94
N GLU A 1092 -19.51 -41.85 2.13
CA GLU A 1092 -20.04 -42.65 3.21
C GLU A 1092 -21.56 -42.77 3.04
N GLU A 1093 -22.05 -44.00 2.93
CA GLU A 1093 -23.42 -44.23 2.49
C GLU A 1093 -24.44 -43.74 3.51
N SER A 1094 -24.24 -44.05 4.78
CA SER A 1094 -25.20 -43.62 5.80
C SER A 1094 -25.29 -42.10 5.84
N LEU A 1095 -24.15 -41.42 5.82
CA LEU A 1095 -24.11 -39.97 5.71
C LEU A 1095 -24.97 -39.49 4.55
N VAL A 1096 -24.62 -39.92 3.34
CA VAL A 1096 -25.25 -39.34 2.16
C VAL A 1096 -26.75 -39.61 2.18
N GLU A 1097 -27.13 -40.86 2.49
CA GLU A 1097 -28.54 -41.21 2.45
C GLU A 1097 -29.33 -40.46 3.51
N GLN A 1098 -28.80 -40.35 4.73
CA GLN A 1098 -29.56 -39.72 5.80
C GLN A 1098 -29.56 -38.21 5.70
N PHE A 1099 -28.62 -37.61 4.96
CA PHE A 1099 -28.42 -36.17 5.05
C PHE A 1099 -28.57 -35.40 3.75
N VAL A 1100 -28.63 -36.07 2.58
CA VAL A 1100 -28.47 -35.32 1.34
C VAL A 1100 -29.68 -34.44 1.07
N PHE A 1101 -30.88 -34.93 1.34
CA PHE A 1101 -32.06 -34.09 1.14
C PHE A 1101 -32.09 -32.91 2.10
N GLU A 1102 -31.65 -33.14 3.34
CA GLU A 1102 -31.64 -32.07 4.33
C GLU A 1102 -30.62 -31.01 3.97
N ALA A 1103 -29.45 -31.43 3.51
CA ALA A 1103 -28.45 -30.48 3.02
C ALA A 1103 -28.97 -29.72 1.81
N LEU A 1104 -29.64 -30.42 0.90
CA LEU A 1104 -30.22 -29.76 -0.26
C LEU A 1104 -31.17 -28.66 0.17
N VAL A 1105 -32.06 -28.97 1.11
CA VAL A 1105 -33.06 -27.98 1.50
C VAL A 1105 -32.41 -26.82 2.25
N ILE A 1106 -31.43 -27.11 3.10
CA ILE A 1106 -30.76 -26.04 3.81
C ILE A 1106 -30.06 -25.10 2.84
N TYR A 1107 -29.35 -25.66 1.86
CA TYR A 1107 -28.62 -24.80 0.95
C TYR A 1107 -29.55 -24.10 -0.02
N MET A 1108 -30.66 -24.73 -0.36
CA MET A 1108 -31.68 -24.05 -1.13
C MET A 1108 -32.18 -22.83 -0.39
N GLU A 1109 -32.47 -22.98 0.91
CA GLU A 1109 -33.03 -21.82 1.57
C GLU A 1109 -31.94 -20.81 1.94
N SER A 1110 -30.69 -21.24 2.04
CA SER A 1110 -29.60 -20.28 2.13
C SER A 1110 -29.53 -19.44 0.86
N LEU A 1111 -29.69 -20.07 -0.29
CA LEU A 1111 -29.76 -19.33 -1.54
C LEU A 1111 -30.93 -18.35 -1.48
N ALA A 1112 -32.06 -18.78 -0.95
CA ALA A 1112 -33.21 -17.90 -0.81
C ALA A 1112 -32.89 -16.70 0.06
N LEU A 1113 -32.20 -16.92 1.17
CA LEU A 1113 -31.82 -15.79 2.04
C LEU A 1113 -30.86 -14.85 1.35
N ALA A 1114 -30.02 -15.38 0.47
CA ALA A 1114 -29.03 -14.55 -0.23
C ALA A 1114 -29.66 -13.50 -1.13
N HIS A 1115 -30.98 -13.43 -1.23
CA HIS A 1115 -31.63 -12.54 -2.18
C HIS A 1115 -31.33 -11.08 -1.89
N ALA A 1116 -30.99 -10.75 -0.64
CA ALA A 1116 -30.65 -9.39 -0.28
C ALA A 1116 -29.18 -9.08 -0.47
N ASP A 1117 -28.36 -10.09 -0.73
CA ASP A 1117 -26.92 -9.89 -0.76
C ASP A 1117 -26.51 -9.04 -1.95
N GLU A 1118 -25.59 -8.12 -1.70
CA GLU A 1118 -24.87 -7.50 -2.79
C GLU A 1118 -24.08 -8.58 -3.51
N LYS A 1119 -24.36 -8.78 -4.80
CA LYS A 1119 -23.79 -9.91 -5.51
C LYS A 1119 -22.26 -9.83 -5.63
N SER A 1120 -21.65 -8.74 -5.16
CA SER A 1120 -20.21 -8.70 -5.04
C SER A 1120 -19.71 -9.80 -4.12
N LEU A 1121 -20.48 -10.13 -3.09
CA LEU A 1121 -20.13 -11.22 -2.20
C LEU A 1121 -20.30 -12.55 -2.91
N GLY A 1122 -19.55 -13.54 -2.47
CA GLY A 1122 -19.62 -14.83 -3.11
C GLY A 1122 -20.76 -15.70 -2.64
N THR A 1123 -21.70 -15.15 -1.90
CA THR A 1123 -22.72 -15.98 -1.25
C THR A 1123 -23.56 -16.73 -2.26
N ILE A 1124 -24.03 -16.04 -3.30
CA ILE A 1124 -24.93 -16.67 -4.26
C ILE A 1124 -24.20 -17.72 -5.07
N GLN A 1125 -22.97 -17.43 -5.50
CA GLN A 1125 -22.23 -18.41 -6.29
C GLN A 1125 -21.86 -19.63 -5.47
N GLN A 1126 -21.43 -19.44 -4.23
CA GLN A 1126 -21.06 -20.58 -3.40
C GLN A 1126 -22.28 -21.42 -3.03
N CYS A 1127 -23.42 -20.79 -2.73
CA CYS A 1127 -24.63 -21.57 -2.50
C CYS A 1127 -25.02 -22.35 -3.73
N CYS A 1128 -24.92 -21.72 -4.91
CA CYS A 1128 -25.23 -22.42 -6.15
C CYS A 1128 -24.29 -23.60 -6.36
N ASP A 1129 -23.01 -23.42 -6.08
CA ASP A 1129 -22.03 -24.49 -6.27
C ASP A 1129 -22.30 -25.65 -5.32
N ALA A 1130 -22.66 -25.35 -4.08
CA ALA A 1130 -23.04 -26.40 -3.14
C ALA A 1130 -24.27 -27.14 -3.62
N ILE A 1131 -25.27 -26.41 -4.11
CA ILE A 1131 -26.48 -27.06 -4.61
C ILE A 1131 -26.17 -27.91 -5.83
N ASP A 1132 -25.23 -27.47 -6.66
CA ASP A 1132 -24.80 -28.28 -7.78
C ASP A 1132 -24.17 -29.59 -7.32
N HIS A 1133 -23.28 -29.53 -6.33
CA HIS A 1133 -22.68 -30.75 -5.82
C HIS A 1133 -23.76 -31.69 -5.28
N LEU A 1134 -24.70 -31.13 -4.52
CA LEU A 1134 -25.75 -31.94 -3.95
C LEU A 1134 -26.60 -32.59 -5.03
N CYS A 1135 -26.92 -31.83 -6.09
CA CYS A 1135 -27.76 -32.40 -7.15
C CYS A 1135 -26.97 -33.38 -8.00
N ARG A 1136 -25.65 -33.20 -8.12
CA ARG A 1136 -24.86 -34.21 -8.81
C ARG A 1136 -24.85 -35.51 -8.03
N ILE A 1137 -24.72 -35.43 -6.71
CA ILE A 1137 -24.79 -36.63 -5.89
C ILE A 1137 -26.18 -37.25 -5.97
N ILE A 1138 -27.21 -36.41 -6.00
CA ILE A 1138 -28.58 -36.93 -6.05
C ILE A 1138 -28.86 -37.57 -7.40
N GLU A 1139 -28.38 -36.98 -8.50
CA GLU A 1139 -28.62 -37.60 -9.80
C GLU A 1139 -27.76 -38.83 -9.99
N LYS A 1140 -26.62 -38.94 -9.32
CA LYS A 1140 -25.84 -40.16 -9.40
C LYS A 1140 -26.37 -41.25 -8.48
N LYS A 1141 -27.16 -40.91 -7.47
CA LYS A 1141 -27.66 -41.93 -6.55
C LYS A 1141 -29.17 -41.92 -6.44
N HIS A 1142 -29.87 -41.42 -7.46
CA HIS A 1142 -31.33 -41.50 -7.46
C HIS A 1142 -31.82 -42.94 -7.51
N VAL A 1143 -31.00 -43.86 -8.02
CA VAL A 1143 -31.34 -45.28 -7.97
C VAL A 1143 -31.58 -45.72 -6.52
N SER A 1144 -30.77 -45.21 -5.60
CA SER A 1144 -30.92 -45.50 -4.18
C SER A 1144 -31.89 -44.57 -3.49
N LEU A 1145 -32.11 -43.38 -4.03
CA LEU A 1145 -32.90 -42.37 -3.34
C LEU A 1145 -34.39 -42.39 -3.66
N ASN A 1146 -34.78 -42.94 -4.81
CA ASN A 1146 -36.18 -42.87 -5.22
C ASN A 1146 -37.11 -43.51 -4.20
N LYS A 1147 -36.71 -44.63 -3.61
CA LYS A 1147 -37.55 -45.33 -2.64
C LYS A 1147 -37.79 -44.45 -1.43
N ALA A 1148 -38.96 -44.59 -0.81
CA ALA A 1148 -39.24 -43.87 0.41
C ALA A 1148 -38.69 -44.64 1.60
N LYS A 1149 -38.13 -43.91 2.56
CA LYS A 1149 -37.53 -44.51 3.75
C LYS A 1149 -37.48 -43.44 4.83
N LYS A 1150 -36.94 -43.83 5.99
CA LYS A 1150 -36.80 -42.90 7.11
C LYS A 1150 -35.62 -41.97 6.84
N ARG A 1151 -35.92 -40.71 6.50
CA ARG A 1151 -34.91 -39.71 6.23
C ARG A 1151 -35.11 -38.55 7.18
N ARG A 1152 -34.12 -37.65 7.22
CA ARG A 1152 -34.25 -36.47 8.06
C ARG A 1152 -35.33 -35.55 7.50
N LEU A 1153 -35.76 -34.60 8.33
CA LEU A 1153 -36.94 -33.82 7.99
C LEU A 1153 -36.54 -32.41 7.60
N PRO A 1154 -36.56 -32.05 6.32
CA PRO A 1154 -36.28 -30.67 5.92
C PRO A 1154 -37.26 -29.71 6.55
N ARG A 1155 -36.72 -28.64 7.14
CA ARG A 1155 -37.59 -27.67 7.82
C ARG A 1155 -38.60 -27.12 6.84
N GLY A 1156 -39.86 -27.10 7.25
CA GLY A 1156 -40.93 -26.76 6.34
C GLY A 1156 -41.62 -27.95 5.71
N PHE A 1157 -41.35 -29.17 6.18
CA PHE A 1157 -42.04 -30.36 5.71
C PHE A 1157 -43.00 -30.83 6.79
N PRO A 1158 -44.30 -30.63 6.63
CA PRO A 1158 -45.28 -31.20 7.56
C PRO A 1158 -45.21 -32.71 7.65
N PRO A 1159 -44.95 -33.44 6.55
CA PRO A 1159 -44.88 -34.90 6.65
C PRO A 1159 -43.81 -35.33 7.64
N SER A 1160 -44.03 -36.50 8.24
CA SER A 1160 -43.06 -37.05 9.19
C SER A 1160 -42.86 -38.55 8.99
N ALA A 1161 -43.57 -39.17 8.06
CA ALA A 1161 -43.56 -40.62 7.92
C ALA A 1161 -42.31 -41.11 7.20
N SER A 1162 -42.07 -40.63 5.97
CA SER A 1162 -40.92 -41.06 5.18
C SER A 1162 -40.71 -40.05 4.07
N LEU A 1163 -39.46 -39.82 3.72
CA LEU A 1163 -39.10 -38.79 2.74
C LEU A 1163 -38.76 -39.43 1.41
N CYS A 1164 -39.31 -38.88 0.34
CA CYS A 1164 -39.12 -39.39 -1.00
C CYS A 1164 -38.64 -38.29 -1.93
N LEU A 1165 -37.85 -38.69 -2.92
CA LEU A 1165 -37.43 -37.76 -3.96
C LEU A 1165 -38.64 -37.11 -4.62
N LEU A 1166 -39.76 -37.82 -4.67
CA LEU A 1166 -41.00 -37.23 -5.15
C LEU A 1166 -41.46 -36.11 -4.22
N ASP A 1167 -41.30 -36.30 -2.91
CA ASP A 1167 -41.63 -35.22 -1.98
C ASP A 1167 -40.74 -34.01 -2.22
N LEU A 1168 -39.45 -34.26 -2.48
CA LEU A 1168 -38.53 -33.18 -2.81
C LEU A 1168 -38.98 -32.44 -4.07
N VAL A 1169 -39.37 -33.18 -5.10
CA VAL A 1169 -39.83 -32.57 -6.34
C VAL A 1169 -41.08 -31.74 -6.09
N LYS A 1170 -42.01 -32.29 -5.34
CA LYS A 1170 -43.25 -31.59 -5.04
C LYS A 1170 -42.97 -30.29 -4.32
N TRP A 1171 -42.06 -30.33 -3.35
CA TRP A 1171 -41.77 -29.13 -2.58
C TRP A 1171 -41.04 -28.08 -3.41
N LEU A 1172 -40.10 -28.53 -4.25
CA LEU A 1172 -39.42 -27.59 -5.16
C LEU A 1172 -40.43 -26.89 -6.05
N LEU A 1173 -41.33 -27.64 -6.65
CA LEU A 1173 -42.37 -27.03 -7.46
C LEU A 1173 -43.23 -26.08 -6.62
N ALA A 1174 -43.54 -26.48 -5.38
CA ALA A 1174 -44.30 -25.62 -4.50
C ALA A 1174 -43.57 -24.32 -4.19
N HIS A 1175 -42.25 -24.30 -4.35
CA HIS A 1175 -41.47 -23.08 -4.18
C HIS A 1175 -41.08 -22.44 -5.49
N CYS A 1176 -41.63 -22.92 -6.61
CA CYS A 1176 -41.32 -22.34 -7.92
C CYS A 1176 -42.11 -21.10 -8.20
N GLY A 1177 -42.61 -20.43 -7.17
CA GLY A 1177 -43.24 -19.14 -7.36
C GLY A 1177 -42.62 -18.07 -6.48
N ARG A 1178 -41.58 -18.44 -5.75
CA ARG A 1178 -41.11 -17.59 -4.66
C ARG A 1178 -40.53 -16.29 -5.20
N PRO A 1179 -40.56 -15.23 -4.39
CA PRO A 1179 -40.03 -13.93 -4.85
C PRO A 1179 -38.51 -13.87 -4.94
N GLN A 1180 -37.78 -14.88 -4.47
CA GLN A 1180 -36.33 -14.85 -4.47
C GLN A 1180 -35.82 -15.45 -5.77
N THR A 1181 -35.11 -14.63 -6.57
CA THR A 1181 -34.91 -14.93 -7.98
C THR A 1181 -33.93 -16.08 -8.20
N GLU A 1182 -32.76 -16.01 -7.58
CA GLU A 1182 -31.75 -17.03 -7.80
C GLU A 1182 -32.21 -18.39 -7.30
N CYS A 1183 -32.80 -18.42 -6.11
CA CYS A 1183 -33.40 -19.64 -5.62
C CYS A 1183 -34.55 -20.08 -6.51
N ARG A 1184 -35.22 -19.14 -7.17
CA ARG A 1184 -36.30 -19.55 -8.07
C ARG A 1184 -35.77 -20.24 -9.30
N HIS A 1185 -34.74 -19.69 -9.92
CA HIS A 1185 -34.13 -20.34 -11.07
C HIS A 1185 -33.59 -21.70 -10.67
N LYS A 1186 -32.95 -21.79 -9.51
CA LYS A 1186 -32.45 -23.07 -9.03
C LYS A 1186 -33.60 -24.04 -8.78
N SER A 1187 -34.72 -23.53 -8.27
CA SER A 1187 -35.89 -24.36 -8.07
C SER A 1187 -36.34 -24.97 -9.39
N ILE A 1188 -36.53 -24.14 -10.40
CA ILE A 1188 -37.03 -24.62 -11.68
C ILE A 1188 -36.03 -25.57 -12.32
N GLU A 1189 -34.74 -25.21 -12.29
CA GLU A 1189 -33.71 -26.01 -12.92
C GLU A 1189 -33.62 -27.38 -12.26
N LEU A 1190 -33.65 -27.43 -10.94
CA LEU A 1190 -33.64 -28.71 -10.26
C LEU A 1190 -34.90 -29.49 -10.55
N PHE A 1191 -36.03 -28.79 -10.68
CA PHE A 1191 -37.27 -29.48 -11.00
C PHE A 1191 -37.16 -30.20 -12.34
N TYR A 1192 -36.64 -29.52 -13.35
CA TYR A 1192 -36.49 -30.14 -14.66
C TYR A 1192 -35.40 -31.21 -14.67
N LYS A 1193 -34.34 -31.03 -13.87
CA LYS A 1193 -33.29 -32.04 -13.81
C LYS A 1193 -33.71 -33.26 -13.01
N PHE A 1194 -34.76 -33.15 -12.19
CA PHE A 1194 -35.13 -34.22 -11.29
C PHE A 1194 -36.40 -34.96 -11.67
N VAL A 1195 -37.32 -34.32 -12.40
CA VAL A 1195 -38.54 -35.01 -12.83
C VAL A 1195 -38.21 -36.25 -13.67
N PRO A 1196 -37.33 -36.19 -14.68
CA PRO A 1196 -37.05 -37.40 -15.47
C PRO A 1196 -36.19 -38.41 -14.72
N LEU A 1197 -35.86 -38.14 -13.46
CA LEU A 1197 -35.12 -39.08 -12.64
C LEU A 1197 -35.99 -39.74 -11.60
N LEU A 1198 -37.29 -39.53 -11.66
CA LEU A 1198 -38.28 -40.20 -10.81
C LEU A 1198 -38.37 -41.65 -11.26
N PRO A 1199 -39.16 -42.50 -10.59
CA PRO A 1199 -39.28 -43.90 -11.05
C PRO A 1199 -39.80 -44.05 -12.47
N GLY A 1200 -40.93 -43.42 -12.80
CA GLY A 1200 -41.54 -43.62 -14.10
C GLY A 1200 -40.71 -43.13 -15.27
N ASN A 1201 -39.72 -42.27 -15.01
CA ASN A 1201 -38.82 -41.76 -16.05
C ASN A 1201 -39.60 -41.02 -17.15
N ARG A 1202 -40.58 -40.23 -16.75
CA ARG A 1202 -41.38 -39.48 -17.69
C ARG A 1202 -40.68 -38.17 -18.04
N SER A 1203 -41.43 -37.29 -18.69
CA SER A 1203 -40.94 -35.94 -18.95
C SER A 1203 -41.72 -34.95 -18.09
N PRO A 1204 -41.23 -33.71 -17.97
CA PRO A 1204 -41.96 -32.72 -17.17
C PRO A 1204 -43.40 -32.52 -17.60
N ASN A 1205 -43.65 -32.47 -18.92
CA ASN A 1205 -45.01 -32.27 -19.38
C ASN A 1205 -45.91 -33.43 -18.96
N LEU A 1206 -45.40 -34.66 -19.05
CA LEU A 1206 -46.15 -35.82 -18.57
C LEU A 1206 -46.44 -35.71 -17.08
N TRP A 1207 -45.45 -35.33 -16.30
CA TRP A 1207 -45.63 -35.31 -14.86
C TRP A 1207 -46.66 -34.26 -14.45
N LEU A 1208 -46.61 -33.09 -15.08
CA LEU A 1208 -47.64 -32.10 -14.77
C LEU A 1208 -49.00 -32.48 -15.32
N LYS A 1209 -49.05 -33.24 -16.42
CA LYS A 1209 -50.32 -33.77 -16.88
C LYS A 1209 -50.93 -34.68 -15.83
N ASP A 1210 -50.12 -35.55 -15.24
CA ASP A 1210 -50.62 -36.44 -14.19
C ASP A 1210 -51.08 -35.66 -12.98
N VAL A 1211 -50.30 -34.65 -12.56
CA VAL A 1211 -50.71 -33.89 -11.37
C VAL A 1211 -51.98 -33.09 -11.65
N LEU A 1212 -52.15 -32.62 -12.89
CA LEU A 1212 -53.41 -31.97 -13.25
C LEU A 1212 -54.57 -32.95 -13.20
N LYS A 1213 -54.35 -34.17 -13.70
CA LYS A 1213 -55.41 -35.17 -13.65
C LYS A 1213 -55.77 -35.52 -12.21
N GLU A 1214 -54.80 -35.39 -11.31
CA GLU A 1214 -55.06 -35.68 -9.90
C GLU A 1214 -55.71 -34.51 -9.18
N GLU A 1215 -55.49 -33.27 -9.63
CA GLU A 1215 -56.26 -32.14 -9.14
C GLU A 1215 -56.10 -31.01 -10.14
N GLY A 1216 -57.15 -30.21 -10.29
CA GLY A 1216 -57.25 -29.25 -11.36
C GLY A 1216 -56.17 -28.17 -11.35
N VAL A 1217 -56.31 -27.26 -12.32
CA VAL A 1217 -55.32 -26.22 -12.58
C VAL A 1217 -55.17 -25.27 -11.38
N SER A 1218 -56.14 -25.28 -10.46
CA SER A 1218 -56.05 -24.43 -9.29
C SER A 1218 -54.73 -24.62 -8.54
N PHE A 1219 -54.23 -25.85 -8.50
CA PHE A 1219 -52.92 -26.09 -7.90
C PHE A 1219 -51.84 -25.29 -8.59
N LEU A 1220 -51.76 -25.40 -9.92
CA LEU A 1220 -50.70 -24.73 -10.66
C LEU A 1220 -50.81 -23.22 -10.48
N ILE A 1221 -52.02 -22.69 -10.58
CA ILE A 1221 -52.24 -21.26 -10.47
C ILE A 1221 -51.84 -20.75 -9.09
N ASN A 1222 -52.21 -21.50 -8.05
CA ASN A 1222 -51.77 -21.13 -6.70
C ASN A 1222 -50.25 -21.12 -6.60
N THR A 1223 -49.62 -22.22 -7.02
CA THR A 1223 -48.17 -22.31 -6.94
C THR A 1223 -47.48 -21.18 -7.69
N PHE A 1224 -48.13 -20.65 -8.72
CA PHE A 1224 -47.43 -19.71 -9.58
C PHE A 1224 -47.69 -18.24 -9.22
N GLU A 1225 -48.94 -17.84 -9.02
CA GLU A 1225 -49.22 -16.47 -8.62
C GLU A 1225 -49.21 -16.27 -7.12
N GLY A 1226 -49.02 -17.32 -6.34
CA GLY A 1226 -48.78 -17.14 -4.93
C GLY A 1226 -47.34 -16.77 -4.65
N GLY A 1227 -47.07 -16.49 -3.39
CA GLY A 1227 -45.72 -16.15 -3.03
C GLY A 1227 -44.80 -17.30 -2.78
N GLY A 1228 -45.19 -18.53 -3.11
CA GLY A 1228 -44.33 -19.65 -2.83
C GLY A 1228 -44.56 -20.14 -1.41
N CYS A 1229 -43.70 -19.69 -0.50
CA CYS A 1229 -43.87 -20.02 0.91
C CYS A 1229 -45.14 -19.36 1.45
N GLY A 1230 -45.97 -20.16 2.13
CA GLY A 1230 -47.23 -19.69 2.66
C GLY A 1230 -48.28 -19.55 1.58
N GLN A 1231 -49.54 -19.78 1.92
CA GLN A 1231 -50.58 -19.70 0.91
C GLN A 1231 -50.90 -18.24 0.57
N PRO A 1232 -51.35 -17.41 1.53
CA PRO A 1232 -51.87 -16.08 1.13
C PRO A 1232 -50.80 -15.01 0.97
N SER A 1233 -50.12 -15.04 -0.16
CA SER A 1233 -49.12 -14.04 -0.50
C SER A 1233 -48.89 -14.07 -2.00
N GLY A 1234 -48.78 -12.89 -2.60
CA GLY A 1234 -48.48 -12.78 -4.01
C GLY A 1234 -49.61 -12.11 -4.78
N ILE A 1235 -49.40 -12.02 -6.08
CA ILE A 1235 -50.37 -11.41 -6.97
C ILE A 1235 -51.52 -12.37 -7.23
N LEU A 1236 -51.51 -13.53 -6.56
CA LEU A 1236 -52.77 -14.26 -6.44
C LEU A 1236 -53.61 -13.66 -5.32
N ALA A 1237 -52.97 -13.30 -4.21
CA ALA A 1237 -53.68 -12.63 -3.14
C ALA A 1237 -53.97 -11.17 -3.50
N GLN A 1238 -52.99 -10.49 -4.08
CA GLN A 1238 -53.14 -9.08 -4.46
C GLN A 1238 -52.70 -8.87 -5.91
N PRO A 1239 -53.46 -9.40 -6.88
CA PRO A 1239 -53.13 -9.15 -8.29
C PRO A 1239 -53.21 -7.68 -8.65
N THR A 1240 -53.50 -6.81 -7.72
CA THR A 1240 -53.36 -5.38 -7.91
C THR A 1240 -52.43 -4.86 -6.83
N LEU A 1241 -51.53 -3.96 -7.19
CA LEU A 1241 -50.70 -3.32 -6.18
C LEU A 1241 -51.55 -2.49 -5.23
N LEU A 1242 -52.74 -2.10 -5.69
CA LEU A 1242 -53.71 -1.50 -4.78
C LEU A 1242 -54.11 -2.51 -3.71
N TYR A 1243 -54.82 -2.03 -2.70
CA TYR A 1243 -55.04 -2.74 -1.44
C TYR A 1243 -53.76 -3.44 -0.99
N LEU A 1244 -52.68 -2.65 -0.92
CA LEU A 1244 -51.41 -3.10 -0.38
C LEU A 1244 -51.24 -2.71 1.09
N ARG A 1245 -52.34 -2.40 1.78
CA ARG A 1245 -52.36 -2.19 3.23
C ARG A 1245 -51.33 -1.14 3.64
N GLY A 1246 -51.53 0.07 3.13
CA GLY A 1246 -50.68 1.18 3.47
C GLY A 1246 -50.40 2.09 2.29
N PRO A 1247 -49.89 3.28 2.58
CA PRO A 1247 -49.60 4.25 1.52
C PRO A 1247 -48.37 3.87 0.72
N PHE A 1248 -47.98 4.82 -0.14
CA PHE A 1248 -46.85 4.66 -1.05
C PHE A 1248 -45.52 4.80 -0.33
N SER A 1249 -45.55 5.21 0.94
CA SER A 1249 -44.38 5.54 1.75
C SER A 1249 -43.26 4.50 1.66
N LEU A 1250 -43.56 3.28 2.08
CA LEU A 1250 -42.59 2.20 2.11
C LEU A 1250 -42.27 1.74 0.69
N GLN A 1251 -41.10 1.11 0.54
CA GLN A 1251 -40.71 0.49 -0.73
C GLN A 1251 -41.35 -0.87 -0.95
N ALA A 1252 -42.40 -1.20 -0.18
CA ALA A 1252 -43.15 -2.43 -0.39
C ALA A 1252 -43.56 -2.64 -1.83
N THR A 1253 -43.62 -1.56 -2.63
CA THR A 1253 -43.83 -1.72 -4.05
C THR A 1253 -42.78 -2.62 -4.67
N LEU A 1254 -41.53 -2.52 -4.20
CA LEU A 1254 -40.48 -3.40 -4.70
C LEU A 1254 -40.80 -4.86 -4.41
N CYS A 1255 -41.27 -5.16 -3.21
CA CYS A 1255 -41.66 -6.51 -2.87
C CYS A 1255 -42.79 -7.00 -3.77
N TRP A 1256 -43.79 -6.14 -3.99
CA TRP A 1256 -44.87 -6.54 -4.88
C TRP A 1256 -44.35 -6.82 -6.28
N LEU A 1257 -43.39 -6.01 -6.72
CA LEU A 1257 -42.81 -6.19 -8.04
C LEU A 1257 -42.09 -7.54 -8.13
N ASP A 1258 -41.40 -7.92 -7.06
CA ASP A 1258 -40.77 -9.24 -7.04
C ASP A 1258 -41.81 -10.35 -7.13
N LEU A 1259 -42.95 -10.18 -6.47
CA LEU A 1259 -44.01 -11.18 -6.60
C LEU A 1259 -44.46 -11.31 -8.06
N LEU A 1260 -44.73 -10.18 -8.70
CA LEU A 1260 -45.16 -10.21 -10.09
C LEU A 1260 -44.10 -10.85 -10.98
N LEU A 1261 -42.84 -10.43 -10.79
CA LEU A 1261 -41.73 -10.94 -11.57
C LEU A 1261 -41.58 -12.45 -11.41
N ALA A 1262 -41.76 -12.94 -10.18
CA ALA A 1262 -41.75 -14.37 -9.92
C ALA A 1262 -42.80 -15.06 -10.76
N ALA A 1263 -44.02 -14.51 -10.78
CA ALA A 1263 -45.10 -15.15 -11.52
C ALA A 1263 -44.73 -15.27 -13.00
N LEU A 1264 -44.30 -14.17 -13.60
CA LEU A 1264 -43.99 -14.17 -15.03
C LEU A 1264 -42.84 -15.12 -15.34
N GLU A 1265 -41.80 -15.10 -14.51
CA GLU A 1265 -40.63 -15.93 -14.78
C GLU A 1265 -40.92 -17.41 -14.62
N CYS A 1266 -41.79 -17.77 -13.68
CA CYS A 1266 -42.24 -19.15 -13.63
C CYS A 1266 -42.99 -19.51 -14.91
N TYR A 1267 -43.87 -18.62 -15.35
CA TYR A 1267 -44.63 -18.88 -16.58
C TYR A 1267 -43.75 -19.08 -17.81
N ASN A 1268 -42.71 -18.26 -17.99
CA ASN A 1268 -41.97 -18.34 -19.24
C ASN A 1268 -41.45 -19.75 -19.48
N THR A 1269 -40.72 -20.27 -18.51
CA THR A 1269 -40.20 -21.63 -18.60
C THR A 1269 -41.30 -22.67 -18.49
N PHE A 1270 -42.44 -22.36 -17.85
CA PHE A 1270 -43.45 -23.39 -17.70
C PHE A 1270 -44.35 -23.55 -18.91
N ILE A 1271 -44.37 -22.58 -19.82
CA ILE A 1271 -45.15 -22.70 -21.04
C ILE A 1271 -44.26 -22.93 -22.25
N GLY A 1272 -43.17 -22.15 -22.37
CA GLY A 1272 -42.35 -22.26 -23.56
C GLY A 1272 -41.64 -23.59 -23.69
N GLU A 1273 -41.18 -24.13 -22.58
CA GLU A 1273 -40.49 -25.41 -22.57
C GLU A 1273 -41.45 -26.58 -22.86
N ARG A 1274 -42.70 -26.26 -23.15
CA ARG A 1274 -43.78 -27.23 -23.31
C ARG A 1274 -44.04 -28.01 -22.04
N THR A 1275 -43.69 -27.43 -20.90
CA THR A 1275 -44.10 -28.02 -19.63
C THR A 1275 -45.62 -28.04 -19.53
N VAL A 1276 -46.25 -26.92 -19.87
CA VAL A 1276 -47.70 -26.77 -19.87
C VAL A 1276 -48.07 -25.88 -21.05
N GLY A 1277 -49.11 -26.27 -21.78
CA GLY A 1277 -49.60 -25.43 -22.84
C GLY A 1277 -50.26 -24.17 -22.31
N ALA A 1278 -50.45 -23.19 -23.20
CA ALA A 1278 -51.02 -21.91 -22.77
C ALA A 1278 -52.41 -22.10 -22.21
N LEU A 1279 -53.24 -22.88 -22.91
CA LEU A 1279 -54.64 -23.03 -22.51
C LEU A 1279 -54.76 -23.76 -21.18
N GLN A 1280 -53.91 -24.76 -20.95
CA GLN A 1280 -53.99 -25.54 -19.72
C GLN A 1280 -53.95 -24.68 -18.46
N VAL A 1281 -53.57 -23.40 -18.60
CA VAL A 1281 -53.63 -22.47 -17.47
C VAL A 1281 -54.44 -21.21 -17.78
N LEU A 1282 -54.63 -20.86 -19.06
CA LEU A 1282 -55.34 -19.64 -19.42
C LEU A 1282 -56.51 -19.98 -20.32
N GLY A 1283 -57.64 -19.32 -20.11
CA GLY A 1283 -58.82 -19.61 -20.88
C GLY A 1283 -59.75 -20.61 -20.20
N THR A 1284 -59.35 -21.88 -20.17
CA THR A 1284 -60.21 -22.92 -19.60
C THR A 1284 -60.02 -23.08 -18.10
N GLU A 1285 -60.02 -21.96 -17.38
CA GLU A 1285 -60.16 -21.91 -15.93
C GLU A 1285 -60.34 -20.45 -15.55
N ALA A 1286 -61.36 -20.13 -14.76
CA ALA A 1286 -61.78 -18.75 -14.58
C ALA A 1286 -61.11 -18.06 -13.40
N GLN A 1287 -60.12 -18.69 -12.76
CA GLN A 1287 -59.38 -18.07 -11.66
C GLN A 1287 -57.89 -18.25 -11.92
N SER A 1288 -57.32 -17.33 -12.70
CA SER A 1288 -55.89 -17.34 -12.98
C SER A 1288 -55.41 -15.91 -12.84
N SER A 1289 -54.81 -15.59 -11.69
CA SER A 1289 -54.70 -14.22 -11.21
C SER A 1289 -53.55 -13.42 -11.81
N LEU A 1290 -53.00 -13.86 -12.95
CA LEU A 1290 -51.86 -13.15 -13.52
C LEU A 1290 -52.28 -11.94 -14.37
N LEU A 1291 -53.20 -12.14 -15.32
CA LEU A 1291 -53.37 -11.14 -16.38
C LEU A 1291 -53.83 -9.79 -15.86
N LYS A 1292 -54.64 -9.78 -14.80
CA LYS A 1292 -55.11 -8.50 -14.29
C LYS A 1292 -53.96 -7.71 -13.66
N ALA A 1293 -53.04 -8.40 -12.99
CA ALA A 1293 -51.81 -7.77 -12.52
C ALA A 1293 -50.94 -7.31 -13.69
N VAL A 1294 -50.82 -8.14 -14.72
CA VAL A 1294 -50.04 -7.81 -15.90
C VAL A 1294 -50.53 -6.47 -16.42
N ALA A 1295 -51.81 -6.44 -16.80
CA ALA A 1295 -52.37 -5.27 -17.44
C ALA A 1295 -52.42 -4.06 -16.52
N PHE A 1296 -52.59 -4.29 -15.22
CA PHE A 1296 -52.54 -3.18 -14.28
C PHE A 1296 -51.16 -2.53 -14.32
N PHE A 1297 -50.12 -3.28 -13.96
CA PHE A 1297 -48.79 -2.70 -13.91
C PHE A 1297 -48.34 -2.15 -15.26
N LEU A 1298 -48.88 -2.68 -16.36
CA LEU A 1298 -48.47 -2.20 -17.67
C LEU A 1298 -48.75 -0.72 -17.90
N GLU A 1299 -49.45 -0.03 -17.00
CA GLU A 1299 -49.62 1.41 -17.10
C GLU A 1299 -48.90 2.19 -16.01
N SER A 1300 -48.52 1.53 -14.91
CA SER A 1300 -47.72 2.14 -13.86
C SER A 1300 -46.24 2.26 -14.23
N ILE A 1301 -45.90 2.10 -15.51
CA ILE A 1301 -44.52 1.94 -15.93
C ILE A 1301 -44.03 3.13 -16.74
N ALA A 1302 -44.65 3.39 -17.90
CA ALA A 1302 -44.06 4.28 -18.90
C ALA A 1302 -44.40 5.74 -18.67
N MET A 1303 -45.64 6.05 -18.29
CA MET A 1303 -46.03 7.45 -18.15
C MET A 1303 -45.31 8.11 -16.98
N HIS A 1304 -45.04 7.38 -15.91
CA HIS A 1304 -44.36 7.87 -14.73
C HIS A 1304 -43.00 7.21 -14.62
N ASP A 1305 -42.31 7.49 -13.52
CA ASP A 1305 -41.15 6.68 -13.13
C ASP A 1305 -41.41 5.93 -11.82
N ILE A 1306 -41.77 6.65 -10.75
CA ILE A 1306 -41.90 6.02 -9.44
C ILE A 1306 -43.34 5.93 -8.96
N ILE A 1307 -44.16 6.93 -9.26
CA ILE A 1307 -45.44 7.12 -8.59
C ILE A 1307 -46.43 6.03 -8.96
N ALA A 1308 -46.76 5.17 -7.99
CA ALA A 1308 -47.90 4.28 -8.08
C ALA A 1308 -48.94 4.62 -7.03
N ALA A 1309 -48.54 4.63 -5.76
CA ALA A 1309 -49.33 5.18 -4.65
C ALA A 1309 -50.74 4.63 -4.59
N GLU A 1310 -50.97 3.47 -5.20
CA GLU A 1310 -52.28 2.84 -5.33
C GLU A 1310 -53.37 3.83 -5.71
N LYS A 1311 -53.04 4.88 -6.46
CA LYS A 1311 -54.00 5.91 -6.83
C LYS A 1311 -54.28 5.95 -8.32
N CYS A 1312 -53.27 6.16 -9.15
CA CYS A 1312 -53.47 6.37 -10.59
C CYS A 1312 -52.15 6.40 -11.34
N THR A 1315 -50.10 12.74 -5.65
CA THR A 1315 -49.03 12.52 -4.69
C THR A 1315 -48.44 13.86 -4.24
N GLY A 1316 -49.30 14.70 -3.66
CA GLY A 1316 -48.83 15.95 -3.09
C GLY A 1316 -47.92 15.71 -1.90
N ALA A 1317 -48.42 14.94 -0.93
CA ALA A 1317 -47.64 14.50 0.22
C ALA A 1317 -48.04 13.05 0.50
N ALA A 1318 -47.39 12.11 -0.21
CA ALA A 1318 -47.67 10.69 0.01
C ALA A 1318 -46.40 9.85 -0.06
N GLY A 1319 -45.24 10.44 0.21
CA GLY A 1319 -43.98 9.73 0.10
C GLY A 1319 -43.16 10.15 -1.10
N ASN A 1320 -43.17 11.46 -1.40
CA ASN A 1320 -42.44 12.00 -2.54
C ASN A 1320 -41.10 12.60 -2.16
N ARG A 1321 -40.66 12.48 -0.91
CA ARG A 1321 -39.33 12.96 -0.52
C ARG A 1321 -38.30 11.94 -0.99
N THR A 1322 -38.34 11.65 -2.31
CA THR A 1322 -37.77 10.41 -2.83
C THR A 1322 -36.29 10.25 -2.48
N SER A 1323 -35.49 11.29 -2.71
CA SER A 1323 -34.05 11.12 -2.83
C SER A 1323 -33.85 9.99 -3.82
N PRO A 1324 -34.04 10.25 -5.12
CA PRO A 1324 -34.37 9.17 -6.06
C PRO A 1324 -33.32 8.09 -6.22
N GLN A 1325 -32.26 8.10 -5.41
CA GLN A 1325 -31.29 7.01 -5.38
C GLN A 1325 -32.00 5.65 -5.36
N GLU A 1326 -33.18 5.60 -4.75
CA GLU A 1326 -34.05 4.43 -4.80
C GLU A 1326 -35.08 4.52 -5.92
N GLY A 1327 -35.15 5.65 -6.62
CA GLY A 1327 -36.00 5.72 -7.80
C GLY A 1327 -35.52 4.79 -8.89
N GLU A 1328 -34.21 4.79 -9.17
CA GLU A 1328 -33.68 3.80 -10.08
C GLU A 1328 -33.74 2.39 -9.48
N ARG A 1329 -33.81 2.28 -8.15
CA ARG A 1329 -34.07 0.95 -7.58
C ARG A 1329 -35.46 0.46 -7.96
N TYR A 1330 -36.45 1.36 -7.92
CA TYR A 1330 -37.76 1.02 -8.44
C TYR A 1330 -37.68 0.69 -9.93
N ASN A 1331 -36.92 1.49 -10.67
CA ASN A 1331 -36.86 1.36 -12.11
C ASN A 1331 -36.19 0.06 -12.53
N TYR A 1332 -35.21 -0.41 -11.76
CA TYR A 1332 -34.55 -1.66 -12.13
C TYR A 1332 -35.52 -2.83 -12.05
N SER A 1333 -36.29 -2.89 -10.96
CA SER A 1333 -37.31 -3.91 -10.86
C SER A 1333 -38.34 -3.75 -11.97
N LYS A 1334 -38.77 -2.52 -12.24
CA LYS A 1334 -39.80 -2.29 -13.25
C LYS A 1334 -39.32 -2.72 -14.63
N CYS A 1335 -38.07 -2.37 -14.98
CA CYS A 1335 -37.54 -2.72 -16.28
C CYS A 1335 -37.33 -4.22 -16.40
N THR A 1336 -36.93 -4.87 -15.31
CA THR A 1336 -36.86 -6.33 -15.33
C THR A 1336 -38.24 -6.93 -15.57
N VAL A 1337 -39.26 -6.36 -14.92
CA VAL A 1337 -40.62 -6.86 -15.10
C VAL A 1337 -41.03 -6.76 -16.56
N VAL A 1338 -40.79 -5.61 -17.18
CA VAL A 1338 -41.28 -5.43 -18.55
C VAL A 1338 -40.50 -6.28 -19.53
N VAL A 1339 -39.19 -6.46 -19.34
CA VAL A 1339 -38.46 -7.31 -20.27
C VAL A 1339 -38.90 -8.77 -20.12
N ARG A 1340 -39.20 -9.19 -18.88
CA ARG A 1340 -39.72 -10.55 -18.72
C ARG A 1340 -41.12 -10.68 -19.29
N ILE A 1341 -41.91 -9.60 -19.23
CA ILE A 1341 -43.23 -9.57 -19.88
C ILE A 1341 -43.08 -9.80 -21.37
N MET A 1342 -42.15 -9.07 -21.99
CA MET A 1342 -41.91 -9.21 -23.41
C MET A 1342 -41.49 -10.62 -23.75
N GLU A 1343 -40.64 -11.21 -22.91
CA GLU A 1343 -40.20 -12.59 -23.14
C GLU A 1343 -41.36 -13.56 -23.03
N PHE A 1344 -42.27 -13.34 -22.08
CA PHE A 1344 -43.44 -14.21 -21.95
C PHE A 1344 -44.35 -14.09 -23.16
N THR A 1345 -44.59 -12.87 -23.62
CA THR A 1345 -45.42 -12.70 -24.80
C THR A 1345 -44.80 -13.40 -26.00
N THR A 1346 -43.49 -13.24 -26.19
CA THR A 1346 -42.79 -13.92 -27.26
C THR A 1346 -42.93 -15.44 -27.12
N THR A 1347 -42.81 -15.92 -25.88
CA THR A 1347 -42.95 -17.34 -25.59
C THR A 1347 -44.29 -17.86 -26.07
N LEU A 1348 -45.38 -17.19 -25.66
CA LEU A 1348 -46.72 -17.62 -26.02
C LEU A 1348 -46.91 -17.59 -27.53
N LEU A 1349 -46.52 -16.49 -28.18
CA LEU A 1349 -46.77 -16.35 -29.61
C LEU A 1349 -45.92 -17.33 -30.41
N ASN A 1350 -44.75 -17.72 -29.91
CA ASN A 1350 -43.96 -18.76 -30.55
C ASN A 1350 -44.47 -20.16 -30.24
N THR A 1351 -45.26 -20.32 -29.19
CA THR A 1351 -45.88 -21.61 -28.95
C THR A 1351 -46.77 -21.96 -30.14
N SER A 1352 -46.83 -23.25 -30.46
CA SER A 1352 -47.32 -23.71 -31.77
C SER A 1352 -48.70 -23.17 -32.16
N PRO A 1353 -49.74 -23.23 -31.31
CA PRO A 1353 -51.04 -22.72 -31.76
C PRO A 1353 -51.14 -21.20 -31.67
N GLU A 1354 -51.06 -20.52 -32.82
CA GLU A 1354 -51.40 -19.09 -32.87
C GLU A 1354 -52.89 -18.85 -33.02
N GLY A 1355 -53.64 -19.82 -33.55
CA GLY A 1355 -55.08 -19.72 -33.53
C GLY A 1355 -55.62 -19.72 -32.11
N TRP A 1356 -54.93 -20.41 -31.20
CA TRP A 1356 -55.27 -20.30 -29.78
C TRP A 1356 -54.85 -18.95 -29.21
N LYS A 1357 -53.77 -18.37 -29.73
CA LYS A 1357 -53.40 -17.02 -29.33
C LYS A 1357 -54.47 -16.02 -29.76
N LEU A 1358 -55.10 -16.26 -30.91
CA LEU A 1358 -55.95 -15.28 -31.56
C LEU A 1358 -57.07 -14.78 -30.65
N LEU A 1359 -57.97 -15.67 -30.26
CA LEU A 1359 -59.22 -15.24 -29.66
C LEU A 1359 -59.14 -15.05 -28.15
N LYS A 1360 -57.99 -15.28 -27.55
CA LYS A 1360 -57.84 -15.15 -26.11
C LYS A 1360 -56.68 -14.27 -25.67
N LYS A 1361 -55.54 -14.33 -26.37
CA LYS A 1361 -54.32 -13.70 -25.89
C LYS A 1361 -54.23 -12.25 -26.36
N ASP A 1362 -55.26 -11.47 -26.04
CA ASP A 1362 -55.36 -10.09 -26.52
C ASP A 1362 -55.89 -9.12 -25.47
N LEU A 1363 -55.95 -9.51 -24.20
CA LEU A 1363 -56.67 -8.73 -23.21
C LEU A 1363 -56.09 -7.33 -22.99
N CYS A 1364 -54.79 -7.15 -23.24
CA CYS A 1364 -54.18 -5.83 -23.13
C CYS A 1364 -53.17 -5.55 -24.23
N ASN A 1365 -53.16 -6.33 -25.32
CA ASN A 1365 -52.11 -6.18 -26.32
C ASN A 1365 -52.11 -4.79 -26.93
N THR A 1366 -53.26 -4.12 -26.94
CA THR A 1366 -53.33 -2.74 -27.41
C THR A 1366 -52.55 -1.78 -26.52
N HIS A 1367 -52.01 -2.26 -25.41
CA HIS A 1367 -51.11 -1.51 -24.56
C HIS A 1367 -49.75 -2.17 -24.43
N LEU A 1368 -49.73 -3.50 -24.59
CA LEU A 1368 -48.46 -4.21 -24.73
C LEU A 1368 -47.67 -3.70 -25.92
N MET A 1369 -48.33 -3.54 -27.07
CA MET A 1369 -47.66 -2.98 -28.24
C MET A 1369 -47.24 -1.54 -27.99
N ARG A 1370 -48.05 -0.79 -27.24
CA ARG A 1370 -47.68 0.57 -26.88
C ARG A 1370 -46.33 0.60 -26.17
N VAL A 1371 -46.20 -0.20 -25.10
CA VAL A 1371 -44.96 -0.20 -24.34
C VAL A 1371 -43.83 -0.80 -25.16
N LEU A 1372 -44.14 -1.83 -25.96
CA LEU A 1372 -43.16 -2.43 -26.85
C LEU A 1372 -42.51 -1.38 -27.72
N VAL A 1373 -43.33 -0.57 -28.39
CA VAL A 1373 -42.78 0.38 -29.34
C VAL A 1373 -42.19 1.59 -28.64
N GLN A 1374 -42.70 1.94 -27.45
CA GLN A 1374 -42.09 3.03 -26.70
C GLN A 1374 -40.67 2.69 -26.30
N THR A 1375 -40.46 1.48 -25.75
CA THR A 1375 -39.10 1.08 -25.38
C THR A 1375 -38.29 0.65 -26.60
N LEU A 1376 -38.95 0.34 -27.71
CA LEU A 1376 -38.27 0.19 -28.98
C LEU A 1376 -37.61 1.49 -29.39
N CYS A 1377 -38.33 2.59 -29.28
CA CYS A 1377 -37.85 3.85 -29.84
C CYS A 1377 -37.09 4.70 -28.85
N GLU A 1378 -37.29 4.52 -27.54
CA GLU A 1378 -36.52 5.29 -26.58
C GLU A 1378 -36.59 4.66 -25.19
N PRO A 1379 -35.80 3.61 -24.93
CA PRO A 1379 -35.80 3.04 -23.58
C PRO A 1379 -35.40 4.03 -22.50
N ALA A 1380 -34.51 4.96 -22.83
CA ALA A 1380 -33.94 5.85 -21.81
C ALA A 1380 -35.00 6.70 -21.12
N SER A 1381 -36.18 6.84 -21.71
CA SER A 1381 -37.25 7.61 -21.07
C SER A 1381 -37.66 6.98 -19.75
N ILE A 1382 -37.77 5.66 -19.71
CA ILE A 1382 -38.38 4.97 -18.59
C ILE A 1382 -37.34 4.30 -17.70
N GLY A 1383 -36.09 4.79 -17.73
CA GLY A 1383 -35.09 4.40 -16.77
C GLY A 1383 -34.24 3.19 -17.10
N PHE A 1384 -34.44 2.58 -18.27
CA PHE A 1384 -33.61 1.44 -18.66
C PHE A 1384 -32.14 1.84 -18.80
N ASN A 1385 -31.87 2.94 -19.49
CA ASN A 1385 -30.58 3.18 -20.10
C ASN A 1385 -29.58 3.79 -19.12
N ILE A 1386 -29.34 3.10 -18.00
CA ILE A 1386 -28.35 3.52 -17.02
C ILE A 1386 -27.33 2.41 -16.74
N GLY A 1387 -27.82 1.19 -16.52
CA GLY A 1387 -26.94 0.04 -16.32
C GLY A 1387 -26.13 -0.29 -17.56
N ASP A 1388 -26.82 -0.67 -18.63
CA ASP A 1388 -26.26 -0.83 -19.97
C ASP A 1388 -25.15 -1.87 -20.03
N VAL A 1389 -25.12 -2.82 -19.11
CA VAL A 1389 -24.10 -3.85 -19.09
C VAL A 1389 -24.66 -5.21 -19.50
N GLN A 1390 -25.88 -5.54 -19.10
CA GLN A 1390 -26.51 -6.76 -19.58
C GLN A 1390 -27.91 -6.46 -20.12
N VAL A 1391 -28.62 -5.58 -19.42
CA VAL A 1391 -30.03 -5.35 -19.76
C VAL A 1391 -30.16 -4.62 -21.08
N MET A 1392 -29.35 -3.58 -21.30
CA MET A 1392 -29.45 -2.83 -22.54
C MET A 1392 -28.87 -3.62 -23.71
N ALA A 1393 -27.83 -4.40 -23.44
CA ALA A 1393 -27.28 -5.27 -24.49
C ALA A 1393 -28.25 -6.37 -24.87
N HIS A 1394 -29.10 -6.80 -23.94
CA HIS A 1394 -29.99 -7.93 -24.14
C HIS A 1394 -31.40 -7.53 -24.59
N LEU A 1395 -31.80 -6.29 -24.40
CA LEU A 1395 -33.11 -5.85 -24.87
C LEU A 1395 -33.32 -6.06 -26.37
N PRO A 1396 -32.43 -5.62 -27.26
CA PRO A 1396 -32.74 -5.73 -28.69
C PRO A 1396 -33.04 -7.13 -29.14
N ASP A 1397 -32.38 -8.14 -28.57
CA ASP A 1397 -32.61 -9.50 -29.01
C ASP A 1397 -34.02 -9.98 -28.68
N VAL A 1398 -34.52 -9.70 -27.48
CA VAL A 1398 -35.90 -10.08 -27.17
C VAL A 1398 -36.89 -9.26 -27.97
N CYS A 1399 -36.62 -7.97 -28.19
CA CYS A 1399 -37.53 -7.18 -29.03
C CYS A 1399 -37.64 -7.78 -30.42
N VAL A 1400 -36.50 -8.11 -31.02
CA VAL A 1400 -36.49 -8.61 -32.39
C VAL A 1400 -37.10 -10.00 -32.46
N ASN A 1401 -36.84 -10.84 -31.46
CA ASN A 1401 -37.48 -12.15 -31.43
C ASN A 1401 -39.00 -12.02 -31.32
N LEU A 1402 -39.45 -11.06 -30.51
CA LEU A 1402 -40.87 -10.80 -30.37
C LEU A 1402 -41.49 -10.40 -31.70
N MET A 1403 -40.85 -9.47 -32.40
CA MET A 1403 -41.37 -9.04 -33.69
C MET A 1403 -41.38 -10.18 -34.69
N LYS A 1404 -40.32 -11.00 -34.68
CA LYS A 1404 -40.25 -12.11 -35.62
C LYS A 1404 -41.35 -13.13 -35.36
N ALA A 1405 -41.67 -13.37 -34.10
CA ALA A 1405 -42.79 -14.26 -33.79
C ALA A 1405 -44.12 -13.62 -34.18
N LEU A 1406 -44.26 -12.32 -33.96
CA LEU A 1406 -45.54 -11.67 -34.22
C LEU A 1406 -45.83 -11.51 -35.70
N LYS A 1407 -44.80 -11.41 -36.54
CA LYS A 1407 -45.06 -11.29 -37.97
C LYS A 1407 -45.74 -12.55 -38.51
N MET A 1408 -45.30 -13.72 -38.06
CA MET A 1408 -45.99 -14.95 -38.40
C MET A 1408 -47.20 -15.19 -37.52
N SER A 1409 -47.38 -14.40 -36.47
CA SER A 1409 -48.66 -14.36 -35.79
C SER A 1409 -49.68 -13.63 -36.66
N PRO A 1410 -50.97 -13.83 -36.39
CA PRO A 1410 -52.00 -13.07 -37.12
C PRO A 1410 -52.14 -11.64 -36.63
N TYR A 1411 -51.18 -11.16 -35.85
CA TYR A 1411 -51.17 -9.79 -35.36
C TYR A 1411 -50.23 -8.91 -36.16
N LYS A 1412 -49.87 -9.34 -37.37
CA LYS A 1412 -48.97 -8.57 -38.21
C LYS A 1412 -49.54 -7.18 -38.54
N ASP A 1413 -50.86 -7.07 -38.61
CA ASP A 1413 -51.46 -5.79 -38.96
C ASP A 1413 -51.30 -4.77 -37.83
N ILE A 1414 -51.61 -5.17 -36.60
CA ILE A 1414 -51.43 -4.26 -35.48
C ILE A 1414 -49.95 -3.98 -35.28
N LEU A 1415 -49.10 -4.97 -35.53
CA LEU A 1415 -47.67 -4.71 -35.60
C LEU A 1415 -47.38 -3.55 -36.52
N GLU A 1416 -47.71 -3.68 -37.80
CA GLU A 1416 -47.32 -2.68 -38.78
C GLU A 1416 -47.89 -1.32 -38.44
N THR A 1417 -49.12 -1.28 -37.94
CA THR A 1417 -49.69 0.00 -37.51
C THR A 1417 -48.82 0.66 -36.46
N HIS A 1418 -48.51 -0.08 -35.39
CA HIS A 1418 -47.71 0.51 -34.31
C HIS A 1418 -46.30 0.84 -34.78
N LEU A 1419 -45.77 0.07 -35.73
CA LEU A 1419 -44.40 0.28 -36.18
C LEU A 1419 -44.28 1.50 -37.06
N ARG A 1420 -45.21 1.69 -37.99
CA ARG A 1420 -45.14 2.79 -38.93
C ARG A 1420 -45.84 4.05 -38.44
N GLU A 1421 -46.47 4.00 -37.27
CA GLU A 1421 -46.94 5.24 -36.66
C GLU A 1421 -45.85 5.97 -35.90
N LYS A 1422 -44.65 5.41 -35.80
CA LYS A 1422 -43.51 6.12 -35.24
C LYS A 1422 -42.31 6.08 -36.18
N ILE A 1423 -42.09 4.94 -36.83
CA ILE A 1423 -41.02 4.78 -37.80
C ILE A 1423 -41.60 5.08 -39.17
N THR A 1424 -41.45 6.32 -39.63
CA THR A 1424 -42.02 6.70 -40.92
C THR A 1424 -41.04 7.56 -41.69
N ALA A 1425 -41.20 7.52 -43.01
CA ALA A 1425 -40.25 8.18 -43.91
C ALA A 1425 -40.22 9.67 -43.68
N GLN A 1426 -41.38 10.29 -43.45
CA GLN A 1426 -41.40 11.73 -43.21
C GLN A 1426 -40.66 12.09 -41.93
N SER A 1427 -40.86 11.32 -40.87
CA SER A 1427 -40.15 11.57 -39.62
C SER A 1427 -38.64 11.44 -39.82
N ILE A 1428 -38.21 10.39 -40.54
CA ILE A 1428 -36.80 10.24 -40.83
C ILE A 1428 -36.26 11.44 -41.59
N GLU A 1429 -37.00 11.86 -42.63
CA GLU A 1429 -36.52 12.95 -43.49
C GLU A 1429 -36.39 14.25 -42.72
N GLU A 1430 -37.40 14.60 -41.91
CA GLU A 1430 -37.38 15.87 -41.21
C GLU A 1430 -36.74 15.78 -39.82
N LEU A 1431 -36.18 14.63 -39.46
CA LEU A 1431 -35.23 14.59 -38.35
C LEU A 1431 -33.79 14.39 -38.81
N CYS A 1432 -33.55 14.05 -40.07
CA CYS A 1432 -32.21 13.75 -40.54
C CYS A 1432 -31.46 14.98 -41.03
N ALA A 1433 -32.04 15.72 -41.98
CA ALA A 1433 -31.31 16.78 -42.66
C ALA A 1433 -30.94 17.94 -41.75
N VAL A 1434 -31.51 18.00 -40.54
CA VAL A 1434 -31.25 19.12 -39.65
C VAL A 1434 -29.78 19.16 -39.24
N ASN A 1435 -29.12 18.01 -39.16
CA ASN A 1435 -27.74 17.97 -38.73
C ASN A 1435 -26.81 18.64 -39.74
N LEU A 1436 -25.77 19.29 -39.22
CA LEU A 1436 -24.73 19.91 -40.05
C LEU A 1436 -23.34 19.37 -39.72
N TYR A 1437 -23.24 18.32 -38.91
CA TYR A 1437 -22.00 17.83 -38.33
C TYR A 1437 -21.33 18.87 -37.43
N GLY A 1438 -22.09 19.88 -37.00
CA GLY A 1438 -21.53 20.93 -36.19
C GLY A 1438 -21.31 20.51 -34.76
N PRO A 1439 -20.75 21.42 -33.97
CA PRO A 1439 -20.48 21.13 -32.56
C PRO A 1439 -21.72 21.14 -31.67
N ASP A 1440 -22.90 21.13 -32.27
CA ASP A 1440 -24.16 21.13 -31.52
C ASP A 1440 -24.97 19.93 -32.01
N ALA A 1441 -26.27 19.92 -31.66
CA ALA A 1441 -27.23 18.93 -32.14
C ALA A 1441 -27.01 17.56 -31.52
N GLN A 1442 -26.52 17.54 -30.28
CA GLN A 1442 -26.37 16.28 -29.57
C GLN A 1442 -27.72 15.61 -29.32
N VAL A 1443 -28.75 16.40 -28.98
CA VAL A 1443 -30.04 15.82 -28.62
C VAL A 1443 -30.68 15.11 -29.81
N ASP A 1444 -30.75 15.78 -30.95
CA ASP A 1444 -31.31 15.11 -32.12
C ASP A 1444 -30.37 14.05 -32.67
N ARG A 1445 -29.06 14.17 -32.45
CA ARG A 1445 -28.18 13.08 -32.83
C ARG A 1445 -28.51 11.83 -32.01
N SER A 1446 -28.79 12.02 -30.72
CA SER A 1446 -29.21 10.88 -29.89
C SER A 1446 -30.52 10.29 -30.38
N ARG A 1447 -31.50 11.13 -30.71
CA ARG A 1447 -32.77 10.58 -31.16
C ARG A 1447 -32.63 9.87 -32.50
N LEU A 1448 -31.80 10.41 -33.39
CA LEU A 1448 -31.53 9.76 -34.67
C LEU A 1448 -30.83 8.43 -34.46
N ALA A 1449 -29.95 8.35 -33.46
CA ALA A 1449 -29.34 7.06 -33.12
C ALA A 1449 -30.39 6.07 -32.65
N ALA A 1450 -31.34 6.53 -31.84
CA ALA A 1450 -32.43 5.67 -31.43
C ALA A 1450 -33.20 5.15 -32.64
N VAL A 1451 -33.54 6.05 -33.57
CA VAL A 1451 -34.32 5.66 -34.74
C VAL A 1451 -33.55 4.66 -35.60
N VAL A 1452 -32.25 4.91 -35.81
CA VAL A 1452 -31.48 4.03 -36.70
C VAL A 1452 -31.29 2.65 -36.05
N SER A 1453 -31.08 2.60 -34.74
CA SER A 1453 -31.03 1.30 -34.07
C SER A 1453 -32.38 0.59 -34.18
N ALA A 1454 -33.49 1.33 -34.03
CA ALA A 1454 -34.81 0.71 -34.12
C ALA A 1454 -35.04 0.16 -35.53
N CYS A 1455 -34.61 0.90 -36.55
CA CYS A 1455 -34.78 0.44 -37.92
C CYS A 1455 -33.90 -0.78 -38.21
N LYS A 1456 -32.69 -0.80 -37.68
CA LYS A 1456 -31.85 -1.97 -37.87
C LYS A 1456 -32.42 -3.19 -37.15
N GLN A 1457 -33.02 -2.98 -35.98
CA GLN A 1457 -33.72 -4.07 -35.31
C GLN A 1457 -34.91 -4.54 -36.14
N LEU A 1458 -35.64 -3.60 -36.73
CA LEU A 1458 -36.75 -3.94 -37.61
C LEU A 1458 -36.25 -4.74 -38.81
N HIS A 1459 -35.08 -4.40 -39.32
CA HIS A 1459 -34.49 -5.20 -40.39
C HIS A 1459 -34.15 -6.60 -39.90
N ARG A 1460 -33.54 -6.70 -38.71
CA ARG A 1460 -33.23 -8.02 -38.16
C ARG A 1460 -34.48 -8.84 -38.01
N ALA A 1461 -35.61 -8.21 -37.71
CA ALA A 1461 -36.90 -8.87 -37.81
C ALA A 1461 -37.20 -9.25 -39.26
N GLY A 1462 -36.95 -8.33 -40.19
CA GLY A 1462 -37.32 -8.48 -41.58
C GLY A 1462 -38.32 -7.46 -42.08
N LEU A 1463 -38.78 -6.54 -41.23
CA LEU A 1463 -39.90 -5.67 -41.56
C LEU A 1463 -39.50 -4.27 -41.99
N LEU A 1464 -38.20 -4.01 -42.18
CA LEU A 1464 -37.77 -2.67 -42.54
C LEU A 1464 -38.35 -2.26 -43.90
N HIS A 1465 -38.30 -3.16 -44.89
CA HIS A 1465 -38.93 -2.87 -46.16
C HIS A 1465 -40.45 -2.87 -46.04
N ASN A 1466 -41.00 -3.76 -45.23
CA ASN A 1466 -42.45 -3.79 -45.06
C ASN A 1466 -42.99 -2.52 -44.43
N ILE A 1467 -42.15 -1.76 -43.74
CA ILE A 1467 -42.56 -0.46 -43.21
C ILE A 1467 -41.99 0.70 -43.99
N LEU A 1468 -41.14 0.44 -44.98
CA LEU A 1468 -40.62 1.47 -45.87
C LEU A 1468 -40.33 0.89 -47.24
N PRO A 1469 -41.36 0.46 -47.97
CA PRO A 1469 -41.14 -0.09 -49.31
C PRO A 1469 -40.77 1.00 -50.31
N SER A 1470 -39.98 0.60 -51.31
CA SER A 1470 -39.35 1.57 -52.20
C SER A 1470 -40.34 2.16 -53.17
N GLN A 1471 -40.34 3.49 -53.28
CA GLN A 1471 -41.25 4.22 -54.14
C GLN A 1471 -40.70 4.41 -55.56
N SER A 1472 -39.44 4.08 -55.79
CA SER A 1472 -38.83 4.21 -57.10
C SER A 1472 -38.98 2.90 -57.86
N THR A 1473 -38.27 2.77 -58.98
CA THR A 1473 -38.33 1.57 -59.80
C THR A 1473 -37.26 0.54 -59.42
N ASP A 1474 -36.02 0.96 -59.24
CA ASP A 1474 -34.93 0.05 -58.93
C ASP A 1474 -34.30 0.30 -57.56
N LEU A 1475 -33.92 1.54 -57.28
CA LEU A 1475 -33.19 1.86 -56.06
C LEU A 1475 -34.14 2.42 -55.01
N HIS A 1476 -33.92 2.00 -53.77
CA HIS A 1476 -34.83 2.30 -52.68
C HIS A 1476 -34.79 3.79 -52.36
N HIS A 1477 -35.98 4.39 -52.15
CA HIS A 1477 -36.05 5.83 -51.89
C HIS A 1477 -35.32 6.20 -50.61
N SER A 1478 -35.55 5.43 -49.55
CA SER A 1478 -34.94 5.77 -48.26
C SER A 1478 -33.43 5.87 -48.39
N VAL A 1479 -32.78 4.87 -48.98
CA VAL A 1479 -31.33 4.86 -49.09
C VAL A 1479 -30.87 5.89 -50.11
N GLY A 1480 -31.60 6.03 -51.20
CA GLY A 1480 -31.23 7.02 -52.19
C GLY A 1480 -31.12 8.41 -51.61
N THR A 1481 -32.11 8.82 -50.81
CA THR A 1481 -32.03 10.13 -50.18
C THR A 1481 -31.04 10.13 -49.02
N GLU A 1482 -31.00 9.05 -48.22
CA GLU A 1482 -30.16 9.02 -47.04
C GLU A 1482 -28.69 9.13 -47.41
N LEU A 1483 -28.20 8.14 -48.16
CA LEU A 1483 -26.77 8.04 -48.46
C LEU A 1483 -26.24 9.34 -49.00
N LEU A 1484 -26.99 9.97 -49.92
CA LEU A 1484 -26.51 11.20 -50.52
C LEU A 1484 -26.70 12.40 -49.61
N SER A 1485 -27.96 12.75 -49.30
CA SER A 1485 -28.24 14.02 -48.67
C SER A 1485 -27.87 14.05 -47.20
N LEU A 1486 -27.48 12.92 -46.61
CA LEU A 1486 -27.14 12.90 -45.19
C LEU A 1486 -25.66 12.59 -44.96
N VAL A 1487 -25.19 11.44 -45.44
CA VAL A 1487 -23.83 11.01 -45.10
C VAL A 1487 -22.83 11.53 -46.11
N TYR A 1488 -23.02 11.20 -47.38
CA TYR A 1488 -22.00 11.50 -48.39
C TYR A 1488 -21.86 13.00 -48.61
N LYS A 1489 -22.92 13.67 -49.03
CA LYS A 1489 -22.76 15.05 -49.46
C LYS A 1489 -22.56 16.01 -48.30
N GLY A 1490 -23.09 15.67 -47.12
CA GLY A 1490 -23.01 16.58 -45.99
C GLY A 1490 -21.61 16.82 -45.47
N ILE A 1491 -20.66 15.94 -45.79
CA ILE A 1491 -19.31 16.10 -45.27
C ILE A 1491 -18.67 17.37 -45.83
N ALA A 1492 -19.13 17.82 -47.00
CA ALA A 1492 -18.71 19.09 -47.59
C ALA A 1492 -19.81 20.12 -47.34
N PRO A 1493 -19.70 20.93 -46.29
CA PRO A 1493 -20.77 21.90 -46.02
C PRO A 1493 -20.68 23.12 -46.93
N GLY A 1494 -21.55 23.21 -47.93
CA GLY A 1494 -21.51 24.31 -48.88
C GLY A 1494 -20.20 24.37 -49.63
N ASP A 1495 -20.04 25.39 -50.49
CA ASP A 1495 -18.75 25.61 -51.12
C ASP A 1495 -17.72 26.17 -50.15
N GLU A 1496 -18.18 26.95 -49.16
CA GLU A 1496 -17.32 27.41 -48.08
C GLU A 1496 -16.91 26.21 -47.22
N ARG A 1497 -15.81 26.37 -46.50
CA ARG A 1497 -15.22 25.27 -45.75
C ARG A 1497 -15.24 25.63 -44.27
N GLN A 1498 -16.22 25.10 -43.54
CA GLN A 1498 -16.23 25.31 -42.11
C GLN A 1498 -16.38 24.02 -41.31
N CYS A 1499 -17.19 23.07 -41.78
CA CYS A 1499 -17.54 21.90 -41.01
C CYS A 1499 -17.09 20.60 -41.68
N LEU A 1500 -16.09 20.69 -42.55
CA LEU A 1500 -15.36 19.51 -43.02
C LEU A 1500 -14.88 18.69 -41.81
N PRO A 1501 -14.43 19.32 -40.70
CA PRO A 1501 -14.24 18.54 -39.48
C PRO A 1501 -15.53 17.95 -38.95
N SER A 1502 -15.65 16.62 -39.02
CA SER A 1502 -16.77 15.90 -38.46
C SER A 1502 -16.37 14.87 -37.44
N LEU A 1503 -15.07 14.64 -37.24
CA LEU A 1503 -14.59 13.64 -36.31
C LEU A 1503 -14.96 14.05 -34.88
N ASP A 1504 -15.90 13.33 -34.30
CA ASP A 1504 -16.26 13.52 -32.91
C ASP A 1504 -16.48 12.21 -32.18
N LEU A 1505 -16.38 11.08 -32.87
CA LEU A 1505 -16.55 9.73 -32.34
C LEU A 1505 -18.02 9.48 -32.03
N SER A 1506 -18.84 10.52 -32.17
CA SER A 1506 -20.28 10.45 -32.03
C SER A 1506 -20.99 10.80 -33.32
N CYS A 1507 -20.64 11.92 -33.93
CA CYS A 1507 -21.16 12.23 -35.26
C CYS A 1507 -20.72 11.17 -36.26
N LYS A 1508 -19.45 10.78 -36.21
CA LYS A 1508 -18.99 9.68 -37.04
C LYS A 1508 -19.73 8.39 -36.70
N GLN A 1509 -19.95 8.16 -35.41
CA GLN A 1509 -20.64 6.95 -34.97
C GLN A 1509 -22.01 6.85 -35.64
N LEU A 1510 -22.80 7.92 -35.53
CA LEU A 1510 -24.11 7.94 -36.17
C LEU A 1510 -24.02 7.89 -37.68
N ALA A 1511 -23.02 8.53 -38.27
CA ALA A 1511 -22.90 8.51 -39.72
C ALA A 1511 -22.72 7.08 -40.21
N SER A 1512 -21.85 6.32 -39.55
CA SER A 1512 -21.66 4.94 -39.95
C SER A 1512 -22.88 4.09 -39.61
N GLY A 1513 -23.58 4.43 -38.53
CA GLY A 1513 -24.83 3.73 -38.24
C GLY A 1513 -25.83 3.89 -39.36
N LEU A 1514 -25.99 5.12 -39.85
CA LEU A 1514 -26.93 5.37 -40.95
C LEU A 1514 -26.45 4.69 -42.22
N LEU A 1515 -25.13 4.66 -42.43
CA LEU A 1515 -24.62 4.01 -43.64
C LEU A 1515 -24.89 2.51 -43.63
N GLU A 1516 -24.73 1.87 -42.46
CA GLU A 1516 -25.11 0.47 -42.36
C GLU A 1516 -26.60 0.28 -42.54
N LEU A 1517 -27.40 1.20 -41.98
CA LEU A 1517 -28.83 1.20 -42.22
C LEU A 1517 -29.14 1.21 -43.71
N ALA A 1518 -28.49 2.11 -44.44
CA ALA A 1518 -28.73 2.22 -45.87
C ALA A 1518 -28.34 0.93 -46.58
N PHE A 1519 -27.22 0.34 -46.20
CA PHE A 1519 -26.81 -0.92 -46.82
C PHE A 1519 -27.72 -2.08 -46.40
N ALA A 1520 -28.56 -1.88 -45.39
CA ALA A 1520 -29.52 -2.90 -44.96
C ALA A 1520 -30.77 -2.96 -45.85
N PHE A 1521 -30.69 -2.40 -47.04
CA PHE A 1521 -31.75 -2.40 -48.04
C PHE A 1521 -31.27 -3.21 -49.24
N GLY A 1522 -32.01 -3.10 -50.35
CA GLY A 1522 -31.70 -3.89 -51.52
C GLY A 1522 -30.33 -3.65 -52.14
N GLY A 1523 -30.13 -4.12 -53.37
CA GLY A 1523 -28.79 -4.20 -53.92
C GLY A 1523 -28.19 -2.85 -54.25
N LEU A 1524 -27.87 -2.08 -53.21
CA LEU A 1524 -27.30 -0.76 -53.35
C LEU A 1524 -25.81 -0.80 -53.62
N CYS A 1525 -25.21 -1.99 -53.73
CA CYS A 1525 -23.78 -2.09 -54.01
C CYS A 1525 -23.43 -1.49 -55.36
N GLU A 1526 -24.25 -1.76 -56.38
CA GLU A 1526 -23.95 -1.27 -57.72
C GLU A 1526 -23.92 0.26 -57.75
N ARG A 1527 -24.58 0.93 -56.81
CA ARG A 1527 -24.51 2.37 -56.70
C ARG A 1527 -23.43 2.83 -55.74
N LEU A 1528 -23.19 2.09 -54.67
CA LEU A 1528 -22.10 2.43 -53.75
C LEU A 1528 -20.76 2.45 -54.49
N VAL A 1529 -20.52 1.43 -55.32
CA VAL A 1529 -19.29 1.40 -56.10
C VAL A 1529 -19.25 2.55 -57.10
N SER A 1530 -20.39 2.86 -57.71
CA SER A 1530 -20.45 3.94 -58.67
C SER A 1530 -20.13 5.27 -58.01
N LEU A 1531 -20.45 5.41 -56.73
CA LEU A 1531 -20.14 6.63 -56.01
C LEU A 1531 -18.72 6.64 -55.47
N LEU A 1532 -18.15 5.45 -55.23
CA LEU A 1532 -16.74 5.36 -54.87
C LEU A 1532 -15.86 5.80 -56.04
N LEU A 1533 -16.10 5.24 -57.22
CA LEU A 1533 -15.32 5.57 -58.41
C LEU A 1533 -15.74 6.89 -59.02
N ASN A 1534 -16.50 7.71 -58.30
CA ASN A 1534 -16.89 9.01 -58.78
C ASN A 1534 -15.69 9.96 -58.71
N PRO A 1535 -15.27 10.55 -59.83
CA PRO A 1535 -14.30 11.65 -59.74
C PRO A 1535 -14.96 12.96 -59.35
N ALA A 1536 -14.82 13.34 -58.09
CA ALA A 1536 -15.38 14.59 -57.59
C ALA A 1536 -14.36 15.23 -56.66
N VAL A 1537 -14.22 16.54 -56.73
CA VAL A 1537 -13.21 17.27 -55.98
C VAL A 1537 -13.88 18.13 -54.93
N LEU A 1538 -13.36 18.09 -53.70
CA LEU A 1538 -13.93 18.84 -52.59
C LEU A 1538 -13.30 20.21 -52.38
N SER A 1539 -12.01 20.36 -52.72
CA SER A 1539 -11.40 21.67 -52.98
C SER A 1539 -11.50 22.62 -51.78
N THR A 1540 -10.79 22.26 -50.72
CA THR A 1540 -10.72 23.12 -49.55
C THR A 1540 -9.39 23.86 -49.53
N ALA A 1541 -9.21 24.68 -48.48
CA ALA A 1541 -8.00 25.48 -48.34
C ALA A 1541 -7.82 25.91 -46.89
N SER A 1549 -1.68 26.86 -51.20
CA SER A 1549 -2.67 27.71 -50.54
C SER A 1549 -4.04 27.03 -50.50
N VAL A 1550 -4.28 26.15 -51.47
CA VAL A 1550 -5.51 25.38 -51.55
C VAL A 1550 -5.13 23.91 -51.72
N ILE A 1551 -6.12 23.04 -51.52
CA ILE A 1551 -5.94 21.60 -51.68
C ILE A 1551 -7.20 20.99 -52.27
N HIS A 1552 -7.00 20.00 -53.14
CA HIS A 1552 -8.09 19.31 -53.82
C HIS A 1552 -7.97 17.83 -53.52
N PHE A 1553 -8.78 17.34 -52.59
CA PHE A 1553 -8.83 15.92 -52.32
C PHE A 1553 -10.16 15.38 -52.79
N SER A 1554 -10.13 14.26 -53.48
CA SER A 1554 -11.30 13.79 -54.18
C SER A 1554 -12.34 13.21 -53.22
N HIS A 1555 -13.61 13.46 -53.55
CA HIS A 1555 -14.71 13.20 -52.62
C HIS A 1555 -14.87 11.71 -52.34
N GLY A 1556 -14.69 10.87 -53.35
CA GLY A 1556 -14.81 9.43 -53.13
C GLY A 1556 -13.74 8.91 -52.18
N GLU A 1557 -12.51 9.39 -52.33
CA GLU A 1557 -11.43 9.00 -51.43
C GLU A 1557 -11.63 9.56 -50.02
N TYR A 1558 -12.17 10.77 -49.88
CA TYR A 1558 -12.52 11.22 -48.53
C TYR A 1558 -13.58 10.32 -47.91
N PHE A 1559 -14.60 9.98 -48.69
CA PHE A 1559 -15.67 9.13 -48.18
C PHE A 1559 -15.12 7.78 -47.76
N TYR A 1560 -14.24 7.20 -48.56
CA TYR A 1560 -13.71 5.89 -48.22
C TYR A 1560 -12.75 5.98 -47.04
N SER A 1561 -11.91 7.02 -46.99
CA SER A 1561 -11.05 7.22 -45.84
C SER A 1561 -11.86 7.26 -44.55
N LEU A 1562 -13.01 7.94 -44.58
CA LEU A 1562 -13.82 8.04 -43.36
C LEU A 1562 -14.53 6.74 -43.04
N PHE A 1563 -15.09 6.06 -44.04
CA PHE A 1563 -16.01 4.95 -43.74
C PHE A 1563 -15.57 3.63 -44.35
N SER A 1564 -14.26 3.40 -44.48
CA SER A 1564 -13.79 2.16 -45.10
C SER A 1564 -14.18 0.93 -44.31
N GLU A 1565 -14.34 1.06 -42.99
CA GLU A 1565 -14.69 -0.09 -42.18
C GLU A 1565 -16.06 -0.67 -42.53
N THR A 1566 -16.91 0.09 -43.22
CA THR A 1566 -18.24 -0.35 -43.62
C THR A 1566 -18.39 -0.48 -45.12
N ILE A 1567 -17.79 0.44 -45.87
CA ILE A 1567 -17.89 0.37 -47.34
C ILE A 1567 -17.38 -0.97 -47.83
N ASN A 1568 -16.19 -1.36 -47.38
CA ASN A 1568 -15.62 -2.62 -47.80
C ASN A 1568 -16.39 -3.80 -47.22
N THR A 1569 -17.03 -3.63 -46.07
CA THR A 1569 -17.87 -4.71 -45.53
C THR A 1569 -19.02 -5.03 -46.47
N GLU A 1570 -19.68 -3.99 -46.99
CA GLU A 1570 -20.71 -4.23 -48.00
C GLU A 1570 -20.12 -4.79 -49.29
N LEU A 1571 -18.94 -4.28 -49.68
CA LEU A 1571 -18.27 -4.81 -50.85
C LEU A 1571 -18.01 -6.31 -50.67
N LEU A 1572 -17.69 -6.73 -49.46
CA LEU A 1572 -17.53 -8.16 -49.19
C LEU A 1572 -18.88 -8.85 -49.05
N LYS A 1573 -19.93 -8.11 -48.75
CA LYS A 1573 -21.27 -8.69 -48.79
C LYS A 1573 -21.55 -9.25 -50.17
N ASN A 1574 -21.28 -8.48 -51.21
CA ASN A 1574 -21.31 -9.05 -52.57
C ASN A 1574 -20.02 -8.73 -53.32
N LEU A 1575 -18.96 -9.45 -52.96
CA LEU A 1575 -17.69 -9.39 -53.67
C LEU A 1575 -17.83 -9.82 -55.13
N ASP A 1576 -18.62 -10.88 -55.39
CA ASP A 1576 -18.69 -11.41 -56.74
C ASP A 1576 -19.07 -10.34 -57.74
N LEU A 1577 -20.11 -9.57 -57.45
CA LEU A 1577 -20.44 -8.44 -58.32
C LEU A 1577 -19.47 -7.28 -58.13
N ALA A 1578 -19.11 -6.97 -56.88
CA ALA A 1578 -18.40 -5.73 -56.60
C ALA A 1578 -17.04 -5.70 -57.28
N VAL A 1579 -16.22 -6.73 -57.06
CA VAL A 1579 -14.87 -6.72 -57.62
C VAL A 1579 -14.93 -6.84 -59.14
N LEU A 1580 -15.88 -7.63 -59.64
CA LEU A 1580 -16.05 -7.77 -61.09
C LEU A 1580 -16.29 -6.42 -61.74
N GLU A 1581 -17.29 -5.69 -61.26
CA GLU A 1581 -17.57 -4.39 -61.87
C GLU A 1581 -16.50 -3.36 -61.53
N LEU A 1582 -15.81 -3.54 -60.39
CA LEU A 1582 -14.75 -2.64 -59.96
C LEU A 1582 -13.62 -2.67 -60.98
N MET A 1583 -13.01 -3.83 -61.12
CA MET A 1583 -11.87 -3.93 -62.01
C MET A 1583 -12.30 -4.16 -63.46
N GLN A 1584 -13.61 -4.15 -63.72
CA GLN A 1584 -14.09 -3.81 -65.05
C GLN A 1584 -13.77 -2.36 -65.38
N SER A 1585 -13.80 -1.48 -64.38
CA SER A 1585 -13.40 -0.10 -64.52
C SER A 1585 -12.02 0.16 -63.91
N SER A 1586 -11.09 -0.78 -64.10
CA SER A 1586 -9.77 -0.69 -63.50
C SER A 1586 -8.82 0.25 -64.23
N VAL A 1587 -9.22 0.82 -65.37
CA VAL A 1587 -8.26 1.50 -66.23
C VAL A 1587 -8.53 2.99 -66.26
N ASP A 1588 -9.79 3.38 -66.01
CA ASP A 1588 -10.14 4.80 -66.01
C ASP A 1588 -9.79 5.49 -64.71
N ASN A 1589 -9.59 4.73 -63.63
CA ASN A 1589 -9.20 5.28 -62.34
C ASN A 1589 -7.81 4.83 -61.92
N THR A 1590 -7.58 3.52 -61.82
CA THR A 1590 -6.32 2.86 -61.53
C THR A 1590 -5.78 3.12 -60.13
N LYS A 1591 -6.41 3.99 -59.35
CA LYS A 1591 -5.97 4.24 -57.98
C LYS A 1591 -7.02 3.86 -56.95
N MET A 1592 -8.24 4.38 -57.07
CA MET A 1592 -9.28 4.02 -56.11
C MET A 1592 -9.64 2.56 -56.19
N VAL A 1593 -9.57 1.98 -57.39
CA VAL A 1593 -9.75 0.53 -57.52
C VAL A 1593 -8.72 -0.20 -56.67
N SER A 1594 -7.46 0.20 -56.81
CA SER A 1594 -6.39 -0.43 -56.03
C SER A 1594 -6.63 -0.27 -54.55
N ALA A 1595 -6.95 0.95 -54.10
CA ALA A 1595 -7.14 1.17 -52.68
C ALA A 1595 -8.32 0.37 -52.15
N VAL A 1596 -9.40 0.29 -52.92
CA VAL A 1596 -10.59 -0.44 -52.48
C VAL A 1596 -10.27 -1.92 -52.32
N LEU A 1597 -9.66 -2.53 -53.34
CA LEU A 1597 -9.32 -3.95 -53.21
C LEU A 1597 -8.30 -4.18 -52.11
N ASN A 1598 -7.34 -3.27 -51.94
CA ASN A 1598 -6.34 -3.45 -50.91
C ASN A 1598 -6.95 -3.37 -49.52
N GLY A 1599 -7.83 -2.40 -49.28
CA GLY A 1599 -8.50 -2.33 -48.00
C GLY A 1599 -9.38 -3.53 -47.76
N MET A 1600 -10.09 -3.98 -48.81
CA MET A 1600 -10.91 -5.17 -48.68
C MET A 1600 -10.07 -6.37 -48.28
N LEU A 1601 -8.89 -6.52 -48.91
CA LEU A 1601 -8.02 -7.64 -48.60
C LEU A 1601 -7.43 -7.51 -47.20
N ASP A 1602 -7.07 -6.28 -46.80
CA ASP A 1602 -6.53 -6.08 -45.46
C ASP A 1602 -7.54 -6.46 -44.39
N GLN A 1603 -8.80 -6.06 -44.58
CA GLN A 1603 -9.81 -6.41 -43.59
C GLN A 1603 -10.20 -7.88 -43.66
N SER A 1604 -10.14 -8.48 -44.86
CA SER A 1604 -10.30 -9.92 -44.94
C SER A 1604 -9.22 -10.62 -44.13
N PHE A 1605 -7.98 -10.15 -44.26
CA PHE A 1605 -6.88 -10.64 -43.43
C PHE A 1605 -7.17 -10.44 -41.95
N ARG A 1606 -7.73 -9.28 -41.61
CA ARG A 1606 -8.06 -9.02 -40.21
C ARG A 1606 -9.05 -10.03 -39.68
N GLU A 1607 -10.04 -10.40 -40.48
CA GLU A 1607 -11.05 -11.37 -40.08
C GLU A 1607 -10.96 -12.64 -40.90
N ARG A 1608 -9.76 -13.00 -41.35
CA ARG A 1608 -9.59 -14.27 -42.05
C ARG A 1608 -9.86 -15.46 -41.15
N ALA A 1609 -9.86 -15.27 -39.83
CA ALA A 1609 -10.33 -16.28 -38.91
C ALA A 1609 -11.86 -16.19 -38.82
N ASN A 1610 -12.53 -17.30 -39.10
CA ASN A 1610 -13.99 -17.50 -39.16
C ASN A 1610 -14.61 -16.96 -40.45
N GLN A 1611 -13.83 -16.38 -41.35
CA GLN A 1611 -14.36 -15.91 -42.62
C GLN A 1611 -13.48 -16.39 -43.76
N LYS A 1612 -12.89 -17.58 -43.58
CA LYS A 1612 -12.05 -18.16 -44.62
C LYS A 1612 -12.79 -18.26 -45.93
N HIS A 1613 -14.12 -18.48 -45.87
CA HIS A 1613 -14.90 -18.56 -47.09
C HIS A 1613 -14.82 -17.27 -47.89
N GLN A 1614 -15.04 -16.12 -47.24
CA GLN A 1614 -14.99 -14.87 -47.97
C GLN A 1614 -13.57 -14.50 -48.35
N GLY A 1615 -12.59 -14.86 -47.53
CA GLY A 1615 -11.20 -14.59 -47.90
C GLY A 1615 -10.78 -15.34 -49.16
N LEU A 1616 -11.07 -16.63 -49.21
CA LEU A 1616 -10.73 -17.41 -50.39
C LEU A 1616 -11.56 -16.99 -51.59
N LYS A 1617 -12.83 -16.60 -51.36
CA LYS A 1617 -13.65 -16.13 -52.46
C LYS A 1617 -13.11 -14.84 -53.04
N LEU A 1618 -12.64 -13.93 -52.19
CA LEU A 1618 -12.02 -12.70 -52.66
C LEU A 1618 -10.79 -13.00 -53.50
N ALA A 1619 -9.90 -13.84 -52.96
CA ALA A 1619 -8.72 -14.23 -53.73
C ALA A 1619 -9.11 -14.81 -55.07
N THR A 1620 -10.06 -15.75 -55.07
CA THR A 1620 -10.42 -16.48 -56.28
C THR A 1620 -11.05 -15.57 -57.31
N THR A 1621 -11.95 -14.67 -56.90
CA THR A 1621 -12.58 -13.79 -57.89
C THR A 1621 -11.59 -12.78 -58.44
N ILE A 1622 -10.68 -12.27 -57.61
CA ILE A 1622 -9.69 -11.34 -58.12
C ILE A 1622 -8.82 -12.02 -59.17
N LEU A 1623 -8.28 -13.20 -58.84
CA LEU A 1623 -7.48 -13.92 -59.82
C LEU A 1623 -8.32 -14.43 -60.99
N GLN A 1624 -9.64 -14.55 -60.80
CA GLN A 1624 -10.53 -14.98 -61.87
C GLN A 1624 -10.67 -13.92 -62.94
N HIS A 1625 -10.87 -12.67 -62.53
CA HIS A 1625 -10.97 -11.57 -63.48
C HIS A 1625 -9.66 -10.86 -63.72
N TRP A 1626 -8.56 -11.38 -63.18
CA TRP A 1626 -7.22 -10.80 -63.32
C TRP A 1626 -6.86 -10.26 -64.69
N LYS A 1627 -7.41 -10.85 -65.76
CA LYS A 1627 -6.94 -10.52 -67.11
C LYS A 1627 -7.11 -9.05 -67.44
N LYS A 1628 -8.01 -8.33 -66.76
CA LYS A 1628 -8.18 -6.91 -66.99
C LYS A 1628 -7.13 -6.06 -66.27
N CYS A 1629 -6.29 -6.66 -65.45
CA CYS A 1629 -5.24 -5.94 -64.73
C CYS A 1629 -4.03 -5.67 -65.60
N ASP A 1630 -3.96 -6.28 -66.80
CA ASP A 1630 -2.75 -6.19 -67.62
C ASP A 1630 -2.44 -4.76 -68.04
N SER A 1631 -3.44 -3.89 -68.07
CA SER A 1631 -3.20 -2.51 -68.46
C SER A 1631 -2.31 -1.77 -67.48
N TRP A 1632 -2.20 -2.27 -66.25
CA TRP A 1632 -1.38 -1.62 -65.25
C TRP A 1632 0.12 -1.86 -65.45
N TRP A 1633 0.51 -2.93 -66.13
CA TRP A 1633 1.90 -3.29 -66.27
C TRP A 1633 2.25 -3.47 -67.75
N ALA A 1634 3.52 -3.22 -68.06
CA ALA A 1634 4.07 -3.35 -69.40
C ALA A 1634 5.58 -3.25 -69.27
N LYS A 1635 6.27 -3.19 -70.42
CA LYS A 1635 7.69 -2.85 -70.41
C LYS A 1635 7.91 -1.38 -70.07
N ASP A 1636 6.85 -0.57 -70.10
CA ASP A 1636 6.98 0.87 -69.92
C ASP A 1636 5.86 1.48 -69.06
N SER A 1637 5.16 0.67 -68.27
CA SER A 1637 4.12 1.20 -67.42
C SER A 1637 4.72 2.06 -66.30
N PRO A 1638 3.96 2.99 -65.75
CA PRO A 1638 4.45 3.78 -64.60
C PRO A 1638 4.90 2.87 -63.47
N LEU A 1639 6.03 3.23 -62.87
CA LEU A 1639 6.65 2.35 -61.87
C LEU A 1639 5.85 2.31 -60.58
N GLU A 1640 5.20 3.42 -60.21
CA GLU A 1640 4.33 3.39 -59.04
C GLU A 1640 3.17 2.43 -59.25
N THR A 1641 2.59 2.44 -60.45
CA THR A 1641 1.55 1.48 -60.78
C THR A 1641 2.09 0.07 -60.73
N LYS A 1642 3.31 -0.15 -61.24
CA LYS A 1642 3.90 -1.48 -61.23
C LYS A 1642 4.06 -2.00 -59.80
N MET A 1643 4.58 -1.16 -58.91
CA MET A 1643 4.78 -1.62 -57.53
C MET A 1643 3.44 -1.78 -56.82
N ALA A 1644 2.45 -0.98 -57.18
CA ALA A 1644 1.11 -1.19 -56.62
C ALA A 1644 0.56 -2.55 -57.04
N VAL A 1645 0.75 -2.93 -58.31
CA VAL A 1645 0.31 -4.24 -58.77
C VAL A 1645 1.07 -5.34 -58.05
N LEU A 1646 2.37 -5.17 -57.89
CA LEU A 1646 3.16 -6.18 -57.19
C LEU A 1646 2.70 -6.34 -55.75
N ALA A 1647 2.41 -5.22 -55.08
CA ALA A 1647 1.91 -5.26 -53.71
C ALA A 1647 0.56 -5.97 -53.66
N LEU A 1648 -0.32 -5.65 -54.61
CA LEU A 1648 -1.63 -6.31 -54.65
C LEU A 1648 -1.47 -7.81 -54.84
N LEU A 1649 -0.59 -8.22 -55.76
CA LEU A 1649 -0.37 -9.63 -56.01
C LEU A 1649 0.18 -10.31 -54.75
N ALA A 1650 1.12 -9.65 -54.08
CA ALA A 1650 1.66 -10.19 -52.83
C ALA A 1650 0.55 -10.43 -51.83
N LYS A 1651 -0.28 -9.42 -51.61
CA LYS A 1651 -1.33 -9.52 -50.60
C LYS A 1651 -2.31 -10.63 -50.95
N ILE A 1652 -2.65 -10.76 -52.24
CA ILE A 1652 -3.53 -11.83 -52.67
C ILE A 1652 -2.88 -13.19 -52.43
N LEU A 1653 -1.56 -13.27 -52.61
CA LEU A 1653 -0.88 -14.54 -52.45
C LEU A 1653 -0.83 -14.97 -50.99
N GLN A 1654 -0.58 -14.05 -50.07
CA GLN A 1654 -0.55 -14.46 -48.67
C GLN A 1654 -1.90 -14.38 -47.97
N ILE A 1655 -2.94 -13.84 -48.61
CA ILE A 1655 -4.26 -13.91 -47.99
C ILE A 1655 -4.79 -15.33 -48.01
N ASP A 1656 -4.62 -16.03 -49.14
CA ASP A 1656 -5.01 -17.43 -49.24
C ASP A 1656 -3.80 -18.31 -49.00
N SER A 1657 -4.03 -19.46 -48.38
CA SER A 1657 -2.98 -20.46 -48.29
C SER A 1657 -2.76 -21.09 -49.66
N SER A 1658 -1.66 -21.79 -49.81
CA SER A 1658 -1.36 -22.43 -51.09
C SER A 1658 -2.28 -23.63 -51.28
N VAL A 1659 -3.58 -23.34 -51.39
CA VAL A 1659 -4.60 -24.36 -51.56
C VAL A 1659 -5.41 -24.20 -52.84
N SER A 1660 -5.52 -22.97 -53.37
CA SER A 1660 -6.23 -22.74 -54.62
C SER A 1660 -5.36 -22.05 -55.67
N PHE A 1661 -4.18 -21.59 -55.31
CA PHE A 1661 -3.20 -21.06 -56.27
C PHE A 1661 -1.92 -21.87 -56.10
N ASN A 1662 -1.89 -23.05 -56.72
CA ASN A 1662 -0.69 -23.88 -56.73
C ASN A 1662 -0.17 -24.07 -58.15
N THR A 1663 -0.98 -24.60 -59.06
CA THR A 1663 -0.63 -24.77 -60.46
C THR A 1663 -1.86 -25.21 -61.23
N SER A 1664 -2.02 -24.66 -62.43
CA SER A 1664 -3.08 -25.07 -63.35
C SER A 1664 -4.46 -25.01 -62.68
N HIS A 1665 -4.67 -23.98 -61.86
CA HIS A 1665 -5.95 -23.83 -61.17
C HIS A 1665 -6.53 -22.42 -61.20
N GLY A 1666 -5.73 -21.38 -61.38
CA GLY A 1666 -6.20 -20.02 -61.19
C GLY A 1666 -5.87 -19.07 -62.31
N SER A 1667 -5.99 -19.55 -63.56
CA SER A 1667 -5.55 -18.78 -64.72
C SER A 1667 -4.07 -18.44 -64.59
N PHE A 1668 -3.28 -19.46 -64.23
CA PHE A 1668 -1.85 -19.28 -64.04
C PHE A 1668 -1.10 -18.70 -65.22
N PRO A 1669 -1.47 -18.95 -66.50
CA PRO A 1669 -0.73 -18.31 -67.60
C PRO A 1669 -0.52 -16.82 -67.42
N GLU A 1670 -1.61 -16.05 -67.29
CA GLU A 1670 -1.47 -14.59 -67.22
C GLU A 1670 -0.75 -14.16 -65.95
N VAL A 1671 -1.05 -14.78 -64.80
CA VAL A 1671 -0.44 -14.37 -63.55
C VAL A 1671 1.06 -14.63 -63.58
N PHE A 1672 1.45 -15.82 -64.02
CA PHE A 1672 2.85 -16.17 -64.11
C PHE A 1672 3.58 -15.27 -65.10
N THR A 1673 2.93 -14.96 -66.23
CA THR A 1673 3.56 -14.06 -67.20
C THR A 1673 3.74 -12.67 -66.63
N THR A 1674 2.77 -12.19 -65.86
CA THR A 1674 2.91 -10.89 -65.20
C THR A 1674 4.06 -10.89 -64.22
N TYR A 1675 4.16 -11.95 -63.41
CA TYR A 1675 5.25 -12.05 -62.44
C TYR A 1675 6.60 -12.08 -63.13
N ILE A 1676 6.71 -12.86 -64.21
CA ILE A 1676 7.97 -12.99 -64.94
C ILE A 1676 8.30 -11.70 -65.66
N SER A 1677 7.29 -10.99 -66.17
CA SER A 1677 7.52 -9.70 -66.81
C SER A 1677 8.04 -8.68 -65.81
N LEU A 1678 7.50 -8.69 -64.59
CA LEU A 1678 8.04 -7.82 -63.56
C LEU A 1678 9.48 -8.20 -63.23
N LEU A 1679 9.73 -9.48 -62.93
CA LEU A 1679 11.07 -9.90 -62.55
C LEU A 1679 12.10 -9.68 -63.65
N ALA A 1680 11.69 -9.76 -64.91
CA ALA A 1680 12.58 -9.58 -66.04
C ALA A 1680 12.60 -8.15 -66.56
N ASP A 1681 11.79 -7.26 -65.98
CA ASP A 1681 11.83 -5.85 -66.34
C ASP A 1681 12.91 -5.19 -65.50
N THR A 1682 14.14 -5.21 -66.03
CA THR A 1682 15.30 -4.76 -65.27
C THR A 1682 15.19 -3.30 -64.85
N LYS A 1683 14.30 -2.53 -65.48
CA LYS A 1683 14.03 -1.17 -65.02
C LYS A 1683 13.60 -1.16 -63.56
N LEU A 1684 12.87 -2.19 -63.14
CA LEU A 1684 12.46 -2.30 -61.75
C LEU A 1684 13.68 -2.51 -60.88
N ASP A 1685 13.88 -1.61 -59.92
CA ASP A 1685 15.12 -1.59 -59.16
C ASP A 1685 15.28 -2.85 -58.31
N LEU A 1686 16.49 -3.03 -57.78
CA LEU A 1686 16.86 -4.27 -57.12
C LEU A 1686 16.01 -4.53 -55.88
N HIS A 1687 15.69 -3.47 -55.13
CA HIS A 1687 14.86 -3.66 -53.94
C HIS A 1687 13.47 -4.14 -54.32
N LEU A 1688 12.89 -3.59 -55.39
CA LEU A 1688 11.60 -4.08 -55.86
C LEU A 1688 11.69 -5.53 -56.32
N LYS A 1689 12.78 -5.88 -57.01
CA LYS A 1689 12.95 -7.26 -57.42
C LYS A 1689 13.01 -8.20 -56.21
N GLY A 1690 13.76 -7.79 -55.19
CA GLY A 1690 13.82 -8.57 -53.97
C GLY A 1690 12.49 -8.67 -53.26
N GLN A 1691 11.68 -7.62 -53.35
CA GLN A 1691 10.31 -7.71 -52.88
C GLN A 1691 9.53 -8.75 -53.68
N ALA A 1692 9.76 -8.77 -55.00
CA ALA A 1692 9.04 -9.72 -55.86
C ALA A 1692 9.39 -11.15 -55.51
N VAL A 1693 10.67 -11.43 -55.24
CA VAL A 1693 11.11 -12.79 -54.98
C VAL A 1693 10.71 -13.29 -53.60
N THR A 1694 10.00 -12.48 -52.83
CA THR A 1694 9.52 -12.93 -51.52
C THR A 1694 8.43 -13.98 -51.67
N LEU A 1695 7.72 -13.97 -52.80
CA LEU A 1695 6.56 -14.82 -53.04
C LEU A 1695 6.92 -16.13 -53.72
N LEU A 1696 8.21 -16.40 -53.94
CA LEU A 1696 8.61 -17.63 -54.60
C LEU A 1696 8.08 -18.89 -53.94
N PRO A 1697 8.06 -19.03 -52.60
CA PRO A 1697 7.49 -20.24 -51.99
C PRO A 1697 6.02 -20.47 -52.32
N PHE A 1698 5.39 -19.59 -53.10
CA PHE A 1698 4.10 -19.86 -53.69
C PHE A 1698 4.19 -20.31 -55.15
N PHE A 1699 5.33 -20.04 -55.81
CA PHE A 1699 5.51 -20.37 -57.22
C PHE A 1699 6.47 -21.53 -57.44
N THR A 1700 7.02 -22.10 -56.38
CA THR A 1700 8.03 -23.15 -56.55
C THR A 1700 7.43 -24.52 -56.81
N SER A 1701 6.13 -24.72 -56.62
CA SER A 1701 5.55 -26.05 -56.86
C SER A 1701 5.05 -26.18 -58.29
N LEU A 1702 5.93 -25.87 -59.24
CA LEU A 1702 5.66 -26.01 -60.67
C LEU A 1702 6.82 -26.73 -61.34
N THR A 1703 7.24 -27.83 -60.74
CA THR A 1703 8.24 -28.67 -61.38
C THR A 1703 7.67 -29.27 -62.66
N GLY A 1704 8.48 -29.26 -63.71
CA GLY A 1704 8.06 -29.85 -64.97
C GLY A 1704 7.50 -28.83 -65.96
N GLY A 1705 8.28 -28.54 -66.99
CA GLY A 1705 7.83 -27.70 -68.08
C GLY A 1705 7.84 -26.21 -67.82
N SER A 1706 7.82 -25.76 -66.57
CA SER A 1706 7.79 -24.32 -66.32
C SER A 1706 8.73 -23.83 -65.23
N LEU A 1707 9.39 -24.70 -64.46
CA LEU A 1707 10.39 -24.23 -63.51
C LEU A 1707 11.57 -23.57 -64.20
N GLU A 1708 11.83 -23.94 -65.45
CA GLU A 1708 13.02 -23.43 -66.15
C GLU A 1708 12.95 -21.93 -66.36
N GLU A 1709 11.77 -21.39 -66.65
CA GLU A 1709 11.64 -19.94 -66.86
C GLU A 1709 11.98 -19.19 -65.58
N LEU A 1710 11.43 -19.64 -64.45
CA LEU A 1710 11.75 -19.01 -63.18
C LEU A 1710 13.25 -19.11 -62.90
N ARG A 1711 13.83 -20.28 -63.19
CA ARG A 1711 15.25 -20.46 -62.94
C ARG A 1711 16.07 -19.45 -63.75
N ARG A 1712 15.85 -19.39 -65.06
CA ARG A 1712 16.66 -18.53 -65.91
C ARG A 1712 16.45 -17.07 -65.55
N VAL A 1713 15.24 -16.70 -65.11
CA VAL A 1713 15.05 -15.36 -64.58
C VAL A 1713 15.93 -15.15 -63.37
N LEU A 1714 16.05 -16.16 -62.50
CA LEU A 1714 16.91 -16.00 -61.34
C LEU A 1714 18.37 -15.79 -61.74
N GLU A 1715 18.87 -16.57 -62.69
CA GLU A 1715 20.28 -16.36 -63.05
C GLU A 1715 20.49 -15.04 -63.80
N GLN A 1716 19.55 -14.61 -64.63
CA GLN A 1716 19.75 -13.30 -65.26
C GLN A 1716 19.75 -12.21 -64.20
N LEU A 1717 18.92 -12.35 -63.17
CA LEU A 1717 18.97 -11.42 -62.04
C LEU A 1717 20.32 -11.45 -61.36
N ILE A 1718 20.84 -12.64 -61.06
CA ILE A 1718 22.07 -12.71 -60.28
C ILE A 1718 23.24 -12.16 -61.09
N VAL A 1719 23.26 -12.41 -62.40
CA VAL A 1719 24.37 -11.92 -63.19
C VAL A 1719 24.23 -10.43 -63.47
N ALA A 1720 23.01 -9.89 -63.50
CA ALA A 1720 22.84 -8.47 -63.72
C ALA A 1720 22.91 -7.65 -62.44
N HIS A 1721 22.87 -8.28 -61.26
CA HIS A 1721 22.82 -7.48 -60.03
C HIS A 1721 23.67 -8.01 -58.88
N PHE A 1722 24.51 -9.02 -59.09
CA PHE A 1722 25.36 -9.57 -58.03
C PHE A 1722 26.84 -9.50 -58.40
N PRO A 1723 27.73 -9.60 -57.40
CA PRO A 1723 29.16 -9.58 -57.68
C PRO A 1723 29.69 -10.92 -58.17
N MET A 1724 31.01 -11.02 -58.29
CA MET A 1724 31.67 -12.27 -58.63
C MET A 1724 32.46 -12.85 -57.47
N GLN A 1725 32.69 -12.09 -56.41
CA GLN A 1725 33.47 -12.54 -55.26
C GLN A 1725 32.84 -12.17 -53.93
N SER A 1726 31.79 -11.35 -53.92
CA SER A 1726 31.12 -10.89 -52.71
C SER A 1726 32.00 -10.04 -51.82
N ARG A 1727 33.05 -9.42 -52.36
CA ARG A 1727 33.97 -8.66 -51.52
C ARG A 1727 34.21 -7.25 -52.04
N GLU A 1728 34.04 -7.03 -53.35
CA GLU A 1728 34.29 -5.69 -53.88
C GLU A 1728 33.31 -4.68 -53.30
N PHE A 1729 32.19 -5.13 -52.77
CA PHE A 1729 31.35 -4.27 -51.97
C PHE A 1729 32.07 -3.93 -50.67
N PRO A 1730 32.22 -2.66 -50.32
CA PRO A 1730 32.73 -2.32 -49.00
C PRO A 1730 31.64 -2.50 -47.96
N PRO A 1731 31.95 -3.15 -46.84
CA PRO A 1731 30.99 -3.20 -45.74
C PRO A 1731 30.61 -1.79 -45.29
N GLY A 1732 29.33 -1.60 -45.01
CA GLY A 1732 28.79 -0.31 -44.68
C GLY A 1732 28.26 0.48 -45.86
N THR A 1733 28.65 0.10 -47.07
CA THR A 1733 28.17 0.73 -48.29
C THR A 1733 26.75 0.27 -48.61
N PRO A 1734 25.86 1.18 -49.01
CA PRO A 1734 24.47 0.78 -49.31
C PRO A 1734 24.38 -0.33 -50.33
N ARG A 1735 25.28 -0.37 -51.31
CA ARG A 1735 25.29 -1.47 -52.27
C ARG A 1735 25.53 -2.80 -51.57
N PHE A 1736 26.47 -2.81 -50.62
CA PHE A 1736 26.73 -4.02 -49.84
C PHE A 1736 25.52 -4.39 -49.00
N ASN A 1737 24.85 -3.40 -48.41
CA ASN A 1737 23.66 -3.69 -47.62
C ASN A 1737 22.54 -4.27 -48.50
N ASN A 1738 22.37 -3.73 -49.71
CA ASN A 1738 21.39 -4.31 -50.63
C ASN A 1738 21.75 -5.75 -50.96
N TYR A 1739 23.02 -6.03 -51.18
CA TYR A 1739 23.42 -7.41 -51.45
C TYR A 1739 23.08 -8.31 -50.27
N VAL A 1740 23.40 -7.86 -49.05
CA VAL A 1740 23.13 -8.67 -47.87
C VAL A 1740 21.64 -8.93 -47.76
N ASP A 1741 20.82 -7.90 -47.97
CA ASP A 1741 19.38 -8.06 -47.86
C ASP A 1741 18.85 -9.02 -48.91
N CYS A 1742 19.28 -8.86 -50.16
CA CYS A 1742 18.79 -9.70 -51.24
C CYS A 1742 19.16 -11.16 -50.99
N MET A 1743 20.39 -11.41 -50.56
CA MET A 1743 20.78 -12.78 -50.28
C MET A 1743 20.07 -13.35 -49.06
N LYS A 1744 19.76 -12.50 -48.08
CA LYS A 1744 18.98 -12.97 -46.93
C LYS A 1744 17.58 -13.35 -47.37
N LYS A 1745 16.97 -12.57 -48.25
CA LYS A 1745 15.63 -12.90 -48.73
C LYS A 1745 15.63 -14.15 -49.59
N PHE A 1746 16.69 -14.35 -50.38
CA PHE A 1746 16.80 -15.59 -51.14
C PHE A 1746 16.95 -16.79 -50.22
N LEU A 1747 17.74 -16.65 -49.16
CA LEU A 1747 17.80 -17.68 -48.14
C LEU A 1747 16.43 -17.94 -47.54
N ASP A 1748 15.69 -16.86 -47.26
CA ASP A 1748 14.36 -17.00 -46.68
C ASP A 1748 13.46 -17.82 -47.59
N ALA A 1749 13.46 -17.48 -48.87
CA ALA A 1749 12.73 -18.27 -49.85
C ALA A 1749 13.16 -19.73 -49.79
N LEU A 1750 14.47 -19.97 -49.66
CA LEU A 1750 14.98 -21.33 -49.62
C LEU A 1750 14.42 -22.10 -48.42
N GLU A 1751 14.48 -21.51 -47.23
CA GLU A 1751 14.03 -22.24 -46.05
C GLU A 1751 12.53 -22.50 -46.11
N LEU A 1752 11.75 -21.51 -46.58
CA LEU A 1752 10.31 -21.75 -46.69
C LEU A 1752 10.01 -22.86 -47.69
N SER A 1753 10.70 -22.89 -48.82
CA SER A 1753 10.29 -23.75 -49.92
C SER A 1753 10.87 -25.15 -49.88
N GLN A 1754 12.06 -25.36 -49.30
CA GLN A 1754 12.79 -26.60 -49.47
C GLN A 1754 13.01 -26.90 -50.95
N SER A 1755 13.20 -25.84 -51.72
CA SER A 1755 13.27 -25.96 -53.16
C SER A 1755 14.64 -26.48 -53.60
N PRO A 1756 14.71 -27.58 -54.34
CA PRO A 1756 16.01 -28.00 -54.88
C PRO A 1756 16.65 -26.95 -55.77
N MET A 1757 15.86 -26.25 -56.58
CA MET A 1757 16.42 -25.23 -57.46
C MET A 1757 16.97 -24.06 -56.65
N LEU A 1758 16.23 -23.60 -55.65
CA LEU A 1758 16.73 -22.54 -54.79
C LEU A 1758 17.98 -22.97 -54.03
N LEU A 1759 18.00 -24.20 -53.54
CA LEU A 1759 19.19 -24.70 -52.85
C LEU A 1759 20.38 -24.75 -53.80
N GLU A 1760 20.15 -25.17 -55.04
CA GLU A 1760 21.22 -25.19 -56.04
C GLU A 1760 21.80 -23.80 -56.25
N LEU A 1761 20.93 -22.82 -56.52
CA LEU A 1761 21.43 -21.46 -56.78
C LEU A 1761 22.15 -20.89 -55.56
N MET A 1762 21.59 -21.10 -54.36
CA MET A 1762 22.21 -20.56 -53.16
C MET A 1762 23.58 -21.17 -52.91
N THR A 1763 23.69 -22.50 -53.00
CA THR A 1763 24.98 -23.12 -52.75
C THR A 1763 25.97 -22.81 -53.88
N GLU A 1764 25.48 -22.61 -55.10
CA GLU A 1764 26.38 -22.26 -56.20
C GLU A 1764 26.98 -20.88 -56.00
N VAL A 1765 26.16 -19.91 -55.60
CA VAL A 1765 26.70 -18.58 -55.33
C VAL A 1765 27.59 -18.62 -54.10
N LEU A 1766 27.21 -19.41 -53.10
CA LEU A 1766 28.00 -19.49 -51.86
C LEU A 1766 29.39 -20.04 -52.13
N CYS A 1767 29.48 -21.08 -52.95
CA CYS A 1767 30.74 -21.75 -53.18
C CYS A 1767 31.53 -21.20 -54.36
N ARG A 1768 31.06 -20.11 -54.99
CA ARG A 1768 31.84 -19.46 -56.02
C ARG A 1768 33.15 -18.91 -55.45
N GLU A 1769 33.09 -18.29 -54.27
CA GLU A 1769 34.26 -17.81 -53.58
C GLU A 1769 34.34 -18.47 -52.21
N GLN A 1770 35.53 -18.95 -51.86
CA GLN A 1770 35.73 -19.61 -50.58
C GLN A 1770 35.57 -18.61 -49.43
N GLN A 1771 34.89 -19.04 -48.38
CA GLN A 1771 34.59 -18.22 -47.21
C GLN A 1771 33.80 -16.97 -47.61
N HIS A 1772 32.58 -17.22 -48.06
CA HIS A 1772 31.64 -16.14 -48.29
C HIS A 1772 31.27 -15.47 -46.97
N VAL A 1773 30.86 -14.20 -47.06
CA VAL A 1773 30.68 -13.38 -45.86
C VAL A 1773 29.59 -13.97 -44.96
N MET A 1774 28.43 -14.31 -45.53
CA MET A 1774 27.33 -14.86 -44.76
C MET A 1774 27.37 -16.37 -44.69
N GLU A 1775 28.55 -16.97 -44.77
CA GLU A 1775 28.67 -18.42 -44.74
C GLU A 1775 27.94 -19.01 -43.54
N GLU A 1776 28.02 -18.35 -42.38
CA GLU A 1776 27.33 -18.87 -41.20
C GLU A 1776 25.82 -18.85 -41.40
N LEU A 1777 25.29 -17.77 -41.98
CA LEU A 1777 23.86 -17.71 -42.22
C LEU A 1777 23.42 -18.80 -43.19
N PHE A 1778 24.21 -19.05 -44.24
CA PHE A 1778 23.92 -20.17 -45.12
C PHE A 1778 23.95 -21.49 -44.34
N GLN A 1779 24.93 -21.68 -43.47
CA GLN A 1779 25.01 -22.94 -42.76
C GLN A 1779 23.79 -23.14 -41.87
N SER A 1780 23.37 -22.09 -41.18
CA SER A 1780 22.15 -22.19 -40.38
C SER A 1780 20.94 -22.45 -41.26
N SER A 1781 20.92 -21.84 -42.46
CA SER A 1781 19.83 -22.06 -43.39
C SER A 1781 19.71 -23.52 -43.78
N PHE A 1782 20.81 -24.12 -44.21
CA PHE A 1782 20.78 -25.53 -44.60
C PHE A 1782 20.55 -26.45 -43.41
N ARG A 1783 21.05 -26.07 -42.22
CA ARG A 1783 20.68 -26.79 -41.00
C ARG A 1783 19.17 -26.84 -40.84
N ARG A 1784 18.52 -25.67 -40.93
CA ARG A 1784 17.07 -25.62 -40.78
C ARG A 1784 16.38 -26.43 -41.87
N ILE A 1785 16.85 -26.33 -43.11
CA ILE A 1785 16.14 -26.92 -44.22
C ILE A 1785 16.31 -28.43 -44.26
N ALA A 1786 17.39 -28.97 -43.69
CA ALA A 1786 17.55 -30.40 -43.53
C ALA A 1786 16.95 -30.90 -42.22
N ARG A 1787 16.01 -30.15 -41.66
CA ARG A 1787 15.32 -30.55 -40.44
C ARG A 1787 13.81 -30.35 -40.54
N ARG A 1788 13.30 -29.83 -41.64
CA ARG A 1788 11.90 -29.44 -41.76
C ARG A 1788 11.15 -30.25 -42.81
N GLY A 1789 11.69 -30.32 -44.03
CA GLY A 1789 10.98 -31.00 -45.10
C GLY A 1789 10.88 -32.49 -44.86
N SER A 1790 9.94 -33.11 -45.57
CA SER A 1790 9.71 -34.55 -45.45
C SER A 1790 10.95 -35.31 -45.90
N CYS A 1791 11.17 -36.47 -45.29
CA CYS A 1791 12.40 -37.23 -45.53
C CYS A 1791 12.62 -37.47 -47.02
N VAL A 1792 11.54 -37.67 -47.77
CA VAL A 1792 11.66 -37.83 -49.22
C VAL A 1792 12.21 -36.55 -49.84
N THR A 1793 11.70 -35.38 -49.40
CA THR A 1793 12.22 -34.13 -49.92
C THR A 1793 13.67 -33.92 -49.54
N GLN A 1794 14.03 -34.29 -48.31
CA GLN A 1794 15.41 -34.12 -47.84
C GLN A 1794 16.38 -34.96 -48.66
N VAL A 1795 16.05 -36.24 -48.86
CA VAL A 1795 16.91 -37.07 -49.68
C VAL A 1795 16.86 -36.63 -51.13
N GLY A 1796 15.79 -35.99 -51.57
CA GLY A 1796 15.79 -35.39 -52.89
C GLY A 1796 16.78 -34.25 -53.02
N LEU A 1797 16.86 -33.41 -51.99
CA LEU A 1797 17.87 -32.36 -51.98
C LEU A 1797 19.27 -32.96 -51.97
N LEU A 1798 19.45 -34.02 -51.19
CA LEU A 1798 20.72 -34.73 -51.16
C LEU A 1798 21.10 -35.23 -52.55
N GLU A 1799 20.13 -35.83 -53.24
CA GLU A 1799 20.37 -36.34 -54.59
C GLU A 1799 20.66 -35.21 -55.57
N SER A 1800 20.01 -34.07 -55.40
CA SER A 1800 20.29 -32.91 -56.25
C SER A 1800 21.72 -32.44 -56.08
N VAL A 1801 22.17 -32.35 -54.82
CA VAL A 1801 23.55 -31.95 -54.56
C VAL A 1801 24.53 -32.95 -55.16
N TYR A 1802 24.26 -34.25 -54.99
CA TYR A 1802 25.14 -35.26 -55.58
C TYR A 1802 25.17 -35.14 -57.10
N GLU A 1803 24.01 -34.94 -57.72
CA GLU A 1803 23.92 -34.87 -59.18
C GLU A 1803 24.68 -33.67 -59.72
N MET A 1804 24.50 -32.50 -59.11
CA MET A 1804 25.26 -31.33 -59.54
C MET A 1804 26.74 -31.51 -59.24
N PHE A 1805 27.06 -32.33 -58.23
CA PHE A 1805 28.46 -32.65 -57.94
C PHE A 1805 29.11 -33.45 -59.07
N ARG A 1806 28.43 -34.48 -59.56
CA ARG A 1806 29.04 -35.42 -60.50
C ARG A 1806 28.87 -35.02 -61.96
N LYS A 1807 28.72 -33.73 -62.26
CA LYS A 1807 28.37 -33.28 -63.59
C LYS A 1807 29.61 -32.82 -64.36
N ASP A 1808 29.68 -33.20 -65.63
CA ASP A 1808 30.78 -32.82 -66.50
C ASP A 1808 30.61 -31.38 -66.98
N ASP A 1809 31.40 -30.99 -67.98
CA ASP A 1809 31.66 -29.59 -68.30
C ASP A 1809 32.17 -28.94 -67.02
N PRO A 1810 33.33 -29.36 -66.52
CA PRO A 1810 33.73 -29.00 -65.15
C PRO A 1810 33.83 -27.49 -64.97
N ARG A 1811 33.55 -27.06 -63.74
CA ARG A 1811 33.38 -25.66 -63.40
C ARG A 1811 34.27 -25.29 -62.21
N LEU A 1812 35.55 -25.61 -62.32
CA LEU A 1812 36.53 -25.41 -61.24
C LEU A 1812 36.15 -26.25 -60.02
N SER A 1813 36.30 -27.57 -60.20
CA SER A 1813 36.03 -28.53 -59.13
C SER A 1813 36.73 -28.19 -57.82
N PHE A 1814 37.72 -27.29 -57.86
CA PHE A 1814 38.13 -26.59 -56.65
C PHE A 1814 36.91 -26.09 -55.87
N THR A 1815 35.91 -25.58 -56.59
CA THR A 1815 34.67 -25.17 -55.96
C THR A 1815 33.75 -26.37 -55.71
N ARG A 1816 33.98 -27.49 -56.38
CA ARG A 1816 33.21 -28.70 -56.09
C ARG A 1816 33.58 -29.26 -54.72
N GLN A 1817 34.83 -29.08 -54.31
CA GLN A 1817 35.21 -29.34 -52.93
C GLN A 1817 34.30 -28.58 -51.97
N SER A 1818 34.10 -27.28 -52.22
CA SER A 1818 33.19 -26.50 -51.39
C SER A 1818 31.75 -26.96 -51.55
N PHE A 1819 31.37 -27.40 -52.75
CA PHE A 1819 30.03 -27.96 -52.96
C PHE A 1819 29.77 -29.12 -52.02
N VAL A 1820 30.73 -30.04 -51.91
CA VAL A 1820 30.55 -31.18 -51.02
C VAL A 1820 30.82 -30.82 -49.56
N ASP A 1821 31.47 -29.69 -49.29
CA ASP A 1821 31.85 -29.36 -47.92
C ASP A 1821 30.81 -28.48 -47.23
N ARG A 1822 30.57 -27.29 -47.78
CA ARG A 1822 29.83 -26.25 -47.08
C ARG A 1822 28.32 -26.46 -47.08
N SER A 1823 27.79 -27.32 -47.94
CA SER A 1823 26.35 -27.56 -47.94
C SER A 1823 25.99 -29.03 -47.84
N LEU A 1824 26.74 -29.90 -48.51
CA LEU A 1824 26.39 -31.32 -48.49
C LEU A 1824 26.52 -31.92 -47.10
N LEU A 1825 27.62 -31.61 -46.41
CA LEU A 1825 27.80 -32.11 -45.05
C LEU A 1825 26.72 -31.58 -44.13
N THR A 1826 26.38 -30.30 -44.28
CA THR A 1826 25.33 -29.69 -43.47
C THR A 1826 24.01 -30.41 -43.67
N LEU A 1827 23.65 -30.69 -44.92
CA LEU A 1827 22.42 -31.42 -45.18
C LEU A 1827 22.47 -32.81 -44.57
N LEU A 1828 23.59 -33.52 -44.75
CA LEU A 1828 23.69 -34.90 -44.31
C LEU A 1828 23.57 -35.02 -42.79
N TRP A 1829 24.25 -34.13 -42.06
CA TRP A 1829 24.42 -34.33 -40.63
C TRP A 1829 23.15 -34.16 -39.82
N HIS A 1830 22.06 -33.68 -40.42
CA HIS A 1830 20.88 -33.34 -39.64
C HIS A 1830 19.61 -34.08 -40.01
N CYS A 1831 19.42 -34.47 -41.28
CA CYS A 1831 18.24 -35.24 -41.67
C CYS A 1831 18.46 -36.72 -41.30
N SER A 1832 18.34 -37.00 -40.01
CA SER A 1832 18.89 -38.21 -39.43
C SER A 1832 17.99 -39.44 -39.57
N LEU A 1833 16.71 -39.28 -39.89
CA LEU A 1833 15.77 -40.39 -39.71
C LEU A 1833 15.94 -41.45 -40.79
N ASP A 1834 15.64 -41.11 -42.05
CA ASP A 1834 15.61 -42.09 -43.13
C ASP A 1834 16.33 -41.66 -44.39
N ALA A 1835 16.50 -40.35 -44.63
CA ALA A 1835 17.20 -39.88 -45.80
C ALA A 1835 18.65 -40.37 -45.84
N LEU A 1836 19.27 -40.57 -44.68
CA LEU A 1836 20.65 -41.06 -44.65
C LEU A 1836 20.75 -42.41 -45.35
N ARG A 1837 19.96 -43.39 -44.91
CA ARG A 1837 20.05 -44.72 -45.50
C ARG A 1837 19.45 -44.75 -46.90
N GLU A 1838 18.46 -43.89 -47.18
CA GLU A 1838 17.95 -43.83 -48.54
C GLU A 1838 19.04 -43.37 -49.50
N PHE A 1839 19.76 -42.31 -49.14
CA PHE A 1839 20.85 -41.82 -49.97
C PHE A 1839 21.98 -42.85 -50.05
N PHE A 1840 22.29 -43.51 -48.93
CA PHE A 1840 23.32 -44.54 -48.94
C PHE A 1840 22.96 -45.68 -49.88
N SER A 1841 21.71 -46.14 -49.83
CA SER A 1841 21.28 -47.20 -50.75
C SER A 1841 21.32 -46.71 -52.18
N THR A 1842 20.89 -45.46 -52.42
CA THR A 1842 20.89 -44.93 -53.77
C THR A 1842 22.30 -44.81 -54.33
N ILE A 1843 23.30 -44.60 -53.48
CA ILE A 1843 24.65 -44.42 -53.99
C ILE A 1843 25.45 -45.73 -54.00
N VAL A 1844 25.17 -46.67 -53.09
CA VAL A 1844 26.05 -47.81 -52.88
C VAL A 1844 26.21 -48.65 -54.13
N VAL A 1845 25.33 -48.47 -55.11
CA VAL A 1845 25.47 -49.18 -56.39
C VAL A 1845 26.65 -48.63 -57.19
N ASP A 1846 26.84 -47.31 -57.18
CA ASP A 1846 27.73 -46.64 -58.13
C ASP A 1846 28.85 -45.83 -57.49
N ALA A 1847 28.65 -45.29 -56.28
CA ALA A 1847 29.63 -44.39 -55.68
C ALA A 1847 30.93 -45.10 -55.38
N ILE A 1848 30.86 -46.36 -54.91
CA ILE A 1848 32.06 -47.13 -54.65
C ILE A 1848 32.88 -47.34 -55.90
N ASP A 1849 32.24 -47.35 -57.08
CA ASP A 1849 32.96 -47.56 -58.32
C ASP A 1849 33.88 -46.38 -58.63
N VAL A 1850 33.50 -45.18 -58.20
CA VAL A 1850 34.37 -44.02 -58.41
C VAL A 1850 35.66 -44.17 -57.61
N LEU A 1851 35.56 -44.79 -56.43
CA LEU A 1851 36.73 -45.00 -55.59
C LEU A 1851 37.50 -46.26 -55.95
N LYS A 1852 36.88 -47.20 -56.67
CA LYS A 1852 37.44 -48.53 -56.82
C LYS A 1852 38.87 -48.54 -57.36
N SER A 1853 39.07 -48.19 -58.63
CA SER A 1853 40.40 -48.31 -59.20
C SER A 1853 40.81 -47.20 -60.15
N ARG A 1854 40.00 -46.16 -60.36
CA ARG A 1854 40.31 -45.17 -61.39
C ARG A 1854 41.38 -44.22 -60.89
N PHE A 1855 42.62 -44.70 -60.93
CA PHE A 1855 43.81 -43.85 -60.89
C PHE A 1855 44.25 -43.46 -62.28
N THR A 1856 43.44 -43.78 -63.29
CA THR A 1856 43.76 -43.48 -64.68
C THR A 1856 43.83 -41.97 -64.89
N LYS A 1857 44.59 -41.57 -65.90
CA LYS A 1857 44.92 -40.17 -66.18
C LYS A 1857 45.77 -39.56 -65.08
N LEU A 1858 46.44 -40.40 -64.29
CA LEU A 1858 47.42 -39.91 -63.33
C LEU A 1858 48.55 -39.16 -64.03
N ASN A 1859 48.89 -39.60 -65.24
CA ASN A 1859 49.91 -38.95 -66.05
C ASN A 1859 49.32 -38.04 -67.13
N GLU A 1860 48.00 -37.78 -67.08
CA GLU A 1860 47.34 -36.94 -68.06
C GLU A 1860 46.92 -35.58 -67.51
N SER A 1861 47.19 -35.31 -66.23
CA SER A 1861 46.92 -34.04 -65.56
C SER A 1861 45.44 -33.73 -65.42
N THR A 1862 44.56 -34.72 -65.59
CA THR A 1862 43.14 -34.54 -65.36
C THR A 1862 42.62 -35.38 -64.20
N PHE A 1863 43.44 -36.27 -63.64
CA PHE A 1863 43.02 -37.09 -62.52
C PHE A 1863 42.77 -36.27 -61.26
N ASP A 1864 43.17 -35.00 -61.24
CA ASP A 1864 42.94 -34.15 -60.08
C ASP A 1864 41.45 -34.03 -59.78
N THR A 1865 40.63 -33.86 -60.81
CA THR A 1865 39.18 -33.84 -60.60
C THR A 1865 38.69 -35.17 -60.06
N GLN A 1866 39.23 -36.28 -60.58
CA GLN A 1866 38.83 -37.60 -60.08
C GLN A 1866 39.14 -37.75 -58.60
N ILE A 1867 40.31 -37.30 -58.15
CA ILE A 1867 40.64 -37.49 -56.75
C ILE A 1867 39.91 -36.49 -55.87
N THR A 1868 39.56 -35.32 -56.42
CA THR A 1868 38.67 -34.42 -55.69
C THR A 1868 37.32 -35.09 -55.44
N LYS A 1869 36.76 -35.71 -56.48
CA LYS A 1869 35.53 -36.46 -56.30
C LYS A 1869 35.73 -37.63 -55.35
N LYS A 1870 36.90 -38.25 -55.39
CA LYS A 1870 37.15 -39.40 -54.52
C LYS A 1870 37.19 -38.99 -53.05
N MET A 1871 37.86 -37.88 -52.74
CA MET A 1871 37.86 -37.40 -51.36
C MET A 1871 36.46 -36.93 -50.96
N GLY A 1872 35.71 -36.37 -51.91
CA GLY A 1872 34.32 -36.05 -51.61
C GLY A 1872 33.50 -37.28 -51.24
N TYR A 1873 33.66 -38.35 -52.02
CA TYR A 1873 32.93 -39.58 -51.75
C TYR A 1873 33.35 -40.19 -50.41
N TYR A 1874 34.65 -40.13 -50.10
CA TYR A 1874 35.12 -40.58 -48.79
C TYR A 1874 34.45 -39.79 -47.67
N LYS A 1875 34.36 -38.47 -47.81
CA LYS A 1875 33.68 -37.67 -46.80
C LYS A 1875 32.20 -38.04 -46.70
N ILE A 1876 31.56 -38.28 -47.86
CA ILE A 1876 30.15 -38.64 -47.88
C ILE A 1876 29.92 -39.95 -47.12
N LEU A 1877 30.71 -40.97 -47.44
CA LEU A 1877 30.58 -42.25 -46.77
C LEU A 1877 30.98 -42.16 -45.30
N ASP A 1878 31.95 -41.30 -44.97
CA ASP A 1878 32.31 -41.06 -43.59
C ASP A 1878 31.12 -40.54 -42.80
N VAL A 1879 30.46 -39.51 -43.34
CA VAL A 1879 29.32 -38.93 -42.64
C VAL A 1879 28.19 -39.95 -42.53
N MET A 1880 27.96 -40.72 -43.60
CA MET A 1880 26.93 -41.74 -43.53
C MET A 1880 27.23 -42.76 -42.43
N TYR A 1881 28.45 -43.29 -42.41
CA TYR A 1881 28.80 -44.25 -41.39
C TYR A 1881 28.79 -43.63 -40.00
N SER A 1882 28.92 -42.31 -39.90
CA SER A 1882 28.58 -41.63 -38.65
C SER A 1882 27.07 -41.71 -38.42
N ARG A 1883 26.70 -41.99 -37.18
CA ARG A 1883 25.32 -42.01 -36.68
C ARG A 1883 24.48 -43.16 -37.24
N LEU A 1884 25.01 -43.96 -38.15
CA LEU A 1884 24.26 -45.11 -38.66
C LEU A 1884 24.65 -46.33 -37.85
N PRO A 1885 23.76 -46.89 -37.03
CA PRO A 1885 24.13 -48.05 -36.20
C PRO A 1885 24.46 -49.27 -37.06
N LYS A 1886 24.97 -50.30 -36.39
CA LYS A 1886 25.44 -51.49 -37.10
C LYS A 1886 24.30 -52.41 -37.55
N ASP A 1887 23.11 -52.27 -36.95
CA ASP A 1887 22.00 -53.15 -37.32
C ASP A 1887 21.61 -52.96 -38.78
N ASP A 1888 21.56 -51.72 -39.25
CA ASP A 1888 21.12 -51.42 -40.61
C ASP A 1888 22.18 -51.70 -41.67
N VAL A 1889 23.43 -51.98 -41.28
CA VAL A 1889 24.49 -52.13 -42.25
C VAL A 1889 25.15 -53.50 -42.18
N HIS A 1890 25.67 -53.88 -41.00
CA HIS A 1890 26.47 -55.10 -40.86
C HIS A 1890 25.63 -56.13 -40.13
N ALA A 1891 24.85 -56.88 -40.90
CA ALA A 1891 24.00 -57.97 -40.42
C ALA A 1891 23.51 -58.74 -41.63
N LYS A 1892 23.16 -60.00 -41.42
CA LYS A 1892 22.72 -60.84 -42.52
C LYS A 1892 21.40 -60.35 -43.09
N GLU A 1893 20.40 -60.14 -42.23
CA GLU A 1893 19.08 -59.70 -42.67
C GLU A 1893 19.09 -58.18 -42.66
N SER A 1894 19.45 -57.60 -43.80
CA SER A 1894 19.54 -56.15 -43.94
C SER A 1894 19.37 -55.78 -45.40
N LYS A 1895 19.07 -54.50 -45.64
CA LYS A 1895 18.99 -53.98 -47.00
C LYS A 1895 20.37 -53.53 -47.44
N ILE A 1896 21.02 -54.32 -48.28
CA ILE A 1896 22.32 -53.98 -48.83
C ILE A 1896 22.55 -54.76 -50.11
N ASN A 1897 23.01 -54.08 -51.15
CA ASN A 1897 23.19 -54.67 -52.47
C ASN A 1897 24.55 -54.28 -53.02
N GLN A 1898 24.93 -54.91 -54.13
CA GLN A 1898 26.17 -54.60 -54.82
C GLN A 1898 26.10 -55.24 -56.21
N VAL A 1899 27.24 -55.23 -56.90
CA VAL A 1899 27.28 -55.63 -58.31
C VAL A 1899 26.93 -57.11 -58.48
N PHE A 1900 27.40 -57.96 -57.55
CA PHE A 1900 27.41 -59.40 -57.78
C PHE A 1900 26.02 -59.93 -58.10
N HIS A 1901 25.07 -59.79 -57.17
CA HIS A 1901 23.71 -60.24 -57.41
C HIS A 1901 22.67 -59.29 -56.83
N GLY A 1902 23.11 -58.19 -56.21
CA GLY A 1902 22.18 -57.28 -55.59
C GLY A 1902 21.93 -57.60 -54.13
N SER A 1903 20.75 -57.23 -53.64
CA SER A 1903 20.37 -57.44 -52.25
C SER A 1903 19.64 -58.75 -52.03
N CYS A 1904 19.48 -59.58 -53.07
CA CYS A 1904 18.75 -60.83 -52.92
C CYS A 1904 19.45 -61.74 -51.91
N ILE A 1905 20.77 -61.84 -51.98
CA ILE A 1905 21.57 -62.51 -50.97
C ILE A 1905 22.82 -61.67 -50.72
N THR A 1906 23.15 -61.48 -49.45
CA THR A 1906 24.22 -60.56 -49.07
C THR A 1906 25.40 -61.26 -48.39
N GLU A 1907 25.40 -62.59 -48.35
CA GLU A 1907 26.46 -63.40 -47.73
C GLU A 1907 26.98 -62.77 -46.44
N GLY A 1908 26.05 -62.37 -45.59
CA GLY A 1908 26.40 -61.62 -44.39
C GLY A 1908 26.48 -60.14 -44.68
N ASN A 1909 27.55 -59.73 -45.36
CA ASN A 1909 27.66 -58.37 -45.86
C ASN A 1909 28.69 -58.37 -46.98
N GLU A 1910 28.66 -57.31 -47.80
CA GLU A 1910 29.46 -57.29 -49.02
C GLU A 1910 30.23 -56.00 -49.29
N LEU A 1911 29.93 -54.89 -48.61
CA LEU A 1911 30.61 -53.64 -48.93
C LEU A 1911 31.65 -53.23 -47.89
N THR A 1912 31.56 -53.75 -46.67
CA THR A 1912 32.49 -53.34 -45.62
C THR A 1912 33.93 -53.69 -45.99
N LYS A 1913 34.15 -54.89 -46.50
CA LYS A 1913 35.51 -55.31 -46.84
C LYS A 1913 36.04 -54.54 -48.04
N THR A 1914 35.18 -54.28 -49.04
CA THR A 1914 35.61 -53.47 -50.18
C THR A 1914 36.01 -52.07 -49.74
N LEU A 1915 35.21 -51.46 -48.85
CA LEU A 1915 35.55 -50.13 -48.35
C LEU A 1915 36.84 -50.17 -47.54
N ILE A 1916 37.02 -51.21 -46.73
CA ILE A 1916 38.23 -51.34 -45.93
C ILE A 1916 39.46 -51.42 -46.84
N LYS A 1917 39.39 -52.22 -47.89
CA LYS A 1917 40.51 -52.29 -48.83
C LYS A 1917 40.74 -50.97 -49.52
N LEU A 1918 39.65 -50.33 -49.99
CA LEU A 1918 39.75 -49.05 -50.70
C LEU A 1918 40.26 -47.94 -49.81
N CYS A 1919 40.21 -48.12 -48.50
CA CYS A 1919 40.79 -47.14 -47.58
C CYS A 1919 42.23 -47.48 -47.22
N TYR A 1920 42.51 -48.76 -46.95
CA TYR A 1920 43.86 -49.18 -46.57
C TYR A 1920 44.85 -48.94 -47.69
N ASP A 1921 44.49 -49.32 -48.93
CA ASP A 1921 45.39 -49.07 -50.05
C ASP A 1921 45.62 -47.58 -50.23
N ALA A 1922 44.58 -46.77 -50.01
CA ALA A 1922 44.71 -45.33 -50.18
C ALA A 1922 45.66 -44.74 -49.15
N PHE A 1923 45.46 -45.03 -47.86
CA PHE A 1923 46.30 -44.39 -46.85
C PHE A 1923 47.63 -45.12 -46.66
N THR A 1924 47.85 -46.23 -47.35
CA THR A 1924 49.08 -47.00 -47.20
C THR A 1924 49.91 -47.05 -48.48
N GLU A 1925 49.77 -46.05 -49.36
CA GLU A 1925 50.55 -46.03 -50.59
C GLU A 1925 50.69 -44.61 -51.08
N ASN A 1926 51.93 -44.21 -51.40
CA ASN A 1926 52.19 -42.93 -52.06
C ASN A 1926 53.15 -43.11 -53.23
N MET A 1927 53.98 -44.16 -53.17
CA MET A 1927 55.10 -44.35 -54.10
C MET A 1927 56.04 -43.15 -54.04
N ALA A 1928 56.23 -42.61 -52.84
CA ALA A 1928 57.09 -41.45 -52.61
C ALA A 1928 56.71 -40.27 -53.51
N GLY A 1929 55.45 -40.23 -53.93
CA GLY A 1929 54.99 -39.22 -54.85
C GLY A 1929 55.67 -39.33 -56.21
N GLU A 1930 55.16 -38.55 -57.16
CA GLU A 1930 55.81 -38.45 -58.47
C GLU A 1930 55.77 -37.01 -58.98
N ASN A 1931 55.79 -36.05 -58.06
CA ASN A 1931 55.93 -34.62 -58.36
C ASN A 1931 54.79 -34.07 -59.21
N GLN A 1932 53.72 -34.84 -59.44
CA GLN A 1932 52.56 -34.28 -60.12
C GLN A 1932 51.82 -33.30 -59.21
N LEU A 1933 51.32 -33.80 -58.08
CA LEU A 1933 50.57 -33.02 -57.11
C LEU A 1933 50.43 -33.89 -55.87
N LEU A 1934 50.62 -33.28 -54.70
CA LEU A 1934 50.73 -34.07 -53.48
C LEU A 1934 49.79 -33.64 -52.37
N GLU A 1935 49.38 -32.36 -52.32
CA GLU A 1935 48.44 -31.96 -51.29
C GLU A 1935 47.04 -32.49 -51.55
N ARG A 1936 46.63 -32.53 -52.82
CA ARG A 1936 45.38 -33.21 -53.15
C ARG A 1936 45.47 -34.69 -52.78
N ARG A 1937 46.64 -35.30 -52.99
CA ARG A 1937 46.83 -36.69 -52.58
C ARG A 1937 46.72 -36.84 -51.08
N ARG A 1938 47.24 -35.85 -50.32
CA ARG A 1938 47.13 -35.90 -48.87
C ARG A 1938 45.67 -35.81 -48.43
N LEU A 1939 44.90 -34.92 -49.07
CA LEU A 1939 43.47 -34.87 -48.79
C LEU A 1939 42.80 -36.19 -49.13
N TYR A 1940 43.20 -36.80 -50.24
CA TYR A 1940 42.68 -38.12 -50.62
C TYR A 1940 42.93 -39.13 -49.52
N HIS A 1941 44.17 -39.19 -49.02
CA HIS A 1941 44.53 -40.18 -48.01
C HIS A 1941 43.82 -39.90 -46.69
N CYS A 1942 43.73 -38.63 -46.30
CA CYS A 1942 43.10 -38.31 -45.01
C CYS A 1942 41.61 -38.59 -45.06
N ALA A 1943 40.95 -38.28 -46.18
CA ALA A 1943 39.55 -38.63 -46.33
C ALA A 1943 39.37 -40.14 -46.31
N ALA A 1944 40.30 -40.88 -46.92
CA ALA A 1944 40.26 -42.33 -46.85
C ALA A 1944 40.30 -42.81 -45.41
N TYR A 1945 41.24 -42.29 -44.62
CA TYR A 1945 41.35 -42.75 -43.24
C TYR A 1945 40.17 -42.31 -42.39
N ASN A 1946 39.59 -41.14 -42.69
CA ASN A 1946 38.40 -40.72 -41.98
C ASN A 1946 37.23 -41.66 -42.24
N CYS A 1947 37.03 -42.00 -43.52
CA CYS A 1947 35.97 -42.95 -43.86
C CYS A 1947 36.23 -44.31 -43.23
N ALA A 1948 37.50 -44.74 -43.22
CA ALA A 1948 37.84 -46.01 -42.57
C ALA A 1948 37.55 -45.96 -41.08
N ILE A 1949 37.88 -44.86 -40.42
CA ILE A 1949 37.60 -44.73 -39.00
C ILE A 1949 36.10 -44.84 -38.76
N SER A 1950 35.31 -44.14 -39.57
CA SER A 1950 33.86 -44.17 -39.39
C SER A 1950 33.29 -45.56 -39.60
N VAL A 1951 33.71 -46.24 -40.68
CA VAL A 1951 33.15 -47.55 -40.98
C VAL A 1951 33.62 -48.59 -39.95
N ILE A 1952 34.85 -48.46 -39.47
CA ILE A 1952 35.35 -49.38 -38.44
C ILE A 1952 34.58 -49.18 -37.15
N CYS A 1953 34.38 -47.92 -36.75
CA CYS A 1953 33.58 -47.63 -35.57
C CYS A 1953 32.15 -48.16 -35.72
N CYS A 1954 31.59 -48.07 -36.91
CA CYS A 1954 30.23 -48.52 -37.16
C CYS A 1954 30.10 -50.04 -37.16
N VAL A 1955 31.09 -50.74 -37.72
CA VAL A 1955 30.98 -52.19 -37.89
C VAL A 1955 31.54 -52.92 -36.68
N PHE A 1956 32.84 -52.74 -36.40
CA PHE A 1956 33.49 -53.49 -35.35
C PHE A 1956 32.95 -53.12 -33.97
N ASN A 1957 33.15 -54.04 -33.03
CA ASN A 1957 32.71 -53.87 -31.65
C ASN A 1957 33.85 -53.87 -30.65
N GLU A 1958 34.89 -54.68 -30.89
CA GLU A 1958 36.08 -54.72 -30.05
C GLU A 1958 37.26 -54.10 -30.79
N LEU A 1959 38.32 -53.82 -30.04
CA LEU A 1959 39.47 -53.09 -30.56
C LEU A 1959 40.66 -54.05 -30.70
N LYS A 1960 40.84 -54.58 -31.91
CA LYS A 1960 42.02 -55.36 -32.24
C LYS A 1960 42.58 -55.03 -33.61
N PHE A 1961 41.96 -54.13 -34.36
CA PHE A 1961 42.45 -53.71 -35.66
C PHE A 1961 43.79 -53.00 -35.52
N TYR A 1962 44.75 -53.40 -36.35
CA TYR A 1962 46.08 -52.78 -36.34
C TYR A 1962 46.77 -53.10 -37.65
N GLN A 1963 47.04 -52.08 -38.46
CA GLN A 1963 47.74 -52.30 -39.72
C GLN A 1963 49.20 -52.64 -39.47
N GLY A 1964 49.94 -51.72 -38.86
CA GLY A 1964 51.31 -51.99 -38.41
C GLY A 1964 52.26 -52.46 -39.49
N PHE A 1965 52.01 -52.05 -40.74
CA PHE A 1965 52.85 -52.45 -41.84
C PHE A 1965 53.99 -51.46 -42.04
N LEU A 1966 55.10 -51.94 -42.59
CA LEU A 1966 56.27 -51.14 -42.92
C LEU A 1966 56.48 -51.12 -44.43
N PHE A 1967 55.38 -50.93 -45.17
CA PHE A 1967 55.39 -50.97 -46.62
C PHE A 1967 55.89 -49.66 -47.21
N SER A 1968 55.66 -49.46 -48.51
CA SER A 1968 56.11 -48.26 -49.20
C SER A 1968 55.67 -46.99 -48.50
N GLU A 1969 54.48 -47.00 -47.91
CA GLU A 1969 53.96 -45.85 -47.18
C GLU A 1969 53.51 -46.27 -45.79
N LYS A 1970 53.63 -45.34 -44.84
CA LYS A 1970 53.23 -45.38 -43.45
C LYS A 1970 51.89 -44.67 -43.27
N PRO A 1971 51.13 -44.97 -42.21
CA PRO A 1971 49.79 -44.38 -42.07
C PRO A 1971 49.81 -42.89 -41.81
N GLU A 1972 50.63 -42.45 -40.86
CA GLU A 1972 50.69 -41.04 -40.50
C GLU A 1972 51.70 -40.26 -41.32
N LYS A 1973 52.65 -40.94 -41.97
CA LYS A 1973 53.53 -40.25 -42.91
C LYS A 1973 52.77 -39.73 -44.11
N ASN A 1974 51.59 -40.27 -44.38
CA ASN A 1974 50.77 -39.85 -45.51
C ASN A 1974 49.77 -38.75 -45.15
N LEU A 1975 49.39 -38.65 -43.88
CA LEU A 1975 48.29 -37.79 -43.46
C LEU A 1975 48.74 -36.62 -42.59
N LEU A 1976 49.98 -36.17 -42.76
CA LEU A 1976 50.45 -34.93 -42.16
C LEU A 1976 51.31 -34.18 -43.15
N ILE A 1977 52.03 -33.18 -42.64
CA ILE A 1977 52.93 -32.36 -43.42
C ILE A 1977 54.34 -32.55 -42.88
N PHE A 1978 55.34 -32.23 -43.71
CA PHE A 1978 56.73 -32.24 -43.31
C PHE A 1978 57.35 -30.86 -43.19
N GLU A 1979 56.98 -29.93 -44.07
CA GLU A 1979 57.50 -28.56 -44.08
C GLU A 1979 56.40 -27.66 -43.52
N ASN A 1980 56.41 -27.49 -42.20
CA ASN A 1980 55.30 -26.84 -41.50
C ASN A 1980 55.57 -25.38 -41.17
N LEU A 1981 56.62 -25.09 -40.41
CA LEU A 1981 56.88 -23.74 -39.89
C LEU A 1981 55.64 -23.21 -39.16
N ILE A 1982 55.11 -24.05 -38.27
CA ILE A 1982 53.86 -23.76 -37.57
C ILE A 1982 54.08 -23.92 -36.07
N ASP A 1983 52.98 -23.84 -35.31
CA ASP A 1983 52.96 -24.19 -33.90
C ASP A 1983 53.84 -23.25 -33.07
N LEU A 1984 53.45 -21.99 -33.05
CA LEU A 1984 54.07 -20.98 -32.20
C LEU A 1984 53.09 -20.57 -31.12
N LYS A 1985 53.62 -20.27 -29.93
CA LYS A 1985 52.81 -19.83 -28.81
C LYS A 1985 52.11 -18.51 -29.11
N MET A 2085 46.20 -20.96 -34.11
CA MET A 2085 46.17 -22.33 -33.59
C MET A 2085 45.92 -23.31 -34.73
N ASP A 2086 46.69 -24.39 -34.78
CA ASP A 2086 46.63 -25.34 -35.89
C ASP A 2086 46.66 -26.80 -35.49
N GLU A 2087 46.75 -27.13 -34.20
CA GLU A 2087 46.82 -28.51 -33.77
C GLU A 2087 45.55 -29.00 -33.09
N LEU A 2088 44.92 -28.16 -32.27
CA LEU A 2088 43.61 -28.52 -31.72
C LEU A 2088 42.57 -28.56 -32.83
N ASN A 2089 42.62 -27.60 -33.75
CA ASN A 2089 41.77 -27.52 -34.91
C ASN A 2089 42.65 -27.58 -36.16
N ARG A 2090 42.05 -27.36 -37.32
CA ARG A 2090 42.73 -27.20 -38.59
C ARG A 2090 43.50 -28.45 -39.01
N HIS A 2091 43.36 -29.54 -38.27
CA HIS A 2091 43.81 -30.86 -38.69
C HIS A 2091 42.60 -31.77 -38.73
N GLU A 2092 42.31 -32.32 -39.90
CA GLU A 2092 41.03 -32.96 -40.20
C GLU A 2092 40.99 -34.43 -39.82
N CYS A 2093 42.07 -35.01 -39.33
CA CYS A 2093 42.05 -36.39 -38.86
C CYS A 2093 42.40 -36.55 -37.39
N MET A 2094 42.88 -35.49 -36.72
CA MET A 2094 43.13 -35.59 -35.29
C MET A 2094 41.83 -35.76 -34.52
N ALA A 2095 40.77 -35.07 -34.93
CA ALA A 2095 39.47 -35.29 -34.31
C ALA A 2095 38.94 -36.70 -34.57
N PRO A 2096 39.04 -37.28 -35.77
CA PRO A 2096 38.78 -38.73 -35.90
C PRO A 2096 39.64 -39.60 -35.00
N LEU A 2097 40.90 -39.24 -34.76
CA LEU A 2097 41.74 -40.04 -33.88
C LEU A 2097 41.28 -39.94 -32.43
N THR A 2098 40.87 -38.73 -32.03
CA THR A 2098 40.29 -38.55 -30.70
C THR A 2098 39.01 -39.36 -30.56
N ALA A 2099 38.18 -39.37 -31.61
CA ALA A 2099 37.01 -40.22 -31.61
C ALA A 2099 37.38 -41.69 -31.55
N LEU A 2100 38.50 -42.06 -32.17
CA LEU A 2100 38.96 -43.44 -32.11
C LEU A 2100 39.29 -43.86 -30.69
N VAL A 2101 40.12 -43.07 -30.00
CA VAL A 2101 40.50 -43.44 -28.63
C VAL A 2101 39.30 -43.34 -27.69
N LYS A 2102 38.41 -42.36 -27.90
CA LYS A 2102 37.25 -42.22 -27.04
C LYS A 2102 36.15 -43.23 -27.35
N HIS A 2103 36.20 -43.85 -28.52
CA HIS A 2103 35.34 -44.99 -28.84
C HIS A 2103 35.93 -46.29 -28.32
N MET A 2104 37.26 -46.34 -28.20
CA MET A 2104 37.92 -47.52 -27.69
C MET A 2104 37.76 -47.64 -26.17
N HIS A 2105 37.98 -46.54 -25.43
CA HIS A 2105 38.24 -46.70 -24.01
C HIS A 2105 37.03 -47.23 -23.23
N ARG A 2106 35.84 -47.25 -23.82
CA ARG A 2106 34.66 -47.79 -23.15
C ARG A 2106 34.23 -49.13 -23.72
N SER A 2107 34.89 -49.63 -24.77
CA SER A 2107 34.63 -50.94 -25.32
C SER A 2107 35.32 -52.06 -24.55
N LEU A 2108 35.75 -51.77 -23.32
CA LEU A 2108 36.44 -52.73 -22.49
C LEU A 2108 35.45 -53.57 -21.68
N PRO A 2119 50.62 -51.67 -13.07
CA PRO A 2119 49.92 -52.96 -13.23
C PRO A 2119 49.04 -52.99 -14.47
N ARG A 2120 49.60 -52.57 -15.60
CA ARG A 2120 48.91 -52.55 -16.87
C ARG A 2120 49.85 -53.04 -17.96
N ASP A 2121 49.28 -53.38 -19.11
CA ASP A 2121 50.04 -53.99 -20.19
C ASP A 2121 50.81 -52.91 -20.97
N LEU A 2122 51.36 -53.31 -22.11
CA LEU A 2122 51.99 -52.38 -23.05
C LEU A 2122 51.52 -52.76 -24.44
N PRO A 2123 50.30 -52.37 -24.81
CA PRO A 2123 49.70 -52.84 -26.07
C PRO A 2123 50.45 -52.36 -27.29
N SER A 2124 50.46 -53.22 -28.33
CA SER A 2124 51.20 -52.92 -29.54
C SER A 2124 50.58 -51.78 -30.35
N TRP A 2125 49.25 -51.65 -30.33
CA TRP A 2125 48.60 -50.59 -31.08
C TRP A 2125 49.04 -49.22 -30.58
N MET A 2126 49.13 -49.05 -29.27
CA MET A 2126 49.65 -47.81 -28.72
C MET A 2126 51.17 -47.75 -28.78
N LYS A 2127 51.84 -48.90 -28.80
CA LYS A 2127 53.30 -48.89 -28.93
C LYS A 2127 53.73 -48.37 -30.28
N PHE A 2128 52.93 -48.60 -31.32
CA PHE A 2128 53.21 -48.01 -32.63
C PHE A 2128 53.26 -46.49 -32.52
N LEU A 2129 52.21 -45.90 -31.93
CA LEU A 2129 52.17 -44.46 -31.73
C LEU A 2129 53.28 -43.98 -30.82
N HIS A 2130 53.56 -44.74 -29.76
CA HIS A 2130 54.63 -44.38 -28.82
C HIS A 2130 55.99 -44.39 -29.51
N GLY A 2131 56.23 -45.38 -30.38
CA GLY A 2131 57.48 -45.43 -31.09
C GLY A 2131 57.64 -44.28 -32.05
N LYS A 2132 56.59 -43.96 -32.81
CA LYS A 2132 56.69 -42.79 -33.67
C LYS A 2132 56.82 -41.51 -32.86
N LEU A 2133 56.30 -41.50 -31.64
CA LEU A 2133 56.38 -40.32 -30.78
C LEU A 2133 57.76 -40.17 -30.13
N GLY A 2134 58.44 -41.28 -29.87
CA GLY A 2134 59.69 -41.22 -29.14
C GLY A 2134 60.94 -41.32 -30.00
N ASN A 2135 60.93 -42.20 -30.99
CA ASN A 2135 62.10 -42.44 -31.81
C ASN A 2135 62.39 -41.21 -32.67
N PRO A 2136 63.59 -40.61 -32.58
CA PRO A 2136 63.88 -39.44 -33.41
C PRO A 2136 64.35 -39.81 -34.80
N ILE A 2137 63.67 -40.78 -35.41
CA ILE A 2137 63.75 -41.01 -36.84
C ILE A 2137 62.51 -40.53 -37.57
N VAL A 2138 61.36 -40.54 -36.92
CA VAL A 2138 60.19 -39.81 -37.41
C VAL A 2138 60.48 -38.31 -37.35
N PRO A 2139 60.10 -37.53 -38.36
CA PRO A 2139 60.33 -36.08 -38.29
C PRO A 2139 59.60 -35.43 -37.12
N LEU A 2140 59.87 -34.14 -36.94
CA LEU A 2140 59.31 -33.40 -35.81
C LEU A 2140 57.79 -33.28 -35.89
N ASN A 2141 57.24 -33.25 -37.10
CA ASN A 2141 55.83 -32.99 -37.28
C ASN A 2141 54.97 -34.04 -36.59
N ILE A 2142 55.23 -35.31 -36.88
CA ILE A 2142 54.39 -36.38 -36.36
C ILE A 2142 54.54 -36.48 -34.84
N ARG A 2143 55.75 -36.23 -34.33
CA ARG A 2143 55.93 -36.26 -32.88
C ARG A 2143 55.15 -35.13 -32.21
N LEU A 2144 55.20 -33.93 -32.78
CA LEU A 2144 54.40 -32.83 -32.23
C LEU A 2144 52.92 -33.18 -32.25
N PHE A 2145 52.46 -33.74 -33.38
CA PHE A 2145 51.06 -34.14 -33.52
C PHE A 2145 50.66 -35.17 -32.49
N LEU A 2146 51.47 -36.21 -32.31
CA LEU A 2146 51.12 -37.29 -31.40
C LEU A 2146 51.16 -36.82 -29.96
N ALA A 2147 52.12 -35.96 -29.63
CA ALA A 2147 52.14 -35.38 -28.30
C ALA A 2147 50.90 -34.55 -28.04
N LYS A 2148 50.47 -33.77 -29.03
CA LYS A 2148 49.25 -32.99 -28.86
C LYS A 2148 48.04 -33.90 -28.70
N LEU A 2149 47.98 -34.99 -29.46
CA LEU A 2149 46.86 -35.92 -29.35
C LEU A 2149 46.83 -36.59 -27.98
N VAL A 2150 47.98 -36.97 -27.47
CA VAL A 2150 48.04 -37.55 -26.13
C VAL A 2150 47.65 -36.52 -25.09
N ILE A 2151 48.03 -35.25 -25.31
CA ILE A 2151 47.59 -34.19 -24.42
C ILE A 2151 46.06 -34.09 -24.42
N ASN A 2152 45.47 -34.16 -25.61
CA ASN A 2152 44.02 -34.07 -25.73
C ASN A 2152 43.32 -35.22 -25.00
N THR A 2153 43.79 -36.44 -25.20
CA THR A 2153 43.16 -37.62 -24.60
C THR A 2153 43.97 -38.17 -23.44
N GLU A 2154 44.59 -37.26 -22.69
CA GLU A 2154 45.31 -37.60 -21.46
C GLU A 2154 44.49 -38.44 -20.48
N GLU A 2155 43.17 -38.48 -20.62
CA GLU A 2155 42.37 -39.33 -19.73
C GLU A 2155 42.72 -40.80 -19.88
N VAL A 2156 42.96 -41.25 -21.11
CA VAL A 2156 43.21 -42.66 -21.37
C VAL A 2156 44.56 -43.10 -20.81
N PHE A 2157 45.60 -42.31 -21.05
CA PHE A 2157 46.97 -42.78 -20.90
C PHE A 2157 47.53 -42.63 -19.49
N ARG A 2158 46.76 -42.07 -18.56
CA ARG A 2158 47.29 -41.83 -17.21
C ARG A 2158 47.83 -43.10 -16.54
N PRO A 2159 47.15 -44.25 -16.58
CA PRO A 2159 47.75 -45.45 -15.96
C PRO A 2159 49.09 -45.84 -16.57
N TYR A 2160 49.31 -45.56 -17.85
CA TYR A 2160 50.56 -45.87 -18.52
C TYR A 2160 51.56 -44.72 -18.45
N ALA A 2161 51.48 -43.89 -17.41
CA ALA A 2161 52.36 -42.74 -17.29
C ALA A 2161 53.83 -43.15 -17.27
N LYS A 2162 54.14 -44.29 -16.67
CA LYS A 2162 55.53 -44.74 -16.58
C LYS A 2162 56.15 -44.88 -17.97
N HIS A 2163 55.46 -45.60 -18.86
CA HIS A 2163 55.98 -45.78 -20.21
C HIS A 2163 55.82 -44.53 -21.07
N TRP A 2164 54.73 -43.78 -20.88
CA TRP A 2164 54.48 -42.59 -21.67
C TRP A 2164 55.32 -41.40 -21.25
N LEU A 2165 56.06 -41.52 -20.14
CA LEU A 2165 56.91 -40.43 -19.69
C LEU A 2165 58.02 -40.14 -20.70
N SER A 2166 58.61 -41.20 -21.26
CA SER A 2166 59.78 -41.03 -22.12
C SER A 2166 59.53 -40.16 -23.34
N PRO A 2167 58.48 -40.37 -24.14
CA PRO A 2167 58.37 -39.55 -25.37
C PRO A 2167 58.04 -38.10 -25.10
N LEU A 2168 57.14 -37.82 -24.16
CA LEU A 2168 56.76 -36.44 -23.88
C LEU A 2168 57.96 -35.63 -23.41
N LEU A 2169 58.70 -36.16 -22.43
CA LEU A 2169 59.86 -35.44 -21.93
C LEU A 2169 61.00 -35.42 -22.94
N GLN A 2170 61.13 -36.47 -23.75
CA GLN A 2170 62.13 -36.46 -24.81
C GLN A 2170 61.86 -35.35 -25.81
N LEU A 2171 60.59 -35.19 -26.21
CA LEU A 2171 60.23 -34.08 -27.07
C LEU A 2171 60.43 -32.74 -26.36
N ALA A 2172 60.17 -32.70 -25.07
CA ALA A 2172 60.34 -31.49 -24.27
C ALA A 2172 61.77 -31.00 -24.23
N ALA A 2173 62.70 -31.72 -24.87
CA ALA A 2173 64.09 -31.30 -24.91
C ALA A 2173 64.24 -30.04 -25.75
N SER A 2174 65.33 -29.33 -25.49
CA SER A 2174 65.61 -28.09 -26.22
C SER A 2174 65.76 -28.36 -27.72
N GLU A 2175 66.46 -29.43 -28.08
CA GLU A 2175 66.66 -29.77 -29.48
C GLU A 2175 65.35 -30.32 -30.07
N ASN A 2176 64.85 -29.66 -31.10
CA ASN A 2176 63.71 -30.12 -31.88
C ASN A 2176 62.47 -30.34 -30.99
N ASN A 2177 61.98 -29.25 -30.42
CA ASN A 2177 60.64 -29.24 -29.83
C ASN A 2177 59.72 -28.25 -30.53
N GLY A 2178 60.14 -27.73 -31.68
CA GLY A 2178 59.34 -26.76 -32.41
C GLY A 2178 59.47 -25.37 -31.86
N GLY A 2179 59.65 -24.38 -32.75
CA GLY A 2179 59.63 -22.99 -32.37
C GLY A 2179 60.91 -22.52 -31.72
N GLU A 2180 60.92 -21.22 -31.42
CA GLU A 2180 62.03 -20.56 -30.74
C GLU A 2180 61.60 -20.16 -29.34
N GLY A 2181 62.54 -20.28 -28.40
CA GLY A 2181 62.21 -19.98 -27.02
C GLY A 2181 61.27 -21.01 -26.42
N ILE A 2182 60.46 -20.55 -25.47
CA ILE A 2182 59.49 -21.39 -24.77
C ILE A 2182 58.11 -21.09 -25.35
N HIS A 2183 57.34 -22.14 -25.64
CA HIS A 2183 56.10 -21.97 -26.38
C HIS A 2183 54.95 -22.80 -25.83
N TYR A 2184 53.86 -22.87 -26.58
CA TYR A 2184 52.63 -23.46 -26.05
C TYR A 2184 52.69 -24.98 -25.99
N MET A 2185 53.39 -25.65 -26.91
CA MET A 2185 53.64 -27.07 -26.70
C MET A 2185 54.37 -27.29 -25.39
N VAL A 2186 55.38 -26.46 -25.11
CA VAL A 2186 56.14 -26.60 -23.88
C VAL A 2186 55.23 -26.45 -22.67
N VAL A 2187 54.43 -25.39 -22.66
CA VAL A 2187 53.60 -25.12 -21.49
C VAL A 2187 52.55 -26.21 -21.31
N GLU A 2188 51.94 -26.66 -22.41
CA GLU A 2188 50.88 -27.64 -22.32
C GLU A 2188 51.41 -29.01 -21.92
N ILE A 2189 52.54 -29.42 -22.49
CA ILE A 2189 53.13 -30.70 -22.12
C ILE A 2189 53.63 -30.65 -20.68
N VAL A 2190 54.12 -29.50 -20.23
CA VAL A 2190 54.54 -29.37 -18.84
C VAL A 2190 53.34 -29.50 -17.92
N ALA A 2191 52.22 -28.89 -18.30
CA ALA A 2191 51.00 -29.06 -17.52
C ALA A 2191 50.59 -30.52 -17.44
N THR A 2192 50.64 -31.22 -18.57
CA THR A 2192 50.28 -32.64 -18.58
C THR A 2192 51.20 -33.45 -17.66
N ILE A 2193 52.51 -33.33 -17.85
CA ILE A 2193 53.45 -34.14 -17.08
C ILE A 2193 53.42 -33.77 -15.60
N LEU A 2194 53.09 -32.52 -15.29
CA LEU A 2194 52.94 -32.13 -13.89
C LEU A 2194 51.66 -32.67 -13.30
N SER A 2195 50.62 -32.83 -14.13
CA SER A 2195 49.45 -33.59 -13.69
C SER A 2195 49.81 -35.06 -13.48
N TRP A 2196 50.83 -35.54 -14.19
CA TRP A 2196 51.21 -36.95 -14.13
C TRP A 2196 52.08 -37.31 -12.93
N THR A 2197 52.48 -36.34 -12.12
CA THR A 2197 53.15 -36.69 -10.87
C THR A 2197 52.14 -37.27 -9.88
N GLY A 2198 52.64 -38.09 -8.96
CA GLY A 2198 51.83 -38.81 -8.00
C GLY A 2198 51.87 -40.32 -8.18
N LEU A 2199 51.82 -40.79 -9.42
CA LEU A 2199 52.03 -42.21 -9.72
C LEU A 2199 53.37 -42.47 -10.40
N ALA A 2200 53.73 -41.66 -11.39
CA ALA A 2200 54.99 -41.80 -12.11
C ALA A 2200 55.72 -40.48 -12.10
N THR A 2201 57.04 -40.53 -11.97
CA THR A 2201 57.94 -39.38 -11.99
C THR A 2201 59.23 -39.79 -12.69
N PRO A 2202 60.08 -38.81 -13.07
CA PRO A 2202 61.33 -39.16 -13.76
C PRO A 2202 62.28 -40.05 -12.96
N THR A 2203 61.92 -40.42 -11.73
CA THR A 2203 62.79 -41.24 -10.92
C THR A 2203 63.10 -42.58 -11.59
N GLY A 2204 64.32 -43.05 -11.39
CA GLY A 2204 64.74 -44.34 -11.88
C GLY A 2204 65.30 -44.36 -13.29
N VAL A 2205 65.08 -43.32 -14.08
CA VAL A 2205 65.55 -43.32 -15.46
C VAL A 2205 66.55 -42.19 -15.66
N PRO A 2206 67.85 -42.49 -15.56
CA PRO A 2206 68.86 -41.42 -15.65
C PRO A 2206 68.75 -40.60 -16.92
N LYS A 2207 68.29 -41.20 -18.01
CA LYS A 2207 67.92 -40.43 -19.19
C LYS A 2207 66.91 -39.36 -18.82
N ASP A 2208 65.85 -39.74 -18.08
CA ASP A 2208 64.82 -38.76 -17.70
C ASP A 2208 65.37 -37.66 -16.80
N GLU A 2209 66.17 -38.01 -15.78
CA GLU A 2209 66.71 -36.91 -14.98
C GLU A 2209 67.63 -36.00 -15.79
N VAL A 2210 68.45 -36.56 -16.67
CA VAL A 2210 69.36 -35.72 -17.46
C VAL A 2210 68.58 -34.76 -18.35
N LEU A 2211 67.58 -35.29 -19.06
CA LEU A 2211 66.82 -34.43 -19.96
C LEU A 2211 65.97 -33.44 -19.17
N ALA A 2212 65.48 -33.84 -17.99
CA ALA A 2212 64.73 -32.90 -17.16
C ALA A 2212 65.62 -31.76 -16.68
N ASN A 2213 66.88 -32.07 -16.34
CA ASN A 2213 67.81 -31.02 -15.94
C ASN A 2213 68.10 -30.08 -17.10
N ARG A 2214 68.30 -30.63 -18.31
CA ARG A 2214 68.53 -29.75 -19.45
C ARG A 2214 67.29 -28.92 -19.78
N LEU A 2215 66.10 -29.49 -19.57
CA LEU A 2215 64.86 -28.75 -19.76
C LEU A 2215 64.74 -27.61 -18.77
N LEU A 2216 65.11 -27.87 -17.51
CA LEU A 2216 65.10 -26.83 -16.50
C LEU A 2216 66.10 -25.74 -16.84
N ASN A 2217 67.27 -26.12 -17.36
CA ASN A 2217 68.25 -25.15 -17.82
C ASN A 2217 67.67 -24.27 -18.91
N PHE A 2218 66.99 -24.88 -19.89
CA PHE A 2218 66.32 -24.10 -20.93
C PHE A 2218 65.25 -23.19 -20.34
N LEU A 2219 64.54 -23.69 -19.31
CA LEU A 2219 63.49 -22.91 -18.68
C LEU A 2219 64.04 -21.62 -18.11
N MET A 2220 65.09 -21.72 -17.28
CA MET A 2220 65.71 -20.47 -16.80
C MET A 2220 66.39 -19.69 -17.91
N LYS A 2221 66.75 -20.35 -19.01
CA LYS A 2221 67.30 -19.64 -20.15
C LYS A 2221 66.27 -18.69 -20.74
N HIS A 2222 65.01 -19.09 -20.77
CA HIS A 2222 63.99 -18.25 -21.40
C HIS A 2222 62.80 -17.96 -20.50
N VAL A 2223 63.05 -17.53 -19.26
CA VAL A 2223 61.95 -17.09 -18.40
C VAL A 2223 61.39 -15.76 -18.89
N PHE A 2224 62.27 -14.85 -19.33
CA PHE A 2224 61.87 -13.48 -19.61
C PHE A 2224 60.84 -13.43 -20.74
N HIS A 2225 59.83 -12.59 -20.55
CA HIS A 2225 58.79 -12.35 -21.54
C HIS A 2225 58.26 -10.95 -21.32
N PRO A 2226 57.90 -10.23 -22.40
CA PRO A 2226 57.35 -8.88 -22.22
C PRO A 2226 56.01 -8.84 -21.51
N LYS A 2227 55.34 -9.99 -21.35
CA LYS A 2227 54.00 -10.04 -20.78
C LYS A 2227 54.05 -10.56 -19.35
N ARG A 2228 53.50 -9.79 -18.42
CA ARG A 2228 53.58 -10.13 -17.01
C ARG A 2228 52.74 -11.37 -16.68
N ALA A 2229 51.61 -11.57 -17.36
CA ALA A 2229 50.78 -12.74 -17.09
C ALA A 2229 51.50 -14.03 -17.48
N VAL A 2230 52.09 -14.05 -18.68
CA VAL A 2230 52.82 -15.25 -19.08
C VAL A 2230 54.08 -15.41 -18.23
N PHE A 2231 54.66 -14.30 -17.76
CA PHE A 2231 55.75 -14.40 -16.80
C PHE A 2231 55.30 -15.06 -15.51
N ARG A 2232 54.13 -14.68 -15.01
CA ARG A 2232 53.57 -15.31 -13.81
C ARG A 2232 53.36 -16.80 -14.03
N HIS A 2233 52.82 -17.17 -15.19
CA HIS A 2233 52.61 -18.58 -15.47
C HIS A 2233 53.93 -19.32 -15.59
N ASN A 2234 54.96 -18.68 -16.16
CA ASN A 2234 56.28 -19.32 -16.24
C ASN A 2234 56.84 -19.59 -14.85
N LEU A 2235 56.75 -18.59 -13.97
CA LEU A 2235 57.24 -18.78 -12.61
C LEU A 2235 56.45 -19.87 -11.89
N GLU A 2236 55.13 -19.90 -12.10
CA GLU A 2236 54.31 -20.96 -11.53
C GLU A 2236 54.73 -22.32 -12.05
N ILE A 2237 55.02 -22.41 -13.34
CA ILE A 2237 55.46 -23.66 -13.94
C ILE A 2237 56.75 -24.13 -13.30
N ILE A 2238 57.70 -23.21 -13.13
CA ILE A 2238 59.00 -23.60 -12.59
C ILE A 2238 58.89 -23.98 -11.12
N LYS A 2239 58.06 -23.25 -10.35
CA LYS A 2239 57.86 -23.60 -8.95
C LYS A 2239 57.20 -24.96 -8.81
N THR A 2240 56.15 -25.21 -9.60
CA THR A 2240 55.51 -26.51 -9.57
C THR A 2240 56.47 -27.62 -9.96
N LEU A 2241 57.33 -27.35 -10.95
CA LEU A 2241 58.31 -28.34 -11.37
C LEU A 2241 59.27 -28.68 -10.25
N VAL A 2242 59.89 -27.66 -9.64
CA VAL A 2242 60.89 -27.92 -8.62
C VAL A 2242 60.26 -28.55 -7.38
N GLU A 2243 59.01 -28.21 -7.07
CA GLU A 2243 58.36 -28.81 -5.91
C GLU A 2243 57.93 -30.25 -6.19
N CYS A 2244 57.40 -30.51 -7.40
CA CYS A 2244 56.85 -31.83 -7.70
C CYS A 2244 57.94 -32.86 -7.96
N TRP A 2245 59.01 -32.46 -8.63
CA TRP A 2245 60.06 -33.40 -9.04
C TRP A 2245 61.34 -33.20 -8.24
N LYS A 2246 61.20 -32.98 -6.93
CA LYS A 2246 62.36 -32.74 -6.07
C LYS A 2246 63.33 -33.91 -6.05
N ASP A 2247 62.85 -35.12 -6.31
CA ASP A 2247 63.68 -36.31 -6.22
C ASP A 2247 64.42 -36.62 -7.51
N CYS A 2248 64.48 -35.67 -8.44
CA CYS A 2248 65.16 -35.90 -9.71
C CYS A 2248 65.98 -34.72 -10.21
N LEU A 2249 66.03 -33.60 -9.50
CA LEU A 2249 66.56 -32.37 -10.06
C LEU A 2249 67.68 -31.81 -9.20
N SER A 2250 68.60 -31.10 -9.86
CA SER A 2250 69.69 -30.39 -9.21
C SER A 2250 69.66 -28.95 -9.69
N ILE A 2251 69.79 -28.02 -8.75
CA ILE A 2251 69.62 -26.59 -9.08
C ILE A 2251 70.90 -26.06 -9.72
N PRO A 2252 70.81 -25.32 -10.83
CA PRO A 2252 72.04 -24.77 -11.44
C PRO A 2252 72.73 -23.74 -10.56
N TYR A 2253 71.97 -22.72 -10.16
CA TYR A 2253 72.42 -21.58 -9.37
C TYR A 2253 73.25 -20.61 -10.18
N ARG A 2254 73.58 -20.96 -11.42
CA ARG A 2254 74.49 -20.14 -12.23
C ARG A 2254 73.74 -19.17 -13.13
N LEU A 2255 72.95 -19.70 -14.07
CA LEU A 2255 72.32 -18.84 -15.06
C LEU A 2255 71.44 -17.81 -14.39
N ILE A 2256 70.81 -18.17 -13.26
CA ILE A 2256 70.08 -17.19 -12.47
C ILE A 2256 71.03 -16.09 -12.00
N PHE A 2257 72.25 -16.47 -11.64
CA PHE A 2257 73.22 -15.47 -11.19
C PHE A 2257 73.59 -14.52 -12.32
N GLU A 2258 73.76 -15.04 -13.54
CA GLU A 2258 73.94 -14.10 -14.65
C GLU A 2258 72.67 -13.33 -14.98
N LYS A 2259 71.50 -13.80 -14.56
CA LYS A 2259 70.28 -13.02 -14.74
C LYS A 2259 70.26 -11.82 -13.80
N PHE A 2260 70.35 -12.06 -12.50
CA PHE A 2260 70.25 -10.99 -11.51
C PHE A 2260 71.59 -10.32 -11.23
N SER A 2261 72.63 -10.68 -11.96
CA SER A 2261 73.94 -10.06 -11.78
C SER A 2261 74.19 -9.02 -12.86
N GLY A 2262 75.35 -8.37 -12.77
CA GLY A 2262 75.71 -7.34 -13.71
C GLY A 2262 75.31 -5.96 -13.22
N LYS A 2263 76.30 -5.08 -13.06
CA LYS A 2263 76.04 -3.72 -12.60
C LYS A 2263 75.41 -2.91 -13.73
N ASP A 2264 74.52 -1.98 -13.35
CA ASP A 2264 73.88 -1.08 -14.29
C ASP A 2264 73.14 -0.03 -13.49
N PRO A 2265 73.02 1.19 -14.00
CA PRO A 2265 72.22 2.20 -13.30
C PRO A 2265 70.74 1.83 -13.31
N ASN A 2266 70.22 1.50 -14.48
CA ASN A 2266 68.85 1.04 -14.60
C ASN A 2266 68.79 -0.11 -15.61
N SER A 2267 68.21 -1.23 -15.20
CA SER A 2267 67.93 -2.33 -16.09
C SER A 2267 66.95 -3.27 -15.40
N LYS A 2268 65.87 -3.61 -16.09
CA LYS A 2268 64.85 -4.51 -15.57
C LYS A 2268 65.22 -5.98 -15.75
N ASP A 2269 66.45 -6.26 -16.15
CA ASP A 2269 66.86 -7.65 -16.40
C ASP A 2269 66.92 -8.46 -15.11
N ASN A 2270 67.39 -7.85 -14.02
CA ASN A 2270 67.63 -8.60 -12.79
C ASN A 2270 66.36 -9.22 -12.22
N SER A 2271 65.18 -8.74 -12.65
CA SER A 2271 63.94 -9.18 -12.05
C SER A 2271 63.71 -10.68 -12.25
N VAL A 2272 64.04 -11.19 -13.44
CA VAL A 2272 63.84 -12.62 -13.68
C VAL A 2272 64.72 -13.44 -12.75
N GLY A 2273 65.97 -13.04 -12.57
CA GLY A 2273 66.84 -13.74 -11.64
C GLY A 2273 66.34 -13.68 -10.22
N ILE A 2274 65.81 -12.53 -9.82
CA ILE A 2274 65.25 -12.40 -8.48
C ILE A 2274 64.07 -13.35 -8.29
N GLN A 2275 63.18 -13.38 -9.28
CA GLN A 2275 62.01 -14.26 -9.21
C GLN A 2275 62.44 -15.72 -9.12
N LEU A 2276 63.38 -16.13 -9.98
CA LEU A 2276 63.83 -17.51 -10.00
C LEU A 2276 64.51 -17.88 -8.70
N LEU A 2277 65.33 -16.98 -8.16
CA LEU A 2277 65.99 -17.25 -6.89
C LEU A 2277 64.99 -17.41 -5.77
N GLY A 2278 63.99 -16.53 -5.69
CA GLY A 2278 62.96 -16.69 -4.67
C GLY A 2278 62.22 -18.01 -4.82
N ILE A 2279 61.89 -18.38 -6.06
CA ILE A 2279 61.15 -19.61 -6.29
C ILE A 2279 61.96 -20.82 -5.85
N VAL A 2280 63.26 -20.83 -6.16
CA VAL A 2280 64.07 -21.96 -5.71
C VAL A 2280 64.26 -21.93 -4.20
N MET A 2281 64.24 -20.74 -3.60
CA MET A 2281 64.28 -20.66 -2.14
C MET A 2281 63.02 -21.22 -1.50
N ALA A 2282 61.91 -21.19 -2.24
CA ALA A 2282 60.62 -21.55 -1.65
C ALA A 2282 60.61 -22.92 -1.00
N ASN A 2283 61.11 -23.95 -1.69
CA ASN A 2283 60.89 -25.34 -1.27
C ASN A 2283 62.06 -25.91 -0.48
N ASP A 2284 62.71 -25.08 0.34
CA ASP A 2284 63.73 -25.52 1.29
C ASP A 2284 64.93 -26.12 0.56
N LEU A 2285 65.21 -25.60 -0.63
CA LEU A 2285 66.44 -25.94 -1.32
C LEU A 2285 67.48 -24.90 -0.98
N PRO A 2286 68.60 -25.30 -0.38
CA PRO A 2286 69.57 -24.31 0.11
C PRO A 2286 70.13 -23.48 -1.01
N PRO A 2287 70.41 -22.20 -0.76
CA PRO A 2287 71.13 -21.40 -1.75
C PRO A 2287 72.55 -21.92 -1.88
N TYR A 2288 72.99 -22.16 -3.12
CA TYR A 2288 74.37 -22.44 -3.42
C TYR A 2288 74.82 -23.71 -2.70
N ASP A 2289 74.16 -24.82 -3.02
CA ASP A 2289 74.44 -26.08 -2.34
C ASP A 2289 75.68 -26.77 -2.89
N PRO A 2290 75.83 -26.94 -4.23
CA PRO A 2290 77.07 -27.54 -4.74
C PRO A 2290 78.21 -26.54 -4.87
N GLN A 2291 77.87 -25.29 -5.25
CA GLN A 2291 78.80 -24.21 -5.55
C GLN A 2291 80.02 -24.71 -6.31
N CYS A 2292 79.82 -25.66 -7.21
CA CYS A 2292 80.94 -26.32 -7.86
C CYS A 2292 81.63 -25.40 -8.86
N GLY A 2293 82.95 -25.29 -8.75
CA GLY A 2293 83.74 -24.57 -9.72
C GLY A 2293 83.72 -23.06 -9.60
N ILE A 2294 83.05 -22.50 -8.60
CA ILE A 2294 82.99 -21.06 -8.42
C ILE A 2294 82.60 -20.77 -6.99
N GLN A 2295 83.16 -19.69 -6.43
CA GLN A 2295 82.80 -19.27 -5.09
C GLN A 2295 81.41 -18.63 -5.09
N SER A 2296 80.74 -18.70 -3.95
CA SER A 2296 79.43 -18.10 -3.79
C SER A 2296 79.48 -16.70 -3.18
N SER A 2297 80.65 -16.23 -2.77
CA SER A 2297 80.73 -14.90 -2.18
C SER A 2297 80.41 -13.81 -3.19
N GLU A 2298 80.93 -13.93 -4.41
CA GLU A 2298 80.57 -12.98 -5.46
C GLU A 2298 79.11 -13.12 -5.86
N TYR A 2299 78.57 -14.34 -5.81
CA TYR A 2299 77.14 -14.53 -6.02
C TYR A 2299 76.33 -13.71 -5.02
N PHE A 2300 76.65 -13.86 -3.73
CA PHE A 2300 75.96 -13.14 -2.68
C PHE A 2300 76.10 -11.63 -2.87
N GLN A 2301 77.32 -11.17 -3.15
CA GLN A 2301 77.56 -9.75 -3.32
C GLN A 2301 76.80 -9.20 -4.53
N ALA A 2302 76.78 -9.94 -5.63
CA ALA A 2302 76.04 -9.50 -6.81
C ALA A 2302 74.55 -9.42 -6.51
N LEU A 2303 74.03 -10.38 -5.74
CA LEU A 2303 72.62 -10.32 -5.36
C LEU A 2303 72.32 -9.09 -4.52
N VAL A 2304 73.17 -8.82 -3.53
CA VAL A 2304 72.91 -7.68 -2.64
C VAL A 2304 73.20 -6.36 -3.33
N ASN A 2305 73.93 -6.38 -4.45
CA ASN A 2305 74.22 -5.18 -5.20
C ASN A 2305 73.04 -4.70 -6.04
N ASN A 2306 72.00 -5.52 -6.20
CA ASN A 2306 70.81 -5.05 -6.88
C ASN A 2306 70.14 -3.91 -6.12
N MET A 2307 70.39 -3.80 -4.81
CA MET A 2307 69.94 -2.66 -4.04
C MET A 2307 70.51 -1.36 -4.58
N SER A 2308 71.68 -1.41 -5.22
CA SER A 2308 72.26 -0.21 -5.83
C SER A 2308 71.38 0.31 -6.96
N PHE A 2309 70.65 -0.59 -7.62
CA PHE A 2309 69.69 -0.17 -8.64
C PHE A 2309 68.58 0.64 -7.98
N VAL A 2310 68.45 1.91 -8.39
CA VAL A 2310 67.49 2.84 -7.79
C VAL A 2310 66.44 3.29 -8.79
N ARG A 2311 66.83 3.53 -10.04
CA ARG A 2311 65.89 4.04 -11.04
C ARG A 2311 64.71 3.11 -11.26
N TYR A 2312 64.85 1.82 -10.96
CA TYR A 2312 63.79 0.84 -11.11
C TYR A 2312 63.45 0.27 -9.74
N LYS A 2313 62.17 0.24 -9.40
CA LYS A 2313 61.75 -0.01 -8.02
C LYS A 2313 61.71 -1.50 -7.69
N GLU A 2314 60.91 -2.26 -8.43
CA GLU A 2314 60.67 -3.65 -8.07
C GLU A 2314 61.95 -4.46 -8.10
N VAL A 2315 62.88 -4.10 -8.99
CA VAL A 2315 64.10 -4.86 -9.16
C VAL A 2315 64.91 -4.93 -7.87
N TYR A 2316 64.94 -3.84 -7.09
CA TYR A 2316 65.64 -3.88 -5.81
C TYR A 2316 64.72 -4.26 -4.66
N ALA A 2317 63.42 -3.92 -4.74
CA ALA A 2317 62.53 -4.30 -3.66
C ALA A 2317 62.46 -5.82 -3.51
N ALA A 2318 62.17 -6.50 -4.61
CA ALA A 2318 62.19 -7.97 -4.60
C ALA A 2318 63.57 -8.50 -4.26
N ALA A 2319 64.62 -7.80 -4.71
CA ALA A 2319 65.97 -8.25 -4.41
C ALA A 2319 66.24 -8.28 -2.91
N ALA A 2320 65.88 -7.19 -2.21
CA ALA A 2320 66.07 -7.14 -0.77
C ALA A 2320 65.16 -8.14 -0.06
N GLU A 2321 63.96 -8.35 -0.59
CA GLU A 2321 63.09 -9.36 0.02
C GLU A 2321 63.70 -10.75 -0.09
N VAL A 2322 64.25 -11.08 -1.26
CA VAL A 2322 64.86 -12.40 -1.45
C VAL A 2322 66.12 -12.52 -0.61
N LEU A 2323 66.88 -11.43 -0.48
CA LEU A 2323 67.95 -11.35 0.50
C LEU A 2323 67.47 -11.79 1.88
N GLY A 2324 66.42 -11.13 2.37
CA GLY A 2324 65.91 -11.45 3.69
C GLY A 2324 65.45 -12.90 3.79
N LEU A 2325 64.83 -13.41 2.73
CA LEU A 2325 64.40 -14.81 2.73
C LEU A 2325 65.59 -15.76 2.83
N ILE A 2326 66.67 -15.46 2.10
CA ILE A 2326 67.84 -16.34 2.12
C ILE A 2326 68.50 -16.33 3.50
N LEU A 2327 68.61 -15.13 4.09
CA LEU A 2327 69.14 -15.04 5.45
C LEU A 2327 68.25 -15.79 6.43
N ARG A 2328 66.94 -15.66 6.27
CA ARG A 2328 65.98 -16.36 7.12
C ARG A 2328 66.14 -17.86 6.99
N TYR A 2329 66.38 -18.35 5.77
CA TYR A 2329 66.64 -19.78 5.60
C TYR A 2329 67.92 -20.20 6.30
N VAL A 2330 69.02 -19.48 6.05
CA VAL A 2330 70.30 -19.89 6.61
C VAL A 2330 70.30 -19.80 8.12
N MET A 2331 69.28 -19.13 8.70
CA MET A 2331 69.10 -19.17 10.15
C MET A 2331 69.13 -20.58 10.71
N GLU A 2332 68.51 -21.54 10.01
CA GLU A 2332 68.32 -22.86 10.61
C GLU A 2332 69.67 -23.53 10.90
N ARG A 2333 70.55 -23.63 9.90
CA ARG A 2333 71.90 -24.17 10.08
C ARG A 2333 72.86 -23.26 9.32
N LYS A 2334 73.31 -22.20 9.96
CA LYS A 2334 74.19 -21.25 9.27
C LYS A 2334 75.65 -21.70 9.31
N ASN A 2335 76.27 -21.64 10.48
CA ASN A 2335 77.50 -22.33 10.83
C ASN A 2335 78.71 -21.93 9.99
N ILE A 2336 78.52 -21.20 8.89
CA ILE A 2336 79.67 -20.85 8.08
C ILE A 2336 79.70 -19.39 7.62
N LEU A 2337 78.53 -18.79 7.41
CA LEU A 2337 78.50 -17.55 6.62
C LEU A 2337 77.52 -16.48 7.10
N GLU A 2338 76.71 -16.73 8.12
CA GLU A 2338 75.67 -15.78 8.46
C GLU A 2338 76.27 -14.47 8.98
N GLU A 2339 77.38 -14.55 9.69
CA GLU A 2339 78.02 -13.34 10.20
C GLU A 2339 78.40 -12.39 9.06
N SER A 2340 79.13 -12.91 8.07
CA SER A 2340 79.55 -12.08 6.95
C SER A 2340 78.36 -11.65 6.10
N LEU A 2341 77.37 -12.53 5.95
CA LEU A 2341 76.18 -12.17 5.18
C LEU A 2341 75.45 -10.99 5.82
N CYS A 2342 75.21 -11.07 7.12
CA CYS A 2342 74.57 -9.97 7.84
C CYS A 2342 75.40 -8.70 7.76
N GLU A 2343 76.73 -8.82 7.93
CA GLU A 2343 77.57 -7.63 7.89
C GLU A 2343 77.52 -6.95 6.53
N LEU A 2344 77.60 -7.73 5.45
CA LEU A 2344 77.57 -7.13 4.12
C LEU A 2344 76.18 -6.58 3.80
N VAL A 2345 75.13 -7.22 4.29
CA VAL A 2345 73.78 -6.70 4.08
C VAL A 2345 73.62 -5.36 4.78
N ALA A 2346 74.08 -5.27 6.02
CA ALA A 2346 73.99 -4.01 6.75
C ALA A 2346 74.83 -2.94 6.08
N LYS A 2347 76.01 -3.30 5.58
CA LYS A 2347 76.84 -2.34 4.86
C LYS A 2347 76.12 -1.84 3.60
N GLN A 2348 75.51 -2.75 2.84
CA GLN A 2348 74.77 -2.37 1.65
C GLN A 2348 73.63 -1.43 2.01
N LEU A 2349 72.95 -1.70 3.11
CA LEU A 2349 71.93 -0.78 3.61
C LEU A 2349 72.54 0.58 3.92
N LYS A 2350 73.73 0.58 4.51
CA LYS A 2350 74.32 1.82 5.02
C LYS A 2350 74.77 2.76 3.90
N GLN A 2351 75.30 2.22 2.80
CA GLN A 2351 75.77 3.12 1.74
C GLN A 2351 74.68 4.06 1.25
N HIS A 2352 73.53 3.53 0.89
CA HIS A 2352 72.49 4.39 0.31
C HIS A 2352 71.47 4.86 1.33
N GLN A 2353 71.67 4.55 2.61
CA GLN A 2353 70.75 5.04 3.64
C GLN A 2353 70.78 6.57 3.75
N ASN A 2354 71.98 7.13 3.87
CA ASN A 2354 72.14 8.57 4.05
C ASN A 2354 72.11 9.34 2.75
N THR A 2355 71.57 8.76 1.68
CA THR A 2355 71.55 9.39 0.37
C THR A 2355 70.17 9.88 -0.03
N MET A 2356 69.15 9.02 0.00
CA MET A 2356 67.79 9.44 -0.26
C MET A 2356 66.82 9.15 0.88
N GLU A 2357 67.14 8.21 1.78
CA GLU A 2357 66.35 7.91 2.96
C GLU A 2357 64.95 7.41 2.61
N ASP A 2358 64.68 7.20 1.32
CA ASP A 2358 63.37 6.80 0.86
C ASP A 2358 63.26 5.30 0.66
N LYS A 2359 64.25 4.68 0.03
CA LYS A 2359 64.28 3.23 -0.12
C LYS A 2359 64.91 2.54 1.07
N PHE A 2360 65.59 3.30 1.93
CA PHE A 2360 66.19 2.73 3.13
C PHE A 2360 65.13 2.08 4.00
N ILE A 2361 64.02 2.79 4.22
CA ILE A 2361 62.94 2.27 5.07
C ILE A 2361 62.35 1.01 4.47
N VAL A 2362 62.07 1.03 3.16
CA VAL A 2362 61.41 -0.11 2.55
C VAL A 2362 62.32 -1.33 2.54
N CYS A 2363 63.62 -1.10 2.32
CA CYS A 2363 64.57 -2.22 2.36
C CYS A 2363 64.66 -2.82 3.76
N LEU A 2364 64.84 -1.99 4.77
CA LEU A 2364 64.96 -2.51 6.13
C LEU A 2364 63.68 -3.23 6.55
N ASN A 2365 62.52 -2.68 6.20
CA ASN A 2365 61.28 -3.31 6.61
C ASN A 2365 61.02 -4.59 5.83
N LYS A 2366 61.39 -4.63 4.55
CA LYS A 2366 61.22 -5.86 3.78
C LYS A 2366 62.08 -6.97 4.32
N VAL A 2367 63.34 -6.68 4.66
CA VAL A 2367 64.19 -7.75 5.18
C VAL A 2367 63.74 -8.15 6.59
N THR A 2368 63.38 -7.18 7.43
CA THR A 2368 62.97 -7.51 8.78
C THR A 2368 61.56 -8.11 8.83
N LYS A 2369 60.82 -8.04 7.73
CA LYS A 2369 59.55 -8.76 7.63
C LYS A 2369 59.74 -10.25 7.86
N SER A 2370 60.88 -10.78 7.41
CA SER A 2370 61.22 -12.18 7.61
C SER A 2370 62.25 -12.40 8.70
N PHE A 2371 63.20 -11.49 8.87
CA PHE A 2371 64.25 -11.64 9.89
C PHE A 2371 64.08 -10.58 10.97
N PRO A 2372 63.42 -10.90 12.09
CA PRO A 2372 63.24 -9.91 13.16
C PRO A 2372 64.56 -9.37 13.71
N PRO A 2373 65.51 -10.24 14.11
CA PRO A 2373 66.66 -9.71 14.88
C PRO A 2373 67.50 -8.67 14.16
N LEU A 2374 67.37 -8.51 12.84
CA LEU A 2374 68.12 -7.46 12.15
C LEU A 2374 67.70 -6.07 12.61
N ALA A 2375 66.51 -5.94 13.21
CA ALA A 2375 66.05 -4.65 13.70
C ALA A 2375 66.89 -4.11 14.85
N ASP A 2376 67.75 -4.94 15.44
CA ASP A 2376 68.59 -4.48 16.54
C ASP A 2376 69.51 -3.35 16.11
N ARG A 2377 70.13 -3.48 14.94
CA ARG A 2377 71.21 -2.57 14.57
C ARG A 2377 70.69 -1.22 14.10
N PHE A 2378 69.51 -1.16 13.50
CA PHE A 2378 69.01 0.08 12.93
C PHE A 2378 67.70 0.53 13.59
N MET A 2379 67.39 0.00 14.76
CA MET A 2379 66.28 0.54 15.53
C MET A 2379 66.53 2.00 15.86
N ASN A 2380 67.79 2.35 16.16
CA ASN A 2380 68.16 3.74 16.35
C ASN A 2380 67.90 4.56 15.10
N ALA A 2381 68.26 4.02 13.93
CA ALA A 2381 68.07 4.74 12.68
C ALA A 2381 66.60 5.02 12.42
N VAL A 2382 65.75 4.00 12.59
CA VAL A 2382 64.33 4.20 12.31
C VAL A 2382 63.70 5.11 13.36
N PHE A 2383 64.12 5.00 14.62
CA PHE A 2383 63.65 5.93 15.65
C PHE A 2383 64.00 7.35 15.29
N PHE A 2384 65.22 7.57 14.81
CA PHE A 2384 65.65 8.90 14.40
C PHE A 2384 64.83 9.41 13.23
N LEU A 2385 64.57 8.56 12.24
CA LEU A 2385 63.94 8.96 10.99
C LEU A 2385 62.42 9.08 11.05
N LEU A 2386 61.77 8.36 11.96
CA LEU A 2386 60.33 8.09 11.85
C LEU A 2386 59.46 9.32 11.57
N PRO A 2387 59.56 10.42 12.29
CA PRO A 2387 58.65 11.56 12.04
C PRO A 2387 59.05 12.44 10.87
N LYS A 2388 59.97 12.01 10.01
CA LYS A 2388 60.34 12.81 8.86
C LYS A 2388 59.19 12.94 7.87
N PHE A 2389 58.40 11.88 7.72
CA PHE A 2389 57.31 11.83 6.75
C PHE A 2389 55.98 11.73 7.47
N HIS A 2390 54.90 11.70 6.68
CA HIS A 2390 53.60 11.27 7.18
C HIS A 2390 52.99 10.15 6.35
N GLY A 2391 53.41 9.96 5.10
CA GLY A 2391 52.84 8.95 4.23
C GLY A 2391 53.14 7.54 4.70
N VAL A 2392 52.85 6.59 3.81
CA VAL A 2392 52.86 5.15 4.10
C VAL A 2392 54.18 4.73 4.76
N LEU A 2393 55.24 5.50 4.54
CA LEU A 2393 56.51 5.19 5.18
C LEU A 2393 56.44 5.35 6.69
N LYS A 2394 55.49 6.14 7.20
CA LYS A 2394 55.22 6.12 8.64
C LYS A 2394 54.80 4.73 9.08
N THR A 2395 53.83 4.14 8.39
CA THR A 2395 53.43 2.77 8.72
C THR A 2395 54.61 1.82 8.56
N LEU A 2396 55.46 2.05 7.55
CA LEU A 2396 56.65 1.22 7.37
C LEU A 2396 57.55 1.27 8.60
N CYS A 2397 57.81 2.48 9.11
CA CYS A 2397 58.65 2.64 10.28
C CYS A 2397 58.02 1.98 11.51
N LEU A 2398 56.70 2.13 11.69
CA LEU A 2398 56.06 1.46 12.81
C LEU A 2398 56.08 -0.06 12.65
N GLU A 2399 56.03 -0.56 11.41
CA GLU A 2399 56.21 -1.99 11.18
C GLU A 2399 57.57 -2.44 11.69
N VAL A 2400 58.63 -1.75 11.28
CA VAL A 2400 59.96 -2.19 11.69
C VAL A 2400 60.13 -2.01 13.20
N VAL A 2401 59.46 -1.02 13.80
CA VAL A 2401 59.49 -0.87 15.25
C VAL A 2401 58.85 -2.08 15.91
N LEU A 2402 57.66 -2.48 15.46
CA LEU A 2402 57.00 -3.66 15.96
C LEU A 2402 57.80 -4.93 15.72
N CYS A 2403 58.69 -4.92 14.74
CA CYS A 2403 59.50 -6.12 14.44
C CYS A 2403 60.21 -6.64 15.69
N ARG A 2404 60.80 -5.74 16.49
CA ARG A 2404 61.43 -6.13 17.75
C ARG A 2404 60.96 -5.18 18.84
N VAL A 2405 60.04 -5.65 19.68
CA VAL A 2405 59.55 -4.93 20.83
C VAL A 2405 59.72 -5.72 22.11
N GLU A 2406 59.38 -7.01 22.08
CA GLU A 2406 59.50 -7.87 23.25
C GLU A 2406 60.92 -7.87 23.81
N GLY A 2407 61.92 -7.68 22.96
CA GLY A 2407 63.30 -7.66 23.41
C GLY A 2407 63.78 -6.31 23.87
N MET A 2408 63.71 -5.30 23.00
CA MET A 2408 64.26 -3.99 23.30
C MET A 2408 63.38 -3.29 24.33
N THR A 2409 63.94 -3.01 25.50
CA THR A 2409 63.18 -2.51 26.64
C THR A 2409 63.16 -1.00 26.76
N GLU A 2410 63.84 -0.27 25.87
CA GLU A 2410 63.88 1.19 25.92
C GLU A 2410 62.79 1.73 25.00
N LEU A 2411 61.54 1.54 25.43
CA LEU A 2411 60.39 1.86 24.59
C LEU A 2411 59.47 2.83 25.31
N TYR A 2412 58.48 3.31 24.55
CA TYR A 2412 57.47 4.29 24.91
C TYR A 2412 58.09 5.67 25.02
N PHE A 2413 59.42 5.74 25.07
CA PHE A 2413 60.07 7.03 25.17
C PHE A 2413 60.32 7.62 23.80
N GLN A 2414 60.87 6.81 22.90
CA GLN A 2414 60.92 7.22 21.50
C GLN A 2414 59.53 7.58 21.01
N LEU A 2415 58.54 6.80 21.42
CA LEU A 2415 57.18 7.01 20.92
C LEU A 2415 56.55 8.28 21.51
N LYS A 2416 56.75 8.52 22.81
CA LYS A 2416 56.20 9.73 23.39
C LYS A 2416 56.95 10.97 22.90
N SER A 2417 58.22 10.81 22.52
CA SER A 2417 58.95 11.94 21.95
C SER A 2417 58.53 12.20 20.51
N LYS A 2418 58.11 11.17 19.79
CA LYS A 2418 57.62 11.32 18.43
C LYS A 2418 56.10 11.42 18.37
N ASP A 2419 55.44 11.57 19.52
CA ASP A 2419 54.02 11.92 19.61
C ASP A 2419 53.18 10.74 19.12
N PHE A 2420 53.45 9.57 19.71
CA PHE A 2420 52.85 8.32 19.29
C PHE A 2420 51.34 8.33 19.44
N VAL A 2421 50.84 8.91 20.53
CA VAL A 2421 49.40 8.90 20.78
C VAL A 2421 48.66 9.61 19.66
N GLN A 2422 49.16 10.78 19.24
CA GLN A 2422 48.55 11.46 18.11
C GLN A 2422 48.82 10.74 16.80
N VAL A 2423 49.92 9.99 16.71
CA VAL A 2423 50.14 9.16 15.53
C VAL A 2423 49.01 8.14 15.40
N MET A 2424 48.65 7.48 16.50
CA MET A 2424 47.53 6.55 16.50
C MET A 2424 46.20 7.26 16.70
N ARG A 2425 46.16 8.57 16.52
CA ARG A 2425 44.91 9.31 16.40
C ARG A 2425 44.67 9.79 14.97
N HIS A 2426 45.42 9.27 14.02
CA HIS A 2426 45.28 9.61 12.61
C HIS A 2426 44.48 8.52 11.91
N ARG A 2427 43.65 8.92 10.96
CA ARG A 2427 42.81 7.95 10.26
C ARG A 2427 43.63 7.15 9.25
N ASP A 2428 44.39 6.19 9.76
CA ASP A 2428 45.12 5.25 8.93
C ASP A 2428 45.00 3.88 9.62
N ASP A 2429 44.04 3.08 9.17
CA ASP A 2429 43.62 1.91 9.93
C ASP A 2429 44.72 0.87 10.07
N GLU A 2430 45.54 0.69 9.04
CA GLU A 2430 46.68 -0.22 9.19
C GLU A 2430 47.69 0.33 10.19
N ARG A 2431 47.94 1.64 10.16
CA ARG A 2431 48.79 2.25 11.17
C ARG A 2431 48.21 2.09 12.56
N GLN A 2432 46.89 2.28 12.70
CA GLN A 2432 46.27 2.12 14.00
C GLN A 2432 46.34 0.67 14.48
N LYS A 2433 46.21 -0.28 13.54
CA LYS A 2433 46.31 -1.69 13.92
C LYS A 2433 47.71 -2.01 14.40
N VAL A 2434 48.74 -1.56 13.69
CA VAL A 2434 50.08 -1.84 14.14
C VAL A 2434 50.38 -1.08 15.43
N CYS A 2435 49.77 0.08 15.62
CA CYS A 2435 49.92 0.82 16.87
C CYS A 2435 49.40 0.00 18.04
N LEU A 2436 48.17 -0.49 17.92
CA LEU A 2436 47.58 -1.29 18.99
C LEU A 2436 48.34 -2.59 19.20
N ASP A 2437 48.86 -3.19 18.13
CA ASP A 2437 49.68 -4.39 18.28
C ASP A 2437 50.96 -4.07 19.03
N ILE A 2438 51.60 -2.94 18.70
CA ILE A 2438 52.79 -2.50 19.41
C ILE A 2438 52.50 -2.33 20.89
N ILE A 2439 51.38 -1.68 21.20
CA ILE A 2439 51.00 -1.45 22.59
C ILE A 2439 50.75 -2.77 23.30
N TYR A 2440 50.04 -3.69 22.66
CA TYR A 2440 49.76 -4.97 23.30
C TYR A 2440 51.04 -5.76 23.52
N LYS A 2441 52.03 -5.59 22.65
CA LYS A 2441 53.31 -6.27 22.83
C LYS A 2441 54.11 -5.67 23.96
N MET A 2442 54.19 -4.34 24.03
CA MET A 2442 55.05 -3.66 24.99
C MET A 2442 54.40 -3.45 26.34
N MET A 2443 53.12 -3.73 26.45
CA MET A 2443 52.37 -3.41 27.67
C MET A 2443 52.73 -4.28 28.88
N PRO A 2444 53.05 -5.58 28.77
CA PRO A 2444 53.42 -6.30 29.98
C PRO A 2444 54.84 -6.01 30.42
N LYS A 2445 55.23 -4.74 30.32
CA LYS A 2445 56.54 -4.28 30.75
C LYS A 2445 56.45 -2.87 31.33
N LEU A 2446 55.25 -2.31 31.40
CA LEU A 2446 55.05 -0.87 31.48
C LEU A 2446 54.48 -0.48 32.84
N LYS A 2447 54.87 0.69 33.32
CA LYS A 2447 54.41 1.15 34.61
C LYS A 2447 52.96 1.63 34.52
N PRO A 2448 52.23 1.60 35.64
CA PRO A 2448 50.84 2.05 35.60
C PRO A 2448 50.67 3.48 35.09
N VAL A 2449 51.63 4.36 35.32
CA VAL A 2449 51.47 5.74 34.84
C VAL A 2449 51.52 5.78 33.31
N GLU A 2450 52.50 5.11 32.71
CA GLU A 2450 52.57 5.07 31.25
C GLU A 2450 51.34 4.36 30.67
N LEU A 2451 50.90 3.29 31.33
CA LEU A 2451 49.70 2.61 30.87
C LEU A 2451 48.48 3.51 30.99
N ARG A 2452 48.43 4.36 32.02
CA ARG A 2452 47.38 5.38 32.10
C ARG A 2452 47.45 6.33 30.92
N GLU A 2453 48.65 6.74 30.54
CA GLU A 2453 48.80 7.64 29.41
C GLU A 2453 48.33 7.00 28.11
N LEU A 2454 48.63 5.71 27.91
CA LEU A 2454 48.24 5.02 26.69
C LEU A 2454 46.78 4.57 26.70
N LEU A 2455 46.20 4.38 27.88
CA LEU A 2455 44.90 3.73 27.97
C LEU A 2455 43.77 4.63 27.53
N ASN A 2456 43.95 5.94 27.63
CA ASN A 2456 42.89 6.84 27.21
C ASN A 2456 42.78 6.94 25.68
N PRO A 2457 43.88 6.93 24.93
CA PRO A 2457 43.76 6.86 23.47
C PRO A 2457 43.63 5.46 22.88
N VAL A 2458 43.42 4.42 23.69
CA VAL A 2458 43.05 3.12 23.16
C VAL A 2458 41.57 2.82 23.39
N VAL A 2459 41.00 3.30 24.48
CA VAL A 2459 39.59 3.08 24.75
C VAL A 2459 38.78 4.08 23.96
N GLU A 2460 39.46 4.89 23.14
CA GLU A 2460 38.78 5.70 22.15
C GLU A 2460 38.55 4.94 20.85
N PHE A 2461 38.93 3.66 20.81
CA PHE A 2461 38.71 2.83 19.64
C PHE A 2461 37.35 2.15 19.64
N VAL A 2462 36.57 2.31 20.70
CA VAL A 2462 35.15 2.02 20.61
C VAL A 2462 34.53 3.01 19.65
N SER A 2463 33.59 2.54 18.83
CA SER A 2463 32.96 3.30 17.75
C SER A 2463 33.92 3.62 16.64
N HIS A 2464 35.19 3.25 16.76
CA HIS A 2464 36.11 3.33 15.65
C HIS A 2464 35.70 2.29 14.62
N PRO A 2465 35.50 2.66 13.36
CA PRO A 2465 34.98 1.70 12.37
C PRO A 2465 36.08 0.88 11.70
N SER A 2466 36.72 0.00 12.46
CA SER A 2466 37.80 -0.82 11.92
C SER A 2466 37.51 -2.32 12.01
N THR A 2467 37.20 -2.84 13.20
CA THR A 2467 37.02 -4.26 13.49
C THR A 2467 38.34 -5.01 13.36
N THR A 2468 39.37 -4.34 12.86
CA THR A 2468 40.73 -4.88 12.92
C THR A 2468 41.62 -4.10 13.86
N CYS A 2469 41.25 -2.87 14.21
CA CYS A 2469 41.81 -2.22 15.39
C CYS A 2469 41.01 -2.57 16.63
N ARG A 2470 39.69 -2.74 16.48
CA ARG A 2470 38.84 -2.95 17.64
C ARG A 2470 39.11 -4.30 18.31
N GLU A 2471 39.40 -5.32 17.53
CA GLU A 2471 39.58 -6.63 18.16
C GLU A 2471 40.89 -6.68 18.93
N GLN A 2472 41.95 -6.09 18.39
CA GLN A 2472 43.17 -5.95 19.18
C GLN A 2472 42.95 -5.05 20.39
N MET A 2473 42.10 -4.03 20.26
CA MET A 2473 41.83 -3.15 21.39
C MET A 2473 41.16 -3.91 22.52
N TYR A 2474 40.19 -4.75 22.18
CA TYR A 2474 39.57 -5.60 23.21
C TYR A 2474 40.56 -6.62 23.76
N ASN A 2475 41.53 -7.06 22.95
CA ASN A 2475 42.58 -7.94 23.48
C ASN A 2475 43.44 -7.22 24.51
N ILE A 2476 43.79 -5.97 24.22
CA ILE A 2476 44.53 -5.16 25.17
C ILE A 2476 43.75 -5.02 26.46
N LEU A 2477 42.46 -4.73 26.35
CA LEU A 2477 41.64 -4.56 27.54
C LEU A 2477 41.41 -5.87 28.28
N MET A 2478 41.31 -7.00 27.57
CA MET A 2478 41.24 -8.28 28.26
C MET A 2478 42.49 -8.52 29.06
N TRP A 2479 43.66 -8.22 28.49
CA TRP A 2479 44.90 -8.34 29.26
C TRP A 2479 44.86 -7.47 30.51
N ILE A 2480 44.53 -6.19 30.32
CA ILE A 2480 44.58 -5.25 31.44
C ILE A 2480 43.63 -5.67 32.54
N HIS A 2481 42.39 -6.02 32.19
CA HIS A 2481 41.44 -6.45 33.20
C HIS A 2481 41.91 -7.72 33.88
N ASP A 2482 42.37 -8.70 33.10
CA ASP A 2482 42.76 -9.97 33.68
C ASP A 2482 43.91 -9.81 34.66
N ASN A 2483 44.79 -8.85 34.41
CA ASN A 2483 45.95 -8.72 35.29
C ASN A 2483 45.73 -7.75 36.43
N TYR A 2484 44.99 -6.65 36.22
CA TYR A 2484 44.67 -5.75 37.32
C TYR A 2484 43.33 -6.14 37.95
N ARG A 2485 43.20 -7.42 38.28
CA ARG A 2485 41.99 -7.99 38.85
C ARG A 2485 42.18 -8.20 40.35
N ASP A 2486 42.90 -7.28 40.97
CA ASP A 2486 43.26 -7.33 42.36
C ASP A 2486 42.59 -6.21 43.14
N PRO A 2487 42.00 -6.49 44.30
CA PRO A 2487 41.24 -5.45 45.01
C PRO A 2487 42.09 -4.44 45.74
N GLU A 2488 43.18 -4.88 46.38
CA GLU A 2488 43.99 -3.92 47.13
C GLU A 2488 45.49 -4.21 46.95
N SER A 2489 45.90 -4.73 45.80
CA SER A 2489 47.30 -4.92 45.48
C SER A 2489 47.73 -3.84 44.50
N GLU A 2490 48.85 -3.18 44.81
CA GLU A 2490 49.40 -2.10 43.97
C GLU A 2490 48.40 -0.96 43.77
N THR A 2491 47.57 -0.69 44.77
CA THR A 2491 46.63 0.43 44.67
C THR A 2491 47.41 1.74 44.65
N ASP A 2492 47.32 2.46 43.53
CA ASP A 2492 48.13 3.65 43.32
C ASP A 2492 47.32 4.86 42.87
N ASN A 2493 45.99 4.83 43.01
CA ASN A 2493 45.10 5.90 42.59
C ASN A 2493 45.08 6.03 41.07
N ASP A 2494 45.91 5.23 40.38
CA ASP A 2494 45.78 5.06 38.95
C ASP A 2494 45.76 3.60 38.52
N SER A 2495 46.30 2.69 39.33
CA SER A 2495 46.10 1.26 39.10
C SER A 2495 44.64 0.87 39.23
N GLN A 2496 43.81 1.72 39.83
CA GLN A 2496 42.37 1.52 39.84
C GLN A 2496 41.64 2.36 38.81
N GLU A 2497 42.18 3.52 38.44
CA GLU A 2497 41.62 4.24 37.30
C GLU A 2497 41.74 3.44 36.02
N ILE A 2498 42.91 2.81 35.81
CA ILE A 2498 43.09 1.93 34.66
C ILE A 2498 42.08 0.78 34.70
N PHE A 2499 41.91 0.16 35.87
CA PHE A 2499 41.01 -0.98 35.94
C PHE A 2499 39.56 -0.57 35.71
N LYS A 2500 39.16 0.58 36.25
CA LYS A 2500 37.79 1.06 36.01
C LYS A 2500 37.57 1.34 34.53
N LEU A 2501 38.52 2.01 33.90
CA LEU A 2501 38.38 2.30 32.47
C LEU A 2501 38.30 1.02 31.66
N ALA A 2502 39.18 0.07 31.95
CA ALA A 2502 39.21 -1.18 31.21
C ALA A 2502 37.91 -1.95 31.40
N LYS A 2503 37.45 -2.06 32.65
CA LYS A 2503 36.22 -2.81 32.88
C LYS A 2503 35.03 -2.15 32.22
N ASP A 2504 34.97 -0.82 32.22
CA ASP A 2504 33.83 -0.18 31.61
C ASP A 2504 33.84 -0.35 30.10
N VAL A 2505 35.01 -0.28 29.47
CA VAL A 2505 35.02 -0.47 28.02
C VAL A 2505 34.77 -1.93 27.68
N LEU A 2506 35.20 -2.86 28.52
CA LEU A 2506 34.92 -4.26 28.27
C LEU A 2506 33.44 -4.58 28.43
N ILE A 2507 32.77 -3.91 29.38
CA ILE A 2507 31.32 -4.00 29.46
C ILE A 2507 30.70 -3.45 28.20
N GLN A 2508 31.14 -2.29 27.75
CA GLN A 2508 30.61 -1.72 26.53
C GLN A 2508 30.92 -2.53 25.29
N GLY A 2509 31.87 -3.46 25.38
CA GLY A 2509 32.13 -4.33 24.26
C GLY A 2509 31.07 -5.37 24.03
N LEU A 2510 30.14 -5.54 24.98
CA LEU A 2510 29.02 -6.46 24.86
C LEU A 2510 28.01 -6.01 23.83
N ILE A 2511 28.06 -4.77 23.36
CA ILE A 2511 27.12 -4.24 22.39
C ILE A 2511 27.78 -3.91 21.07
N ASP A 2512 29.02 -4.32 20.87
CA ASP A 2512 29.72 -4.01 19.65
C ASP A 2512 28.94 -4.52 18.44
N GLU A 2513 28.91 -3.71 17.38
CA GLU A 2513 28.09 -4.04 16.22
C GLU A 2513 28.45 -5.41 15.67
N ASN A 2514 29.73 -5.67 15.47
CA ASN A 2514 30.20 -6.91 14.88
C ASN A 2514 29.76 -8.09 15.75
N PRO A 2515 29.03 -9.06 15.20
CA PRO A 2515 28.58 -10.18 16.04
C PRO A 2515 29.71 -11.08 16.50
N GLY A 2516 30.75 -11.27 15.69
CA GLY A 2516 31.88 -12.07 16.14
C GLY A 2516 32.62 -11.44 17.30
N LEU A 2517 32.91 -10.14 17.18
CA LEU A 2517 33.57 -9.43 18.27
C LEU A 2517 32.70 -9.40 19.52
N GLN A 2518 31.40 -9.18 19.33
CA GLN A 2518 30.46 -9.22 20.45
C GLN A 2518 30.49 -10.59 21.12
N LEU A 2519 30.61 -11.65 20.32
CA LEU A 2519 30.68 -13.00 20.90
C LEU A 2519 31.97 -13.17 21.68
N ILE A 2520 33.07 -12.64 21.18
CA ILE A 2520 34.35 -12.71 21.88
C ILE A 2520 34.21 -12.05 23.25
N ILE A 2521 33.63 -10.86 23.28
CA ILE A 2521 33.44 -10.18 24.56
C ILE A 2521 32.47 -10.95 25.44
N ARG A 2522 31.42 -11.51 24.86
CA ARG A 2522 30.40 -12.16 25.67
C ARG A 2522 30.95 -13.40 26.35
N ASN A 2523 31.69 -14.22 25.63
CA ASN A 2523 32.25 -15.40 26.30
C ASN A 2523 33.52 -15.07 27.09
N PHE A 2524 34.10 -13.90 26.87
CA PHE A 2524 35.07 -13.38 27.82
C PHE A 2524 34.40 -13.06 29.16
N TRP A 2525 33.19 -12.54 29.12
CA TRP A 2525 32.48 -12.13 30.33
C TRP A 2525 31.66 -13.25 30.95
N SER A 2526 31.46 -14.36 30.25
CA SER A 2526 30.67 -15.46 30.78
C SER A 2526 31.53 -16.58 31.33
N HIS A 2527 32.83 -16.36 31.47
CA HIS A 2527 33.68 -17.34 32.10
C HIS A 2527 33.28 -17.51 33.57
N GLU A 2528 33.95 -18.44 34.26
CA GLU A 2528 33.66 -18.62 35.67
C GLU A 2528 34.53 -17.72 36.54
N THR A 2529 35.68 -17.29 36.05
CA THR A 2529 36.54 -16.40 36.83
C THR A 2529 35.91 -15.03 36.97
N ARG A 2530 35.46 -14.46 35.85
CA ARG A 2530 35.04 -13.07 35.79
C ARG A 2530 33.55 -12.88 36.04
N LEU A 2531 32.82 -13.96 36.30
CA LEU A 2531 31.40 -13.92 36.63
C LEU A 2531 31.04 -15.29 37.17
N PRO A 2532 30.36 -15.39 38.32
CA PRO A 2532 30.19 -16.68 38.98
C PRO A 2532 29.47 -17.70 38.12
N SER A 2533 29.42 -18.92 38.64
CA SER A 2533 28.69 -20.00 38.00
C SER A 2533 27.35 -20.29 38.68
N ASN A 2534 27.33 -20.27 40.01
CA ASN A 2534 26.08 -20.41 40.74
C ASN A 2534 25.05 -19.44 40.22
N THR A 2535 23.79 -19.87 40.17
CA THR A 2535 22.77 -19.04 39.55
C THR A 2535 22.48 -17.81 40.39
N LEU A 2536 22.32 -17.99 41.69
CA LEU A 2536 22.03 -16.85 42.56
C LEU A 2536 23.19 -15.87 42.61
N ASP A 2537 24.41 -16.37 42.70
CA ASP A 2537 25.55 -15.46 42.75
C ASP A 2537 25.76 -14.77 41.41
N ARG A 2538 25.49 -15.47 40.32
CA ARG A 2538 25.57 -14.81 39.02
C ARG A 2538 24.49 -13.75 38.90
N LEU A 2539 23.31 -14.02 39.45
CA LEU A 2539 22.24 -13.02 39.50
C LEU A 2539 22.72 -11.77 40.22
N LEU A 2540 23.28 -11.93 41.41
CA LEU A 2540 23.73 -10.77 42.17
C LEU A 2540 24.86 -10.04 41.47
N ALA A 2541 25.80 -10.78 40.89
CA ALA A 2541 26.99 -10.16 40.33
C ALA A 2541 26.75 -9.59 38.95
N LEU A 2542 25.64 -9.92 38.31
CA LEU A 2542 25.36 -9.39 36.98
C LEU A 2542 24.84 -7.97 37.04
N ASN A 2543 24.33 -7.52 38.19
CA ASN A 2543 24.06 -6.09 38.41
C ASN A 2543 25.34 -5.28 38.49
N SER A 2544 26.49 -5.92 38.61
CA SER A 2544 27.76 -5.22 38.61
C SER A 2544 28.26 -4.90 37.21
N LEU A 2545 27.65 -5.48 36.18
CA LEU A 2545 27.99 -5.21 34.79
C LEU A 2545 27.04 -4.24 34.12
N TYR A 2546 26.19 -3.57 34.90
CA TYR A 2546 25.36 -2.54 34.31
C TYR A 2546 26.17 -1.28 34.10
N SER A 2547 26.09 -0.73 32.90
CA SER A 2547 26.67 0.57 32.63
C SER A 2547 25.65 1.41 31.89
N PRO A 2548 25.52 2.69 32.25
CA PRO A 2548 24.55 3.56 31.57
C PRO A 2548 24.72 3.63 30.06
N LYS A 2549 25.79 3.07 29.51
CA LYS A 2549 25.98 3.12 28.08
C LYS A 2549 25.47 1.88 27.38
N ILE A 2550 25.21 0.80 28.12
CA ILE A 2550 24.69 -0.43 27.53
C ILE A 2550 23.29 -0.72 28.07
N GLU A 2551 22.62 0.30 28.60
CA GLU A 2551 21.34 0.05 29.25
C GLU A 2551 20.27 -0.40 28.27
N VAL A 2552 20.39 0.00 27.00
CA VAL A 2552 19.42 -0.42 26.00
C VAL A 2552 19.43 -1.93 25.84
N HIS A 2553 20.61 -2.55 25.87
CA HIS A 2553 20.75 -3.97 25.65
C HIS A 2553 20.95 -4.74 26.93
N PHE A 2554 21.03 -4.09 28.08
CA PHE A 2554 20.85 -4.81 29.32
C PHE A 2554 19.46 -5.44 29.32
N LEU A 2555 19.29 -6.49 30.12
CA LEU A 2555 18.10 -7.34 30.18
C LEU A 2555 18.03 -8.23 28.95
N SER A 2556 18.79 -7.87 27.93
CA SER A 2556 19.02 -8.70 26.77
C SER A 2556 20.40 -9.32 26.83
N LEU A 2557 21.25 -8.82 27.71
CA LEU A 2557 22.45 -9.50 28.14
C LEU A 2557 22.26 -10.16 29.49
N ALA A 2558 21.45 -9.58 30.37
CA ALA A 2558 21.26 -10.16 31.69
C ALA A 2558 20.67 -11.55 31.61
N THR A 2559 19.56 -11.72 30.89
CA THR A 2559 18.97 -13.05 30.80
C THR A 2559 19.79 -13.96 29.92
N ASN A 2560 20.55 -13.41 28.97
CA ASN A 2560 21.50 -14.23 28.23
C ASN A 2560 22.49 -14.89 29.19
N PHE A 2561 23.12 -14.08 30.05
CA PHE A 2561 24.09 -14.61 30.99
C PHE A 2561 23.44 -15.50 32.03
N LEU A 2562 22.18 -15.26 32.40
CA LEU A 2562 21.51 -16.14 33.35
C LEU A 2562 21.06 -17.44 32.72
N LEU A 2563 20.66 -17.40 31.46
CA LEU A 2563 19.91 -18.47 30.84
C LEU A 2563 20.80 -19.40 30.05
N GLU A 2564 21.99 -18.96 29.66
CA GLU A 2564 22.97 -19.87 29.11
C GLU A 2564 23.81 -20.53 30.18
N MET A 2565 23.27 -20.63 31.39
CA MET A 2565 23.78 -21.47 32.45
C MET A 2565 22.94 -22.74 32.59
N THR A 2566 22.10 -23.03 31.61
CA THR A 2566 21.32 -24.26 31.57
C THR A 2566 21.95 -25.33 30.70
N SER A 2567 22.70 -24.93 29.67
CA SER A 2567 23.24 -25.86 28.70
C SER A 2567 24.29 -26.79 29.28
N MET A 2568 24.75 -26.53 30.49
CA MET A 2568 25.72 -27.39 31.16
C MET A 2568 25.08 -28.29 32.21
N SER A 2569 23.80 -28.08 32.52
CA SER A 2569 23.05 -29.00 33.35
C SER A 2569 22.69 -30.25 32.56
N PRO A 2570 22.59 -31.41 33.21
CA PRO A 2570 22.19 -32.62 32.48
C PRO A 2570 20.68 -32.74 32.33
N ASP A 2571 20.03 -31.62 31.98
CA ASP A 2571 18.64 -31.64 31.56
C ASP A 2571 18.37 -30.70 30.40
N TYR A 2572 19.38 -29.97 29.93
CA TYR A 2572 19.24 -29.17 28.72
C TYR A 2572 18.78 -29.95 27.51
N PRO A 2573 19.27 -31.16 27.23
CA PRO A 2573 18.78 -31.91 26.06
C PRO A 2573 17.64 -32.89 26.32
N ASN A 2574 17.14 -32.98 27.56
CA ASN A 2574 16.09 -33.93 27.86
C ASN A 2574 14.74 -33.46 27.33
N PRO A 2575 13.89 -34.36 26.85
CA PRO A 2575 12.63 -33.96 26.20
C PRO A 2575 11.53 -33.51 27.16
N MET A 2576 11.81 -33.46 28.46
CA MET A 2576 10.98 -32.87 29.52
C MET A 2576 9.54 -33.38 29.55
N PHE A 2577 9.22 -34.40 28.75
CA PHE A 2577 7.87 -34.95 28.74
C PHE A 2577 7.95 -36.46 28.52
N GLU A 2578 7.05 -37.19 29.17
CA GLU A 2578 6.93 -38.62 28.94
C GLU A 2578 6.25 -38.89 27.60
N ILE A 2783 5.73 -33.57 21.13
CA ILE A 2783 5.63 -32.72 22.31
C ILE A 2783 6.83 -32.92 23.22
N GLN A 2784 7.43 -34.10 23.15
CA GLN A 2784 8.64 -34.42 23.91
C GLN A 2784 9.79 -33.65 23.26
N ILE A 2785 9.93 -32.39 23.68
CA ILE A 2785 10.55 -31.37 22.85
C ILE A 2785 11.70 -30.62 23.54
N LYS A 2786 12.47 -31.30 24.40
CA LYS A 2786 13.87 -30.93 24.60
C LYS A 2786 14.11 -29.48 25.03
N HIS A 2787 14.02 -29.20 26.35
CA HIS A 2787 13.99 -27.86 26.94
C HIS A 2787 14.68 -26.80 26.11
N SER A 2788 15.86 -27.11 25.58
CA SER A 2788 16.57 -26.22 24.67
C SER A 2788 15.64 -25.67 23.60
N SER A 2789 14.72 -26.50 23.11
CA SER A 2789 13.79 -26.04 22.09
C SER A 2789 12.91 -24.91 22.59
N LEU A 2790 12.73 -24.79 23.90
CA LEU A 2790 11.94 -23.72 24.48
C LEU A 2790 12.80 -22.64 25.11
N ILE A 2791 14.10 -22.86 25.25
CA ILE A 2791 14.97 -21.91 25.94
C ILE A 2791 15.79 -21.13 24.93
N THR A 2792 16.13 -21.73 23.81
CA THR A 2792 16.89 -21.02 22.79
C THR A 2792 16.04 -20.06 21.97
N PRO A 2793 14.79 -20.37 21.62
CA PRO A 2793 14.01 -19.36 20.89
C PRO A 2793 13.47 -18.30 21.83
N LEU A 2794 13.24 -18.68 23.08
CA LEU A 2794 12.87 -17.68 24.07
C LEU A 2794 13.94 -16.62 24.19
N GLN A 2795 15.21 -17.05 24.26
CA GLN A 2795 16.32 -16.10 24.29
C GLN A 2795 16.50 -15.40 22.96
N ALA A 2796 16.29 -16.10 21.85
CA ALA A 2796 16.51 -15.49 20.55
C ALA A 2796 15.47 -14.45 20.20
N VAL A 2797 14.32 -14.45 20.88
CA VAL A 2797 13.34 -13.40 20.67
C VAL A 2797 13.44 -12.39 21.79
N ALA A 2798 13.87 -12.84 22.98
CA ALA A 2798 14.08 -11.91 24.08
C ALA A 2798 15.17 -10.92 23.75
N GLN A 2799 16.20 -11.33 23.02
CA GLN A 2799 17.26 -10.43 22.67
C GLN A 2799 16.98 -9.67 21.38
N ARG A 2800 15.75 -9.69 20.91
CA ARG A 2800 15.31 -8.84 19.81
C ARG A 2800 14.16 -7.93 20.16
N ASP A 2801 13.36 -8.29 21.16
CA ASP A 2801 12.22 -7.49 21.60
C ASP A 2801 12.37 -7.15 23.07
N PRO A 2802 12.49 -5.87 23.42
CA PRO A 2802 12.70 -5.52 24.83
C PRO A 2802 11.53 -5.85 25.76
N ILE A 2803 10.31 -6.00 25.27
CA ILE A 2803 9.23 -6.36 26.19
C ILE A 2803 9.32 -7.84 26.57
N ILE A 2804 9.70 -8.69 25.63
CA ILE A 2804 9.96 -10.07 26.02
C ILE A 2804 11.20 -10.15 26.89
N ALA A 2805 12.21 -9.30 26.60
CA ALA A 2805 13.36 -9.25 27.48
C ALA A 2805 12.95 -8.85 28.89
N LYS A 2806 12.09 -7.85 29.02
CA LYS A 2806 11.62 -7.38 30.31
C LYS A 2806 10.84 -8.45 31.05
N GLN A 2807 9.92 -9.13 30.36
CA GLN A 2807 9.11 -10.14 31.04
C GLN A 2807 9.94 -11.35 31.42
N LEU A 2808 10.90 -11.73 30.58
CA LEU A 2808 11.79 -12.84 30.90
C LEU A 2808 12.67 -12.52 32.08
N PHE A 2809 13.27 -11.32 32.12
CA PHE A 2809 14.10 -10.96 33.26
C PHE A 2809 13.28 -10.84 34.54
N SER A 2810 12.09 -10.24 34.47
CA SER A 2810 11.25 -10.18 35.66
C SER A 2810 10.91 -11.57 36.16
N SER A 2811 10.54 -12.48 35.25
CA SER A 2811 10.18 -13.83 35.68
C SER A 2811 11.37 -14.58 36.26
N LEU A 2812 12.54 -14.46 35.62
CA LEU A 2812 13.73 -15.12 36.14
C LEU A 2812 14.13 -14.56 37.49
N PHE A 2813 14.18 -13.23 37.60
CA PHE A 2813 14.53 -12.58 38.86
C PHE A 2813 13.60 -13.02 39.98
N SER A 2814 12.29 -12.97 39.75
CA SER A 2814 11.35 -13.36 40.78
C SER A 2814 11.45 -14.86 41.10
N GLY A 2815 11.65 -15.70 40.10
CA GLY A 2815 11.76 -17.12 40.37
C GLY A 2815 13.00 -17.46 41.19
N ILE A 2816 14.12 -16.81 40.88
CA ILE A 2816 15.35 -17.05 41.61
C ILE A 2816 15.23 -16.53 43.04
N LEU A 2817 14.64 -15.35 43.22
CA LEU A 2817 14.47 -14.85 44.58
C LEU A 2817 13.47 -15.66 45.37
N LYS A 2818 12.51 -16.31 44.70
CA LYS A 2818 11.62 -17.17 45.47
C LYS A 2818 12.31 -18.48 45.81
N GLU A 2819 13.14 -19.00 44.91
CA GLU A 2819 13.82 -20.25 45.20
C GLU A 2819 14.98 -20.10 46.18
N MET A 2820 15.48 -18.89 46.43
CA MET A 2820 16.49 -18.81 47.49
C MET A 2820 15.90 -19.02 48.86
N ASP A 2821 14.58 -18.97 49.02
CA ASP A 2821 13.98 -19.10 50.34
C ASP A 2821 14.33 -20.44 50.99
N LYS A 2822 14.71 -21.44 50.21
CA LYS A 2822 15.10 -22.72 50.75
C LYS A 2822 16.61 -22.93 50.78
N PHE A 2823 17.35 -22.41 49.81
CA PHE A 2823 18.80 -22.59 49.78
C PHE A 2823 19.57 -21.68 50.74
N LYS A 2824 18.91 -20.69 51.33
CA LYS A 2824 19.62 -19.72 52.15
C LYS A 2824 18.80 -19.37 53.38
N THR A 2825 19.48 -18.77 54.36
CA THR A 2825 18.91 -18.50 55.67
C THR A 2825 18.42 -17.06 55.74
N LEU A 2826 17.89 -16.68 56.90
CA LEU A 2826 17.28 -15.36 57.04
C LEU A 2826 18.30 -14.25 56.89
N SER A 2827 19.44 -14.37 57.59
CA SER A 2827 20.44 -13.32 57.55
C SER A 2827 21.04 -13.17 56.16
N GLU A 2828 21.29 -14.28 55.48
CA GLU A 2828 21.86 -14.20 54.14
C GLU A 2828 20.82 -13.69 53.14
N LYS A 2829 19.56 -14.06 53.34
CA LYS A 2829 18.49 -13.47 52.54
C LYS A 2829 18.48 -11.96 52.67
N ASN A 2830 18.55 -11.47 53.91
CA ASN A 2830 18.55 -10.03 54.12
C ASN A 2830 19.76 -9.39 53.46
N ASN A 2831 20.93 -10.03 53.55
CA ASN A 2831 22.11 -9.47 52.93
C ASN A 2831 21.95 -9.37 51.41
N ILE A 2832 21.37 -10.40 50.80
CA ILE A 2832 21.20 -10.40 49.36
C ILE A 2832 20.17 -9.35 48.94
N THR A 2833 19.07 -9.24 49.67
CA THR A 2833 18.07 -8.24 49.32
C THR A 2833 18.62 -6.82 49.49
N GLN A 2834 19.41 -6.59 50.54
CA GLN A 2834 20.01 -5.28 50.74
C GLN A 2834 21.00 -4.96 49.62
N LYS A 2835 21.79 -5.94 49.20
CA LYS A 2835 22.69 -5.70 48.09
C LYS A 2835 21.93 -5.42 46.80
N LEU A 2836 20.84 -6.15 46.55
CA LEU A 2836 20.02 -5.88 45.38
C LEU A 2836 19.43 -4.49 45.42
N LEU A 2837 18.95 -4.07 46.59
CA LEU A 2837 18.39 -2.74 46.74
C LEU A 2837 19.41 -1.66 46.43
N GLN A 2838 20.64 -1.83 46.92
CA GLN A 2838 21.70 -0.88 46.58
C GLN A 2838 21.97 -0.87 45.08
N ASP A 2839 21.99 -2.06 44.46
CA ASP A 2839 22.16 -2.15 43.02
C ASP A 2839 21.10 -1.36 42.30
N PHE A 2840 19.84 -1.53 42.71
CA PHE A 2840 18.72 -0.92 42.01
C PHE A 2840 18.72 0.59 42.19
N ASN A 2841 19.03 1.05 43.39
CA ASN A 2841 19.18 2.49 43.62
C ASN A 2841 20.24 3.06 42.69
N ARG A 2842 21.39 2.40 42.58
CA ARG A 2842 22.41 2.89 41.67
C ARG A 2842 21.92 2.87 40.24
N PHE A 2843 21.15 1.84 39.88
CA PHE A 2843 20.58 1.76 38.53
C PHE A 2843 19.77 3.01 38.22
N LEU A 2844 18.91 3.41 39.15
CA LEU A 2844 18.01 4.52 38.87
C LEU A 2844 18.71 5.87 39.01
N ASN A 2845 19.70 5.99 39.89
CA ASN A 2845 20.38 7.25 40.07
C ASN A 2845 21.43 7.51 39.01
N THR A 2846 21.98 6.47 38.40
CA THR A 2846 23.10 6.59 37.49
C THR A 2846 22.72 6.21 36.07
N THR A 2847 21.56 6.66 35.61
CA THR A 2847 21.06 6.35 34.29
C THR A 2847 20.84 7.64 33.52
N PHE A 2848 21.47 7.76 32.36
CA PHE A 2848 21.36 9.00 31.62
C PHE A 2848 20.37 8.97 30.49
N SER A 2849 20.19 7.83 29.83
CA SER A 2849 19.20 7.68 28.77
C SER A 2849 18.14 6.75 29.31
N PHE A 2850 17.10 7.32 29.90
CA PHE A 2850 16.14 6.54 30.67
C PHE A 2850 15.39 5.62 29.73
N PHE A 2851 15.79 4.38 29.69
CA PHE A 2851 15.16 3.39 28.82
C PHE A 2851 13.91 2.85 29.49
N PRO A 2852 12.76 2.95 28.85
CA PRO A 2852 11.51 2.63 29.52
C PRO A 2852 11.39 1.17 29.88
N PRO A 2853 11.72 0.21 28.99
CA PRO A 2853 11.69 -1.19 29.45
C PRO A 2853 12.61 -1.48 30.61
N PHE A 2854 13.79 -0.88 30.66
CA PHE A 2854 14.71 -1.12 31.77
C PHE A 2854 14.16 -0.55 33.07
N VAL A 2855 13.74 0.72 33.04
CA VAL A 2855 13.27 1.37 34.25
C VAL A 2855 11.99 0.71 34.76
N SER A 2856 11.05 0.41 33.85
CA SER A 2856 9.85 -0.27 34.28
C SER A 2856 10.13 -1.68 34.75
N CYS A 2857 11.13 -2.37 34.19
CA CYS A 2857 11.47 -3.68 34.70
C CYS A 2857 12.00 -3.59 36.12
N ILE A 2858 12.83 -2.59 36.41
CA ILE A 2858 13.35 -2.41 37.76
C ILE A 2858 12.21 -2.17 38.74
N GLN A 2859 11.28 -1.28 38.39
CA GLN A 2859 10.22 -0.98 39.34
C GLN A 2859 9.16 -2.08 39.41
N ASP A 2860 8.91 -2.81 38.33
CA ASP A 2860 8.06 -4.00 38.42
C ASP A 2860 8.68 -5.06 39.30
N ILE A 2861 9.99 -5.27 39.18
CA ILE A 2861 10.67 -6.24 40.03
C ILE A 2861 10.51 -5.84 41.48
N SER A 2862 10.76 -4.56 41.78
CA SER A 2862 10.71 -4.11 43.16
C SER A 2862 9.31 -4.17 43.73
N CYS A 2863 8.28 -3.93 42.93
CA CYS A 2863 6.92 -3.88 43.46
C CYS A 2863 6.43 -5.22 43.94
N GLN A 2864 7.13 -6.32 43.64
CA GLN A 2864 6.69 -7.64 44.05
C GLN A 2864 7.44 -8.18 45.27
N HIS A 2865 8.60 -7.64 45.60
CA HIS A 2865 9.41 -8.16 46.69
C HIS A 2865 9.39 -7.16 47.83
N ALA A 2866 8.90 -7.61 48.99
CA ALA A 2866 8.68 -6.71 50.12
C ALA A 2866 9.97 -6.10 50.65
N ALA A 2867 11.12 -6.65 50.29
CA ALA A 2867 12.39 -6.07 50.71
C ALA A 2867 12.88 -4.99 49.78
N LEU A 2868 12.40 -4.96 48.54
CA LEU A 2868 12.86 -4.00 47.56
C LEU A 2868 11.90 -2.83 47.40
N LEU A 2869 10.92 -2.69 48.29
CA LEU A 2869 10.02 -1.55 48.24
C LEU A 2869 10.69 -0.26 48.67
N SER A 2870 11.77 -0.34 49.44
CA SER A 2870 12.45 0.82 49.99
C SER A 2870 13.25 1.59 48.96
N LEU A 2871 13.06 1.33 47.68
CA LEU A 2871 13.77 2.03 46.63
C LEU A 2871 13.54 3.54 46.76
N ASP A 2872 14.54 4.33 46.36
CA ASP A 2872 14.46 5.77 46.57
C ASP A 2872 13.20 6.36 45.96
N PRO A 2873 12.36 7.03 46.73
CA PRO A 2873 11.26 7.76 46.10
C PRO A 2873 11.73 8.81 45.12
N ALA A 2874 12.81 9.52 45.42
CA ALA A 2874 13.31 10.53 44.50
C ALA A 2874 13.78 9.92 43.19
N ALA A 2875 14.50 8.81 43.27
CA ALA A 2875 14.94 8.11 42.07
C ALA A 2875 13.76 7.58 41.29
N VAL A 2876 12.76 7.04 41.98
CA VAL A 2876 11.57 6.52 41.33
C VAL A 2876 10.86 7.62 40.55
N SER A 2877 10.66 8.79 41.18
CA SER A 2877 10.01 9.89 40.49
C SER A 2877 10.82 10.37 39.30
N ALA A 2878 12.12 10.56 39.48
CA ALA A 2878 12.91 11.05 38.37
C ALA A 2878 12.88 10.08 37.19
N GLY A 2879 13.05 8.79 37.47
CA GLY A 2879 13.08 7.81 36.40
C GLY A 2879 11.75 7.65 35.70
N CYS A 2880 10.65 7.68 36.46
CA CYS A 2880 9.34 7.57 35.86
C CYS A 2880 8.99 8.79 35.03
N LEU A 2881 9.27 9.99 35.53
CA LEU A 2881 8.99 11.20 34.77
C LEU A 2881 9.80 11.24 33.49
N ALA A 2882 11.10 10.94 33.58
CA ALA A 2882 11.94 11.03 32.40
C ALA A 2882 11.63 9.94 31.38
N SER A 2883 11.28 8.74 31.84
CA SER A 2883 10.95 7.66 30.93
C SER A 2883 9.48 7.60 30.57
N LEU A 2884 8.65 8.45 31.15
CA LEU A 2884 7.21 8.47 30.90
C LEU A 2884 6.58 7.12 31.22
N GLN A 2885 6.99 6.52 32.32
CA GLN A 2885 6.41 5.30 32.86
C GLN A 2885 5.77 5.58 34.21
N GLN A 2886 5.05 6.68 34.31
CA GLN A 2886 4.47 7.08 35.59
C GLN A 2886 3.61 6.03 36.25
N PRO A 2887 2.78 5.25 35.55
CA PRO A 2887 1.94 4.28 36.27
C PRO A 2887 2.73 3.22 36.99
N VAL A 2888 3.92 2.88 36.49
CA VAL A 2888 4.78 1.92 37.17
C VAL A 2888 5.26 2.47 38.50
N GLY A 2889 5.77 3.70 38.49
CA GLY A 2889 6.16 4.32 39.74
C GLY A 2889 5.01 4.58 40.67
N ILE A 2890 3.84 4.88 40.13
CA ILE A 2890 2.67 5.06 40.98
C ILE A 2890 2.36 3.77 41.70
N ARG A 2891 2.46 2.63 41.02
CA ARG A 2891 2.16 1.38 41.69
C ARG A 2891 3.23 1.01 42.71
N LEU A 2892 4.51 1.24 42.38
CA LEU A 2892 5.57 0.94 43.33
C LEU A 2892 5.48 1.79 44.58
N LEU A 2893 5.23 3.09 44.42
CA LEU A 2893 5.14 3.97 45.58
C LEU A 2893 3.88 3.71 46.38
N GLU A 2894 2.78 3.30 45.76
CA GLU A 2894 1.65 2.93 46.60
C GLU A 2894 1.85 1.63 47.32
N GLU A 2895 2.54 0.66 46.74
CA GLU A 2895 2.81 -0.57 47.49
C GLU A 2895 3.73 -0.28 48.66
N ALA A 2896 4.71 0.59 48.45
CA ALA A 2896 5.54 1.04 49.56
C ALA A 2896 4.69 1.69 50.64
N LEU A 2897 3.82 2.61 50.28
CA LEU A 2897 2.97 3.29 51.24
C LEU A 2897 1.96 2.38 51.92
N LEU A 2898 1.63 1.25 51.32
CA LEU A 2898 0.76 0.28 51.98
C LEU A 2898 1.50 -0.60 52.97
N ARG A 2899 2.53 -1.29 52.53
CA ARG A 2899 3.10 -2.35 53.34
C ARG A 2899 4.55 -2.17 53.72
N LEU A 2900 5.23 -1.11 53.28
CA LEU A 2900 6.60 -0.92 53.72
C LEU A 2900 6.65 -0.57 55.20
N LEU A 2901 5.57 0.01 55.72
CA LEU A 2901 5.45 0.23 57.16
C LEU A 2901 3.98 0.02 57.54
N PRO A 2902 3.70 -0.84 58.53
CA PRO A 2902 2.35 -1.05 59.09
C PRO A 2902 1.74 0.25 59.62
N LEU A 2916 11.51 14.96 57.78
CA LEU A 2916 10.19 14.49 57.36
C LEU A 2916 10.20 12.98 57.17
N PRO A 2917 9.16 12.32 57.67
CA PRO A 2917 9.15 10.86 57.63
C PRO A 2917 9.20 10.34 56.21
N PRO A 2918 9.76 9.15 56.01
CA PRO A 2918 9.83 8.60 54.66
C PRO A 2918 8.47 8.44 54.02
N ASP A 2919 7.41 8.21 54.82
CA ASP A 2919 6.09 8.11 54.23
C ASP A 2919 5.65 9.44 53.64
N VAL A 2920 5.92 10.55 54.34
CA VAL A 2920 5.44 11.82 53.78
C VAL A 2920 6.28 12.20 52.58
N LEU A 2921 7.56 11.83 52.56
CA LEU A 2921 8.34 12.03 51.35
C LEU A 2921 7.79 11.18 50.21
N ARG A 2922 7.31 9.98 50.52
CA ARG A 2922 6.71 9.13 49.49
C ARG A 2922 5.42 9.74 48.97
N TRP A 2923 4.60 10.30 49.84
CA TRP A 2923 3.40 11.00 49.37
C TRP A 2923 3.78 12.16 48.48
N VAL A 2924 4.85 12.88 48.81
CA VAL A 2924 5.28 14.00 47.99
C VAL A 2924 5.64 13.52 46.59
N GLU A 2925 6.40 12.44 46.49
CA GLU A 2925 6.75 11.92 45.16
C GLU A 2925 5.53 11.37 44.44
N LEU A 2926 4.65 10.68 45.15
CA LEU A 2926 3.45 10.12 44.55
C LEU A 2926 2.58 11.21 43.96
N ALA A 2927 2.41 12.30 44.71
CA ALA A 2927 1.68 13.45 44.18
C ALA A 2927 2.39 14.04 42.98
N LYS A 2928 3.72 14.06 43.00
CA LYS A 2928 4.46 14.54 41.84
C LYS A 2928 4.21 13.69 40.61
N LEU A 2929 3.85 12.43 40.77
CA LEU A 2929 3.57 11.59 39.60
C LEU A 2929 2.12 11.74 39.12
N TYR A 2930 1.18 11.63 40.06
CA TYR A 2930 -0.23 11.91 39.80
C TYR A 2930 -0.45 13.27 39.17
N ARG A 2931 0.38 14.25 39.48
CA ARG A 2931 0.24 15.52 38.79
C ARG A 2931 0.67 15.40 37.34
N SER A 2932 1.69 14.58 37.08
CA SER A 2932 2.20 14.49 35.72
C SER A 2932 1.31 13.71 34.79
N ILE A 2933 0.42 12.85 35.30
CA ILE A 2933 -0.53 12.18 34.41
C ILE A 2933 -1.92 12.83 34.47
N GLY A 2934 -2.02 14.07 34.87
CA GLY A 2934 -3.33 14.68 35.02
C GLY A 2934 -3.83 14.52 36.45
N GLU A 2935 -4.89 13.74 36.63
CA GLU A 2935 -5.32 13.21 37.92
C GLU A 2935 -5.20 14.21 39.06
N TYR A 2936 -5.76 15.38 38.84
CA TYR A 2936 -5.73 16.39 39.89
C TYR A 2936 -6.72 16.09 41.00
N ASP A 2937 -7.75 15.29 40.73
CA ASP A 2937 -8.64 14.86 41.81
C ASP A 2937 -7.87 14.10 42.88
N VAL A 2938 -7.17 13.05 42.47
CA VAL A 2938 -6.41 12.25 43.40
C VAL A 2938 -5.23 13.02 43.95
N LEU A 2939 -4.63 13.91 43.15
CA LEU A 2939 -3.55 14.73 43.68
C LEU A 2939 -4.02 15.60 44.84
N ARG A 2940 -5.18 16.25 44.69
CA ARG A 2940 -5.71 17.06 45.79
C ARG A 2940 -6.16 16.20 46.95
N GLY A 2941 -6.59 14.96 46.69
CA GLY A 2941 -6.88 14.06 47.80
C GLY A 2941 -5.65 13.75 48.63
N ILE A 2942 -4.52 13.51 47.96
CA ILE A 2942 -3.24 13.35 48.65
C ILE A 2942 -2.98 14.56 49.52
N PHE A 2943 -3.09 15.75 48.92
CA PHE A 2943 -2.71 16.97 49.59
C PHE A 2943 -3.66 17.37 50.70
N THR A 2944 -4.88 16.86 50.71
CA THR A 2944 -5.79 17.16 51.80
C THR A 2944 -5.81 16.11 52.88
N SER A 2945 -5.34 14.89 52.60
CA SER A 2945 -5.38 13.85 53.61
C SER A 2945 -4.04 13.61 54.28
N GLU A 2946 -2.96 13.43 53.53
CA GLU A 2946 -1.72 13.01 54.19
C GLU A 2946 -0.61 14.04 54.26
N ILE A 2947 -0.58 15.04 53.39
CA ILE A 2947 0.42 16.10 53.48
C ILE A 2947 -0.13 17.33 54.22
N GLY A 2948 -1.30 17.80 53.82
CA GLY A 2948 -1.91 18.93 54.50
C GLY A 2948 -2.22 18.62 55.94
N THR A 2949 -1.83 19.50 56.85
CA THR A 2949 -2.15 19.35 58.26
C THR A 2949 -2.74 20.58 58.90
N LYS A 2950 -2.61 21.75 58.29
CA LYS A 2950 -3.20 22.97 58.80
C LYS A 2950 -4.64 23.10 58.31
N GLN A 2951 -5.36 24.06 58.89
CA GLN A 2951 -6.72 24.29 58.46
C GLN A 2951 -6.80 25.27 57.30
N ILE A 2952 -5.74 26.03 57.06
CA ILE A 2952 -5.72 26.98 55.94
C ILE A 2952 -5.37 26.30 54.64
N THR A 2953 -4.95 25.06 54.67
CA THR A 2953 -4.73 24.31 53.45
C THR A 2953 -5.94 23.50 53.04
N GLN A 2954 -6.95 23.41 53.89
CA GLN A 2954 -8.19 22.72 53.54
C GLN A 2954 -9.16 23.68 52.89
N SER A 2955 -9.31 24.87 53.45
CA SER A 2955 -10.13 25.89 52.82
C SER A 2955 -9.57 26.30 51.47
N ALA A 2956 -8.25 26.42 51.37
CA ALA A 2956 -7.65 26.80 50.09
C ALA A 2956 -7.86 25.72 49.05
N LEU A 2957 -7.72 24.46 49.42
CA LEU A 2957 -7.99 23.37 48.48
C LEU A 2957 -9.45 23.34 48.08
N LEU A 2958 -10.34 23.54 49.05
CA LEU A 2958 -11.76 23.55 48.77
C LEU A 2958 -12.15 24.71 47.86
N ALA A 2959 -11.43 25.82 47.94
CA ALA A 2959 -11.65 26.93 47.02
C ALA A 2959 -11.08 26.62 45.65
N GLU A 2960 -9.89 26.05 45.58
CA GLU A 2960 -9.28 25.75 44.30
C GLU A 2960 -10.03 24.68 43.54
N ALA A 2961 -10.80 23.84 44.23
CA ALA A 2961 -11.56 22.81 43.56
C ALA A 2961 -12.91 23.30 43.05
N ARG A 2962 -13.22 24.59 43.17
CA ARG A 2962 -14.37 25.18 42.53
C ARG A 2962 -13.99 26.15 41.43
N SER A 2963 -12.71 26.23 41.09
CA SER A 2963 -12.17 27.24 40.20
C SER A 2963 -12.21 28.64 40.79
N ASP A 2964 -12.22 28.74 42.12
CA ASP A 2964 -12.15 30.03 42.80
C ASP A 2964 -10.71 30.40 43.13
N TYR A 2965 -9.90 30.41 42.08
CA TYR A 2965 -8.47 30.55 42.26
C TYR A 2965 -8.09 31.87 42.92
N SER A 2966 -8.95 32.87 42.86
CA SER A 2966 -8.66 34.10 43.58
C SER A 2966 -8.63 33.85 45.08
N GLU A 2967 -9.68 33.23 45.60
CA GLU A 2967 -9.71 32.91 47.01
C GLU A 2967 -8.59 31.96 47.38
N ALA A 2968 -8.36 30.95 46.54
CA ALA A 2968 -7.32 29.99 46.85
C ALA A 2968 -5.96 30.66 46.94
N ALA A 2969 -5.63 31.53 45.98
CA ALA A 2969 -4.32 32.15 45.98
C ALA A 2969 -4.18 33.17 47.10
N LYS A 2970 -5.27 33.85 47.45
CA LYS A 2970 -5.24 34.72 48.62
C LYS A 2970 -4.89 33.93 49.87
N GLN A 2971 -5.54 32.78 50.05
CA GLN A 2971 -5.28 31.98 51.25
C GLN A 2971 -3.87 31.42 51.26
N TYR A 2972 -3.40 30.90 50.13
CA TYR A 2972 -2.06 30.34 50.10
C TYR A 2972 -1.00 31.41 50.37
N ASP A 2973 -1.14 32.57 49.75
CA ASP A 2973 -0.15 33.62 49.96
C ASP A 2973 -0.29 34.27 51.33
N GLU A 2974 -1.44 34.12 51.96
CA GLU A 2974 -1.57 34.54 53.35
C GLU A 2974 -0.87 33.58 54.28
N ALA A 2975 -0.94 32.28 54.00
CA ALA A 2975 -0.31 31.29 54.85
C ALA A 2975 1.19 31.23 54.66
N LEU A 2976 1.68 31.40 53.43
CA LEU A 2976 3.10 31.27 53.19
C LEU A 2976 3.91 32.30 53.95
N ASN A 2977 3.34 33.46 54.20
CA ASN A 2977 4.10 34.51 54.87
C ASN A 2977 3.44 34.91 56.17
N LYS A 2978 3.01 33.92 56.95
CA LYS A 2978 2.52 34.11 58.29
C LYS A 2978 3.58 33.65 59.28
N GLN A 2979 3.59 34.28 60.46
CA GLN A 2979 4.59 33.97 61.48
C GLN A 2979 4.03 33.29 62.73
N ASP A 2980 2.81 33.60 63.13
CA ASP A 2980 2.26 33.08 64.38
C ASP A 2980 1.40 31.86 64.12
N TRP A 2981 1.90 30.69 64.50
CA TRP A 2981 1.15 29.45 64.43
C TRP A 2981 0.93 28.94 65.85
N VAL A 2982 -0.33 28.79 66.24
CA VAL A 2982 -0.62 28.39 67.61
C VAL A 2982 -0.30 26.93 67.87
N ASP A 2983 -0.07 26.13 66.84
CA ASP A 2983 0.25 24.72 67.01
C ASP A 2983 1.28 24.33 65.96
N GLY A 2984 2.55 24.36 66.34
CA GLY A 2984 3.56 23.84 65.46
C GLY A 2984 3.85 24.76 64.30
N GLU A 2985 4.78 24.31 63.46
CA GLU A 2985 5.26 25.05 62.35
C GLU A 2985 5.07 24.10 61.18
N PRO A 2986 4.41 24.53 60.11
CA PRO A 2986 3.97 23.57 59.10
C PRO A 2986 5.14 22.86 58.46
N THR A 2987 4.90 21.62 58.06
CA THR A 2987 5.94 20.81 57.48
C THR A 2987 6.53 21.50 56.26
N GLU A 2988 7.81 21.26 56.00
CA GLU A 2988 8.41 21.79 54.79
C GLU A 2988 7.72 21.24 53.56
N ALA A 2989 7.17 20.03 53.66
CA ALA A 2989 6.36 19.49 52.57
C ALA A 2989 5.10 20.34 52.36
N GLU A 2990 4.47 20.76 53.44
CA GLU A 2990 3.27 21.58 53.32
C GLU A 2990 3.60 22.97 52.79
N LYS A 2991 4.73 23.53 53.23
CA LYS A 2991 5.12 24.85 52.74
C LYS A 2991 5.49 24.81 51.27
N ASP A 2992 6.18 23.75 50.82
CA ASP A 2992 6.43 23.62 49.40
C ASP A 2992 5.15 23.41 48.62
N PHE A 2993 4.20 22.69 49.20
CA PHE A 2993 2.92 22.55 48.53
C PHE A 2993 2.21 23.88 48.38
N TRP A 2994 2.21 24.69 49.44
CA TRP A 2994 1.62 26.01 49.36
C TRP A 2994 2.27 26.84 48.26
N GLU A 2995 3.61 26.85 48.24
CA GLU A 2995 4.32 27.68 47.30
C GLU A 2995 4.19 27.19 45.88
N LEU A 2996 3.88 25.91 45.67
CA LEU A 2996 3.67 25.43 44.32
C LEU A 2996 2.22 25.56 43.88
N ALA A 2997 1.29 25.55 44.81
CA ALA A 2997 -0.10 25.70 44.44
C ALA A 2997 -0.48 27.15 44.20
N SER A 2998 0.19 28.11 44.84
CA SER A 2998 -0.13 29.49 44.56
C SER A 2998 0.32 29.88 43.15
N LEU A 2999 1.35 29.22 42.64
CA LEU A 2999 1.73 29.41 41.25
C LEU A 2999 0.66 28.92 40.30
N ASP A 3000 0.06 27.77 40.59
CA ASP A 3000 -1.04 27.31 39.75
C ASP A 3000 -2.23 28.24 39.83
N CYS A 3001 -2.54 28.74 41.02
CA CYS A 3001 -3.67 29.66 41.11
C CYS A 3001 -3.42 30.93 40.31
N TYR A 3002 -2.20 31.46 40.37
CA TYR A 3002 -1.87 32.67 39.60
C TYR A 3002 -1.73 32.40 38.13
N ASN A 3003 -1.53 31.15 37.73
CA ASN A 3003 -1.53 30.83 36.31
C ASN A 3003 -2.93 30.56 35.79
N HIS A 3004 -3.82 30.06 36.63
CA HIS A 3004 -5.20 29.85 36.20
C HIS A 3004 -5.90 31.18 36.05
N LEU A 3005 -5.84 32.02 37.06
CA LEU A 3005 -6.04 33.44 36.80
C LEU A 3005 -4.93 33.88 35.87
N ALA A 3006 -5.13 34.98 35.17
CA ALA A 3006 -4.01 35.32 34.31
C ALA A 3006 -2.88 35.86 35.17
N GLU A 3007 -3.07 37.02 35.80
CA GLU A 3007 -2.13 37.57 36.77
C GLU A 3007 -0.67 37.26 36.47
N TRP A 3008 -0.19 37.65 35.30
CA TRP A 3008 1.21 37.35 35.00
C TRP A 3008 2.15 38.19 35.83
N LYS A 3009 1.72 39.38 36.25
CA LYS A 3009 2.53 40.14 37.19
C LYS A 3009 2.73 39.38 38.48
N SER A 3010 1.65 38.86 39.05
CA SER A 3010 1.79 38.10 40.29
C SER A 3010 2.55 36.81 40.04
N LEU A 3011 2.41 36.22 38.86
CA LEU A 3011 3.06 34.94 38.63
C LEU A 3011 4.56 35.08 38.41
N GLU A 3012 5.05 36.23 37.94
CA GLU A 3012 6.51 36.38 37.82
C GLU A 3012 7.08 37.43 38.75
N TYR A 3013 6.58 38.66 38.70
CA TYR A 3013 7.11 39.79 39.48
C TYR A 3013 7.28 39.42 40.95
N CYS A 3014 6.57 38.41 41.41
CA CYS A 3014 6.99 37.64 42.56
C CYS A 3014 6.63 36.19 42.25
N SER A 3015 6.70 35.35 43.28
CA SER A 3015 6.12 34.02 43.31
C SER A 3015 6.86 33.02 42.43
N THR A 3016 7.69 33.46 41.51
CA THR A 3016 8.45 32.46 40.79
C THR A 3016 9.91 32.85 40.74
N ALA A 3017 10.17 34.16 40.64
CA ALA A 3017 11.51 34.68 40.80
C ALA A 3017 11.75 35.05 42.25
N SER A 3018 11.41 34.14 43.15
CA SER A 3018 11.82 34.24 44.55
C SER A 3018 12.74 33.06 44.80
N ILE A 3019 13.98 33.21 44.35
CA ILE A 3019 15.06 32.27 44.59
C ILE A 3019 16.32 32.95 45.10
N ASP A 3020 16.47 34.25 44.88
CA ASP A 3020 17.39 35.07 45.66
C ASP A 3020 16.62 36.24 46.24
N SER A 3021 17.08 36.72 47.40
CA SER A 3021 16.34 37.75 48.13
C SER A 3021 16.53 39.13 47.50
N GLU A 3022 17.66 39.37 46.86
CA GLU A 3022 17.98 40.72 46.39
C GLU A 3022 17.00 41.14 45.30
N ASN A 3023 16.66 42.43 45.30
CA ASN A 3023 15.40 42.86 44.69
C ASN A 3023 15.28 42.52 43.21
N PRO A 3024 16.22 42.86 42.34
CA PRO A 3024 16.26 42.19 41.04
C PRO A 3024 17.01 40.88 41.15
N PRO A 3025 16.33 39.74 41.08
CA PRO A 3025 17.04 38.47 41.19
C PRO A 3025 17.98 38.27 40.02
N ASP A 3026 19.15 37.69 40.32
CA ASP A 3026 20.17 37.45 39.32
C ASP A 3026 19.97 36.07 38.68
N LEU A 3027 18.77 35.86 38.18
CA LEU A 3027 18.33 34.60 37.61
C LEU A 3027 18.98 34.28 36.30
N ASN A 3028 19.99 35.02 35.86
CA ASN A 3028 20.74 34.62 34.67
C ASN A 3028 21.37 33.24 34.85
N LYS A 3029 21.94 33.00 36.02
CA LYS A 3029 22.60 31.74 36.32
C LYS A 3029 22.15 31.11 37.62
N ILE A 3030 21.67 31.89 38.60
CA ILE A 3030 21.30 31.36 39.91
C ILE A 3030 20.09 30.45 39.71
N TRP A 3031 19.62 30.37 38.49
CA TRP A 3031 18.41 29.64 38.18
C TRP A 3031 18.64 28.19 37.83
N SER A 3032 19.75 27.90 37.14
CA SER A 3032 19.90 26.63 36.44
C SER A 3032 20.76 25.63 37.19
N GLU A 3033 21.19 25.94 38.41
CA GLU A 3033 22.06 24.99 39.08
C GLU A 3033 21.33 23.82 39.75
N PRO A 3034 20.23 24.01 40.47
CA PRO A 3034 19.60 22.86 41.12
C PRO A 3034 18.72 22.10 40.14
N PHE A 3035 18.48 20.84 40.48
CA PHE A 3035 17.53 20.05 39.73
C PHE A 3035 16.09 20.38 40.10
N TYR A 3036 15.89 20.88 41.31
CA TYR A 3036 14.71 21.67 41.66
C TYR A 3036 14.96 23.02 40.99
N GLN A 3037 14.06 23.99 41.12
CA GLN A 3037 14.05 25.17 40.27
C GLN A 3037 13.93 24.82 38.79
N GLU A 3038 13.50 23.61 38.48
CA GLU A 3038 12.77 23.31 37.25
C GLU A 3038 11.35 22.88 37.59
N THR A 3039 10.85 23.37 38.71
CA THR A 3039 9.44 23.59 38.96
C THR A 3039 9.09 25.06 38.99
N TYR A 3040 10.08 25.95 39.00
CA TYR A 3040 9.86 27.38 38.89
C TYR A 3040 10.15 27.90 37.50
N LEU A 3041 11.00 27.21 36.75
CA LEU A 3041 11.32 27.67 35.41
C LEU A 3041 10.11 27.72 34.50
N PRO A 3042 9.23 26.71 34.46
CA PRO A 3042 8.08 26.84 33.56
C PRO A 3042 7.22 28.04 33.84
N TYR A 3043 7.01 28.40 35.10
CA TYR A 3043 6.19 29.56 35.41
C TYR A 3043 6.90 30.87 35.17
N MET A 3044 8.21 30.93 35.43
CA MET A 3044 8.94 32.15 35.13
C MET A 3044 8.92 32.42 33.62
N ILE A 3045 9.15 31.38 32.83
CA ILE A 3045 9.08 31.49 31.38
C ILE A 3045 7.69 31.88 30.93
N ARG A 3046 6.66 31.16 31.41
CA ARG A 3046 5.30 31.43 30.98
C ARG A 3046 4.89 32.86 31.29
N SER A 3047 5.11 33.30 32.51
CA SER A 3047 4.68 34.64 32.90
C SER A 3047 5.43 35.72 32.14
N LYS A 3048 6.76 35.62 32.04
CA LYS A 3048 7.49 36.65 31.31
C LYS A 3048 7.11 36.68 29.84
N LEU A 3049 6.98 35.50 29.22
CA LEU A 3049 6.61 35.46 27.81
C LEU A 3049 5.24 36.03 27.58
N LYS A 3050 4.28 35.70 28.44
CA LYS A 3050 2.94 36.23 28.25
C LYS A 3050 2.93 37.73 28.40
N LEU A 3051 3.70 38.26 29.36
CA LEU A 3051 3.74 39.71 29.49
C LEU A 3051 4.33 40.35 28.24
N LEU A 3052 5.34 39.73 27.64
CA LEU A 3052 5.88 40.26 26.39
C LEU A 3052 4.85 40.22 25.27
N LEU A 3053 4.20 39.08 25.10
CA LEU A 3053 3.19 38.92 24.06
C LEU A 3053 2.06 39.92 24.23
N GLN A 3054 1.81 40.37 25.46
CA GLN A 3054 0.79 41.39 25.67
C GLN A 3054 1.31 42.80 25.42
N GLY A 3055 2.59 42.96 25.08
CA GLY A 3055 3.12 44.24 24.65
C GLY A 3055 3.95 44.96 25.68
N GLU A 3056 3.97 44.49 26.93
CA GLU A 3056 4.75 45.15 27.96
C GLU A 3056 6.22 45.20 27.57
N ALA A 3057 6.84 46.36 27.77
CA ALA A 3057 8.24 46.55 27.43
C ALA A 3057 9.09 46.11 28.62
N ASP A 3058 9.91 45.09 28.41
CA ASP A 3058 10.77 44.54 29.44
C ASP A 3058 11.72 43.56 28.77
N GLN A 3059 12.97 43.54 29.20
CA GLN A 3059 14.00 42.80 28.48
C GLN A 3059 14.65 41.71 29.31
N SER A 3060 14.02 41.31 30.41
CA SER A 3060 14.66 40.36 31.32
C SER A 3060 14.68 38.95 30.76
N LEU A 3061 13.65 38.57 30.02
CA LEU A 3061 13.61 37.20 29.53
C LEU A 3061 14.58 36.98 28.38
N LEU A 3062 14.84 38.02 27.60
CA LEU A 3062 15.62 37.84 26.38
C LEU A 3062 17.07 37.48 26.71
N THR A 3063 17.69 38.24 27.61
CA THR A 3063 19.05 37.94 28.02
C THR A 3063 19.13 36.58 28.69
N PHE A 3064 18.18 36.27 29.56
CA PHE A 3064 18.15 34.96 30.20
C PHE A 3064 18.15 33.87 29.14
N ILE A 3065 17.32 34.02 28.12
CA ILE A 3065 17.16 32.94 27.15
C ILE A 3065 18.41 32.81 26.29
N ASP A 3066 18.96 33.91 25.81
CA ASP A 3066 20.14 33.77 24.96
C ASP A 3066 21.33 33.24 25.74
N LYS A 3067 21.47 33.67 26.99
CA LYS A 3067 22.53 33.12 27.84
C LYS A 3067 22.34 31.63 28.06
N ALA A 3068 21.10 31.19 28.20
CA ALA A 3068 20.85 29.75 28.28
C ALA A 3068 21.16 29.06 26.97
N MET A 3069 20.95 29.75 25.85
CA MET A 3069 21.29 29.21 24.54
C MET A 3069 22.78 28.97 24.40
N HIS A 3070 23.60 29.92 24.85
CA HIS A 3070 25.04 29.76 24.69
C HIS A 3070 25.53 28.48 25.37
N GLY A 3071 25.37 28.40 26.69
CA GLY A 3071 25.82 27.22 27.39
C GLY A 3071 24.99 25.98 27.08
N GLU A 3072 25.57 25.03 26.35
CA GLU A 3072 24.89 23.78 26.12
C GLU A 3072 24.74 23.01 27.42
N LEU A 3073 23.88 21.98 27.38
CA LEU A 3073 23.44 21.22 28.55
C LEU A 3073 22.57 22.08 29.46
N GLN A 3074 22.49 23.37 29.13
CA GLN A 3074 21.48 24.27 29.65
C GLN A 3074 20.59 24.81 28.54
N LYS A 3075 21.06 24.79 27.30
CA LYS A 3075 20.20 25.02 26.16
C LYS A 3075 19.52 23.74 25.69
N ALA A 3076 20.07 22.59 26.05
CA ALA A 3076 19.42 21.33 25.68
C ALA A 3076 18.05 21.24 26.31
N ILE A 3077 17.97 21.42 27.63
CA ILE A 3077 16.67 21.37 28.31
C ILE A 3077 15.76 22.45 27.77
N LEU A 3078 16.32 23.64 27.54
CA LEU A 3078 15.47 24.74 27.11
C LEU A 3078 14.83 24.44 25.78
N GLU A 3079 15.58 23.99 24.80
CA GLU A 3079 15.04 23.74 23.48
C GLU A 3079 14.34 22.40 23.36
N LEU A 3080 14.42 21.53 24.36
CA LEU A 3080 13.60 20.33 24.28
C LEU A 3080 12.36 20.41 25.16
N HIS A 3081 12.19 21.47 25.92
CA HIS A 3081 10.95 21.64 26.66
C HIS A 3081 10.18 22.91 26.34
N TYR A 3082 10.82 23.93 25.77
CA TYR A 3082 10.20 25.21 25.52
C TYR A 3082 10.40 25.66 24.09
N SER A 3083 10.27 24.75 23.13
CA SER A 3083 10.45 25.14 21.74
C SER A 3083 9.37 26.10 21.28
N GLN A 3084 8.13 25.88 21.72
CA GLN A 3084 7.06 26.80 21.35
C GLN A 3084 7.26 28.17 21.95
N GLU A 3085 7.68 28.22 23.21
CA GLU A 3085 7.99 29.49 23.83
C GLU A 3085 9.17 30.17 23.15
N LEU A 3086 10.15 29.41 22.68
CA LEU A 3086 11.28 30.01 21.98
C LEU A 3086 10.84 30.59 20.64
N SER A 3087 9.97 29.88 19.93
CA SER A 3087 9.41 30.41 18.69
C SER A 3087 8.71 31.74 18.94
N LEU A 3088 7.83 31.78 19.92
CA LEU A 3088 7.12 33.01 20.20
C LEU A 3088 8.06 34.10 20.68
N LEU A 3089 9.15 33.73 21.35
CA LEU A 3089 10.08 34.76 21.81
C LEU A 3089 10.84 35.37 20.65
N TYR A 3090 11.24 34.54 19.68
CA TYR A 3090 12.00 35.08 18.56
C TYR A 3090 11.11 35.83 17.58
N LEU A 3091 9.82 35.50 17.53
CA LEU A 3091 8.94 36.33 16.71
C LEU A 3091 8.85 37.75 17.24
N LEU A 3092 9.25 37.98 18.49
CA LEU A 3092 9.25 39.33 19.03
C LEU A 3092 10.43 40.14 18.51
N GLN A 3093 11.57 39.48 18.31
CA GLN A 3093 12.73 40.12 17.70
C GLN A 3093 12.64 40.13 16.18
N ASP A 3094 11.69 39.41 15.61
CA ASP A 3094 11.40 39.48 14.18
C ASP A 3094 12.54 38.94 13.35
N ASP A 3095 12.99 37.73 13.69
CA ASP A 3095 13.87 36.94 12.84
C ASP A 3095 13.18 35.59 12.66
N VAL A 3096 12.26 35.55 11.69
CA VAL A 3096 11.36 34.42 11.58
C VAL A 3096 12.04 33.12 11.23
N ASP A 3097 13.31 33.15 10.83
CA ASP A 3097 13.99 31.89 10.55
C ASP A 3097 14.19 31.10 11.84
N ARG A 3098 14.56 31.77 12.93
CA ARG A 3098 14.68 31.10 14.21
C ARG A 3098 13.32 30.64 14.73
N ALA A 3099 12.30 31.48 14.59
CA ALA A 3099 10.96 31.07 14.97
C ALA A 3099 10.54 29.83 14.21
N LYS A 3100 10.80 29.79 12.91
CA LYS A 3100 10.45 28.62 12.11
C LYS A 3100 11.22 27.40 12.58
N TYR A 3101 12.53 27.53 12.74
CA TYR A 3101 13.32 26.38 13.17
C TYR A 3101 12.78 25.82 14.47
N TYR A 3102 12.50 26.69 15.43
CA TYR A 3102 12.02 26.21 16.72
C TYR A 3102 10.59 25.72 16.66
N ILE A 3103 9.78 26.15 15.70
CA ILE A 3103 8.44 25.60 15.68
C ILE A 3103 8.39 24.23 14.99
N GLN A 3104 9.25 23.96 14.00
CA GLN A 3104 9.33 22.56 13.59
C GLN A 3104 9.95 21.69 14.68
N ASN A 3105 10.86 22.26 15.48
CA ASN A 3105 11.30 21.53 16.66
C ASN A 3105 10.14 21.25 17.60
N GLY A 3106 9.24 22.23 17.77
CA GLY A 3106 8.09 22.04 18.62
C GLY A 3106 7.17 20.95 18.11
N ILE A 3107 6.95 20.90 16.79
CA ILE A 3107 6.12 19.83 16.24
C ILE A 3107 6.75 18.47 16.49
N GLN A 3108 8.05 18.36 16.26
CA GLN A 3108 8.72 17.08 16.48
C GLN A 3108 8.63 16.66 17.94
N SER A 3109 8.82 17.62 18.84
CA SER A 3109 8.72 17.30 20.26
C SER A 3109 7.32 16.89 20.64
N PHE A 3110 6.30 17.51 20.06
CA PHE A 3110 4.93 17.04 20.30
C PHE A 3110 4.78 15.60 19.85
N MET A 3111 5.24 15.28 18.65
CA MET A 3111 5.04 13.93 18.14
C MET A 3111 5.71 12.91 19.04
N GLN A 3112 6.91 13.22 19.52
CA GLN A 3112 7.63 12.26 20.34
C GLN A 3112 7.00 12.10 21.72
N ASN A 3113 6.67 13.22 22.36
CA ASN A 3113 6.06 13.15 23.68
C ASN A 3113 4.68 12.54 23.63
N TYR A 3114 3.99 12.63 22.50
CA TYR A 3114 2.70 11.98 22.35
C TYR A 3114 2.86 10.50 22.05
N SER A 3115 3.91 10.14 21.33
CA SER A 3115 4.18 8.73 21.06
C SER A 3115 4.50 7.97 22.33
N SER A 3116 5.26 8.58 23.24
CA SER A 3116 5.70 7.88 24.44
C SER A 3116 4.58 7.61 25.44
N ILE A 3117 3.45 8.27 25.36
CA ILE A 3117 2.38 8.10 26.34
C ILE A 3117 1.60 6.84 26.03
N ASP A 3118 1.29 6.06 27.06
CA ASP A 3118 0.47 4.88 26.89
C ASP A 3118 -0.93 5.28 26.47
N VAL A 3119 -1.59 4.41 25.70
CA VAL A 3119 -2.92 4.77 25.18
C VAL A 3119 -4.01 4.63 26.21
N LEU A 3120 -3.68 4.25 27.44
CA LEU A 3120 -4.68 4.21 28.50
C LEU A 3120 -4.66 5.46 29.34
N LEU A 3121 -3.63 6.29 29.21
CA LEU A 3121 -3.55 7.56 29.90
C LEU A 3121 -4.26 8.62 29.07
N HIS A 3122 -5.59 8.52 29.07
CA HIS A 3122 -6.40 9.40 28.25
C HIS A 3122 -6.28 10.84 28.68
N GLN A 3123 -6.22 11.08 29.99
CA GLN A 3123 -6.13 12.45 30.47
C GLN A 3123 -4.78 13.05 30.20
N SER A 3124 -3.75 12.24 30.04
CA SER A 3124 -2.44 12.74 29.69
C SER A 3124 -2.25 12.85 28.20
N ARG A 3125 -3.13 12.25 27.41
CA ARG A 3125 -3.13 12.41 25.95
C ARG A 3125 -4.00 13.56 25.49
N LEU A 3126 -5.10 13.86 26.18
CA LEU A 3126 -5.77 15.13 25.94
C LEU A 3126 -4.84 16.30 26.20
N THR A 3127 -4.09 16.27 27.28
CA THR A 3127 -3.29 17.43 27.60
C THR A 3127 -2.24 17.70 26.53
N LYS A 3128 -1.80 16.67 25.80
CA LYS A 3128 -0.85 16.91 24.73
C LYS A 3128 -1.56 17.33 23.45
N LEU A 3129 -2.63 16.63 23.10
CA LEU A 3129 -3.40 16.99 21.93
C LEU A 3129 -4.01 18.36 22.04
N GLN A 3130 -4.18 18.88 23.24
CA GLN A 3130 -4.82 20.17 23.40
C GLN A 3130 -3.90 21.31 23.08
N SER A 3131 -2.60 21.04 23.02
CA SER A 3131 -1.59 22.05 22.78
C SER A 3131 -1.11 22.06 21.34
N VAL A 3132 -1.89 21.49 20.43
CA VAL A 3132 -1.52 21.43 19.03
C VAL A 3132 -2.21 22.50 18.20
N GLN A 3133 -3.37 22.99 18.61
CA GLN A 3133 -3.97 24.08 17.86
C GLN A 3133 -3.10 25.33 17.93
N ALA A 3134 -2.71 25.72 19.14
CA ALA A 3134 -1.82 26.86 19.29
C ALA A 3134 -0.46 26.59 18.72
N LEU A 3135 -0.12 25.32 18.55
CA LEU A 3135 1.17 24.95 18.00
C LEU A 3135 1.20 25.14 16.49
N THR A 3136 0.07 24.85 15.84
CA THR A 3136 -0.01 25.03 14.41
C THR A 3136 -0.38 26.44 14.02
N GLU A 3137 -0.97 27.22 14.92
CA GLU A 3137 -1.29 28.59 14.56
C GLU A 3137 -0.04 29.44 14.41
N ILE A 3138 1.01 29.16 15.17
CA ILE A 3138 2.26 29.86 14.95
C ILE A 3138 2.80 29.55 13.57
N GLN A 3139 2.72 28.30 13.15
CA GLN A 3139 3.14 27.91 11.81
C GLN A 3139 2.31 28.62 10.76
N GLU A 3140 1.00 28.65 10.94
CA GLU A 3140 0.13 29.33 10.00
C GLU A 3140 0.51 30.79 9.85
N PHE A 3141 0.87 31.43 10.96
CA PHE A 3141 1.23 32.84 10.88
C PHE A 3141 2.62 33.06 10.30
N ILE A 3142 3.57 32.17 10.58
CA ILE A 3142 4.86 32.24 9.90
C ILE A 3142 4.65 32.15 8.40
N SER A 3143 3.80 31.21 7.95
CA SER A 3143 3.50 31.11 6.53
C SER A 3143 2.86 32.38 6.02
N PHE A 3144 1.93 32.94 6.79
CA PHE A 3144 1.21 34.11 6.32
C PHE A 3144 2.15 35.29 6.12
N ILE A 3145 3.10 35.50 7.03
CA ILE A 3145 3.99 36.64 6.86
C ILE A 3145 5.23 36.31 6.04
N SER A 3146 5.43 35.05 5.69
CA SER A 3146 6.59 34.68 4.87
C SER A 3146 6.41 35.04 3.41
N LYS A 3147 5.23 35.52 3.00
CA LYS A 3147 4.96 35.87 1.62
C LYS A 3147 4.50 37.31 1.53
N GLN A 3148 4.92 38.01 0.48
CA GLN A 3148 4.41 39.34 0.19
C GLN A 3148 3.14 39.32 -0.64
N GLY A 3149 2.83 38.17 -1.24
CA GLY A 3149 1.62 38.08 -2.05
C GLY A 3149 0.36 38.27 -1.23
N ASN A 3150 0.38 37.76 -0.01
CA ASN A 3150 -0.74 37.87 0.91
C ASN A 3150 -0.61 39.04 1.88
N LEU A 3151 0.54 39.70 1.91
CA LEU A 3151 0.64 40.99 2.58
C LEU A 3151 0.60 42.05 1.47
N SER A 3152 -0.57 42.17 0.85
CA SER A 3152 -0.78 43.24 -0.12
C SER A 3152 -2.19 43.81 -0.13
N SER A 3153 -3.13 43.24 0.64
CA SER A 3153 -4.54 43.56 0.43
C SER A 3153 -5.35 42.94 1.56
N GLN A 3154 -6.66 43.13 1.47
CA GLN A 3154 -7.56 42.59 2.47
C GLN A 3154 -8.06 41.19 2.15
N VAL A 3155 -7.92 40.73 0.91
CA VAL A 3155 -8.56 39.47 0.52
C VAL A 3155 -7.88 38.24 1.13
N PRO A 3156 -6.55 38.21 1.35
CA PRO A 3156 -6.01 37.04 2.05
C PRO A 3156 -6.15 37.17 3.56
N LEU A 3157 -6.01 38.39 4.06
CA LEU A 3157 -6.12 38.63 5.49
C LEU A 3157 -7.51 38.31 6.00
N LYS A 3158 -8.54 38.71 5.27
CA LYS A 3158 -9.90 38.39 5.69
C LYS A 3158 -10.14 36.89 5.70
N ARG A 3159 -9.49 36.16 4.80
CA ARG A 3159 -9.60 34.71 4.82
C ARG A 3159 -8.89 34.13 6.03
N LEU A 3160 -7.74 34.70 6.41
CA LEU A 3160 -7.07 34.28 7.63
C LEU A 3160 -7.97 34.48 8.84
N LEU A 3161 -8.51 35.69 8.98
CA LEU A 3161 -9.39 35.99 10.10
C LEU A 3161 -10.64 35.12 10.08
N ASN A 3162 -11.13 34.75 8.91
CA ASN A 3162 -12.23 33.80 8.83
C ASN A 3162 -11.83 32.47 9.43
N THR A 3163 -10.67 31.96 9.03
CA THR A 3163 -10.16 30.72 9.58
C THR A 3163 -10.06 30.79 11.09
N TRP A 3164 -9.49 31.88 11.60
CA TRP A 3164 -9.27 32.03 13.03
C TRP A 3164 -10.56 32.13 13.81
N THR A 3165 -11.47 33.00 13.41
CA THR A 3165 -12.74 33.06 14.11
C THR A 3165 -13.67 31.92 13.77
N ASN A 3166 -13.19 30.95 13.01
CA ASN A 3166 -13.94 29.71 12.87
C ASN A 3166 -13.40 28.59 13.74
N ARG A 3167 -12.10 28.43 13.86
CA ARG A 3167 -11.56 27.44 14.78
C ARG A 3167 -11.18 28.14 16.07
N TYR A 3168 -12.04 28.02 17.04
CA TYR A 3168 -11.77 28.25 18.45
C TYR A 3168 -11.56 26.92 19.14
N PRO A 3169 -11.05 26.91 20.35
CA PRO A 3169 -10.99 25.67 21.11
C PRO A 3169 -12.38 25.40 21.65
N ASP A 3170 -12.55 24.26 22.28
CA ASP A 3170 -13.90 23.90 22.68
C ASP A 3170 -14.31 24.80 23.83
N ALA A 3171 -15.57 25.21 23.83
CA ALA A 3171 -15.99 26.30 24.71
C ALA A 3171 -16.03 25.88 26.16
N LYS A 3172 -16.45 24.65 26.43
CA LYS A 3172 -16.60 24.19 27.80
C LYS A 3172 -15.82 22.91 28.05
N MET A 3173 -15.00 22.49 27.13
CA MET A 3173 -14.34 21.21 27.24
C MET A 3173 -12.83 21.32 27.25
N ASP A 3174 -12.26 22.49 26.95
CA ASP A 3174 -10.86 22.58 27.30
C ASP A 3174 -10.57 23.92 27.96
N PRO A 3175 -9.62 23.96 28.87
CA PRO A 3175 -9.56 25.01 29.88
C PRO A 3175 -8.86 26.28 29.39
N MET A 3176 -8.66 27.17 30.34
CA MET A 3176 -8.24 28.52 30.00
C MET A 3176 -6.74 28.66 29.87
N ASN A 3177 -5.97 27.66 30.25
CA ASN A 3177 -4.61 27.55 29.74
C ASN A 3177 -4.66 27.64 28.24
N ILE A 3178 -5.49 26.80 27.65
CA ILE A 3178 -5.58 26.64 26.20
C ILE A 3178 -6.18 27.88 25.57
N TRP A 3179 -7.28 28.36 26.13
CA TRP A 3179 -7.90 29.55 25.57
C TRP A 3179 -6.96 30.73 25.62
N ASP A 3180 -6.31 30.95 26.77
CA ASP A 3180 -5.38 32.06 26.88
C ASP A 3180 -4.20 31.92 25.96
N ASP A 3181 -3.66 30.71 25.82
CA ASP A 3181 -2.62 30.46 24.83
C ASP A 3181 -3.02 30.97 23.47
N ILE A 3182 -4.13 30.46 22.92
CA ILE A 3182 -4.34 30.78 21.51
C ILE A 3182 -4.76 32.22 21.37
N ILE A 3183 -5.53 32.76 22.32
CA ILE A 3183 -6.02 34.13 22.15
C ILE A 3183 -4.89 35.14 22.29
N THR A 3184 -4.00 34.96 23.27
CA THR A 3184 -2.88 35.90 23.33
C THR A 3184 -1.97 35.72 22.14
N ASN A 3185 -1.80 34.49 21.65
CA ASN A 3185 -1.03 34.29 20.44
C ASN A 3185 -1.67 35.02 19.26
N ARG A 3186 -2.99 34.94 19.12
CA ARG A 3186 -3.66 35.53 17.98
C ARG A 3186 -3.66 37.04 18.05
N CYS A 3187 -3.84 37.61 19.23
CA CYS A 3187 -3.79 39.05 19.34
C CYS A 3187 -2.37 39.57 19.12
N PHE A 3188 -1.36 38.83 19.55
CA PHE A 3188 0.00 39.18 19.18
C PHE A 3188 0.19 39.08 17.68
N PHE A 3189 -0.38 38.05 17.05
CA PHE A 3189 -0.24 37.89 15.61
C PHE A 3189 -0.88 39.04 14.86
N LEU A 3190 -2.08 39.46 15.28
CA LEU A 3190 -2.73 40.59 14.63
C LEU A 3190 -1.95 41.87 14.86
N SER A 3191 -1.37 42.05 16.04
CA SER A 3191 -0.54 43.22 16.28
C SER A 3191 0.75 43.17 15.48
N LYS A 3192 1.17 41.99 15.05
CA LYS A 3192 2.34 41.87 14.20
C LYS A 3192 2.01 42.07 12.74
N ILE A 3193 0.79 41.67 12.33
CA ILE A 3193 0.31 41.94 10.98
C ILE A 3193 0.12 43.43 10.77
N GLU A 3194 -0.55 44.09 11.70
CA GLU A 3194 -0.98 45.45 11.48
C GLU A 3194 0.18 46.41 11.28
N GLU A 3195 1.31 46.20 11.96
CA GLU A 3195 2.39 47.18 11.89
C GLU A 3195 2.96 47.27 10.47
N LYS A 3196 3.19 46.14 9.81
CA LYS A 3196 3.67 46.16 8.43
C LYS A 3196 2.46 46.14 7.51
N LEU A 3197 2.16 47.30 6.93
CA LEU A 3197 0.95 47.44 6.15
C LEU A 3197 1.01 48.67 5.24
N ASP A 3226 -9.93 49.37 5.27
CA ASP A 3226 -10.19 49.63 6.67
C ASP A 3226 -9.50 48.62 7.57
N ILE A 3227 -8.41 48.03 7.10
CA ILE A 3227 -7.57 47.25 8.01
C ILE A 3227 -6.99 48.18 9.06
N SER A 3228 -6.78 47.62 10.25
CA SER A 3228 -6.60 48.29 11.54
C SER A 3228 -7.97 48.69 12.08
N SER A 3229 -9.05 48.36 11.39
CA SER A 3229 -10.37 48.34 11.99
C SER A 3229 -11.16 47.12 11.56
N LEU A 3230 -10.54 46.21 10.82
CA LEU A 3230 -11.11 44.91 10.52
C LEU A 3230 -10.42 43.81 11.28
N ILE A 3231 -9.26 44.09 11.87
CA ILE A 3231 -8.57 43.18 12.75
C ILE A 3231 -8.75 43.70 14.16
N ARG A 3232 -8.97 45.00 14.30
CA ARG A 3232 -9.24 45.55 15.62
C ARG A 3232 -10.64 45.19 16.08
N SER A 3233 -11.49 44.65 15.22
CA SER A 3233 -12.76 44.09 15.65
C SER A 3233 -12.70 42.58 15.73
N CYS A 3234 -11.80 41.94 14.99
CA CYS A 3234 -11.50 40.55 15.23
C CYS A 3234 -10.93 40.36 16.63
N LYS A 3235 -10.03 41.24 17.05
CA LYS A 3235 -9.46 41.18 18.38
C LYS A 3235 -10.53 41.25 19.44
N PHE A 3236 -11.47 42.17 19.28
CA PHE A 3236 -12.56 42.27 20.24
C PHE A 3236 -13.43 41.02 20.22
N SER A 3237 -13.73 40.50 19.04
CA SER A 3237 -14.60 39.33 18.97
C SER A 3237 -13.95 38.12 19.63
N MET A 3238 -12.66 37.90 19.40
CA MET A 3238 -12.00 36.77 20.03
C MET A 3238 -11.93 36.96 21.54
N LYS A 3239 -11.50 38.13 21.98
CA LYS A 3239 -11.41 38.40 23.40
C LYS A 3239 -12.75 38.39 24.09
N MET A 3240 -13.86 38.42 23.36
CA MET A 3240 -15.16 38.31 24.00
C MET A 3240 -15.71 36.90 23.95
N LYS A 3241 -15.34 36.13 22.94
CA LYS A 3241 -15.61 34.69 22.97
C LYS A 3241 -14.90 34.05 24.16
N MET A 3242 -13.69 34.49 24.45
CA MET A 3242 -12.96 33.92 25.58
C MET A 3242 -13.58 34.28 26.92
N ILE A 3243 -14.14 35.49 27.04
CA ILE A 3243 -14.86 35.84 28.26
C ILE A 3243 -16.12 35.01 28.40
N ASP A 3244 -16.84 34.80 27.31
CA ASP A 3244 -18.04 33.98 27.38
C ASP A 3244 -17.70 32.55 27.79
N SER A 3245 -16.61 32.01 27.25
CA SER A 3245 -16.21 30.67 27.61
C SER A 3245 -15.72 30.59 29.06
N ALA A 3246 -14.99 31.60 29.51
CA ALA A 3246 -14.52 31.66 30.90
C ALA A 3246 -15.64 31.90 31.86
N ARG A 3247 -16.81 32.28 31.40
CA ARG A 3247 -17.97 32.25 32.28
C ARG A 3247 -18.61 30.88 32.27
N LYS A 3248 -18.68 30.25 31.10
CA LYS A 3248 -19.26 28.91 31.01
C LYS A 3248 -18.51 27.92 31.90
N GLN A 3249 -17.19 27.99 31.90
CA GLN A 3249 -16.38 27.07 32.70
C GLN A 3249 -16.28 27.46 34.16
N ASN A 3250 -17.11 28.37 34.65
CA ASN A 3250 -17.15 28.74 36.06
C ASN A 3250 -15.86 29.39 36.51
N ASN A 3251 -15.16 30.06 35.61
CA ASN A 3251 -14.00 30.86 35.98
C ASN A 3251 -14.42 32.32 36.04
N PHE A 3252 -15.10 32.69 37.10
CA PHE A 3252 -15.69 34.02 37.21
C PHE A 3252 -14.68 35.11 37.56
N SER A 3253 -13.39 34.81 37.67
CA SER A 3253 -12.43 35.85 37.96
C SER A 3253 -11.51 36.14 36.80
N LEU A 3254 -11.16 35.14 36.01
CA LEU A 3254 -10.59 35.41 34.70
C LEU A 3254 -11.59 36.14 33.84
N ALA A 3255 -12.85 35.72 33.88
CA ALA A 3255 -13.85 36.38 33.05
C ALA A 3255 -13.91 37.85 33.37
N MET A 3256 -13.96 38.20 34.64
CA MET A 3256 -14.14 39.60 34.96
C MET A 3256 -12.86 40.40 34.86
N LYS A 3257 -11.69 39.78 35.04
CA LYS A 3257 -10.47 40.49 34.71
C LYS A 3257 -10.43 40.84 33.23
N LEU A 3258 -10.72 39.87 32.36
CA LEU A 3258 -10.72 40.13 30.93
C LEU A 3258 -11.76 41.18 30.56
N LEU A 3259 -12.93 41.09 31.17
CA LEU A 3259 -14.03 41.97 30.82
C LEU A 3259 -13.73 43.40 31.24
N LYS A 3260 -13.19 43.58 32.44
CA LYS A 3260 -12.79 44.92 32.87
C LYS A 3260 -11.55 45.40 32.16
N GLU A 3261 -10.79 44.51 31.52
CA GLU A 3261 -9.71 44.97 30.67
C GLU A 3261 -10.18 45.33 29.27
N LEU A 3262 -11.38 44.91 28.89
CA LEU A 3262 -11.91 45.22 27.58
C LEU A 3262 -12.87 46.39 27.57
N HIS A 3263 -13.09 47.05 28.71
CA HIS A 3263 -14.13 48.07 28.80
C HIS A 3263 -13.80 49.27 27.94
N LYS A 3264 -12.57 49.77 28.05
CA LYS A 3264 -12.19 51.01 27.37
C LYS A 3264 -12.13 50.85 25.87
N GLU A 3265 -11.78 49.65 25.37
CA GLU A 3265 -11.84 49.41 23.94
C GLU A 3265 -13.29 49.41 23.44
N SER A 3266 -14.24 49.05 24.29
CA SER A 3266 -15.64 49.33 24.02
C SER A 3266 -15.85 50.81 24.34
N LYS A 3267 -17.11 51.24 24.41
CA LYS A 3267 -17.45 52.66 24.61
C LYS A 3267 -17.08 53.46 23.37
N THR A 3268 -16.45 52.83 22.39
CA THR A 3268 -16.05 53.49 21.16
C THR A 3268 -16.67 52.85 19.94
N ARG A 3269 -17.69 52.02 20.11
CA ARG A 3269 -18.47 51.63 18.94
C ARG A 3269 -19.98 51.62 19.19
N ASP A 3270 -20.45 51.77 20.42
CA ASP A 3270 -21.88 51.81 20.74
C ASP A 3270 -22.58 50.52 20.34
N ASP A 3271 -21.83 49.57 19.78
CA ASP A 3271 -22.30 48.25 19.43
C ASP A 3271 -21.57 47.21 20.27
N TRP A 3272 -20.24 47.27 20.20
CA TRP A 3272 -19.35 46.74 21.20
C TRP A 3272 -19.85 47.05 22.59
N LEU A 3273 -20.29 48.28 22.82
CA LEU A 3273 -20.75 48.67 24.15
C LEU A 3273 -21.87 47.77 24.63
N VAL A 3274 -22.84 47.46 23.78
CA VAL A 3274 -23.96 46.70 24.30
C VAL A 3274 -23.63 45.23 24.36
N SER A 3275 -22.81 44.71 23.44
CA SER A 3275 -22.38 43.32 23.62
C SER A 3275 -21.59 43.18 24.91
N TRP A 3276 -20.76 44.17 25.22
CA TRP A 3276 -19.99 44.16 26.47
C TRP A 3276 -20.89 44.21 27.69
N VAL A 3277 -21.85 45.12 27.69
CA VAL A 3277 -22.69 45.26 28.88
C VAL A 3277 -23.52 44.01 29.08
N GLN A 3278 -24.06 43.46 28.00
CA GLN A 3278 -24.85 42.25 28.16
C GLN A 3278 -24.01 40.99 28.10
N SER A 3279 -22.69 41.12 28.16
CA SER A 3279 -21.82 40.02 28.55
C SER A 3279 -21.50 40.09 30.04
N TYR A 3280 -21.18 41.29 30.51
CA TYR A 3280 -21.02 41.53 31.93
C TYR A 3280 -22.25 41.10 32.69
N CYS A 3281 -23.43 41.26 32.11
CA CYS A 3281 -24.63 40.90 32.83
C CYS A 3281 -24.82 39.39 32.94
N ARG A 3282 -24.48 38.64 31.88
CA ARG A 3282 -24.45 37.19 32.02
C ARG A 3282 -23.49 36.77 33.11
N LEU A 3283 -22.28 37.35 33.10
CA LEU A 3283 -21.29 36.97 34.09
C LEU A 3283 -21.79 37.24 35.49
N SER A 3284 -22.41 38.40 35.69
CA SER A 3284 -22.95 38.74 37.00
C SER A 3284 -24.09 37.80 37.39
N HIS A 3285 -24.88 37.34 36.43
CA HIS A 3285 -25.92 36.37 36.76
C HIS A 3285 -25.31 35.06 37.22
N CYS A 3286 -24.26 34.61 36.54
CA CYS A 3286 -23.65 33.33 36.88
C CYS A 3286 -22.93 33.38 38.21
N ARG A 3287 -22.32 34.51 38.53
CA ARG A 3287 -21.56 34.67 39.76
C ARG A 3287 -22.39 34.64 41.01
N SER A 3288 -23.70 34.43 40.94
CA SER A 3288 -24.59 34.72 42.05
C SER A 3288 -24.96 33.44 42.78
N ARG A 3289 -24.19 33.10 43.83
CA ARG A 3289 -24.45 31.90 44.65
C ARG A 3289 -24.28 32.19 46.14
N SER A 3290 -24.91 33.25 46.64
CA SER A 3290 -25.03 33.42 48.10
C SER A 3290 -26.19 34.37 48.40
N GLN A 3291 -27.27 33.85 48.99
CA GLN A 3291 -28.55 34.53 48.96
C GLN A 3291 -28.56 35.89 49.65
N GLY A 3292 -27.57 36.20 50.47
CA GLY A 3292 -27.43 37.53 51.02
C GLY A 3292 -26.42 38.40 50.31
N CYS A 3293 -25.90 37.95 49.17
CA CYS A 3293 -24.95 38.72 48.40
C CYS A 3293 -25.30 38.72 46.92
N SER A 3294 -26.18 37.83 46.48
CA SER A 3294 -26.62 37.86 45.09
C SER A 3294 -27.45 39.10 44.82
N GLU A 3295 -28.21 39.57 45.81
CA GLU A 3295 -28.92 40.83 45.61
C GLU A 3295 -27.94 41.96 45.33
N GLN A 3296 -26.79 41.96 46.00
CA GLN A 3296 -25.81 43.02 45.77
C GLN A 3296 -25.11 42.87 44.43
N VAL A 3297 -24.74 41.64 44.07
CA VAL A 3297 -24.13 41.42 42.75
C VAL A 3297 -25.08 41.90 41.65
N LEU A 3298 -26.35 41.55 41.77
CA LEU A 3298 -27.31 41.91 40.75
C LEU A 3298 -27.65 43.39 40.75
N THR A 3299 -27.66 44.04 41.92
CA THR A 3299 -27.84 45.49 41.92
C THR A 3299 -26.70 46.19 41.21
N VAL A 3300 -25.47 45.70 41.40
CA VAL A 3300 -24.35 46.23 40.63
C VAL A 3300 -24.65 46.09 39.14
N LEU A 3301 -25.14 44.92 38.74
CA LEU A 3301 -25.48 44.70 37.35
C LEU A 3301 -26.49 45.73 36.86
N LYS A 3302 -27.52 45.96 37.65
CA LYS A 3302 -28.60 46.84 37.21
C LYS A 3302 -28.12 48.26 37.07
N THR A 3303 -27.23 48.71 37.95
CA THR A 3303 -26.71 50.06 37.77
C THR A 3303 -25.84 50.17 36.53
N VAL A 3304 -25.02 49.15 36.24
CA VAL A 3304 -24.18 49.21 35.05
C VAL A 3304 -25.04 49.25 33.79
N SER A 3305 -26.05 48.39 33.72
CA SER A 3305 -26.95 48.43 32.59
C SER A 3305 -27.91 49.61 32.65
N LEU A 3306 -27.95 50.33 33.78
CA LEU A 3306 -28.68 51.58 33.88
C LEU A 3306 -27.84 52.76 33.44
N LEU A 3307 -26.53 52.57 33.33
CA LEU A 3307 -25.66 53.59 32.78
C LEU A 3307 -25.95 53.69 31.29
N ASP A 3308 -27.13 54.23 30.98
CA ASP A 3308 -27.65 54.33 29.62
C ASP A 3308 -27.45 55.72 29.03
N GLU A 3309 -26.68 56.57 29.70
CA GLU A 3309 -26.53 57.94 29.23
C GLU A 3309 -26.00 57.99 27.80
N ASN A 3310 -25.23 56.98 27.40
CA ASN A 3310 -24.88 56.82 25.99
C ASN A 3310 -25.99 56.08 25.24
N ASN A 3311 -26.28 54.84 25.64
CA ASN A 3311 -27.34 54.07 25.03
C ASN A 3311 -28.56 54.08 25.94
N VAL A 3312 -29.31 55.18 25.90
CA VAL A 3312 -30.67 55.17 26.42
C VAL A 3312 -31.42 54.18 25.55
N SER A 3313 -31.49 54.50 24.26
CA SER A 3313 -32.06 53.64 23.24
C SER A 3313 -31.22 53.57 21.98
N SER A 3314 -30.19 54.40 21.85
CA SER A 3314 -29.39 54.39 20.65
C SER A 3314 -28.75 53.03 20.47
N TYR A 3315 -28.87 52.50 19.26
CA TYR A 3315 -28.48 51.15 18.88
C TYR A 3315 -29.47 50.11 19.42
N LEU A 3316 -30.34 50.50 20.33
CA LEU A 3316 -31.49 49.66 20.63
C LEU A 3316 -32.65 49.98 19.72
N SER A 3317 -32.36 50.67 18.61
CA SER A 3317 -33.18 50.70 17.41
C SER A 3317 -32.88 49.53 16.48
N LYS A 3318 -31.94 48.66 16.86
CA LYS A 3318 -31.71 47.38 16.21
C LYS A 3318 -32.46 46.33 17.03
N ASN A 3319 -33.74 46.15 16.69
CA ASN A 3319 -34.65 45.30 17.46
C ASN A 3319 -34.03 43.95 17.78
N ILE A 3320 -33.71 43.17 16.76
CA ILE A 3320 -33.07 41.90 17.03
C ILE A 3320 -31.62 42.13 17.44
N LEU A 3321 -31.07 41.16 18.14
CA LEU A 3321 -29.65 41.09 18.50
C LEU A 3321 -29.24 42.10 19.57
N ALA A 3322 -30.08 43.06 19.93
CA ALA A 3322 -29.71 43.83 21.10
C ALA A 3322 -30.87 44.05 22.05
N PHE A 3323 -32.04 44.39 21.50
CA PHE A 3323 -33.12 44.81 22.37
C PHE A 3323 -33.66 43.64 23.18
N ARG A 3324 -33.86 42.49 22.53
CA ARG A 3324 -34.42 41.34 23.21
C ARG A 3324 -33.42 40.72 24.18
N ASP A 3325 -32.13 40.78 23.84
CA ASP A 3325 -31.10 40.34 24.79
C ASP A 3325 -31.10 41.23 26.03
N GLN A 3326 -31.02 42.55 25.84
CA GLN A 3326 -31.10 43.46 26.98
C GLN A 3326 -32.32 43.15 27.83
N ASN A 3327 -33.43 42.82 27.19
CA ASN A 3327 -34.66 42.63 27.94
C ASN A 3327 -34.65 41.33 28.73
N ILE A 3328 -34.19 40.23 28.14
CA ILE A 3328 -34.14 38.99 28.91
C ILE A 3328 -33.14 39.13 30.05
N LEU A 3329 -32.05 39.88 29.86
CA LEU A 3329 -31.10 40.05 30.95
C LEU A 3329 -31.67 40.90 32.08
N LEU A 3330 -32.33 42.00 31.75
CA LEU A 3330 -32.98 42.79 32.78
C LEU A 3330 -34.03 41.97 33.54
N GLY A 3331 -34.87 41.24 32.81
CA GLY A 3331 -35.87 40.44 33.48
C GLY A 3331 -35.26 39.39 34.38
N THR A 3332 -34.21 38.72 33.91
CA THR A 3332 -33.55 37.73 34.74
C THR A 3332 -32.95 38.37 35.99
N THR A 3333 -32.38 39.55 35.86
CA THR A 3333 -31.82 40.21 37.02
C THR A 3333 -32.89 40.55 38.05
N TYR A 3334 -34.03 41.05 37.58
CA TYR A 3334 -35.09 41.34 38.54
C TYR A 3334 -35.60 40.08 39.21
N ARG A 3335 -35.71 38.98 38.46
CA ARG A 3335 -36.17 37.76 39.09
C ARG A 3335 -35.15 37.20 40.06
N ILE A 3336 -33.85 37.41 39.80
CA ILE A 3336 -32.83 36.98 40.75
C ILE A 3336 -32.95 37.75 42.05
N ILE A 3337 -33.02 39.08 41.96
CA ILE A 3337 -33.18 39.90 43.16
C ILE A 3337 -34.46 39.52 43.88
N ALA A 3338 -35.54 39.33 43.12
CA ALA A 3338 -36.82 39.03 43.72
C ALA A 3338 -36.80 37.69 44.43
N ASN A 3339 -36.16 36.69 43.85
CA ASN A 3339 -36.07 35.39 44.50
C ASN A 3339 -35.17 35.43 45.71
N ALA A 3340 -34.11 36.24 45.66
CA ALA A 3340 -33.30 36.43 46.86
C ALA A 3340 -34.14 37.01 47.98
N LEU A 3341 -35.02 37.95 47.67
CA LEU A 3341 -35.90 38.49 48.70
C LEU A 3341 -36.97 37.49 49.13
N SER A 3342 -37.50 36.71 48.20
CA SER A 3342 -38.58 35.79 48.53
C SER A 3342 -38.10 34.64 49.39
N SER A 3343 -37.01 33.98 49.00
CA SER A 3343 -36.59 32.74 49.64
C SER A 3343 -36.28 32.97 51.10
N GLU A 3344 -35.25 33.67 51.35
CA GLU A 3344 -35.15 34.19 52.70
C GLU A 3344 -35.76 35.58 52.73
N PRO A 3345 -36.70 35.85 53.62
CA PRO A 3345 -37.49 37.08 53.50
C PRO A 3345 -36.66 38.33 53.70
N ALA A 3346 -37.31 39.47 53.71
CA ALA A 3346 -36.59 40.72 53.80
C ALA A 3346 -35.98 40.95 55.16
N CYS A 3347 -35.94 39.89 55.98
CA CYS A 3347 -35.31 39.97 57.30
C CYS A 3347 -33.88 40.48 57.21
N LEU A 3348 -33.16 40.12 56.15
CA LEU A 3348 -31.77 40.54 56.04
C LEU A 3348 -31.61 42.05 55.78
N ALA A 3349 -32.70 42.83 55.76
CA ALA A 3349 -32.58 44.25 55.48
C ALA A 3349 -31.76 44.97 56.54
N GLU A 3350 -31.94 44.59 57.81
CA GLU A 3350 -31.39 45.36 58.93
C GLU A 3350 -29.89 45.53 58.85
N ILE A 3351 -29.17 44.60 58.22
CA ILE A 3351 -27.71 44.67 58.19
C ILE A 3351 -27.21 44.67 56.75
N GLU A 3352 -28.00 45.22 55.84
CA GLU A 3352 -27.67 45.15 54.42
C GLU A 3352 -27.70 46.52 53.78
N GLU A 3353 -27.04 47.50 54.42
CA GLU A 3353 -26.66 48.75 53.76
C GLU A 3353 -27.87 49.48 53.19
N ASP A 3354 -28.65 50.07 54.11
CA ASP A 3354 -29.86 50.80 53.75
C ASP A 3354 -29.67 51.72 52.54
N LYS A 3355 -28.46 52.25 52.34
CA LYS A 3355 -28.23 53.12 51.19
C LYS A 3355 -28.31 52.36 49.88
N ALA A 3356 -28.01 51.06 49.89
CA ALA A 3356 -28.23 50.21 48.73
C ALA A 3356 -29.62 49.62 48.72
N ARG A 3357 -30.21 49.41 49.89
CA ARG A 3357 -31.61 49.00 49.92
C ARG A 3357 -32.52 50.03 49.27
N ARG A 3358 -32.19 51.31 49.43
CA ARG A 3358 -33.02 52.37 48.87
C ARG A 3358 -33.24 52.17 47.38
N ILE A 3359 -32.22 51.71 46.66
CA ILE A 3359 -32.41 51.51 45.22
C ILE A 3359 -33.29 50.29 44.97
N LEU A 3360 -33.31 49.32 45.90
CA LEU A 3360 -34.27 48.23 45.77
C LEU A 3360 -35.70 48.72 45.95
N GLU A 3361 -35.96 49.55 46.94
CA GLU A 3361 -37.33 50.09 47.00
C GLU A 3361 -37.62 51.00 45.82
N LEU A 3362 -36.62 51.63 45.23
CA LEU A 3362 -36.84 52.35 43.98
C LEU A 3362 -37.30 51.39 42.89
N SER A 3363 -36.56 50.30 42.70
CA SER A 3363 -36.85 49.36 41.61
C SER A 3363 -38.06 48.49 41.90
N GLY A 3364 -38.56 48.49 43.12
CA GLY A 3364 -39.80 47.82 43.42
C GLY A 3364 -40.94 48.69 42.96
N SER A 3365 -41.98 48.87 43.77
CA SER A 3365 -43.10 49.68 43.35
C SER A 3365 -43.24 50.95 44.16
N SER A 3366 -43.44 50.86 45.48
CA SER A 3366 -43.88 52.00 46.25
C SER A 3366 -43.37 52.06 47.68
N SER A 3367 -42.40 51.22 48.05
CA SER A 3367 -41.75 51.29 49.36
C SER A 3367 -42.75 51.09 50.50
N GLU A 3368 -43.31 49.89 50.58
CA GLU A 3368 -44.18 49.54 51.69
C GLU A 3368 -43.58 48.46 52.59
N ASP A 3369 -43.25 47.29 52.06
CA ASP A 3369 -42.86 46.16 52.88
C ASP A 3369 -42.38 45.04 51.98
N SER A 3370 -42.02 43.92 52.61
CA SER A 3370 -41.39 42.82 51.88
C SER A 3370 -42.29 42.31 50.78
N GLU A 3371 -43.54 41.99 51.10
CA GLU A 3371 -44.41 41.37 50.11
C GLU A 3371 -44.64 42.28 48.93
N LYS A 3372 -44.87 43.57 49.18
CA LYS A 3372 -45.15 44.49 48.10
C LYS A 3372 -43.93 44.72 47.23
N VAL A 3373 -42.76 44.89 47.83
CA VAL A 3373 -41.57 45.11 47.03
C VAL A 3373 -41.23 43.86 46.23
N ILE A 3374 -41.46 42.68 46.82
CA ILE A 3374 -41.20 41.43 46.12
C ILE A 3374 -42.11 41.30 44.91
N ALA A 3375 -43.41 41.53 45.10
CA ALA A 3375 -44.33 41.39 43.98
C ALA A 3375 -44.10 42.46 42.93
N GLY A 3376 -43.67 43.66 43.32
CA GLY A 3376 -43.32 44.66 42.33
C GLY A 3376 -42.12 44.25 41.51
N LEU A 3377 -41.12 43.66 42.16
CA LEU A 3377 -39.97 43.15 41.43
C LEU A 3377 -40.37 42.04 40.47
N TYR A 3378 -41.27 41.16 40.91
CA TYR A 3378 -41.74 40.10 40.03
C TYR A 3378 -42.52 40.66 38.85
N GLN A 3379 -43.30 41.71 39.07
CA GLN A 3379 -43.98 42.35 37.96
C GLN A 3379 -42.98 42.94 36.98
N ARG A 3380 -41.92 43.55 37.48
CA ARG A 3380 -40.93 44.11 36.57
C ARG A 3380 -40.19 43.04 35.80
N ALA A 3381 -39.94 41.90 36.43
CA ALA A 3381 -39.37 40.76 35.72
C ALA A 3381 -40.29 40.28 34.61
N PHE A 3382 -41.57 40.11 34.94
CA PHE A 3382 -42.52 39.64 33.94
C PHE A 3382 -42.64 40.62 32.81
N GLN A 3383 -42.58 41.92 33.12
CA GLN A 3383 -42.72 42.95 32.10
C GLN A 3383 -41.54 42.95 31.14
N HIS A 3384 -40.32 42.84 31.65
CA HIS A 3384 -39.18 42.83 30.75
C HIS A 3384 -39.07 41.54 29.97
N LEU A 3385 -39.43 40.41 30.57
CA LEU A 3385 -39.42 39.16 29.81
C LEU A 3385 -40.49 39.17 28.73
N SER A 3386 -41.66 39.73 29.01
CA SER A 3386 -42.69 39.84 28.00
C SER A 3386 -42.26 40.75 26.87
N GLU A 3387 -41.61 41.87 27.19
CA GLU A 3387 -41.09 42.71 26.11
C GLU A 3387 -40.05 41.97 25.29
N ALA A 3388 -39.27 41.11 25.92
CA ALA A 3388 -38.31 40.31 25.17
C ALA A 3388 -38.98 39.37 24.20
N VAL A 3389 -40.01 38.65 24.65
CA VAL A 3389 -40.68 37.71 23.75
C VAL A 3389 -41.45 38.46 22.68
N GLN A 3390 -41.90 39.67 22.95
CA GLN A 3390 -42.56 40.44 21.90
C GLN A 3390 -41.55 40.95 20.89
N ALA A 3391 -40.32 41.22 21.29
CA ALA A 3391 -39.29 41.44 20.31
C ALA A 3391 -38.83 40.15 19.65
N ALA A 3392 -39.25 38.99 20.17
CA ALA A 3392 -38.94 37.73 19.52
C ALA A 3392 -39.84 37.44 18.32
N GLU A 3393 -41.01 38.05 18.24
CA GLU A 3393 -41.88 37.83 17.09
C GLU A 3393 -41.31 38.44 15.81
N GLU A 3394 -40.59 39.55 15.93
CA GLU A 3394 -40.10 40.27 14.77
C GLU A 3394 -38.96 39.52 14.10
N GLU A 3395 -39.28 38.47 13.36
CA GLU A 3395 -38.32 37.70 12.60
C GLU A 3395 -38.74 37.73 11.13
N ALA A 3396 -37.77 37.51 10.25
CA ALA A 3396 -38.02 37.54 8.82
C ALA A 3396 -37.85 36.16 8.20
N PRO A 3405 -28.98 33.54 14.02
CA PRO A 3405 -30.21 34.13 14.56
C PRO A 3405 -31.32 33.10 14.66
N ALA A 3406 -31.23 32.22 15.65
CA ALA A 3406 -32.24 31.18 15.86
C ALA A 3406 -32.38 30.82 17.33
N ALA A 3407 -31.25 30.48 17.96
CA ALA A 3407 -31.25 30.11 19.36
C ALA A 3407 -31.83 31.20 20.24
N GLY A 3408 -31.68 32.47 19.85
CA GLY A 3408 -32.16 33.55 20.68
C GLY A 3408 -33.66 33.58 20.85
N VAL A 3409 -34.40 33.20 19.82
CA VAL A 3409 -35.85 33.18 19.95
C VAL A 3409 -36.29 32.08 20.90
N ILE A 3410 -35.65 30.91 20.83
CA ILE A 3410 -35.93 29.88 21.82
C ILE A 3410 -35.56 30.38 23.21
N ASP A 3411 -34.47 31.13 23.30
CA ASP A 3411 -34.03 31.65 24.58
C ASP A 3411 -35.08 32.55 25.20
N ALA A 3412 -35.60 33.50 24.44
CA ALA A 3412 -36.62 34.41 24.97
C ALA A 3412 -37.89 33.65 25.33
N TYR A 3413 -38.32 32.74 24.44
CA TYR A 3413 -39.51 31.94 24.68
C TYR A 3413 -39.38 31.14 25.97
N MET A 3414 -38.29 30.40 26.09
CA MET A 3414 -38.13 29.51 27.24
C MET A 3414 -37.90 30.29 28.51
N THR A 3415 -37.29 31.47 28.45
CA THR A 3415 -37.07 32.23 29.66
C THR A 3415 -38.36 32.82 30.19
N LEU A 3416 -39.22 33.33 29.30
CA LEU A 3416 -40.55 33.75 29.79
C LEU A 3416 -41.33 32.57 30.30
N ALA A 3417 -41.28 31.43 29.60
CA ALA A 3417 -42.01 30.25 30.03
C ALA A 3417 -41.51 29.77 31.39
N ASP A 3418 -40.20 29.79 31.60
CA ASP A 3418 -39.64 29.40 32.89
C ASP A 3418 -40.11 30.31 33.99
N PHE A 3419 -40.02 31.63 33.80
CA PHE A 3419 -40.46 32.55 34.84
C PHE A 3419 -41.91 32.27 35.21
N CYS A 3420 -42.78 32.19 34.20
CA CYS A 3420 -44.20 31.97 34.50
C CYS A 3420 -44.44 30.63 35.15
N ASP A 3421 -43.74 29.59 34.72
CA ASP A 3421 -43.91 28.26 35.29
C ASP A 3421 -43.47 28.21 36.74
N GLN A 3422 -42.33 28.81 37.05
CA GLN A 3422 -41.90 28.94 38.43
C GLN A 3422 -43.00 29.58 39.25
N GLN A 3423 -43.58 30.65 38.75
CA GLN A 3423 -44.62 31.32 39.52
C GLN A 3423 -45.82 30.40 39.74
N LEU A 3424 -46.25 29.70 38.69
CA LEU A 3424 -47.43 28.83 38.82
C LEU A 3424 -47.18 27.71 39.83
N ARG A 3425 -46.01 27.07 39.73
CA ARG A 3425 -45.73 25.97 40.66
C ARG A 3425 -45.64 26.49 42.09
N LYS A 3426 -45.08 27.69 42.27
CA LYS A 3426 -45.10 28.27 43.61
C LYS A 3426 -46.53 28.43 44.10
N GLU A 3427 -47.41 28.90 43.23
CA GLU A 3427 -48.80 29.05 43.62
C GLU A 3427 -49.40 27.71 44.02
N GLU A 3428 -49.00 26.64 43.33
CA GLU A 3428 -49.50 25.31 43.69
C GLU A 3428 -48.96 24.86 45.05
N GLU A 3429 -47.70 25.20 45.38
CA GLU A 3429 -47.38 24.89 46.79
C GLU A 3429 -48.10 25.81 47.74
N ASN A 3430 -48.58 26.97 47.32
CA ASN A 3430 -49.39 27.80 48.20
C ASN A 3430 -50.87 27.54 48.00
N LEU A 3439 -51.63 37.20 38.95
CA LEU A 3439 -51.19 36.35 37.84
C LEU A 3439 -52.26 35.34 37.43
N GLN A 3440 -52.83 35.53 36.25
CA GLN A 3440 -53.75 34.55 35.70
C GLN A 3440 -53.51 34.22 34.25
N ALA A 3441 -52.86 35.07 33.47
CA ALA A 3441 -52.53 34.77 32.09
C ALA A 3441 -51.24 33.98 31.98
N TYR A 3442 -50.80 33.40 33.06
CA TYR A 3442 -49.54 32.67 33.10
C TYR A 3442 -49.67 31.27 32.48
N PRO A 3443 -50.70 30.49 32.79
CA PRO A 3443 -50.78 29.16 32.16
C PRO A 3443 -50.81 29.20 30.65
N ALA A 3444 -51.70 30.01 30.08
CA ALA A 3444 -51.78 30.09 28.62
C ALA A 3444 -50.44 30.44 28.02
N LEU A 3445 -49.69 31.31 28.68
CA LEU A 3445 -48.45 31.82 28.12
C LEU A 3445 -47.33 30.81 28.27
N VAL A 3446 -47.28 30.10 29.40
CA VAL A 3446 -46.40 28.95 29.53
C VAL A 3446 -46.60 28.01 28.36
N VAL A 3447 -47.85 27.56 28.19
CA VAL A 3447 -48.15 26.54 27.19
C VAL A 3447 -47.78 27.03 25.79
N GLU A 3448 -48.24 28.22 25.44
CA GLU A 3448 -48.07 28.70 24.07
C GLU A 3448 -46.61 28.98 23.77
N LYS A 3449 -45.89 29.63 24.70
CA LYS A 3449 -44.50 29.96 24.44
C LYS A 3449 -43.65 28.70 24.32
N MET A 3450 -43.87 27.71 25.18
CA MET A 3450 -43.00 26.56 25.06
C MET A 3450 -43.40 25.63 23.92
N LEU A 3451 -44.67 25.67 23.49
CA LEU A 3451 -45.00 24.97 22.25
C LEU A 3451 -44.37 25.67 21.05
N LYS A 3452 -44.27 26.99 21.09
CA LYS A 3452 -43.54 27.70 20.05
C LYS A 3452 -42.06 27.41 20.10
N ALA A 3453 -41.61 27.01 21.29
CA ALA A 3453 -40.24 26.55 21.48
C ALA A 3453 -40.15 25.12 20.91
N LEU A 3454 -41.31 24.50 20.66
CA LEU A 3454 -41.43 23.17 20.07
C LEU A 3454 -41.50 23.32 18.55
N LYS A 3455 -41.85 24.52 18.08
CA LYS A 3455 -41.88 24.80 16.65
C LYS A 3455 -40.43 24.73 16.24
N LEU A 3456 -39.59 25.31 17.10
CA LEU A 3456 -38.15 25.28 16.94
C LEU A 3456 -37.59 23.99 17.53
N ASN A 3457 -36.29 23.76 17.39
CA ASN A 3457 -35.71 22.52 17.87
C ASN A 3457 -35.11 22.70 19.26
N SER A 3458 -35.99 22.74 20.27
CA SER A 3458 -35.57 23.03 21.64
C SER A 3458 -35.60 21.77 22.50
N ASN A 3459 -34.41 21.32 22.89
CA ASN A 3459 -34.29 20.18 23.80
C ASN A 3459 -34.91 20.50 25.16
N GLU A 3460 -34.66 21.71 25.67
CA GLU A 3460 -35.25 22.15 26.92
C GLU A 3460 -36.77 22.05 26.86
N ALA A 3461 -37.36 22.55 25.78
CA ALA A 3461 -38.81 22.53 25.64
C ALA A 3461 -39.34 21.11 25.53
N ARG A 3462 -38.64 20.26 24.77
CA ARG A 3462 -39.06 18.87 24.66
C ARG A 3462 -39.03 18.19 26.02
N LEU A 3463 -37.95 18.38 26.77
CA LEU A 3463 -37.84 17.76 28.08
C LEU A 3463 -38.93 18.25 29.01
N LYS A 3464 -39.30 19.52 28.92
CA LYS A 3464 -40.29 20.06 29.83
C LYS A 3464 -41.70 19.93 29.30
N PHE A 3465 -41.89 19.32 28.14
CA PHE A 3465 -43.23 19.07 27.63
C PHE A 3465 -44.17 18.42 28.62
N PRO A 3466 -43.82 17.36 29.33
CA PRO A 3466 -44.81 16.72 30.19
C PRO A 3466 -45.23 17.57 31.37
N ARG A 3467 -44.71 18.79 31.47
CA ARG A 3467 -45.27 19.75 32.41
C ARG A 3467 -46.57 20.32 31.89
N LEU A 3468 -46.71 20.45 30.58
CA LEU A 3468 -47.95 20.94 29.99
C LEU A 3468 -49.10 20.02 30.33
N LEU A 3469 -48.87 18.71 30.31
CA LEU A 3469 -49.95 17.76 30.51
C LEU A 3469 -50.58 17.90 31.89
N GLN A 3470 -49.88 18.49 32.84
CA GLN A 3470 -50.42 18.82 34.15
C GLN A 3470 -50.69 20.31 34.32
N ILE A 3471 -50.24 21.15 33.39
CA ILE A 3471 -50.84 22.46 33.19
C ILE A 3471 -52.25 22.32 32.63
N ILE A 3472 -52.62 21.12 32.21
CA ILE A 3472 -53.92 20.96 31.57
C ILE A 3472 -54.91 20.24 32.48
N GLU A 3473 -54.44 19.40 33.41
CA GLU A 3473 -55.45 18.83 34.29
C GLU A 3473 -55.89 19.85 35.33
N ARG A 3474 -54.95 20.67 35.78
CA ARG A 3474 -55.26 21.85 36.57
C ARG A 3474 -55.14 23.05 35.63
N TYR A 3475 -56.03 24.02 35.81
CA TYR A 3475 -56.21 25.10 34.84
C TYR A 3475 -56.63 24.52 33.49
N PRO A 3476 -57.80 23.88 33.40
CA PRO A 3476 -58.28 23.41 32.09
C PRO A 3476 -59.14 24.41 31.33
N GLU A 3477 -59.45 25.57 31.92
CA GLU A 3477 -60.17 26.61 31.19
C GLU A 3477 -59.38 27.10 29.98
N GLU A 3478 -58.07 26.87 29.95
CA GLU A 3478 -57.25 27.06 28.77
C GLU A 3478 -56.68 25.73 28.27
N THR A 3479 -57.35 24.62 28.60
CA THR A 3479 -57.08 23.33 27.97
C THR A 3479 -57.66 23.25 26.58
N LEU A 3480 -58.25 24.33 26.11
CA LEU A 3480 -58.94 24.37 24.83
C LEU A 3480 -57.94 24.50 23.69
N SER A 3481 -58.44 24.89 22.52
CA SER A 3481 -57.71 24.87 21.26
C SER A 3481 -56.29 25.41 21.40
N LEU A 3482 -56.06 26.32 22.35
CA LEU A 3482 -54.73 26.85 22.58
C LEU A 3482 -53.71 25.71 22.60
N MET A 3483 -53.87 24.79 23.54
CA MET A 3483 -53.09 23.56 23.52
C MET A 3483 -53.27 22.81 22.20
N THR A 3484 -54.52 22.54 21.82
CA THR A 3484 -54.75 21.69 20.66
C THR A 3484 -54.26 22.33 19.37
N LYS A 3485 -54.60 23.60 19.14
CA LYS A 3485 -54.18 24.25 17.90
C LYS A 3485 -52.67 24.45 17.87
N GLU A 3486 -52.09 24.90 18.98
CA GLU A 3486 -50.64 25.09 18.98
C GLU A 3486 -49.91 23.77 18.79
N ILE A 3487 -50.47 22.67 19.30
CA ILE A 3487 -49.80 21.38 19.23
C ILE A 3487 -49.98 20.74 17.87
N SER A 3488 -51.05 21.08 17.15
CA SER A 3488 -51.28 20.49 15.84
C SER A 3488 -50.28 20.91 14.78
N SER A 3489 -49.26 21.68 15.15
CA SER A 3489 -48.28 22.18 14.20
C SER A 3489 -46.87 21.68 14.45
N VAL A 3490 -46.59 21.19 15.65
CA VAL A 3490 -45.24 20.77 16.03
C VAL A 3490 -44.91 19.52 15.23
N PRO A 3491 -43.68 19.30 14.80
CA PRO A 3491 -43.33 17.99 14.26
C PRO A 3491 -43.65 16.94 15.29
N CYS A 3492 -44.23 15.83 14.87
CA CYS A 3492 -44.66 14.85 15.84
C CYS A 3492 -43.58 13.84 16.18
N TRP A 3493 -42.39 14.01 15.63
CA TRP A 3493 -41.28 13.11 15.92
C TRP A 3493 -40.55 13.58 17.17
N GLN A 3494 -41.27 14.27 18.05
CA GLN A 3494 -40.71 14.79 19.29
C GLN A 3494 -41.29 14.12 20.53
N PHE A 3495 -42.62 14.03 20.57
CA PHE A 3495 -43.29 13.39 21.69
C PHE A 3495 -42.88 11.91 21.78
N ILE A 3496 -41.90 11.52 20.98
CA ILE A 3496 -41.40 10.16 20.95
C ILE A 3496 -41.02 9.72 22.35
N SER A 3497 -40.48 10.63 23.15
CA SER A 3497 -40.12 10.26 24.49
C SER A 3497 -41.29 10.31 25.44
N TRP A 3498 -42.48 10.67 24.98
CA TRP A 3498 -43.62 10.86 25.86
C TRP A 3498 -44.87 10.16 25.37
N ILE A 3499 -44.75 9.17 24.47
CA ILE A 3499 -45.95 8.43 24.10
C ILE A 3499 -46.60 7.80 25.31
N SER A 3500 -45.80 7.28 26.23
CA SER A 3500 -46.38 6.62 27.39
C SER A 3500 -47.18 7.59 28.22
N HIS A 3501 -46.89 8.88 28.11
CA HIS A 3501 -47.64 9.91 28.81
C HIS A 3501 -48.89 10.32 28.08
N MET A 3502 -48.80 10.43 26.75
CA MET A 3502 -49.97 10.83 25.96
C MET A 3502 -51.01 9.72 25.94
N VAL A 3503 -50.62 8.55 25.45
CA VAL A 3503 -51.51 7.39 25.46
C VAL A 3503 -52.08 7.17 26.84
N ALA A 3504 -51.36 7.57 27.88
CA ALA A 3504 -51.88 7.37 29.22
C ALA A 3504 -53.20 8.09 29.42
N LEU A 3505 -53.32 9.29 28.87
CA LEU A 3505 -54.52 10.10 29.01
C LEU A 3505 -55.38 10.12 27.76
N LEU A 3506 -55.13 9.23 26.81
CA LEU A 3506 -56.11 9.03 25.75
C LEU A 3506 -57.45 8.51 26.23
N ASP A 3507 -57.63 8.37 27.54
CA ASP A 3507 -58.91 7.93 28.08
C ASP A 3507 -59.61 8.98 28.91
N LYS A 3508 -58.88 9.63 29.82
CA LYS A 3508 -59.43 10.65 30.70
C LYS A 3508 -59.87 11.84 29.87
N ASP A 3509 -60.42 12.86 30.53
CA ASP A 3509 -60.75 14.09 29.83
C ASP A 3509 -59.46 14.70 29.34
N GLN A 3510 -59.53 15.86 28.67
CA GLN A 3510 -58.38 16.48 28.01
C GLN A 3510 -57.65 15.48 27.12
N ALA A 3511 -58.34 14.43 26.70
CA ALA A 3511 -57.75 13.46 25.79
C ALA A 3511 -57.52 14.05 24.42
N VAL A 3512 -58.19 15.16 24.11
CA VAL A 3512 -57.94 15.88 22.87
C VAL A 3512 -56.66 16.65 23.13
N ALA A 3513 -56.03 17.16 22.10
CA ALA A 3513 -54.77 17.88 22.11
C ALA A 3513 -53.61 16.94 22.27
N VAL A 3514 -53.87 15.67 22.56
CA VAL A 3514 -52.92 14.61 22.25
C VAL A 3514 -53.41 13.70 21.15
N GLN A 3515 -54.67 13.78 20.76
CA GLN A 3515 -55.20 12.85 19.78
C GLN A 3515 -54.58 13.06 18.41
N HIS A 3516 -54.38 14.30 18.00
CA HIS A 3516 -53.76 14.51 16.70
C HIS A 3516 -52.33 13.99 16.67
N SER A 3517 -51.58 14.24 17.73
CA SER A 3517 -50.21 13.75 17.77
C SER A 3517 -50.16 12.23 17.84
N VAL A 3518 -51.04 11.63 18.64
CA VAL A 3518 -51.14 10.18 18.71
C VAL A 3518 -51.44 9.62 17.33
N GLU A 3519 -52.42 10.20 16.64
CA GLU A 3519 -52.86 9.63 15.37
C GLU A 3519 -51.93 9.95 14.22
N GLU A 3520 -51.05 10.94 14.36
CA GLU A 3520 -50.08 11.14 13.30
C GLU A 3520 -48.88 10.25 13.55
N ILE A 3521 -48.53 10.06 14.83
CA ILE A 3521 -47.43 9.15 15.17
C ILE A 3521 -47.81 7.72 14.83
N THR A 3522 -49.09 7.37 14.97
CA THR A 3522 -49.55 6.07 14.54
C THR A 3522 -49.34 5.87 13.06
N ASP A 3523 -49.64 6.89 12.26
CA ASP A 3523 -49.58 6.79 10.81
C ASP A 3523 -48.15 6.80 10.29
N ASN A 3524 -47.29 7.64 10.84
CA ASN A 3524 -45.97 7.82 10.26
C ASN A 3524 -44.90 7.04 11.01
N TYR A 3525 -45.01 6.91 12.33
CA TYR A 3525 -44.07 6.13 13.14
C TYR A 3525 -44.84 5.18 14.03
N PRO A 3526 -45.43 4.13 13.46
CA PRO A 3526 -45.93 3.05 14.30
C PRO A 3526 -44.75 2.22 14.74
N GLN A 3527 -44.99 1.38 15.73
CA GLN A 3527 -43.95 0.57 16.37
C GLN A 3527 -43.05 1.45 17.24
N ALA A 3528 -43.24 2.76 17.18
CA ALA A 3528 -42.84 3.66 18.24
C ALA A 3528 -43.94 3.87 19.24
N ILE A 3529 -45.12 3.36 18.98
CA ILE A 3529 -46.29 3.59 19.81
C ILE A 3529 -46.98 2.26 20.09
N VAL A 3530 -46.59 1.21 19.39
CA VAL A 3530 -47.36 -0.02 19.50
C VAL A 3530 -47.25 -0.60 20.90
N TYR A 3531 -46.03 -0.70 21.43
CA TYR A 3531 -45.88 -1.27 22.77
C TYR A 3531 -46.45 -0.35 23.84
N PRO A 3532 -46.17 0.95 23.86
CA PRO A 3532 -46.86 1.82 24.82
C PRO A 3532 -48.36 1.72 24.72
N PHE A 3533 -48.88 1.55 23.52
CA PHE A 3533 -50.32 1.53 23.31
C PHE A 3533 -50.93 0.23 23.82
N ILE A 3534 -50.31 -0.90 23.51
CA ILE A 3534 -50.76 -2.17 24.07
C ILE A 3534 -50.76 -2.10 25.58
N ILE A 3535 -49.65 -1.65 26.17
CA ILE A 3535 -49.57 -1.58 27.64
C ILE A 3535 -50.70 -0.72 28.18
N SER A 3536 -50.89 0.46 27.60
CA SER A 3536 -51.91 1.38 28.11
C SER A 3536 -53.30 0.77 27.96
N SER A 3537 -53.53 0.01 26.89
CA SER A 3537 -54.88 -0.32 26.48
C SER A 3537 -55.55 -1.42 27.31
N GLU A 3538 -54.83 -2.10 28.20
CA GLU A 3538 -55.51 -3.03 29.10
C GLU A 3538 -55.79 -2.43 30.45
N SER A 3539 -55.71 -1.12 30.55
CA SER A 3539 -55.91 -0.43 31.81
C SER A 3539 -57.09 0.52 31.78
N TYR A 3540 -57.20 1.33 30.75
CA TYR A 3540 -58.10 2.46 30.75
C TYR A 3540 -59.49 2.17 30.21
N SER A 3541 -60.50 2.61 30.98
CA SER A 3541 -61.91 2.54 30.65
C SER A 3541 -62.47 3.96 30.59
N PHE A 3542 -63.54 4.14 29.83
CA PHE A 3542 -64.04 5.46 29.45
C PHE A 3542 -65.27 5.85 30.25
N LYS A 3543 -65.04 6.07 31.54
CA LYS A 3543 -66.13 6.33 32.48
C LYS A 3543 -66.69 7.72 32.25
N ASP A 3544 -67.28 7.93 31.09
CA ASP A 3544 -68.00 9.18 30.85
C ASP A 3544 -69.37 9.00 30.22
N THR A 3545 -69.49 8.09 29.26
CA THR A 3545 -70.74 7.76 28.58
C THR A 3545 -71.32 8.96 27.84
N SER A 3546 -70.66 10.11 27.90
CA SER A 3546 -71.09 11.28 27.13
C SER A 3546 -70.03 11.72 26.13
N THR A 3547 -68.82 12.01 26.58
CA THR A 3547 -67.69 12.23 25.69
C THR A 3547 -66.72 11.06 25.69
N GLY A 3548 -66.85 10.14 26.64
CA GLY A 3548 -66.04 8.95 26.61
C GLY A 3548 -66.16 8.21 25.30
N HIS A 3549 -67.40 8.09 24.79
CA HIS A 3549 -67.62 7.44 23.50
C HIS A 3549 -66.75 8.02 22.41
N LYS A 3550 -66.58 9.33 22.38
CA LYS A 3550 -65.76 9.96 21.37
C LYS A 3550 -64.29 9.70 21.57
N ASN A 3551 -63.86 9.43 22.80
CA ASN A 3551 -62.52 8.92 23.03
C ASN A 3551 -62.39 7.48 22.53
N LYS A 3552 -63.45 6.71 22.72
CA LYS A 3552 -63.45 5.28 22.40
C LYS A 3552 -63.29 5.05 20.91
N GLU A 3553 -63.95 5.86 20.09
CA GLU A 3553 -63.83 5.67 18.66
C GLU A 3553 -62.41 5.89 18.19
N PHE A 3554 -61.76 6.93 18.71
CA PHE A 3554 -60.38 7.16 18.34
C PHE A 3554 -59.48 6.05 18.87
N VAL A 3555 -59.76 5.56 20.08
CA VAL A 3555 -58.96 4.49 20.66
C VAL A 3555 -59.06 3.24 19.81
N ALA A 3556 -60.28 2.81 19.50
CA ALA A 3556 -60.46 1.64 18.67
C ALA A 3556 -59.90 1.83 17.27
N ARG A 3557 -59.94 3.05 16.76
CA ARG A 3557 -59.41 3.27 15.42
C ARG A 3557 -57.89 3.21 15.42
N ILE A 3558 -57.25 3.72 16.47
CA ILE A 3558 -55.81 3.53 16.59
C ILE A 3558 -55.48 2.06 16.76
N LYS A 3559 -56.28 1.35 17.55
CA LYS A 3559 -56.05 -0.06 17.76
C LYS A 3559 -56.04 -0.79 16.42
N SER A 3560 -57.17 -0.75 15.71
CA SER A 3560 -57.28 -1.39 14.41
C SER A 3560 -56.28 -0.85 13.41
N LYS A 3561 -55.77 0.36 13.60
CA LYS A 3561 -54.72 0.86 12.73
C LYS A 3561 -53.37 0.23 13.04
N LEU A 3562 -53.15 -0.17 14.29
CA LEU A 3562 -51.85 -0.69 14.70
C LEU A 3562 -51.77 -2.21 14.61
N ASP A 3563 -52.88 -2.92 14.79
CA ASP A 3563 -52.92 -4.37 14.64
C ASP A 3563 -52.99 -4.71 13.17
N GLN A 3564 -51.90 -4.39 12.46
CA GLN A 3564 -51.92 -4.47 11.00
C GLN A 3564 -52.17 -5.90 10.53
N GLY A 3565 -51.39 -6.85 11.02
CA GLY A 3565 -51.48 -8.22 10.57
C GLY A 3565 -51.24 -9.18 11.71
N GLY A 3566 -51.14 -8.64 12.92
CA GLY A 3566 -50.92 -9.45 14.10
C GLY A 3566 -49.51 -9.93 14.29
N VAL A 3567 -48.53 -9.37 13.59
CA VAL A 3567 -47.16 -9.80 13.83
C VAL A 3567 -46.69 -9.34 15.20
N ILE A 3568 -47.13 -8.18 15.67
CA ILE A 3568 -46.69 -7.71 16.97
C ILE A 3568 -47.28 -8.56 18.07
N GLN A 3569 -48.57 -8.85 18.00
CA GLN A 3569 -49.14 -9.73 19.01
C GLN A 3569 -48.64 -11.14 18.87
N ASP A 3570 -48.18 -11.55 17.69
CA ASP A 3570 -47.53 -12.85 17.59
C ASP A 3570 -46.19 -12.86 18.28
N PHE A 3571 -45.41 -11.79 18.13
CA PHE A 3571 -44.13 -11.68 18.82
C PHE A 3571 -44.33 -11.65 20.32
N ILE A 3572 -45.35 -10.93 20.78
CA ILE A 3572 -45.65 -10.91 22.21
C ILE A 3572 -46.07 -12.29 22.69
N ASN A 3573 -46.95 -12.97 21.96
CA ASN A 3573 -47.39 -14.28 22.40
C ASN A 3573 -46.34 -15.34 22.20
N ALA A 3574 -45.30 -15.07 21.41
CA ALA A 3574 -44.16 -15.97 21.34
C ALA A 3574 -43.31 -15.80 22.59
N LEU A 3575 -42.89 -14.56 22.84
CA LEU A 3575 -42.05 -14.30 24.01
C LEU A 3575 -42.75 -14.70 25.29
N ASP A 3576 -44.08 -14.74 25.30
CA ASP A 3576 -44.82 -15.11 26.48
C ASP A 3576 -44.76 -16.62 26.73
N GLN A 3577 -44.20 -17.38 25.79
CA GLN A 3577 -44.09 -18.81 26.00
C GLN A 3577 -42.86 -19.17 26.80
N LEU A 3578 -41.80 -18.38 26.66
CA LEU A 3578 -40.57 -18.63 27.40
C LEU A 3578 -40.78 -18.50 28.90
N SER A 3579 -41.71 -17.65 29.33
CA SER A 3579 -41.93 -17.44 30.74
C SER A 3579 -42.38 -18.72 31.43
N ASN A 3580 -41.86 -18.94 32.64
CA ASN A 3580 -42.05 -20.20 33.34
C ASN A 3580 -43.51 -20.39 33.76
N PRO A 3581 -44.14 -21.49 33.38
CA PRO A 3581 -45.59 -21.61 33.61
C PRO A 3581 -45.97 -21.64 35.07
N GLU A 3582 -45.18 -22.32 35.92
CA GLU A 3582 -45.52 -22.31 37.34
C GLU A 3582 -45.33 -20.95 37.96
N LEU A 3583 -44.36 -20.17 37.48
CA LEU A 3583 -44.23 -18.79 37.93
C LEU A 3583 -45.45 -17.98 37.55
N LEU A 3584 -45.96 -18.17 36.34
CA LEU A 3584 -47.19 -17.49 35.96
C LEU A 3584 -48.34 -17.89 36.86
N PHE A 3585 -48.44 -19.19 37.17
CA PHE A 3585 -49.51 -19.61 38.08
C PHE A 3585 -49.32 -19.00 39.46
N LYS A 3586 -48.09 -18.93 39.93
CA LYS A 3586 -47.82 -18.36 41.25
C LYS A 3586 -48.21 -16.89 41.31
N ASP A 3587 -47.88 -16.12 40.26
CA ASP A 3587 -48.26 -14.72 40.21
C ASP A 3587 -49.76 -14.56 40.15
N TRP A 3588 -50.43 -15.41 39.35
CA TRP A 3588 -51.89 -15.39 39.33
C TRP A 3588 -52.45 -15.71 40.71
N SER A 3589 -51.87 -16.70 41.40
CA SER A 3589 -52.34 -17.06 42.73
C SER A 3589 -52.16 -15.91 43.71
N ASN A 3590 -51.05 -15.18 43.58
CA ASN A 3590 -50.85 -14.02 44.45
C ASN A 3590 -51.90 -12.95 44.19
N ASP A 3591 -52.24 -12.74 42.91
CA ASP A 3591 -53.31 -11.79 42.61
C ASP A 3591 -54.63 -12.25 43.21
N VAL A 3592 -54.91 -13.55 43.14
CA VAL A 3592 -56.17 -14.07 43.67
C VAL A 3592 -56.23 -13.90 45.19
N ARG A 3593 -55.17 -14.33 45.88
CA ARG A 3593 -55.13 -14.20 47.33
C ARG A 3593 -55.19 -12.75 47.76
N ALA A 3594 -54.63 -11.85 46.95
CA ALA A 3594 -54.66 -10.43 47.27
C ALA A 3594 -56.06 -9.84 47.23
N GLU A 3595 -57.04 -10.56 46.68
CA GLU A 3595 -58.36 -10.00 46.44
C GLU A 3595 -59.11 -9.83 47.76
N LEU A 3596 -58.67 -8.81 48.53
CA LEU A 3596 -59.32 -8.39 49.76
C LEU A 3596 -59.58 -9.56 50.69
N ALA A 3597 -58.51 -10.22 51.12
CA ALA A 3597 -58.61 -11.39 51.97
C ALA A 3597 -58.95 -11.04 53.41
N LYS A 3598 -58.47 -9.89 53.90
CA LYS A 3598 -58.70 -9.49 55.29
C LYS A 3598 -60.12 -9.02 55.56
N THR A 3599 -61.04 -9.22 54.62
CA THR A 3599 -62.43 -8.84 54.72
C THR A 3599 -63.19 -9.77 53.77
N PRO A 3600 -64.52 -9.84 53.82
CA PRO A 3600 -65.23 -10.64 52.82
C PRO A 3600 -64.92 -10.18 51.40
N VAL A 3601 -64.75 -11.15 50.51
CA VAL A 3601 -64.44 -10.85 49.11
C VAL A 3601 -65.79 -10.77 48.40
N ASN A 3602 -66.41 -9.59 48.50
CA ASN A 3602 -67.68 -9.35 47.84
C ASN A 3602 -67.53 -9.26 46.33
N LYS A 3603 -66.31 -9.18 45.81
CA LYS A 3603 -66.07 -9.13 44.38
C LYS A 3603 -66.10 -10.54 43.81
N LYS A 3604 -66.95 -10.76 42.80
CA LYS A 3604 -66.95 -12.00 42.04
C LYS A 3604 -66.98 -11.79 40.54
N ASN A 3605 -67.39 -10.62 40.06
CA ASN A 3605 -67.28 -10.31 38.64
C ASN A 3605 -65.83 -10.26 38.20
N ILE A 3606 -64.94 -9.91 39.11
CA ILE A 3606 -63.55 -9.64 38.80
C ILE A 3606 -62.78 -10.93 38.55
N GLU A 3607 -63.47 -12.07 38.63
CA GLU A 3607 -62.77 -13.34 38.53
C GLU A 3607 -62.50 -13.70 37.08
N LYS A 3608 -62.49 -12.68 36.21
CA LYS A 3608 -61.99 -12.85 34.86
C LYS A 3608 -60.49 -13.17 34.85
N MET A 3609 -59.76 -12.90 35.93
CA MET A 3609 -58.38 -13.33 35.97
C MET A 3609 -58.27 -14.85 35.88
N TYR A 3610 -59.33 -15.57 36.23
CA TYR A 3610 -59.30 -17.01 36.01
C TYR A 3610 -59.13 -17.35 34.54
N GLU A 3611 -59.95 -16.75 33.67
CA GLU A 3611 -59.80 -17.04 32.25
C GLU A 3611 -58.53 -16.42 31.70
N ARG A 3612 -58.08 -15.30 32.25
CA ARG A 3612 -56.79 -14.75 31.85
C ARG A 3612 -55.70 -15.78 32.11
N MET A 3613 -55.84 -16.54 33.21
CA MET A 3613 -54.90 -17.63 33.48
C MET A 3613 -55.13 -18.80 32.54
N TYR A 3614 -56.38 -19.16 32.30
CA TYR A 3614 -56.67 -20.37 31.54
C TYR A 3614 -56.26 -20.24 30.09
N ALA A 3615 -56.26 -19.02 29.56
CA ALA A 3615 -55.85 -18.80 28.17
C ALA A 3615 -54.40 -19.18 27.95
N ALA A 3616 -53.58 -19.19 29.01
CA ALA A 3616 -52.21 -19.64 28.90
C ALA A 3616 -51.94 -20.94 29.65
N LEU A 3617 -52.90 -21.40 30.44
CA LEU A 3617 -52.76 -22.64 31.22
C LEU A 3617 -54.03 -23.45 31.01
N GLY A 3618 -53.89 -24.62 30.38
CA GLY A 3618 -55.04 -25.35 29.90
C GLY A 3618 -55.31 -25.03 28.45
N ASP A 3619 -56.34 -25.68 27.91
CA ASP A 3619 -56.70 -25.48 26.51
C ASP A 3619 -55.50 -25.83 25.63
N PRO A 3620 -55.19 -27.12 25.47
CA PRO A 3620 -53.89 -27.52 24.89
C PRO A 3620 -53.66 -27.01 23.47
N LYS A 3621 -54.62 -26.29 22.90
CA LYS A 3621 -54.42 -25.60 21.65
C LYS A 3621 -54.45 -24.11 21.93
N ALA A 3622 -53.50 -23.38 21.35
CA ALA A 3622 -53.35 -21.96 21.62
C ALA A 3622 -52.69 -21.32 20.41
N PRO A 3623 -52.81 -20.00 20.25
CA PRO A 3623 -52.29 -19.37 19.03
C PRO A 3623 -50.81 -19.60 18.77
N GLY A 3624 -49.98 -19.57 19.81
CA GLY A 3624 -48.55 -19.72 19.57
C GLY A 3624 -47.88 -20.68 20.52
N LEU A 3625 -48.59 -21.74 20.91
CA LEU A 3625 -48.14 -22.62 21.97
C LEU A 3625 -47.06 -23.58 21.47
N GLY A 3626 -46.30 -24.13 22.42
CA GLY A 3626 -45.21 -25.02 22.10
C GLY A 3626 -45.05 -26.08 23.17
N ALA A 3627 -44.01 -26.90 23.00
CA ALA A 3627 -43.91 -28.14 23.77
C ALA A 3627 -43.71 -27.88 25.26
N PHE A 3628 -42.91 -26.88 25.60
CA PHE A 3628 -42.57 -26.64 27.01
C PHE A 3628 -43.81 -26.36 27.84
N ARG A 3629 -44.74 -25.57 27.31
CA ARG A 3629 -45.99 -25.31 28.01
C ARG A 3629 -47.06 -26.34 27.71
N ARG A 3630 -46.95 -27.05 26.59
CA ARG A 3630 -47.89 -28.12 26.31
C ARG A 3630 -47.75 -29.25 27.32
N LYS A 3631 -46.51 -29.61 27.65
CA LYS A 3631 -46.29 -30.64 28.66
C LYS A 3631 -46.91 -30.22 29.98
N PHE A 3632 -46.73 -28.96 30.36
CA PHE A 3632 -47.30 -28.45 31.61
C PHE A 3632 -48.82 -28.47 31.58
N ILE A 3633 -49.41 -28.12 30.44
CA ILE A 3633 -50.88 -28.16 30.34
C ILE A 3633 -51.38 -29.59 30.44
N GLN A 3634 -50.70 -30.52 29.77
CA GLN A 3634 -51.10 -31.92 29.83
C GLN A 3634 -51.01 -32.45 31.26
N THR A 3635 -49.96 -32.07 31.98
CA THR A 3635 -49.81 -32.58 33.34
C THR A 3635 -50.81 -31.93 34.29
N PHE A 3636 -50.76 -30.62 34.44
CA PHE A 3636 -51.50 -29.92 35.48
C PHE A 3636 -52.85 -29.44 34.98
N GLY A 3637 -52.85 -28.61 33.95
CA GLY A 3637 -54.07 -27.99 33.47
C GLY A 3637 -55.03 -28.94 32.80
N LYS A 3638 -54.63 -30.21 32.59
CA LYS A 3638 -55.52 -31.17 31.95
C LYS A 3638 -56.85 -31.24 32.67
N GLU A 3639 -56.82 -31.46 33.98
CA GLU A 3639 -58.04 -31.37 34.77
C GLU A 3639 -57.81 -30.54 36.01
N PHE A 3640 -56.61 -30.63 36.60
CA PHE A 3640 -56.41 -30.24 37.99
C PHE A 3640 -56.90 -28.82 38.27
N ASP A 3641 -56.70 -27.90 37.33
CA ASP A 3641 -57.15 -26.53 37.55
C ASP A 3641 -58.66 -26.46 37.69
N LYS A 3642 -59.39 -27.25 36.90
CA LYS A 3642 -60.83 -27.35 37.09
C LYS A 3642 -61.17 -28.13 38.36
N HIS A 3643 -60.49 -29.26 38.57
CA HIS A 3643 -60.78 -30.13 39.70
C HIS A 3643 -60.69 -29.38 41.02
N PHE A 3644 -59.80 -28.40 41.10
CA PHE A 3644 -59.72 -27.48 42.23
C PHE A 3644 -60.18 -26.12 41.73
N GLY A 3645 -61.47 -25.85 41.84
CA GLY A 3645 -61.98 -24.60 41.34
C GLY A 3645 -62.40 -24.62 39.88
N LYS A 3646 -63.40 -25.45 39.57
CA LYS A 3646 -63.96 -25.56 38.22
C LYS A 3646 -64.16 -24.20 37.59
N GLY A 3647 -63.85 -24.11 36.29
CA GLY A 3647 -63.87 -22.84 35.58
C GLY A 3647 -65.22 -22.18 35.51
N GLY A 3648 -66.30 -22.90 35.80
CA GLY A 3648 -67.62 -22.32 35.78
C GLY A 3648 -68.17 -21.94 37.14
N SER A 3649 -68.07 -22.86 38.10
CA SER A 3649 -68.65 -22.64 39.43
C SER A 3649 -67.61 -22.59 40.54
N LYS A 3650 -66.81 -23.65 40.71
CA LYS A 3650 -65.96 -23.73 41.89
C LYS A 3650 -64.84 -22.70 41.88
N LEU A 3651 -64.58 -22.05 40.76
CA LEU A 3651 -63.60 -20.98 40.72
C LEU A 3651 -64.00 -19.79 41.58
N LEU A 3652 -65.27 -19.70 41.97
CA LEU A 3652 -65.78 -18.61 42.80
C LEU A 3652 -65.87 -18.98 44.27
N ARG A 3653 -65.37 -20.16 44.66
CA ARG A 3653 -65.47 -20.60 46.04
C ARG A 3653 -64.75 -19.63 46.96
N MET A 3654 -65.30 -19.45 48.16
CA MET A 3654 -64.79 -18.44 49.09
C MET A 3654 -64.18 -19.15 50.30
N LYS A 3655 -62.89 -19.46 50.20
CA LYS A 3655 -62.18 -20.08 51.32
C LYS A 3655 -61.02 -19.23 51.82
N LEU A 3656 -60.08 -18.86 50.95
CA LEU A 3656 -58.83 -18.22 51.35
C LEU A 3656 -58.08 -19.01 52.43
N SER A 3657 -58.46 -20.25 52.63
CA SER A 3657 -57.63 -21.25 53.29
C SER A 3657 -57.52 -22.53 52.48
N ASP A 3658 -58.62 -22.96 51.86
CA ASP A 3658 -58.54 -24.04 50.89
C ASP A 3658 -57.75 -23.59 49.66
N PHE A 3659 -57.92 -22.32 49.26
CA PHE A 3659 -56.99 -21.73 48.29
C PHE A 3659 -55.55 -21.94 48.72
N ASN A 3660 -55.24 -21.60 49.97
CA ASN A 3660 -53.86 -21.67 50.42
C ASN A 3660 -53.33 -23.09 50.35
N ASP A 3661 -54.06 -24.04 50.91
CA ASP A 3661 -53.57 -25.40 50.99
C ASP A 3661 -53.59 -26.10 49.62
N ILE A 3662 -54.42 -25.67 48.68
CA ILE A 3662 -54.42 -26.28 47.37
C ILE A 3662 -53.33 -25.68 46.49
N THR A 3663 -53.18 -24.35 46.54
CA THR A 3663 -52.14 -23.70 45.76
C THR A 3663 -50.77 -24.14 46.24
N ASN A 3664 -50.61 -24.35 47.54
CA ASN A 3664 -49.32 -24.80 48.04
C ASN A 3664 -48.94 -26.14 47.44
N MET A 3665 -49.88 -27.09 47.38
CA MET A 3665 -49.53 -28.40 46.86
C MET A 3665 -49.34 -28.36 45.35
N LEU A 3666 -50.18 -27.60 44.63
CA LEU A 3666 -49.93 -27.42 43.21
C LEU A 3666 -48.54 -26.84 42.97
N LEU A 3667 -48.17 -25.80 43.72
CA LEU A 3667 -46.87 -25.17 43.51
C LEU A 3667 -45.73 -26.13 43.82
N LEU A 3668 -45.84 -26.89 44.90
CA LEU A 3668 -44.74 -27.79 45.24
C LEU A 3668 -44.64 -28.95 44.27
N LYS A 3669 -45.73 -29.30 43.59
CA LYS A 3669 -45.60 -30.33 42.57
C LYS A 3669 -45.18 -29.77 41.22
N MET A 3670 -45.44 -28.48 40.96
CA MET A 3670 -44.91 -27.84 39.75
C MET A 3670 -43.41 -27.64 39.85
N ASN A 3671 -42.96 -26.93 40.88
CA ASN A 3671 -41.57 -26.51 40.94
C ASN A 3671 -40.62 -27.70 40.86
N LYS A 3672 -41.09 -28.89 41.24
CA LYS A 3672 -40.25 -30.08 41.21
C LYS A 3672 -40.21 -30.72 39.82
N ASP A 3673 -41.20 -30.48 38.98
CA ASP A 3673 -41.23 -31.05 37.63
C ASP A 3673 -41.36 -29.96 36.59
N SER A 3674 -40.76 -28.81 36.87
CA SER A 3674 -40.78 -27.68 35.94
C SER A 3674 -39.68 -27.76 34.89
N LYS A 3675 -39.21 -28.98 34.58
CA LYS A 3675 -38.11 -29.20 33.66
C LYS A 3675 -36.91 -28.39 34.11
N PRO A 3676 -36.23 -28.81 35.17
CA PRO A 3676 -35.18 -27.97 35.77
C PRO A 3676 -34.13 -27.56 34.76
N PRO A 3677 -33.72 -28.44 33.84
CA PRO A 3677 -33.04 -27.93 32.64
C PRO A 3677 -34.07 -27.22 31.79
N GLY A 3678 -33.89 -25.91 31.62
CA GLY A 3678 -34.97 -25.09 31.11
C GLY A 3678 -35.51 -25.55 29.76
N ASN A 3679 -34.75 -25.32 28.69
CA ASN A 3679 -35.18 -25.60 27.33
C ASN A 3679 -34.09 -25.35 26.29
N LEU A 3680 -34.44 -25.61 25.04
CA LEU A 3680 -33.80 -25.07 23.85
C LEU A 3680 -34.90 -24.63 22.91
N LYS A 3681 -34.59 -23.65 22.07
CA LYS A 3681 -35.63 -22.82 21.45
C LYS A 3681 -36.75 -23.64 20.83
N GLU A 3682 -36.40 -24.66 20.04
CA GLU A 3682 -37.37 -25.34 19.18
C GLU A 3682 -38.63 -25.78 19.91
N CYS A 3683 -38.57 -25.91 21.22
CA CYS A 3683 -39.65 -26.54 21.97
C CYS A 3683 -40.64 -25.58 22.59
N SER A 3684 -40.21 -24.39 23.02
CA SER A 3684 -41.16 -23.48 23.66
C SER A 3684 -42.03 -22.70 22.66
N PRO A 3685 -41.46 -21.83 21.79
CA PRO A 3685 -42.29 -20.99 20.92
C PRO A 3685 -42.46 -21.43 19.47
N TRP A 3686 -43.06 -20.52 18.68
CA TRP A 3686 -42.84 -20.42 17.24
C TRP A 3686 -41.70 -19.48 16.86
N MET A 3687 -41.00 -18.92 17.84
CA MET A 3687 -39.85 -18.06 17.55
C MET A 3687 -38.83 -18.78 16.69
N SER A 3688 -38.78 -20.10 16.79
CA SER A 3688 -37.81 -20.90 16.05
C SER A 3688 -38.13 -21.03 14.58
N ASP A 3689 -39.35 -20.71 14.15
CA ASP A 3689 -39.73 -20.76 12.75
C ASP A 3689 -39.89 -19.37 12.14
N PHE A 3690 -39.08 -18.42 12.59
CA PHE A 3690 -39.16 -17.05 12.10
C PHE A 3690 -38.14 -16.90 10.98
N LYS A 3691 -38.63 -16.92 9.75
CA LYS A 3691 -37.91 -16.39 8.61
C LYS A 3691 -38.61 -15.11 8.21
N VAL A 3692 -37.85 -14.14 7.73
CA VAL A 3692 -38.50 -12.91 7.33
C VAL A 3692 -39.09 -13.12 5.95
N GLU A 3693 -40.23 -13.80 5.93
CA GLU A 3693 -40.90 -14.24 4.70
C GLU A 3693 -41.32 -13.23 3.62
N PHE A 3694 -40.79 -12.00 3.66
CA PHE A 3694 -41.08 -10.91 2.69
C PHE A 3694 -42.50 -10.31 2.68
N LEU A 3695 -42.66 -9.14 2.06
CA LEU A 3695 -43.95 -8.41 2.00
C LEU A 3695 -44.53 -8.12 3.40
N ARG A 3696 -45.19 -9.12 4.01
CA ARG A 3696 -45.72 -8.99 5.37
C ARG A 3696 -44.66 -9.49 6.38
N ASN A 3697 -45.10 -9.74 7.62
CA ASN A 3697 -44.26 -10.20 8.72
C ASN A 3697 -43.06 -9.24 8.84
N GLU A 3698 -43.34 -7.99 9.17
CA GLU A 3698 -42.31 -6.97 9.40
C GLU A 3698 -42.27 -6.61 10.88
N LEU A 3699 -41.10 -6.80 11.49
CA LEU A 3699 -40.87 -6.58 12.91
C LEU A 3699 -39.54 -5.88 13.07
N GLU A 3700 -39.37 -5.23 14.21
CA GLU A 3700 -38.09 -4.61 14.50
C GLU A 3700 -37.80 -4.69 15.99
N ILE A 3701 -36.51 -4.72 16.30
CA ILE A 3701 -36.03 -4.89 17.66
C ILE A 3701 -36.58 -3.74 18.50
N PRO A 3702 -37.28 -4.02 19.58
CA PRO A 3702 -37.96 -2.96 20.29
C PRO A 3702 -36.99 -1.98 20.93
N GLY A 3703 -37.46 -0.74 21.10
CA GLY A 3703 -36.74 0.25 21.87
C GLY A 3703 -35.81 1.15 21.09
N GLN A 3704 -35.89 1.16 19.78
CA GLN A 3704 -34.95 1.94 18.99
C GLN A 3704 -35.42 3.36 18.73
N TYR A 3705 -36.63 3.70 19.17
CA TYR A 3705 -37.15 5.06 19.08
C TYR A 3705 -36.80 5.79 20.36
N ASP A 3706 -35.73 6.58 20.32
CA ASP A 3706 -35.48 7.52 21.39
C ASP A 3706 -36.16 8.84 21.07
N GLY A 3707 -36.51 9.59 22.11
CA GLY A 3707 -37.26 10.80 21.89
C GLY A 3707 -36.51 11.84 21.08
N ARG A 3708 -35.21 11.95 21.29
CA ARG A 3708 -34.45 13.07 20.76
C ARG A 3708 -34.12 12.81 19.30
N GLY A 3709 -33.27 13.66 18.74
CA GLY A 3709 -32.84 13.50 17.38
C GLY A 3709 -33.90 13.92 16.38
N LYS A 3710 -33.49 13.87 15.11
CA LYS A 3710 -34.23 14.28 13.93
C LYS A 3710 -35.45 13.38 13.81
N PRO A 3711 -36.36 13.53 12.80
CA PRO A 3711 -37.48 12.60 12.76
C PRO A 3711 -36.94 11.18 12.76
N LEU A 3712 -37.69 10.23 13.25
CA LEU A 3712 -37.05 8.97 13.52
C LEU A 3712 -36.89 8.20 12.22
N PRO A 3713 -35.67 8.17 11.66
CA PRO A 3713 -35.36 7.48 10.40
C PRO A 3713 -35.76 6.00 10.40
N GLU A 3714 -36.13 5.50 9.21
CA GLU A 3714 -36.56 4.11 9.06
C GLU A 3714 -35.42 3.11 8.80
N TYR A 3715 -34.37 3.19 9.60
CA TYR A 3715 -33.23 2.29 9.49
C TYR A 3715 -33.15 1.39 10.73
N HIS A 3716 -34.22 1.39 11.53
CA HIS A 3716 -34.29 0.58 12.74
C HIS A 3716 -34.01 -0.88 12.39
N VAL A 3717 -33.13 -1.50 13.17
CA VAL A 3717 -32.76 -2.87 12.91
C VAL A 3717 -33.98 -3.76 13.09
N ARG A 3718 -34.32 -4.51 12.06
CA ARG A 3718 -35.50 -5.35 12.06
C ARG A 3718 -35.15 -6.77 12.44
N ILE A 3719 -36.11 -7.47 13.02
CA ILE A 3719 -35.90 -8.83 13.49
C ILE A 3719 -35.81 -9.75 12.28
N ALA A 3720 -34.68 -10.41 12.11
CA ALA A 3720 -34.42 -11.28 10.96
C ALA A 3720 -34.30 -12.73 11.39
N GLY A 3721 -34.98 -13.11 12.46
CA GLY A 3721 -34.84 -14.41 13.07
C GLY A 3721 -34.27 -14.31 14.46
N PHE A 3722 -34.30 -15.44 15.16
CA PHE A 3722 -33.75 -15.52 16.49
C PHE A 3722 -32.62 -16.53 16.52
N ASP A 3723 -32.14 -16.82 17.71
CA ASP A 3723 -31.12 -17.83 17.88
C ASP A 3723 -31.69 -18.99 18.67
N GLU A 3724 -31.22 -20.19 18.36
CA GLU A 3724 -31.89 -21.38 18.89
C GLU A 3724 -31.32 -21.77 20.24
N ARG A 3725 -31.19 -20.80 21.13
CA ARG A 3725 -30.47 -21.03 22.38
C ARG A 3725 -31.09 -20.13 23.46
N VAL A 3726 -32.04 -20.66 24.18
CA VAL A 3726 -32.50 -20.02 25.40
C VAL A 3726 -31.55 -20.42 26.52
N THR A 3727 -31.09 -19.45 27.30
CA THR A 3727 -30.15 -19.69 28.38
C THR A 3727 -30.80 -19.26 29.68
N VAL A 3728 -31.56 -20.15 30.30
CA VAL A 3728 -32.21 -19.84 31.57
C VAL A 3728 -31.17 -19.31 32.54
N MET A 3729 -31.47 -18.20 33.19
CA MET A 3729 -30.48 -17.51 34.00
C MET A 3729 -30.80 -17.75 35.46
N ALA A 3730 -29.78 -18.13 36.23
CA ALA A 3730 -29.98 -18.66 37.58
C ALA A 3730 -30.33 -17.52 38.52
N SER A 3731 -31.48 -16.89 38.25
CA SER A 3731 -31.98 -15.80 39.07
C SER A 3731 -33.22 -16.30 39.79
N LEU A 3732 -33.89 -15.40 40.49
CA LEU A 3732 -35.07 -15.78 41.26
C LEU A 3732 -36.24 -16.10 40.34
N ARG A 3733 -36.49 -15.24 39.37
CA ARG A 3733 -37.66 -15.33 38.50
C ARG A 3733 -37.41 -16.15 37.25
N ARG A 3734 -36.32 -16.90 37.19
CA ARG A 3734 -36.01 -17.76 36.06
C ARG A 3734 -36.14 -17.02 34.72
N PRO A 3735 -35.40 -15.95 34.51
CA PRO A 3735 -35.53 -15.22 33.25
C PRO A 3735 -34.64 -15.78 32.16
N LYS A 3736 -35.23 -16.18 31.05
CA LYS A 3736 -34.51 -16.74 29.93
C LYS A 3736 -33.72 -15.66 29.21
N ARG A 3737 -32.78 -16.08 28.40
CA ARG A 3737 -31.97 -15.15 27.62
C ARG A 3737 -31.96 -15.57 26.17
N ILE A 3738 -32.47 -14.71 25.30
CA ILE A 3738 -32.58 -14.99 23.90
C ILE A 3738 -31.57 -14.15 23.15
N ILE A 3739 -31.37 -14.46 21.89
CA ILE A 3739 -30.65 -13.59 20.97
C ILE A 3739 -31.58 -13.30 19.81
N ILE A 3740 -31.60 -12.04 19.41
CA ILE A 3740 -32.38 -11.58 18.27
C ILE A 3740 -31.39 -11.22 17.19
N ARG A 3741 -31.62 -11.71 15.99
CA ARG A 3741 -30.71 -11.47 14.89
C ARG A 3741 -31.34 -10.39 14.02
N GLY A 3742 -30.57 -9.39 13.68
CA GLY A 3742 -31.09 -8.21 13.00
C GLY A 3742 -30.57 -8.13 11.60
N HIS A 3743 -31.35 -7.52 10.72
CA HIS A 3743 -31.01 -7.50 9.30
C HIS A 3743 -29.68 -6.78 9.04
N ASP A 3744 -29.07 -6.22 10.09
CA ASP A 3744 -27.79 -5.57 9.93
C ASP A 3744 -26.63 -6.52 10.14
N GLU A 3745 -26.88 -7.83 10.06
CA GLU A 3745 -25.84 -8.84 10.20
C GLU A 3745 -25.19 -8.79 11.57
N ARG A 3746 -26.03 -8.82 12.61
CA ARG A 3746 -25.56 -8.62 13.98
C ARG A 3746 -26.48 -9.37 14.92
N GLU A 3747 -26.00 -9.60 16.13
CA GLU A 3747 -26.74 -10.36 17.12
C GLU A 3747 -26.95 -9.49 18.35
N HIS A 3748 -28.20 -9.42 18.82
CA HIS A 3748 -28.60 -8.53 19.89
C HIS A 3748 -29.15 -9.35 21.05
N PRO A 3749 -28.30 -9.74 21.99
CA PRO A 3749 -28.79 -10.49 23.14
C PRO A 3749 -29.81 -9.69 23.91
N PHE A 3750 -30.82 -10.36 24.42
CA PHE A 3750 -31.80 -9.75 25.29
C PHE A 3750 -32.03 -10.67 26.45
N LEU A 3751 -33.01 -10.38 27.27
CA LEU A 3751 -33.25 -11.15 28.47
C LEU A 3751 -34.73 -11.05 28.77
N VAL A 3752 -35.48 -12.07 28.42
CA VAL A 3752 -36.92 -11.94 28.45
C VAL A 3752 -37.39 -11.98 29.89
N LYS A 3753 -37.61 -10.79 30.46
CA LYS A 3753 -38.16 -10.63 31.81
C LYS A 3753 -39.53 -11.27 31.66
N GLY A 3754 -39.90 -12.14 32.58
CA GLY A 3754 -41.09 -12.91 32.31
C GLY A 3754 -42.40 -12.39 32.82
N GLY A 3755 -42.44 -11.95 34.07
CA GLY A 3755 -43.72 -11.61 34.65
C GLY A 3755 -43.75 -10.32 35.41
N GLU A 3756 -42.82 -9.42 35.11
CA GLU A 3756 -42.69 -8.16 35.82
C GLU A 3756 -43.02 -6.98 34.92
N ASP A 3757 -43.37 -5.87 35.57
CA ASP A 3757 -43.57 -4.59 34.90
C ASP A 3757 -42.23 -3.88 34.80
N LEU A 3758 -41.72 -3.73 33.59
CA LEU A 3758 -40.46 -3.06 33.37
C LEU A 3758 -40.63 -1.56 33.16
N ARG A 3759 -41.83 -1.04 33.38
CA ARG A 3759 -42.09 0.36 33.12
C ARG A 3759 -41.32 1.27 34.06
N GLN A 3760 -41.21 0.89 35.33
CA GLN A 3760 -40.42 1.69 36.25
C GLN A 3760 -38.94 1.69 35.86
N ASP A 3761 -38.41 0.55 35.43
CA ASP A 3761 -37.02 0.53 35.00
C ASP A 3761 -36.84 1.38 33.77
N GLN A 3762 -37.86 1.44 32.91
CA GLN A 3762 -37.77 2.31 31.73
C GLN A 3762 -37.75 3.77 32.12
N ARG A 3763 -38.61 4.16 33.05
CA ARG A 3763 -38.62 5.54 33.50
C ARG A 3763 -37.30 5.90 34.16
N VAL A 3764 -36.74 5.00 34.96
CA VAL A 3764 -35.45 5.30 35.58
C VAL A 3764 -34.37 5.44 34.54
N GLU A 3765 -34.38 4.61 33.50
CA GLU A 3765 -33.40 4.83 32.44
C GLU A 3765 -33.65 6.15 31.73
N GLN A 3766 -34.89 6.62 31.73
CA GLN A 3766 -35.16 7.93 31.12
C GLN A 3766 -34.63 9.07 31.97
N LEU A 3767 -34.82 8.99 33.28
CA LEU A 3767 -34.19 9.94 34.21
C LEU A 3767 -32.69 9.92 34.05
N PHE A 3768 -32.10 8.75 33.87
CA PHE A 3768 -30.65 8.69 33.72
C PHE A 3768 -30.19 9.31 32.42
N GLN A 3769 -31.00 9.25 31.38
CA GLN A 3769 -30.62 9.95 30.16
C GLN A 3769 -30.73 11.46 30.33
N VAL A 3770 -31.73 11.92 31.08
CA VAL A 3770 -31.81 13.33 31.43
C VAL A 3770 -30.57 13.76 32.20
N MET A 3771 -30.18 12.96 33.19
CA MET A 3771 -29.01 13.28 33.99
C MET A 3771 -27.76 13.31 33.14
N ASN A 3772 -27.61 12.35 32.24
CA ASN A 3772 -26.47 12.37 31.33
C ASN A 3772 -26.47 13.64 30.51
N GLY A 3773 -27.65 14.13 30.13
CA GLY A 3773 -27.71 15.42 29.46
C GLY A 3773 -27.18 16.54 30.30
N ILE A 3774 -27.62 16.62 31.56
CA ILE A 3774 -27.15 17.68 32.44
C ILE A 3774 -25.65 17.59 32.62
N LEU A 3775 -25.14 16.38 32.82
CA LEU A 3775 -23.72 16.19 33.03
C LEU A 3775 -22.91 16.54 31.81
N ALA A 3776 -23.48 16.38 30.63
CA ALA A 3776 -22.76 16.76 29.42
C ALA A 3776 -22.87 18.23 29.13
N GLN A 3777 -23.87 18.92 29.70
CA GLN A 3777 -23.94 20.37 29.58
C GLN A 3777 -23.02 21.09 30.52
N ASP A 3778 -22.39 20.38 31.43
CA ASP A 3778 -21.50 20.97 32.42
C ASP A 3778 -20.08 20.90 31.87
N SER A 3779 -19.13 21.42 32.62
CA SER A 3779 -17.75 21.41 32.17
C SER A 3779 -16.83 20.74 33.18
N ALA A 3780 -17.09 20.91 34.46
CA ALA A 3780 -16.43 20.10 35.46
C ALA A 3780 -16.75 18.62 35.23
N CYS A 3781 -18.02 18.30 35.11
CA CYS A 3781 -18.47 16.93 34.89
C CYS A 3781 -18.27 16.46 33.47
N SER A 3782 -17.81 17.32 32.58
CA SER A 3782 -17.58 16.94 31.20
C SER A 3782 -16.11 16.87 30.85
N GLN A 3783 -15.25 17.49 31.63
CA GLN A 3783 -13.83 17.27 31.53
C GLN A 3783 -13.42 15.98 32.23
N ARG A 3784 -14.24 15.47 33.15
CA ARG A 3784 -14.08 14.15 33.73
C ARG A 3784 -14.80 13.08 32.93
N ALA A 3785 -15.47 13.44 31.85
CA ALA A 3785 -16.25 12.51 31.05
C ALA A 3785 -17.27 11.77 31.89
N LEU A 3786 -17.86 12.46 32.86
CA LEU A 3786 -18.83 11.84 33.73
C LEU A 3786 -20.11 11.59 32.96
N GLN A 3787 -20.46 10.32 32.77
CA GLN A 3787 -21.69 9.93 32.10
C GLN A 3787 -22.14 8.59 32.65
N LEU A 3788 -23.40 8.50 33.03
CA LEU A 3788 -23.98 7.25 33.50
C LEU A 3788 -24.14 6.28 32.35
N ARG A 3789 -24.04 4.99 32.65
CA ARG A 3789 -24.14 3.97 31.63
C ARG A 3789 -25.50 3.31 31.74
N THR A 3790 -26.23 3.28 30.62
CA THR A 3790 -27.62 2.90 30.59
C THR A 3790 -27.82 1.79 29.57
N TYR A 3791 -29.00 1.18 29.62
CA TYR A 3791 -29.34 0.07 28.76
C TYR A 3791 -30.75 0.29 28.26
N SER A 3792 -31.29 -0.72 27.61
CA SER A 3792 -32.54 -0.62 26.89
C SER A 3792 -33.57 -1.50 27.57
N VAL A 3793 -34.50 -0.89 28.28
CA VAL A 3793 -35.60 -1.61 28.87
C VAL A 3793 -36.82 -1.33 28.03
N VAL A 3794 -37.52 -2.38 27.62
CA VAL A 3794 -38.65 -2.26 26.73
C VAL A 3794 -39.83 -2.98 27.33
N PRO A 3795 -40.67 -2.35 28.12
CA PRO A 3795 -41.92 -2.98 28.53
C PRO A 3795 -42.78 -3.23 27.31
N MET A 3796 -43.07 -4.49 27.04
CA MET A 3796 -43.90 -4.91 25.93
C MET A 3796 -45.31 -5.26 26.38
N THR A 3797 -45.51 -5.49 27.66
CA THR A 3797 -46.82 -5.63 28.24
C THR A 3797 -46.69 -5.25 29.71
N SER A 3798 -47.80 -5.24 30.43
CA SER A 3798 -47.76 -5.03 31.85
C SER A 3798 -47.25 -6.24 32.60
N ARG A 3799 -46.94 -7.34 31.92
CA ARG A 3799 -46.31 -8.48 32.58
C ARG A 3799 -45.29 -9.16 31.69
N LEU A 3800 -44.62 -8.42 30.83
CA LEU A 3800 -43.59 -8.95 29.96
C LEU A 3800 -42.61 -7.82 29.66
N GLY A 3801 -41.54 -8.15 28.97
CA GLY A 3801 -40.62 -7.12 28.55
C GLY A 3801 -39.35 -7.73 28.03
N LEU A 3802 -38.49 -6.86 27.56
CA LEU A 3802 -37.13 -7.21 27.18
C LEU A 3802 -36.19 -6.25 27.87
N ILE A 3803 -35.02 -6.74 28.24
CA ILE A 3803 -34.00 -5.94 28.89
C ILE A 3803 -32.66 -6.19 28.21
N GLU A 3804 -32.03 -5.11 27.75
CA GLU A 3804 -30.74 -5.21 27.05
C GLU A 3804 -29.71 -6.04 27.83
N TRP A 3805 -29.15 -7.04 27.15
CA TRP A 3805 -28.14 -7.90 27.76
C TRP A 3805 -26.73 -7.35 27.53
N LEU A 3806 -26.18 -6.74 28.57
CA LEU A 3806 -24.86 -6.16 28.50
C LEU A 3806 -23.80 -7.24 28.36
N GLU A 3807 -23.02 -7.14 27.28
CA GLU A 3807 -21.97 -8.11 27.04
C GLU A 3807 -20.68 -7.71 27.74
N ASN A 3808 -19.83 -8.71 27.98
CA ASN A 3808 -18.55 -8.52 28.65
C ASN A 3808 -18.68 -7.76 29.97
N THR A 3809 -19.57 -8.24 30.83
CA THR A 3809 -19.80 -7.62 32.13
C THR A 3809 -20.06 -8.70 33.18
N VAL A 3810 -19.28 -8.69 34.25
CA VAL A 3810 -19.42 -9.66 35.33
C VAL A 3810 -20.07 -9.05 36.56
N THR A 3811 -20.95 -9.81 37.19
CA THR A 3811 -21.64 -9.35 38.41
C THR A 3811 -20.68 -9.01 39.55
N LEU A 3812 -21.02 -7.96 40.30
CA LEU A 3812 -20.22 -7.51 41.44
C LEU A 3812 -20.02 -8.69 42.39
N LYS A 3813 -21.12 -9.29 42.81
CA LYS A 3813 -21.06 -10.46 43.67
C LYS A 3813 -20.30 -11.59 43.02
N ASP A 3814 -20.48 -11.78 41.72
CA ASP A 3814 -19.78 -12.87 41.05
C ASP A 3814 -18.33 -12.54 40.79
N LEU A 3815 -17.99 -11.30 40.51
CA LEU A 3815 -16.59 -10.94 40.38
C LEU A 3815 -15.87 -11.09 41.71
N LEU A 3816 -16.58 -10.95 42.81
CA LEU A 3816 -15.97 -11.13 44.12
C LEU A 3816 -15.87 -12.60 44.49
N LEU A 3817 -16.93 -13.38 44.26
CA LEU A 3817 -16.89 -14.81 44.52
C LEU A 3817 -16.03 -15.58 43.53
N ASN A 3818 -15.56 -14.95 42.46
CA ASN A 3818 -14.69 -15.64 41.52
C ASN A 3818 -13.25 -15.19 41.62
N THR A 3819 -12.88 -14.47 42.67
CA THR A 3819 -11.48 -14.22 42.98
C THR A 3819 -11.05 -14.81 44.30
N MET A 3820 -12.00 -15.21 45.13
CA MET A 3820 -11.67 -15.98 46.31
C MET A 3820 -11.07 -17.30 45.88
N SER A 3821 -10.12 -17.82 46.67
CA SER A 3821 -9.64 -19.17 46.46
C SER A 3821 -10.77 -20.15 46.77
N GLN A 3822 -10.51 -21.44 46.57
CA GLN A 3822 -11.56 -22.42 46.83
C GLN A 3822 -11.82 -22.55 48.32
N GLU A 3823 -10.77 -22.65 49.13
CA GLU A 3823 -10.94 -22.69 50.57
C GLU A 3823 -11.48 -21.38 51.10
N GLU A 3824 -10.99 -20.26 50.56
CA GLU A 3824 -11.47 -18.93 50.93
C GLU A 3824 -12.97 -18.78 50.67
N LYS A 3825 -13.40 -19.14 49.48
CA LYS A 3825 -14.81 -19.10 49.13
C LYS A 3825 -15.64 -20.05 49.98
N ALA A 3826 -15.09 -21.23 50.28
CA ALA A 3826 -15.84 -22.18 51.09
C ALA A 3826 -16.00 -21.67 52.51
N ALA A 3827 -14.93 -21.12 53.08
CA ALA A 3827 -15.00 -20.57 54.41
C ALA A 3827 -15.92 -19.37 54.46
N TYR A 3828 -16.16 -18.72 53.32
CA TYR A 3828 -17.14 -17.64 53.31
C TYR A 3828 -18.56 -18.18 53.23
N LEU A 3829 -18.84 -19.05 52.27
CA LEU A 3829 -20.21 -19.55 52.10
C LEU A 3829 -20.66 -20.37 53.28
N SER A 3830 -19.89 -21.39 53.65
CA SER A 3830 -20.38 -22.46 54.53
C SER A 3830 -19.43 -22.59 55.72
N ASP A 3831 -19.69 -21.80 56.75
CA ASP A 3831 -18.89 -21.82 57.96
C ASP A 3831 -19.63 -20.99 59.01
N PRO A 3832 -19.80 -21.47 60.23
CA PRO A 3832 -20.36 -20.62 61.28
C PRO A 3832 -19.41 -19.51 61.70
N ARG A 3833 -18.16 -19.53 61.25
CA ARG A 3833 -17.25 -18.42 61.45
C ARG A 3833 -17.39 -17.38 60.34
N ALA A 3834 -18.06 -17.72 59.25
CA ALA A 3834 -18.21 -16.80 58.14
C ALA A 3834 -19.10 -15.63 58.55
N PRO A 3835 -18.96 -14.48 57.90
CA PRO A 3835 -19.86 -13.36 58.18
C PRO A 3835 -21.31 -13.69 57.84
N PRO A 3836 -21.61 -14.40 56.73
CA PRO A 3836 -23.03 -14.69 56.45
C PRO A 3836 -23.76 -15.40 57.56
N CYS A 3837 -23.12 -16.34 58.25
CA CYS A 3837 -23.75 -17.07 59.34
C CYS A 3837 -23.55 -16.39 60.68
N GLU A 3838 -22.38 -15.76 60.87
CA GLU A 3838 -22.08 -15.07 62.11
C GLU A 3838 -22.99 -13.88 62.33
N TYR A 3839 -23.45 -13.23 61.25
CA TYR A 3839 -24.37 -12.12 61.43
C TYR A 3839 -25.74 -12.61 61.90
N LYS A 3840 -26.24 -13.70 61.33
CA LYS A 3840 -27.50 -14.26 61.83
C LYS A 3840 -27.34 -14.73 63.26
N ASP A 3841 -26.19 -15.32 63.56
CA ASP A 3841 -25.86 -15.71 64.92
C ASP A 3841 -25.96 -14.50 65.85
N TRP A 3842 -25.35 -13.38 65.45
CA TRP A 3842 -25.34 -12.18 66.28
C TRP A 3842 -26.75 -11.61 66.46
N LEU A 3843 -27.52 -11.59 65.37
CA LEU A 3843 -28.89 -11.11 65.42
C LEU A 3843 -29.71 -11.87 66.44
N THR A 3844 -29.60 -13.21 66.41
CA THR A 3844 -30.31 -13.98 67.42
C THR A 3844 -29.61 -14.00 68.77
N LYS A 3845 -28.34 -13.59 68.81
CA LYS A 3845 -27.59 -13.56 70.05
C LYS A 3845 -27.98 -12.36 70.90
N MET A 3846 -28.47 -11.31 70.26
CA MET A 3846 -29.05 -10.20 71.02
C MET A 3846 -30.44 -9.84 70.53
N SER A 3847 -31.23 -10.89 70.29
CA SER A 3847 -32.69 -10.81 70.22
C SER A 3847 -33.19 -12.23 70.11
N GLY A 3848 -34.33 -12.50 70.72
CA GLY A 3848 -34.93 -13.79 70.50
C GLY A 3848 -35.45 -13.89 69.08
N LYS A 3849 -35.95 -15.06 68.70
CA LYS A 3849 -36.73 -15.26 67.47
C LYS A 3849 -36.03 -14.67 66.24
N HIS A 3850 -34.88 -15.25 65.93
CA HIS A 3850 -34.22 -15.03 64.64
C HIS A 3850 -35.23 -15.07 63.50
N ASP A 3851 -35.39 -13.93 62.82
CA ASP A 3851 -36.50 -13.69 61.91
C ASP A 3851 -36.29 -12.34 61.24
N VAL A 3852 -37.20 -11.93 60.36
CA VAL A 3852 -37.18 -10.55 59.92
C VAL A 3852 -37.55 -9.60 61.04
N GLY A 3853 -38.16 -10.10 62.11
CA GLY A 3853 -38.41 -9.34 63.31
C GLY A 3853 -37.24 -9.27 64.26
N ALA A 3854 -36.16 -9.99 63.96
CA ALA A 3854 -34.97 -9.90 64.80
C ALA A 3854 -34.37 -8.50 64.79
N TYR A 3855 -34.36 -7.84 63.63
CA TYR A 3855 -33.74 -6.53 63.52
C TYR A 3855 -34.46 -5.48 64.35
N MET A 3856 -35.79 -5.57 64.43
CA MET A 3856 -36.53 -4.61 65.25
C MET A 3856 -36.11 -4.69 66.70
N LEU A 3857 -36.08 -5.90 67.26
CA LEU A 3857 -35.64 -6.08 68.64
C LEU A 3857 -34.19 -5.68 68.80
N MET A 3858 -33.35 -5.94 67.80
CA MET A 3858 -31.96 -5.49 67.85
C MET A 3858 -31.84 -3.99 67.95
N TYR A 3859 -32.64 -3.26 67.18
CA TYR A 3859 -32.46 -1.82 67.10
C TYR A 3859 -32.67 -1.18 68.46
N LYS A 3860 -33.66 -1.65 69.21
CA LYS A 3860 -33.83 -1.18 70.57
C LYS A 3860 -32.92 -1.87 71.57
N GLY A 3861 -32.37 -3.03 71.25
CA GLY A 3861 -31.52 -3.72 72.19
C GLY A 3861 -30.07 -3.32 72.20
N ALA A 3862 -29.39 -3.47 71.07
CA ALA A 3862 -27.95 -3.23 71.03
C ALA A 3862 -27.65 -1.74 71.16
N ASN A 3863 -26.42 -1.45 71.56
CA ASN A 3863 -25.94 -0.09 71.69
C ASN A 3863 -24.89 0.17 70.62
N ARG A 3864 -24.48 1.43 70.51
CA ARG A 3864 -23.53 1.80 69.47
C ARG A 3864 -22.24 1.00 69.55
N THR A 3865 -21.82 0.60 70.75
CA THR A 3865 -20.47 0.10 70.93
C THR A 3865 -20.31 -1.37 70.55
N GLU A 3866 -21.27 -2.22 70.94
CA GLU A 3866 -21.15 -3.62 70.56
C GLU A 3866 -21.48 -3.83 69.09
N THR A 3867 -22.39 -3.04 68.53
CA THR A 3867 -22.64 -3.11 67.10
C THR A 3867 -21.38 -2.77 66.30
N VAL A 3868 -20.75 -1.64 66.60
CA VAL A 3868 -19.54 -1.26 65.89
C VAL A 3868 -18.46 -2.32 66.08
N THR A 3869 -18.27 -2.79 67.31
CA THR A 3869 -17.17 -3.72 67.55
C THR A 3869 -17.40 -5.04 66.85
N SER A 3870 -18.59 -5.62 67.03
CA SER A 3870 -18.94 -6.86 66.35
C SER A 3870 -18.84 -6.71 64.84
N PHE A 3871 -19.24 -5.55 64.31
CA PHE A 3871 -19.20 -5.36 62.87
C PHE A 3871 -17.78 -5.28 62.37
N ARG A 3872 -16.94 -4.46 63.00
CA ARG A 3872 -15.55 -4.40 62.58
C ARG A 3872 -14.88 -5.76 62.73
N LYS A 3873 -15.42 -6.62 63.58
CA LYS A 3873 -14.87 -7.97 63.72
C LYS A 3873 -15.32 -8.88 62.58
N ARG A 3874 -16.64 -8.98 62.34
CA ARG A 3874 -17.13 -9.86 61.29
C ARG A 3874 -16.74 -9.38 59.91
N GLU A 3875 -16.42 -8.11 59.77
CA GLU A 3875 -15.90 -7.56 58.55
C GLU A 3875 -14.47 -7.98 58.29
N SER A 3876 -13.76 -8.40 59.33
CA SER A 3876 -12.34 -8.73 59.20
C SER A 3876 -12.10 -10.14 58.69
N LYS A 3877 -13.12 -10.99 58.70
CA LYS A 3877 -12.99 -12.36 58.25
C LYS A 3877 -13.17 -12.51 56.75
N VAL A 3878 -13.55 -11.45 56.06
CA VAL A 3878 -13.62 -11.47 54.59
C VAL A 3878 -12.32 -10.86 54.08
N PRO A 3879 -11.67 -11.50 53.11
CA PRO A 3879 -10.38 -10.99 52.63
C PRO A 3879 -10.48 -9.53 52.27
N ALA A 3880 -9.53 -8.74 52.77
CA ALA A 3880 -9.62 -7.30 52.60
C ALA A 3880 -9.73 -6.93 51.13
N ASP A 3881 -8.69 -7.20 50.36
CA ASP A 3881 -8.56 -6.66 49.02
C ASP A 3881 -9.03 -7.66 47.96
N LEU A 3882 -10.27 -8.12 48.11
CA LEU A 3882 -10.84 -8.90 47.03
C LEU A 3882 -10.95 -8.10 45.74
N LEU A 3883 -11.37 -6.84 45.84
CA LEU A 3883 -11.60 -6.09 44.62
C LEU A 3883 -10.29 -5.59 44.00
N LYS A 3884 -9.29 -5.29 44.82
CA LYS A 3884 -7.96 -5.06 44.25
C LYS A 3884 -7.41 -6.32 43.60
N ARG A 3885 -7.62 -7.48 44.24
CA ARG A 3885 -7.15 -8.72 43.64
C ARG A 3885 -7.81 -8.97 42.30
N ALA A 3886 -9.11 -8.72 42.20
CA ALA A 3886 -9.82 -8.86 40.94
C ALA A 3886 -9.25 -7.92 39.89
N PHE A 3887 -9.11 -6.64 40.22
CA PHE A 3887 -8.63 -5.68 39.24
C PHE A 3887 -7.16 -5.90 38.88
N VAL A 3888 -6.42 -6.63 39.69
CA VAL A 3888 -5.04 -6.93 39.30
C VAL A 3888 -4.96 -8.23 38.53
N ARG A 3889 -5.90 -9.16 38.73
CA ARG A 3889 -5.95 -10.35 37.92
C ARG A 3889 -6.40 -10.03 36.50
N MET A 3890 -7.39 -9.14 36.36
CA MET A 3890 -7.96 -8.84 35.05
C MET A 3890 -7.22 -7.74 34.32
N SER A 3891 -5.94 -7.55 34.61
CA SER A 3891 -5.13 -6.55 33.93
C SER A 3891 -3.74 -7.11 33.74
N THR A 3892 -3.02 -6.58 32.75
CA THR A 3892 -1.70 -7.10 32.43
C THR A 3892 -0.55 -6.21 32.87
N SER A 3893 -0.76 -4.92 32.96
CA SER A 3893 0.30 -3.97 33.26
C SER A 3893 -0.18 -2.99 34.32
N PRO A 3894 0.74 -2.31 35.01
CA PRO A 3894 0.31 -1.26 35.94
C PRO A 3894 -0.38 -0.12 35.23
N GLU A 3895 0.02 0.16 34.00
CA GLU A 3895 -0.66 1.15 33.17
C GLU A 3895 -2.13 0.86 33.04
N ALA A 3896 -2.49 -0.43 33.03
CA ALA A 3896 -3.88 -0.83 32.87
C ALA A 3896 -4.59 -1.00 34.17
N PHE A 3897 -3.91 -1.44 35.23
CA PHE A 3897 -4.56 -1.50 36.53
C PHE A 3897 -4.92 -0.11 37.01
N LEU A 3898 -4.05 0.86 36.77
CA LEU A 3898 -4.34 2.22 37.20
C LEU A 3898 -5.61 2.73 36.56
N ALA A 3899 -5.77 2.47 35.26
CA ALA A 3899 -6.91 2.99 34.52
C ALA A 3899 -8.20 2.22 34.84
N LEU A 3900 -8.11 0.90 34.96
CA LEU A 3900 -9.25 0.13 35.44
C LEU A 3900 -9.76 0.66 36.76
N ARG A 3901 -8.87 0.82 37.73
CA ARG A 3901 -9.33 1.21 39.06
C ARG A 3901 -9.87 2.62 39.07
N SER A 3902 -9.22 3.54 38.35
CA SER A 3902 -9.75 4.89 38.33
C SER A 3902 -11.11 4.94 37.66
N HIS A 3903 -11.38 4.06 36.71
CA HIS A 3903 -12.67 4.15 36.04
C HIS A 3903 -13.74 3.47 36.87
N PHE A 3904 -13.39 2.40 37.59
CA PHE A 3904 -14.30 1.85 38.59
C PHE A 3904 -14.68 2.91 39.62
N ALA A 3905 -13.70 3.66 40.12
CA ALA A 3905 -13.98 4.62 41.18
C ALA A 3905 -14.76 5.82 40.67
N SER A 3906 -14.40 6.33 39.51
CA SER A 3906 -15.12 7.44 38.91
C SER A 3906 -16.57 7.08 38.65
N SER A 3907 -16.81 5.95 37.99
CA SER A 3907 -18.16 5.55 37.66
C SER A 3907 -18.95 5.17 38.90
N HIS A 3908 -18.30 4.62 39.91
CA HIS A 3908 -19.04 4.29 41.12
C HIS A 3908 -19.45 5.54 41.88
N ALA A 3909 -18.58 6.54 41.96
CA ALA A 3909 -19.00 7.77 42.60
C ALA A 3909 -20.16 8.40 41.86
N LEU A 3910 -20.09 8.41 40.53
CA LEU A 3910 -21.19 8.98 39.76
C LEU A 3910 -22.50 8.27 40.05
N ILE A 3911 -22.49 6.94 40.10
CA ILE A 3911 -23.80 6.32 40.28
C ILE A 3911 -24.25 6.41 41.72
N CYS A 3912 -23.34 6.49 42.69
CA CYS A 3912 -23.79 6.68 44.06
C CYS A 3912 -24.51 8.00 44.20
N ILE A 3913 -23.92 9.08 43.68
CA ILE A 3913 -24.58 10.37 43.81
C ILE A 3913 -25.81 10.50 42.92
N SER A 3914 -25.94 9.68 41.87
CA SER A 3914 -27.15 9.71 41.07
C SER A 3914 -28.29 8.98 41.75
N HIS A 3915 -28.02 7.76 42.20
CA HIS A 3915 -28.99 6.97 42.92
C HIS A 3915 -29.34 7.55 44.27
N TRP A 3916 -28.53 8.47 44.82
CA TRP A 3916 -28.98 9.12 46.04
C TRP A 3916 -30.08 10.12 45.76
N ILE A 3917 -29.90 10.92 44.71
CA ILE A 3917 -30.88 11.92 44.35
C ILE A 3917 -32.18 11.28 43.94
N LEU A 3918 -32.10 10.15 43.24
CA LEU A 3918 -33.34 9.44 42.94
C LEU A 3918 -33.84 8.59 44.09
N GLY A 3919 -33.12 8.55 45.20
CA GLY A 3919 -33.57 7.74 46.32
C GLY A 3919 -33.64 6.26 46.01
N ILE A 3920 -32.68 5.74 45.24
CA ILE A 3920 -32.69 4.34 44.84
C ILE A 3920 -31.99 3.53 45.91
N GLY A 3921 -32.65 2.49 46.42
CA GLY A 3921 -32.19 1.90 47.65
C GLY A 3921 -31.56 0.52 47.67
N ASP A 3922 -32.09 -0.43 46.92
CA ASP A 3922 -31.78 -1.84 47.16
C ASP A 3922 -30.49 -2.25 46.44
N ARG A 3923 -29.38 -1.70 46.91
CA ARG A 3923 -28.12 -1.79 46.20
C ARG A 3923 -27.27 -2.93 46.75
N HIS A 3924 -27.69 -4.17 46.50
CA HIS A 3924 -26.86 -5.27 46.94
C HIS A 3924 -25.87 -5.64 45.85
N LEU A 3925 -25.05 -6.64 46.14
CA LEU A 3925 -23.84 -6.86 45.36
C LEU A 3925 -24.07 -7.34 43.96
N ASN A 3926 -25.30 -7.61 43.54
CA ASN A 3926 -25.52 -7.99 42.16
C ASN A 3926 -26.58 -7.10 41.53
N ASN A 3927 -26.70 -5.89 42.05
CA ASN A 3927 -27.29 -4.76 41.37
C ASN A 3927 -26.25 -3.87 40.77
N PHE A 3928 -24.99 -4.28 40.81
CA PHE A 3928 -23.90 -3.58 40.17
C PHE A 3928 -23.32 -4.53 39.15
N MET A 3929 -22.69 -3.99 38.13
CA MET A 3929 -22.26 -4.87 37.06
C MET A 3929 -21.01 -4.30 36.41
N VAL A 3930 -19.86 -4.78 36.84
CA VAL A 3930 -18.60 -4.26 36.35
C VAL A 3930 -18.39 -4.70 34.91
N ALA A 3931 -18.04 -3.75 34.06
CA ALA A 3931 -17.69 -4.04 32.68
C ALA A 3931 -16.24 -4.47 32.64
N MET A 3932 -16.01 -5.76 32.51
CA MET A 3932 -14.65 -6.31 32.57
C MET A 3932 -13.76 -5.62 31.56
N GLU A 3933 -14.34 -5.14 30.48
CA GLU A 3933 -13.62 -4.52 29.39
C GLU A 3933 -12.90 -3.24 29.80
N THR A 3934 -13.53 -2.40 30.61
CA THR A 3934 -13.00 -1.08 30.95
C THR A 3934 -12.95 -0.78 32.43
N GLY A 3935 -13.74 -1.44 33.27
CA GLY A 3935 -13.76 -1.20 34.69
C GLY A 3935 -15.04 -0.56 35.18
N GLY A 3936 -15.73 0.16 34.32
CA GLY A 3936 -16.84 0.97 34.78
C GLY A 3936 -17.97 0.15 35.35
N VAL A 3937 -18.63 0.71 36.32
CA VAL A 3937 -19.74 0.09 37.01
C VAL A 3937 -21.02 0.45 36.28
N ILE A 3938 -22.03 -0.42 36.38
CA ILE A 3938 -23.34 -0.28 35.74
C ILE A 3938 -24.35 -0.76 36.77
N GLY A 3939 -25.21 0.14 37.25
CA GLY A 3939 -26.19 -0.22 38.25
C GLY A 3939 -27.50 -0.60 37.59
N ILE A 3940 -28.01 -1.77 37.95
CA ILE A 3940 -29.19 -2.36 37.32
C ILE A 3940 -30.43 -2.33 38.21
N ASP A 3941 -31.43 -3.11 37.86
CA ASP A 3941 -32.56 -3.51 38.72
C ASP A 3941 -33.15 -2.45 39.66
N PHE A 3942 -33.82 -1.47 39.07
CA PHE A 3942 -34.42 -0.37 39.83
C PHE A 3942 -35.84 -0.73 40.22
N GLY A 3943 -35.99 -1.34 41.39
CA GLY A 3943 -37.33 -1.61 41.88
C GLY A 3943 -37.71 -0.67 42.99
N HIS A 3944 -36.70 -0.16 43.70
CA HIS A 3944 -36.89 0.78 44.79
C HIS A 3944 -36.45 2.16 44.33
N ALA A 3945 -37.37 3.11 44.34
CA ALA A 3945 -37.07 4.46 43.93
C ALA A 3945 -37.80 5.42 44.83
N PHE A 3946 -37.11 6.51 45.21
CA PHE A 3946 -37.68 7.60 45.99
C PHE A 3946 -37.98 7.16 47.42
N GLY A 3947 -37.05 6.41 48.01
CA GLY A 3947 -37.13 6.06 49.40
C GLY A 3947 -38.08 4.92 49.73
N SER A 3948 -38.46 4.12 48.73
CA SER A 3948 -39.25 2.93 49.02
C SER A 3948 -38.49 2.02 49.97
N ALA A 3949 -37.18 1.87 49.73
CA ALA A 3949 -36.37 1.01 50.58
C ALA A 3949 -36.35 1.50 52.02
N THR A 3950 -36.13 2.80 52.21
CA THR A 3950 -36.09 3.35 53.55
C THR A 3950 -37.47 3.43 54.19
N GLN A 3951 -38.55 3.33 53.43
CA GLN A 3951 -39.86 3.63 53.97
C GLN A 3951 -40.78 2.42 54.08
N PHE A 3952 -41.10 1.74 52.99
CA PHE A 3952 -42.02 0.59 53.08
C PHE A 3952 -41.26 -0.72 53.11
N LEU A 3953 -40.28 -0.83 54.00
CA LEU A 3953 -39.58 -2.07 54.19
C LEU A 3953 -39.46 -2.30 55.70
N PRO A 3954 -39.86 -3.46 56.21
CA PRO A 3954 -39.31 -3.90 57.48
C PRO A 3954 -37.81 -4.00 57.32
N VAL A 3955 -37.09 -3.70 58.39
CA VAL A 3955 -35.63 -3.65 58.32
C VAL A 3955 -35.26 -2.55 57.32
N PRO A 3956 -35.39 -1.28 57.69
CA PRO A 3956 -35.14 -0.20 56.75
C PRO A 3956 -33.69 -0.16 56.32
N GLU A 3957 -33.45 0.46 55.17
CA GLU A 3957 -32.11 0.82 54.76
C GLU A 3957 -31.82 2.22 55.23
N LEU A 3958 -30.73 2.38 55.96
CA LEU A 3958 -30.35 3.66 56.50
C LEU A 3958 -29.15 4.25 55.78
N MET A 3959 -28.72 3.67 54.75
CA MET A 3959 -27.58 4.25 54.08
C MET A 3959 -28.01 4.88 52.78
N PRO A 3960 -27.29 5.87 52.28
CA PRO A 3960 -27.73 6.55 51.08
C PRO A 3960 -27.20 5.89 49.81
N PHE A 3961 -26.09 5.18 49.90
CA PHE A 3961 -25.57 4.43 48.78
C PHE A 3961 -24.61 3.36 49.31
N ARG A 3962 -23.82 2.78 48.42
CA ARG A 3962 -23.04 1.58 48.71
C ARG A 3962 -21.54 1.90 48.69
N LEU A 3963 -20.97 2.16 49.86
CA LEU A 3963 -19.52 2.28 50.04
C LEU A 3963 -19.10 1.35 51.17
N THR A 3964 -18.52 0.22 50.83
CA THR A 3964 -18.17 -0.77 51.81
C THR A 3964 -16.67 -1.03 51.74
N ARG A 3965 -16.21 -1.96 52.59
CA ARG A 3965 -14.77 -2.15 52.75
C ARG A 3965 -14.10 -2.51 51.45
N GLN A 3966 -14.81 -3.17 50.55
CA GLN A 3966 -14.19 -3.53 49.30
C GLN A 3966 -14.08 -2.35 48.37
N PHE A 3967 -14.88 -1.31 48.59
CA PHE A 3967 -14.82 -0.12 47.77
C PHE A 3967 -13.78 0.85 48.29
N ILE A 3968 -13.68 1.00 49.62
CA ILE A 3968 -12.67 1.89 50.17
C ILE A 3968 -11.31 1.24 50.31
N ASN A 3969 -11.23 -0.09 50.21
CA ASN A 3969 -9.95 -0.80 50.23
C ASN A 3969 -9.33 -0.94 48.86
N LEU A 3970 -10.04 -0.58 47.81
CA LEU A 3970 -9.47 -0.66 46.48
C LEU A 3970 -8.74 0.62 46.16
N MET A 3971 -9.22 1.73 46.70
CA MET A 3971 -8.54 3.00 46.68
C MET A 3971 -7.80 3.14 48.01
N LEU A 3972 -6.87 2.23 48.25
CA LEU A 3972 -6.50 2.07 49.66
C LEU A 3972 -5.41 2.99 50.21
N PRO A 3973 -4.26 3.17 49.56
CA PRO A 3973 -3.32 4.18 50.08
C PRO A 3973 -4.00 5.51 50.22
N MET A 3974 -4.65 5.97 49.15
CA MET A 3974 -5.53 7.12 49.22
C MET A 3974 -6.78 6.79 50.00
N LYS A 3975 -7.59 7.80 50.25
CA LYS A 3975 -8.77 7.65 51.06
C LYS A 3975 -10.02 7.78 50.20
N GLU A 3976 -11.18 7.77 50.87
CA GLU A 3976 -12.44 8.04 50.21
C GLU A 3976 -12.59 9.51 49.83
N THR A 3977 -11.68 10.37 50.30
CA THR A 3977 -11.75 11.80 50.07
C THR A 3977 -10.83 12.26 48.94
N GLY A 3978 -10.59 11.42 47.95
CA GLY A 3978 -9.86 11.83 46.79
C GLY A 3978 -10.74 11.80 45.55
N LEU A 3979 -10.59 10.74 44.76
CA LEU A 3979 -11.30 10.63 43.50
C LEU A 3979 -12.80 10.49 43.72
N MET A 3980 -13.22 9.59 44.60
CA MET A 3980 -14.64 9.37 44.75
C MET A 3980 -15.35 10.61 45.27
N TYR A 3981 -14.79 11.23 46.29
CA TYR A 3981 -15.40 12.44 46.85
C TYR A 3981 -15.40 13.57 45.82
N SER A 3982 -14.30 13.73 45.08
CA SER A 3982 -14.26 14.78 44.09
C SER A 3982 -15.30 14.60 43.00
N ILE A 3983 -15.46 13.38 42.51
CA ILE A 3983 -16.43 13.10 41.46
C ILE A 3983 -17.84 13.31 41.96
N MET A 3984 -18.14 12.87 43.19
CA MET A 3984 -19.48 13.11 43.71
C MET A 3984 -19.75 14.60 43.88
N VAL A 3985 -18.77 15.38 44.32
CA VAL A 3985 -19.03 16.80 44.49
C VAL A 3985 -19.28 17.47 43.14
N HIS A 3986 -18.48 17.15 42.13
CA HIS A 3986 -18.72 17.74 40.80
C HIS A 3986 -20.09 17.36 40.28
N ALA A 3987 -20.47 16.10 40.42
CA ALA A 3987 -21.77 15.66 39.94
C ALA A 3987 -22.90 16.34 40.68
N LEU A 3988 -22.87 16.34 42.00
CA LEU A 3988 -23.96 16.97 42.75
C LEU A 3988 -24.03 18.46 42.48
N ARG A 3989 -22.90 19.12 42.25
CA ARG A 3989 -22.96 20.51 41.85
C ARG A 3989 -23.68 20.67 40.51
N ALA A 3990 -23.40 19.79 39.56
CA ALA A 3990 -24.11 19.88 38.28
C ALA A 3990 -25.58 19.61 38.45
N PHE A 3991 -25.95 18.72 39.35
CA PHE A 3991 -27.36 18.41 39.54
C PHE A 3991 -28.09 19.51 40.29
N ARG A 3992 -27.39 20.25 41.14
CA ARG A 3992 -28.01 21.34 41.88
C ARG A 3992 -28.04 22.65 41.12
N SER A 3993 -27.15 22.84 40.14
CA SER A 3993 -27.07 24.13 39.46
C SER A 3993 -28.41 24.50 38.83
N ASP A 3994 -28.97 23.62 38.03
CA ASP A 3994 -30.34 23.79 37.54
C ASP A 3994 -31.13 22.53 37.81
N PRO A 3995 -31.87 22.46 38.91
CA PRO A 3995 -32.71 21.30 39.18
C PRO A 3995 -34.12 21.40 38.61
N GLY A 3996 -34.45 22.46 37.87
CA GLY A 3996 -35.79 22.58 37.33
C GLY A 3996 -36.09 21.46 36.34
N LEU A 3997 -35.15 21.21 35.42
CA LEU A 3997 -35.32 20.14 34.46
C LEU A 3997 -35.43 18.79 35.13
N LEU A 3998 -34.52 18.53 36.05
CA LEU A 3998 -34.45 17.23 36.71
C LEU A 3998 -35.67 16.99 37.59
N THR A 3999 -36.10 18.00 38.33
CA THR A 3999 -37.26 17.88 39.18
C THR A 3999 -38.57 17.83 38.40
N ASN A 4000 -38.64 18.49 37.24
CA ASN A 4000 -39.82 18.32 36.42
C ASN A 4000 -39.94 16.89 35.91
N THR A 4001 -38.83 16.31 35.47
CA THR A 4001 -38.87 14.91 35.05
C THR A 4001 -39.22 14.00 36.23
N MET A 4002 -38.62 14.25 37.39
CA MET A 4002 -38.89 13.43 38.55
C MET A 4002 -40.33 13.59 39.00
N ASP A 4003 -40.91 14.77 38.77
CA ASP A 4003 -42.28 15.02 39.17
C ASP A 4003 -43.27 14.32 38.25
N VAL A 4004 -43.05 14.36 36.94
CA VAL A 4004 -43.90 13.57 36.06
C VAL A 4004 -43.63 12.09 36.20
N PHE A 4005 -42.53 11.72 36.83
CA PHE A 4005 -42.30 10.33 37.24
C PHE A 4005 -43.19 9.97 38.42
N VAL A 4006 -43.03 10.67 39.54
CA VAL A 4006 -43.77 10.31 40.76
C VAL A 4006 -45.26 10.48 40.56
N LYS A 4007 -45.68 11.42 39.72
CA LYS A 4007 -47.09 11.68 39.45
C LYS A 4007 -47.65 10.75 38.40
N GLU A 4008 -46.86 9.81 37.91
CA GLU A 4008 -47.29 8.92 36.85
C GLU A 4008 -48.14 7.82 37.45
N PRO A 4009 -49.40 7.68 37.07
CA PRO A 4009 -50.32 6.85 37.85
C PRO A 4009 -50.07 5.36 37.71
N SER A 4010 -49.01 5.01 37.00
CA SER A 4010 -48.53 3.64 36.99
C SER A 4010 -47.99 3.26 38.37
N PHE A 4011 -47.28 4.18 39.02
CA PHE A 4011 -46.47 3.87 40.21
C PHE A 4011 -47.26 4.10 41.49
N ASP A 4012 -48.38 3.42 41.62
CA ASP A 4012 -49.19 3.57 42.82
C ASP A 4012 -48.86 2.47 43.83
N TRP A 4013 -49.63 2.41 44.91
CA TRP A 4013 -49.35 1.45 45.96
C TRP A 4013 -49.61 0.02 45.49
N LYS A 4014 -50.64 -0.18 44.68
CA LYS A 4014 -50.90 -1.51 44.17
C LYS A 4014 -49.71 -2.00 43.34
N ASN A 4015 -49.17 -1.13 42.50
CA ASN A 4015 -48.00 -1.49 41.71
C ASN A 4015 -46.80 -1.77 42.59
N PHE A 4016 -46.60 -0.98 43.64
CA PHE A 4016 -45.46 -1.24 44.52
C PHE A 4016 -45.57 -2.59 45.19
N GLU A 4017 -46.74 -2.88 45.76
CA GLU A 4017 -46.89 -4.14 46.49
C GLU A 4017 -46.82 -5.33 45.55
N GLN A 4018 -47.35 -5.20 44.33
CA GLN A 4018 -47.26 -6.32 43.40
C GLN A 4018 -45.84 -6.52 42.90
N LYS A 4019 -45.07 -5.45 42.72
CA LYS A 4019 -43.67 -5.64 42.37
C LYS A 4019 -42.91 -6.30 43.50
N MET A 4020 -43.21 -5.94 44.75
CA MET A 4020 -42.45 -6.49 45.86
C MET A 4020 -42.83 -7.92 46.16
N LEU A 4021 -44.09 -8.31 45.89
CA LEU A 4021 -44.48 -9.70 46.05
C LEU A 4021 -43.59 -10.63 45.25
N LYS A 4022 -43.54 -10.42 43.93
CA LYS A 4022 -42.69 -11.26 43.09
C LYS A 4022 -41.24 -10.81 43.19
N LYS A 4023 -40.74 -10.75 44.43
CA LYS A 4023 -39.36 -10.32 44.68
C LYS A 4023 -38.90 -10.77 46.06
N GLY A 4024 -37.61 -11.07 46.18
CA GLY A 4024 -37.03 -11.48 47.44
C GLY A 4024 -36.24 -10.34 48.07
N GLY A 4025 -36.85 -9.16 48.06
CA GLY A 4025 -36.22 -7.97 48.62
C GLY A 4025 -35.92 -8.06 50.11
N SER A 4026 -36.96 -7.96 50.92
CA SER A 4026 -36.80 -8.04 52.37
C SER A 4026 -38.05 -8.55 53.08
N TRP A 4027 -39.21 -8.33 52.49
CA TRP A 4027 -40.46 -8.77 53.10
C TRP A 4027 -41.27 -9.54 52.07
N ILE A 4028 -42.01 -10.54 52.55
CA ILE A 4028 -43.01 -11.23 51.72
C ILE A 4028 -44.31 -11.26 52.52
N GLN A 4029 -44.20 -11.02 53.82
CA GLN A 4029 -45.34 -11.15 54.72
C GLN A 4029 -46.21 -9.90 54.78
N GLU A 4030 -45.76 -8.79 54.21
CA GLU A 4030 -46.44 -7.50 54.40
C GLU A 4030 -47.47 -7.32 53.29
N ILE A 4031 -48.64 -7.92 53.48
CA ILE A 4031 -49.75 -7.76 52.54
C ILE A 4031 -50.80 -6.95 53.30
N ASN A 4032 -50.35 -6.09 54.20
CA ASN A 4032 -51.24 -5.43 55.14
C ASN A 4032 -52.15 -4.44 54.42
N VAL A 4033 -53.02 -3.77 55.19
CA VAL A 4033 -53.98 -2.83 54.62
C VAL A 4033 -53.25 -1.66 53.98
N ALA A 4034 -53.86 -1.08 52.95
CA ALA A 4034 -53.28 -0.01 52.16
C ALA A 4034 -53.58 1.37 52.72
N GLU A 4035 -53.76 1.49 54.04
CA GLU A 4035 -53.84 2.79 54.70
C GLU A 4035 -52.52 3.54 54.67
N LYS A 4036 -51.49 2.96 54.04
CA LYS A 4036 -50.16 3.53 54.04
C LYS A 4036 -50.15 4.95 53.48
N ASN A 4037 -49.07 5.66 53.78
CA ASN A 4037 -48.79 6.95 53.17
C ASN A 4037 -47.78 6.73 52.05
N TRP A 4038 -48.26 6.14 50.96
CA TRP A 4038 -47.60 6.26 49.66
C TRP A 4038 -48.14 7.55 49.06
N TYR A 4039 -47.61 8.66 49.57
CA TYR A 4039 -48.13 9.98 49.22
C TYR A 4039 -47.12 10.61 48.29
N PRO A 4040 -47.34 10.60 46.97
CA PRO A 4040 -46.26 10.88 46.03
C PRO A 4040 -45.74 12.30 46.10
N ARG A 4041 -46.49 13.22 46.70
CA ARG A 4041 -45.99 14.59 46.81
C ARG A 4041 -44.73 14.65 47.66
N GLN A 4042 -44.68 13.85 48.73
CA GLN A 4042 -43.49 13.85 49.58
C GLN A 4042 -42.27 13.35 48.82
N LYS A 4043 -42.43 12.32 48.01
CA LYS A 4043 -41.29 11.73 47.31
C LYS A 4043 -40.55 12.76 46.49
N ILE A 4044 -41.25 13.77 45.98
CA ILE A 4044 -40.61 14.84 45.24
C ILE A 4044 -40.27 16.02 46.14
N CYS A 4045 -40.96 16.18 47.26
CA CYS A 4045 -40.51 17.16 48.24
C CYS A 4045 -39.11 16.85 48.73
N TYR A 4046 -38.82 15.57 48.99
CA TYR A 4046 -37.49 15.22 49.47
C TYR A 4046 -36.45 15.29 48.37
N ALA A 4047 -36.82 15.00 47.13
CA ALA A 4047 -35.86 15.12 46.06
C ALA A 4047 -35.56 16.56 45.71
N LYS A 4048 -36.53 17.45 45.91
CA LYS A 4048 -36.23 18.87 45.82
C LYS A 4048 -35.41 19.31 47.02
N ARG A 4049 -35.61 18.69 48.17
CA ARG A 4049 -34.84 19.05 49.35
C ARG A 4049 -33.39 18.64 49.21
N LYS A 4050 -33.12 17.47 48.64
CA LYS A 4050 -31.76 17.04 48.43
C LYS A 4050 -31.04 17.98 47.49
N LEU A 4051 -31.70 18.39 46.42
CA LEU A 4051 -31.12 19.29 45.44
C LEU A 4051 -31.10 20.73 45.92
N ALA A 4052 -31.70 21.03 47.07
CA ALA A 4052 -31.68 22.38 47.61
C ALA A 4052 -30.75 22.53 48.80
N GLY A 4053 -30.14 21.44 49.27
CA GLY A 4053 -29.12 21.55 50.28
C GLY A 4053 -29.44 20.89 51.61
N ALA A 4054 -30.33 19.91 51.60
CA ALA A 4054 -30.76 19.32 52.86
C ALA A 4054 -29.69 18.41 53.41
N ASN A 4055 -29.85 18.03 54.67
CA ASN A 4055 -28.95 17.08 55.33
C ASN A 4055 -29.36 15.66 54.96
N PRO A 4056 -28.44 14.84 54.45
CA PRO A 4056 -28.78 13.44 54.17
C PRO A 4056 -29.45 12.73 55.33
N ALA A 4057 -28.89 12.86 56.53
CA ALA A 4057 -29.45 12.18 57.68
C ALA A 4057 -30.85 12.66 57.99
N VAL A 4058 -31.12 13.95 57.83
CA VAL A 4058 -32.44 14.47 58.12
C VAL A 4058 -33.45 13.97 57.10
N ILE A 4059 -33.05 13.88 55.83
CA ILE A 4059 -33.98 13.37 54.83
C ILE A 4059 -34.30 11.91 55.10
N THR A 4060 -33.28 11.12 55.44
CA THR A 4060 -33.56 9.72 55.73
C THR A 4060 -34.38 9.55 57.00
N CYS A 4061 -34.18 10.41 58.00
CA CYS A 4061 -35.03 10.37 59.19
C CYS A 4061 -36.46 10.78 58.88
N ASP A 4062 -36.66 11.68 57.92
CA ASP A 4062 -38.02 12.00 57.53
C ASP A 4062 -38.67 10.83 56.80
N GLU A 4063 -37.92 10.14 55.94
CA GLU A 4063 -38.47 8.95 55.28
C GLU A 4063 -38.84 7.91 56.32
N LEU A 4064 -38.00 7.76 57.34
CA LEU A 4064 -38.30 6.86 58.45
C LEU A 4064 -39.59 7.29 59.14
N LEU A 4065 -39.74 8.58 59.39
CA LEU A 4065 -40.94 9.05 60.08
C LEU A 4065 -42.19 8.74 59.26
N LEU A 4066 -42.12 8.93 57.95
CA LEU A 4066 -43.27 8.62 57.10
C LEU A 4066 -43.58 7.14 57.11
N GLY A 4067 -42.57 6.29 57.08
CA GLY A 4067 -42.81 4.87 56.92
C GLY A 4067 -43.07 4.06 58.17
N HIS A 4068 -42.23 4.25 59.19
CA HIS A 4068 -42.28 3.46 60.41
C HIS A 4068 -42.62 4.30 61.62
N GLU A 4069 -43.62 5.17 61.52
CA GLU A 4069 -43.98 6.00 62.67
C GLU A 4069 -44.44 5.16 63.85
N LYS A 4070 -45.29 4.17 63.60
CA LYS A 4070 -45.89 3.37 64.67
C LYS A 4070 -45.03 2.19 65.08
N ALA A 4071 -43.91 1.94 64.41
CA ALA A 4071 -43.05 0.83 64.78
C ALA A 4071 -42.43 1.09 66.15
N PRO A 4072 -42.38 0.09 67.02
CA PRO A 4072 -41.78 0.31 68.35
C PRO A 4072 -40.32 0.72 68.30
N ALA A 4073 -39.57 0.24 67.32
CA ALA A 4073 -38.15 0.55 67.21
C ALA A 4073 -37.90 1.88 66.52
N PHE A 4074 -38.96 2.59 66.14
CA PHE A 4074 -38.85 3.81 65.34
C PHE A 4074 -37.87 4.79 65.94
N ARG A 4075 -37.91 4.95 67.26
CA ARG A 4075 -37.07 5.94 67.91
C ARG A 4075 -35.60 5.61 67.69
N ASP A 4076 -35.24 4.34 67.80
CA ASP A 4076 -33.84 3.97 67.61
C ASP A 4076 -33.46 3.91 66.14
N TYR A 4077 -34.41 3.58 65.26
CA TYR A 4077 -34.21 3.79 63.83
C TYR A 4077 -33.66 5.20 63.59
N VAL A 4078 -34.44 6.19 64.01
CA VAL A 4078 -34.05 7.58 63.81
C VAL A 4078 -32.75 7.88 64.54
N ALA A 4079 -32.58 7.34 65.73
CA ALA A 4079 -31.40 7.66 66.52
C ALA A 4079 -30.12 7.20 65.82
N VAL A 4080 -30.12 5.99 65.26
CA VAL A 4080 -28.93 5.52 64.57
C VAL A 4080 -28.76 6.24 63.25
N ALA A 4081 -29.87 6.60 62.58
CA ALA A 4081 -29.74 7.28 61.30
C ALA A 4081 -29.17 8.68 61.46
N ARG A 4082 -29.56 9.39 62.51
CA ARG A 4082 -29.11 10.78 62.69
C ARG A 4082 -27.62 10.86 62.93
N GLY A 4083 -27.04 9.89 63.61
CA GLY A 4083 -25.64 9.96 63.96
C GLY A 4083 -25.43 10.50 65.36
N SER A 4084 -24.28 10.15 65.92
CA SER A 4084 -23.87 10.65 67.22
C SER A 4084 -23.17 11.99 67.06
N LYS A 4085 -23.30 12.83 68.07
CA LYS A 4085 -22.83 14.21 67.96
C LYS A 4085 -21.32 14.32 67.84
N ASP A 4086 -20.58 13.25 68.12
CA ASP A 4086 -19.13 13.34 68.21
C ASP A 4086 -18.38 12.30 67.39
N HIS A 4087 -19.05 11.32 66.81
CA HIS A 4087 -18.39 10.40 65.88
C HIS A 4087 -18.63 10.76 64.43
N ASN A 4088 -19.74 11.43 64.12
CA ASN A 4088 -20.25 11.55 62.77
C ASN A 4088 -20.40 13.00 62.40
N ILE A 4089 -19.87 13.41 61.25
CA ILE A 4089 -20.22 14.73 60.75
C ILE A 4089 -21.46 14.59 59.89
N ARG A 4090 -22.58 14.32 60.52
CA ARG A 4090 -23.88 14.58 59.91
C ARG A 4090 -24.79 15.00 61.05
N ALA A 4091 -24.33 14.74 62.27
CA ALA A 4091 -24.99 15.21 63.47
C ALA A 4091 -24.39 16.51 63.97
N GLN A 4092 -23.25 16.93 63.41
CA GLN A 4092 -22.68 18.23 63.69
C GLN A 4092 -23.07 19.27 62.65
N GLU A 4093 -23.90 18.92 61.70
CA GLU A 4093 -24.19 19.82 60.60
C GLU A 4093 -25.64 20.30 60.66
N PRO A 4094 -25.94 21.46 60.10
CA PRO A 4094 -27.32 21.93 60.04
C PRO A 4094 -28.17 20.98 59.22
N GLU A 4095 -29.49 21.13 59.33
CA GLU A 4095 -30.41 20.25 58.63
C GLU A 4095 -30.88 20.85 57.30
N SER A 4096 -30.19 21.86 56.79
CA SER A 4096 -30.58 22.49 55.54
C SER A 4096 -29.48 23.44 55.10
N GLY A 4097 -29.53 23.82 53.82
CA GLY A 4097 -28.63 24.84 53.31
C GLY A 4097 -27.16 24.51 53.38
N LEU A 4098 -26.79 23.30 53.00
CA LEU A 4098 -25.38 22.90 52.99
C LEU A 4098 -24.78 23.09 51.62
N SER A 4099 -23.50 23.44 51.59
CA SER A 4099 -22.79 23.43 50.31
C SER A 4099 -22.66 22.01 49.84
N GLU A 4100 -22.29 21.85 48.56
CA GLU A 4100 -22.17 20.50 48.02
C GLU A 4100 -21.11 19.70 48.75
N GLU A 4101 -19.96 20.31 49.03
CA GLU A 4101 -18.89 19.60 49.69
C GLU A 4101 -19.35 19.05 51.03
N THR A 4102 -19.97 19.89 51.85
CA THR A 4102 -20.48 19.44 53.13
C THR A 4102 -21.53 18.35 52.96
N GLN A 4103 -22.37 18.52 51.95
CA GLN A 4103 -23.43 17.55 51.71
C GLN A 4103 -22.90 16.22 51.21
N VAL A 4104 -21.64 16.16 50.81
CA VAL A 4104 -21.05 14.91 50.32
C VAL A 4104 -20.23 14.30 51.44
N LYS A 4105 -19.65 15.15 52.30
CA LYS A 4105 -19.03 14.65 53.52
C LYS A 4105 -20.05 13.93 54.38
N CYS A 4106 -21.22 14.53 54.55
CA CYS A 4106 -22.27 13.90 55.34
C CYS A 4106 -22.71 12.58 54.73
N LEU A 4107 -22.76 12.51 53.40
CA LEU A 4107 -23.20 11.31 52.72
C LEU A 4107 -22.20 10.18 52.90
N MET A 4108 -20.91 10.46 52.75
CA MET A 4108 -19.94 9.39 53.00
C MET A 4108 -19.92 8.97 54.47
N ASP A 4109 -20.11 9.91 55.40
CA ASP A 4109 -20.26 9.52 56.79
C ASP A 4109 -21.42 8.54 56.96
N GLN A 4110 -22.58 8.88 56.42
CA GLN A 4110 -23.73 7.99 56.58
C GLN A 4110 -23.48 6.64 55.90
N ALA A 4111 -22.86 6.66 54.73
CA ALA A 4111 -22.69 5.43 53.96
C ALA A 4111 -21.73 4.47 54.63
N THR A 4112 -20.65 4.99 55.24
CA THR A 4112 -19.66 4.13 55.87
C THR A 4112 -19.78 4.10 57.40
N ASP A 4113 -20.87 4.57 57.94
CA ASP A 4113 -21.09 4.45 59.38
C ASP A 4113 -21.21 3.00 59.81
N PRO A 4114 -20.33 2.51 60.68
CA PRO A 4114 -20.44 1.11 61.11
C PRO A 4114 -21.63 0.85 61.96
N ASN A 4115 -22.15 1.87 62.65
CA ASN A 4115 -23.37 1.67 63.41
C ASN A 4115 -24.57 1.41 62.53
N ILE A 4116 -24.48 1.72 61.24
CA ILE A 4116 -25.53 1.41 60.27
C ILE A 4116 -25.23 0.14 59.51
N LEU A 4117 -23.98 -0.03 59.07
CA LEU A 4117 -23.62 -1.28 58.40
C LEU A 4117 -23.71 -2.49 59.32
N GLY A 4118 -23.54 -2.33 60.62
CA GLY A 4118 -23.57 -3.49 61.47
C GLY A 4118 -24.95 -3.96 61.81
N ARG A 4119 -25.97 -3.27 61.33
CA ARG A 4119 -27.35 -3.67 61.57
C ARG A 4119 -28.16 -3.58 60.30
N THR A 4120 -27.50 -3.32 59.17
CA THR A 4120 -28.10 -3.48 57.86
C THR A 4120 -28.73 -4.86 57.69
N TRP A 4121 -29.65 -4.97 56.73
CA TRP A 4121 -30.25 -6.24 56.38
C TRP A 4121 -29.18 -7.22 55.89
N GLU A 4122 -29.40 -8.50 56.18
CA GLU A 4122 -28.37 -9.51 55.94
C GLU A 4122 -28.07 -9.71 54.47
N GLY A 4123 -29.09 -9.67 53.61
CA GLY A 4123 -28.87 -9.87 52.20
C GLY A 4123 -28.19 -8.74 51.49
N TRP A 4124 -28.15 -7.56 52.10
CA TRP A 4124 -27.43 -6.44 51.55
C TRP A 4124 -25.94 -6.70 51.53
N GLU A 4125 -25.47 -7.62 52.38
CA GLU A 4125 -24.10 -8.04 52.63
C GLU A 4125 -23.20 -6.89 53.06
N PRO A 4126 -23.52 -6.21 54.16
CA PRO A 4126 -22.85 -4.95 54.49
C PRO A 4126 -21.35 -5.03 54.63
N TRP A 4127 -20.79 -6.16 55.05
CA TRP A 4127 -19.36 -6.28 55.23
C TRP A 4127 -18.61 -6.37 53.91
N MET A 4128 -19.30 -6.53 52.80
CA MET A 4128 -18.64 -6.67 51.53
C MET A 4128 -19.12 -5.61 50.54
N UNK A 4129 -1.61 -15.63 -29.05
CA UNK A 4129 -0.31 -14.99 -28.95
C UNK A 4129 -0.40 -13.67 -28.21
N UNK A 4130 -0.64 -12.59 -28.96
CA UNK A 4130 -0.75 -11.26 -28.38
C UNK A 4130 -1.52 -10.35 -29.31
N UNK A 4131 -2.51 -9.65 -28.78
CA UNK A 4131 -3.31 -8.76 -29.61
C UNK A 4131 -2.50 -7.53 -30.00
N UNK A 4132 -1.64 -7.07 -29.10
CA UNK A 4132 -0.82 -5.90 -29.37
C UNK A 4132 0.17 -6.19 -30.49
N UNK A 4133 0.53 -7.46 -30.64
CA UNK A 4133 1.45 -7.91 -31.68
C UNK A 4133 0.72 -8.21 -32.99
N UNK A 4134 -0.48 -8.76 -32.88
CA UNK A 4134 -1.30 -9.04 -34.04
C UNK A 4134 -1.74 -7.75 -34.70
N UNK A 4135 -1.93 -6.71 -33.89
CA UNK A 4135 -2.35 -5.41 -34.39
C UNK A 4135 -1.19 -4.67 -35.03
N UNK A 4136 0.02 -5.21 -34.87
CA UNK A 4136 1.19 -4.69 -35.55
C UNK A 4136 1.38 -5.45 -36.85
N UNK A 4137 1.33 -6.77 -36.75
CA UNK A 4137 1.45 -7.64 -37.92
C UNK A 4137 0.33 -7.40 -38.92
N UNK A 4138 -0.76 -6.80 -38.46
CA UNK A 4138 -1.86 -6.44 -39.33
C UNK A 4138 -1.62 -5.08 -39.95
N UNK A 4139 -0.60 -4.39 -39.45
CA UNK A 4139 -0.19 -3.12 -40.01
C UNK A 4139 1.00 -3.35 -40.92
N UNK A 4140 1.77 -4.39 -40.60
CA UNK A 4140 2.96 -4.74 -41.36
C UNK A 4140 2.58 -5.52 -42.62
N UNK A 4141 1.31 -5.89 -42.72
CA UNK A 4141 0.80 -6.58 -43.90
C UNK A 4141 0.02 -5.60 -44.79
N UNK A 4142 -0.60 -4.64 -44.13
CA UNK A 4142 -1.45 -3.69 -44.82
C UNK A 4142 -0.64 -2.57 -45.45
N UNK A 4143 0.55 -2.31 -44.91
CA UNK A 4143 1.35 -1.19 -45.36
C UNK A 4143 2.42 -1.60 -46.37
N UNK A 4144 2.71 -2.89 -46.41
CA UNK A 4144 3.69 -3.47 -47.34
C UNK A 4144 5.10 -2.97 -47.06
N UNK A 4145 5.65 -3.38 -45.91
CA UNK A 4145 7.00 -3.01 -45.50
C UNK A 4145 7.34 -3.73 -44.20
N UNK A 4146 7.52 -5.04 -44.26
CA UNK A 4146 7.73 -5.90 -43.09
C UNK A 4146 8.61 -5.29 -42.02
N UNK A 4147 8.02 -4.40 -41.23
CA UNK A 4147 8.75 -3.60 -40.25
C UNK A 4147 9.65 -4.43 -39.34
N UNK A 4148 10.83 -3.90 -39.05
CA UNK A 4148 11.79 -4.58 -38.19
C UNK A 4148 12.41 -3.62 -37.17
C1 MBW B . -25.13 -11.34 34.31
C2 MBW B . -27.35 -11.20 35.52
C3 MBW B . -28.80 -11.27 35.05
N6 MBW B . -32.07 -5.33 35.40
C7 MBW B . -26.63 -9.92 33.40
C8 MBW B . -27.64 -8.39 32.04
C9 MBW B . -29.59 -7.03 32.67
C10 MBW B . -30.29 -7.75 33.56
C11 MBW B . -32.43 -6.54 35.93
C12 MBW B . -31.22 -5.71 34.44
C13 MBW B . -30.47 -4.94 33.51
C14 MBW B . -29.67 -5.56 32.62
C15 MBW B . -28.87 -4.79 31.61
C16 MBW B . -25.52 -9.02 31.52
O MBW B . -24.60 -12.16 35.05
N1 MBW B . -26.40 -10.82 34.43
C6 MBW B . -27.20 -10.32 36.77
C5 MBW B . -28.31 -9.29 36.77
O1 MBW B . -29.60 -9.90 36.92
C4 MBW B . -29.66 -11.21 36.31
C17 MBW B . -25.47 -9.88 32.62
N MBW B . -24.56 -10.76 33.20
C MBW B . -23.22 -11.05 32.71
N7 MBW B . -26.58 -8.27 31.22
N2 MBW B . -27.72 -9.19 33.13
N3 MBW B . -28.76 -7.63 31.76
N4 MBW B . -31.09 -7.08 34.43
N5 MBW B . -31.90 -7.62 35.41
#